data_1YX0
#
_entry.id   1YX0
#
_entity_poly.entity_id   1
_entity_poly.type   'polypeptide(L)'
_entity_poly.pdbx_seq_one_letter_code
;MHIKIDDLTGRQVVSLVNEHLHSMTLMSPPESIHALGLEKLRGPEITFWSAWEGDELAGCGALKELDTRHGEIKSMRTSA
SHLRKGVAKQVLQHIIEEAEKRGYERLSLETGSMASFEPARKLYESFGFQYCEPFADYGEDPNSVFMTKKLLEHHHHHH
;
_entity_poly.pdbx_strand_id   A
#
# COMPACT_ATOMS: atom_id res chain seq x y z
N MET A 1 13.29 -7.51 -5.08
CA MET A 1 13.54 -8.80 -5.71
C MET A 1 13.09 -8.78 -7.17
N HIS A 2 11.78 -8.67 -7.35
CA HIS A 2 11.21 -8.65 -8.69
C HIS A 2 9.77 -8.14 -8.63
N ILE A 3 9.58 -6.92 -9.11
CA ILE A 3 8.26 -6.32 -9.12
C ILE A 3 7.82 -6.05 -10.57
N LYS A 4 6.56 -6.36 -10.84
CA LYS A 4 6.02 -6.15 -12.17
C LYS A 4 4.74 -5.33 -12.07
N ILE A 5 4.18 -5.01 -13.23
CA ILE A 5 2.96 -4.24 -13.29
C ILE A 5 1.81 -5.12 -13.78
N ASP A 6 0.89 -5.41 -12.86
CA ASP A 6 -0.25 -6.24 -13.19
C ASP A 6 -1.52 -5.38 -13.22
N ASP A 7 -2.33 -5.62 -14.24
CA ASP A 7 -3.57 -4.87 -14.38
C ASP A 7 -4.75 -5.86 -14.40
N LEU A 8 -5.44 -5.91 -13.27
CA LEU A 8 -6.59 -6.80 -13.14
C LEU A 8 -6.25 -8.15 -13.76
N THR A 9 -5.45 -8.92 -13.03
CA THR A 9 -5.04 -10.23 -13.49
C THR A 9 -4.35 -11.00 -12.37
N GLY A 10 -4.60 -12.31 -12.34
CA GLY A 10 -4.01 -13.16 -11.33
C GLY A 10 -5.00 -13.42 -10.18
N ARG A 11 -5.40 -14.66 -10.06
CA ARG A 11 -6.33 -15.05 -9.01
C ARG A 11 -5.68 -14.90 -7.63
N GLN A 12 -4.52 -15.53 -7.48
CA GLN A 12 -3.79 -15.47 -6.23
C GLN A 12 -3.36 -14.03 -5.93
N VAL A 13 -3.09 -13.30 -7.01
CA VAL A 13 -2.66 -11.92 -6.88
C VAL A 13 -3.86 -11.06 -6.48
N VAL A 14 -4.95 -11.23 -7.22
CA VAL A 14 -6.16 -10.48 -6.94
C VAL A 14 -6.73 -10.90 -5.59
N SER A 15 -6.65 -12.20 -5.33
CA SER A 15 -7.15 -12.75 -4.08
C SER A 15 -6.42 -12.10 -2.90
N LEU A 16 -5.11 -12.02 -3.03
CA LEU A 16 -4.29 -11.43 -1.99
C LEU A 16 -4.67 -9.96 -1.82
N VAL A 17 -4.83 -9.29 -2.94
CA VAL A 17 -5.19 -7.88 -2.92
C VAL A 17 -6.61 -7.73 -2.35
N ASN A 18 -7.37 -8.80 -2.45
CA ASN A 18 -8.73 -8.81 -1.95
C ASN A 18 -8.72 -9.12 -0.45
N GLU A 19 -8.32 -10.33 -0.13
CA GLU A 19 -8.25 -10.75 1.27
C GLU A 19 -7.72 -12.19 1.36
N HIS A 20 -6.47 -12.28 1.80
CA HIS A 20 -5.82 -13.58 1.93
C HIS A 20 -6.03 -14.10 3.36
N LEU A 21 -5.59 -13.30 4.32
CA LEU A 21 -5.72 -13.67 5.72
C LEU A 21 -7.16 -13.44 6.18
N HIS A 22 -7.59 -12.20 6.06
CA HIS A 22 -8.94 -11.84 6.46
C HIS A 22 -9.25 -12.43 7.83
N SER A 23 -8.38 -12.14 8.78
CA SER A 23 -8.55 -12.64 10.13
C SER A 23 -9.92 -12.24 10.67
N MET A 24 -10.35 -12.97 11.69
CA MET A 24 -11.65 -12.70 12.30
C MET A 24 -11.55 -11.53 13.30
N THR A 25 -12.70 -10.93 13.54
CA THR A 25 -12.77 -9.80 14.46
C THR A 25 -13.43 -10.23 15.78
N LEU A 26 -12.88 -9.71 16.86
CA LEU A 26 -13.41 -10.02 18.18
C LEU A 26 -14.01 -8.75 18.81
N MET A 27 -14.06 -7.70 18.00
CA MET A 27 -14.59 -6.43 18.46
C MET A 27 -14.99 -5.55 17.27
N SER A 28 -16.28 -5.26 17.20
CA SER A 28 -16.80 -4.42 16.13
C SER A 28 -17.94 -3.55 16.65
N PRO A 29 -17.57 -2.30 17.03
CA PRO A 29 -18.56 -1.35 17.55
C PRO A 29 -19.43 -0.80 16.42
N PRO A 30 -20.67 -0.40 16.80
CA PRO A 30 -21.61 0.14 15.82
C PRO A 30 -21.24 1.58 15.46
N GLU A 31 -20.96 1.77 14.18
CA GLU A 31 -20.58 3.08 13.67
C GLU A 31 -20.48 3.06 12.15
N SER A 32 -19.49 2.33 11.67
CA SER A 32 -19.27 2.22 10.23
C SER A 32 -18.49 0.94 9.92
N ILE A 33 -19.25 -0.14 9.75
CA ILE A 33 -18.65 -1.43 9.45
C ILE A 33 -18.92 -1.78 7.98
N HIS A 34 -18.77 -0.79 7.13
CA HIS A 34 -19.00 -0.97 5.71
C HIS A 34 -18.34 0.17 4.93
N ALA A 35 -17.01 0.16 4.92
CA ALA A 35 -16.27 1.19 4.22
C ALA A 35 -14.85 0.67 3.93
N LEU A 36 -14.53 0.66 2.64
CA LEU A 36 -13.22 0.19 2.21
C LEU A 36 -12.71 1.08 1.08
N GLY A 37 -13.45 1.07 -0.01
CA GLY A 37 -13.09 1.86 -1.17
C GLY A 37 -13.11 1.02 -2.45
N LEU A 38 -14.26 0.41 -2.70
CA LEU A 38 -14.42 -0.43 -3.88
C LEU A 38 -14.12 0.40 -5.13
N GLU A 39 -14.82 1.52 -5.24
CA GLU A 39 -14.64 2.40 -6.38
C GLU A 39 -13.46 3.35 -6.14
N LYS A 40 -12.32 2.75 -5.82
CA LYS A 40 -11.13 3.54 -5.56
C LYS A 40 -9.96 2.96 -6.38
N LEU A 41 -9.51 1.79 -5.96
CA LEU A 41 -8.41 1.13 -6.64
C LEU A 41 -8.85 0.72 -8.05
N ARG A 42 -10.11 0.32 -8.15
CA ARG A 42 -10.67 -0.08 -9.43
C ARG A 42 -11.19 1.13 -10.19
N GLY A 43 -10.26 2.02 -10.52
CA GLY A 43 -10.62 3.23 -11.25
C GLY A 43 -9.53 3.57 -12.29
N PRO A 44 -9.72 4.76 -12.93
CA PRO A 44 -8.78 5.20 -13.94
C PRO A 44 -7.49 5.72 -13.30
N GLU A 45 -6.55 6.09 -14.15
CA GLU A 45 -5.27 6.60 -13.68
C GLU A 45 -4.81 5.82 -12.45
N ILE A 46 -4.91 4.50 -12.55
CA ILE A 46 -4.51 3.64 -11.45
C ILE A 46 -3.59 2.54 -11.98
N THR A 47 -2.55 2.26 -11.20
CA THR A 47 -1.59 1.23 -11.58
C THR A 47 -1.24 0.36 -10.37
N PHE A 48 -1.30 -0.95 -10.59
CA PHE A 48 -0.98 -1.89 -9.53
C PHE A 48 0.36 -2.58 -9.79
N TRP A 49 1.25 -2.47 -8.81
CA TRP A 49 2.57 -3.07 -8.93
C TRP A 49 2.54 -4.41 -8.17
N SER A 50 3.01 -5.44 -8.85
CA SER A 50 3.05 -6.77 -8.25
C SER A 50 4.45 -7.09 -7.76
N ALA A 51 4.53 -8.01 -6.82
CA ALA A 51 5.80 -8.42 -6.27
C ALA A 51 5.89 -9.95 -6.24
N TRP A 52 6.84 -10.47 -7.00
CA TRP A 52 7.04 -11.90 -7.09
C TRP A 52 8.43 -12.22 -6.50
N GLU A 53 8.41 -13.01 -5.44
CA GLU A 53 9.65 -13.40 -4.79
C GLU A 53 9.92 -14.89 -4.99
N GLY A 54 10.38 -15.21 -6.19
CA GLY A 54 10.68 -16.60 -6.53
C GLY A 54 9.79 -17.08 -7.68
N ASP A 55 9.20 -18.25 -7.48
CA ASP A 55 8.33 -18.84 -8.49
C ASP A 55 6.87 -18.53 -8.14
N GLU A 56 6.69 -18.01 -6.93
CA GLU A 56 5.35 -17.67 -6.47
C GLU A 56 5.26 -16.16 -6.20
N LEU A 57 4.02 -15.68 -6.13
CA LEU A 57 3.78 -14.27 -5.88
C LEU A 57 4.20 -13.94 -4.46
N ALA A 58 4.73 -12.73 -4.29
CA ALA A 58 5.18 -12.28 -3.00
C ALA A 58 4.15 -11.30 -2.42
N GLY A 59 3.52 -10.56 -3.32
CA GLY A 59 2.51 -9.59 -2.91
C GLY A 59 2.22 -8.61 -4.05
N CYS A 60 1.49 -7.56 -3.70
CA CYS A 60 1.12 -6.54 -4.68
C CYS A 60 1.16 -5.18 -3.99
N GLY A 61 0.76 -4.17 -4.74
CA GLY A 61 0.74 -2.81 -4.21
C GLY A 61 0.16 -1.83 -5.23
N ALA A 62 -0.44 -0.77 -4.71
CA ALA A 62 -1.05 0.23 -5.56
C ALA A 62 -0.25 1.54 -5.44
N LEU A 63 -0.32 2.34 -6.50
CA LEU A 63 0.39 3.60 -6.53
C LEU A 63 -0.31 4.54 -7.52
N LYS A 64 -0.63 5.73 -7.03
CA LYS A 64 -1.29 6.72 -7.86
C LYS A 64 -0.54 8.05 -7.76
N GLU A 65 -0.37 8.69 -8.91
CA GLU A 65 0.33 9.96 -8.95
C GLU A 65 -0.41 11.01 -8.12
N LEU A 66 0.37 11.88 -7.48
CA LEU A 66 -0.20 12.92 -6.66
C LEU A 66 0.36 14.27 -7.11
N ASP A 67 1.65 14.46 -6.90
CA ASP A 67 2.31 15.70 -7.28
C ASP A 67 3.51 15.37 -8.18
N THR A 68 4.24 16.42 -8.53
CA THR A 68 5.41 16.27 -9.37
C THR A 68 6.50 15.48 -8.63
N ARG A 69 6.49 15.62 -7.32
CA ARG A 69 7.46 14.91 -6.49
C ARG A 69 6.79 14.39 -5.22
N HIS A 70 5.55 13.98 -5.37
CA HIS A 70 4.79 13.45 -4.24
C HIS A 70 4.08 12.16 -4.66
N GLY A 71 4.19 11.15 -3.81
CA GLY A 71 3.57 9.87 -4.08
C GLY A 71 2.77 9.39 -2.86
N GLU A 72 1.79 8.55 -3.14
CA GLU A 72 0.95 8.00 -2.09
C GLU A 72 0.64 6.52 -2.36
N ILE A 73 0.64 5.75 -1.28
CA ILE A 73 0.37 4.32 -1.39
C ILE A 73 -0.88 3.98 -0.58
N LYS A 74 -1.65 3.05 -1.11
CA LYS A 74 -2.87 2.62 -0.45
C LYS A 74 -3.14 1.15 -0.78
N SER A 75 -2.25 0.30 -0.31
CA SER A 75 -2.39 -1.14 -0.55
C SER A 75 -1.07 -1.84 -0.22
N MET A 76 -1.19 -2.97 0.46
CA MET A 76 -0.03 -3.74 0.84
C MET A 76 -0.42 -4.93 1.72
N ARG A 77 0.08 -6.10 1.34
CA ARG A 77 -0.22 -7.31 2.09
C ARG A 77 1.06 -7.88 2.71
N THR A 78 0.88 -8.67 3.76
CA THR A 78 2.00 -9.27 4.44
C THR A 78 1.57 -10.57 5.14
N SER A 79 2.55 -11.41 5.43
CA SER A 79 2.28 -12.67 6.09
C SER A 79 1.79 -13.71 5.07
N ALA A 80 0.60 -13.46 4.56
CA ALA A 80 0.00 -14.35 3.59
C ALA A 80 -0.08 -15.77 4.16
N SER A 81 -0.10 -16.74 3.28
CA SER A 81 -0.18 -18.13 3.68
C SER A 81 0.75 -18.38 4.88
N HIS A 82 2.04 -18.23 4.63
CA HIS A 82 3.03 -18.42 5.68
C HIS A 82 4.43 -18.37 5.07
N LEU A 83 4.84 -17.17 4.70
CA LEU A 83 6.16 -16.96 4.12
C LEU A 83 6.86 -15.81 4.83
N ARG A 84 8.18 -15.90 4.86
CA ARG A 84 8.99 -14.88 5.50
C ARG A 84 10.05 -14.35 4.54
N LYS A 85 10.14 -13.02 4.49
CA LYS A 85 11.11 -12.38 3.61
C LYS A 85 10.96 -10.86 3.73
N GLY A 86 9.81 -10.37 3.30
CA GLY A 86 9.54 -8.94 3.35
C GLY A 86 8.73 -8.50 2.14
N VAL A 87 7.56 -9.11 1.98
CA VAL A 87 6.68 -8.79 0.87
C VAL A 87 6.54 -7.27 0.76
N ALA A 88 6.01 -6.68 1.84
CA ALA A 88 5.81 -5.24 1.89
C ALA A 88 7.14 -4.54 1.59
N LYS A 89 8.20 -5.09 2.17
CA LYS A 89 9.53 -4.53 1.99
C LYS A 89 9.87 -4.52 0.49
N GLN A 90 9.57 -5.64 -0.15
CA GLN A 90 9.86 -5.79 -1.57
C GLN A 90 9.08 -4.74 -2.37
N VAL A 91 7.78 -4.66 -2.09
CA VAL A 91 6.92 -3.71 -2.77
C VAL A 91 7.36 -2.29 -2.41
N LEU A 92 7.41 -2.03 -1.11
CA LEU A 92 7.79 -0.72 -0.61
C LEU A 92 9.07 -0.27 -1.34
N GLN A 93 9.90 -1.24 -1.66
CA GLN A 93 11.14 -0.96 -2.36
C GLN A 93 10.86 -0.42 -3.76
N HIS A 94 9.91 -1.06 -4.43
CA HIS A 94 9.54 -0.66 -5.77
C HIS A 94 8.82 0.70 -5.72
N ILE A 95 8.09 0.90 -4.63
CA ILE A 95 7.36 2.14 -4.44
C ILE A 95 8.34 3.32 -4.43
N ILE A 96 9.36 3.18 -3.59
CA ILE A 96 10.37 4.21 -3.47
C ILE A 96 11.18 4.28 -4.76
N GLU A 97 11.52 3.11 -5.29
CA GLU A 97 12.29 3.04 -6.51
C GLU A 97 11.52 3.72 -7.66
N GLU A 98 10.25 3.37 -7.77
CA GLU A 98 9.41 3.93 -8.81
C GLU A 98 9.44 5.46 -8.75
N ALA A 99 9.32 5.97 -7.53
CA ALA A 99 9.33 7.41 -7.32
C ALA A 99 10.74 7.94 -7.56
N GLU A 100 11.72 7.10 -7.29
CA GLU A 100 13.10 7.48 -7.47
C GLU A 100 13.39 7.75 -8.95
N LYS A 101 12.91 6.84 -9.78
CA LYS A 101 13.10 6.97 -11.22
C LYS A 101 12.47 8.27 -11.70
N ARG A 102 11.22 8.47 -11.32
CA ARG A 102 10.50 9.67 -11.69
C ARG A 102 11.25 10.92 -11.22
N GLY A 103 11.75 10.83 -10.00
CA GLY A 103 12.49 11.94 -9.41
C GLY A 103 11.69 12.60 -8.29
N TYR A 104 11.20 11.77 -7.38
CA TYR A 104 10.42 12.25 -6.26
C TYR A 104 11.32 12.58 -5.07
N GLU A 105 10.77 13.34 -4.14
CA GLU A 105 11.51 13.74 -2.94
C GLU A 105 10.63 13.59 -1.70
N ARG A 106 9.49 12.94 -1.90
CA ARG A 106 8.55 12.73 -0.80
C ARG A 106 7.61 11.57 -1.12
N LEU A 107 7.17 10.91 -0.07
CA LEU A 107 6.26 9.78 -0.22
C LEU A 107 5.27 9.77 0.94
N SER A 108 4.00 9.66 0.59
CA SER A 108 2.95 9.64 1.59
C SER A 108 2.47 8.20 1.82
N LEU A 109 1.71 8.02 2.88
CA LEU A 109 1.19 6.71 3.23
C LEU A 109 -0.04 6.86 4.13
N GLU A 110 -0.81 5.78 4.21
CA GLU A 110 -2.01 5.78 5.03
C GLU A 110 -1.78 5.00 6.32
N THR A 111 -1.73 5.74 7.41
CA THR A 111 -1.51 5.12 8.72
C THR A 111 -2.60 5.55 9.69
N GLY A 112 -2.37 5.25 10.97
CA GLY A 112 -3.32 5.60 12.00
C GLY A 112 -3.00 4.87 13.31
N SER A 113 -3.65 3.74 13.49
CA SER A 113 -3.44 2.93 14.69
C SER A 113 -4.29 1.67 14.63
N MET A 114 -3.78 0.69 13.88
CA MET A 114 -4.49 -0.58 13.74
C MET A 114 -3.53 -1.76 13.87
N ALA A 115 -4.10 -2.95 13.88
CA ALA A 115 -3.31 -4.17 14.00
C ALA A 115 -2.63 -4.45 12.66
N SER A 116 -3.35 -4.16 11.58
CA SER A 116 -2.83 -4.38 10.25
C SER A 116 -1.85 -3.28 9.87
N PHE A 117 -2.04 -2.12 10.50
CA PHE A 117 -1.18 -0.97 10.24
C PHE A 117 -0.06 -0.90 11.27
N GLU A 118 -0.36 -1.34 12.48
CA GLU A 118 0.61 -1.32 13.55
C GLU A 118 2.00 -1.67 13.01
N PRO A 119 2.07 -2.84 12.32
CA PRO A 119 3.33 -3.29 11.75
C PRO A 119 3.70 -2.48 10.50
N ALA A 120 2.66 -2.15 9.73
CA ALA A 120 2.86 -1.39 8.51
C ALA A 120 3.63 -0.11 8.84
N ARG A 121 3.23 0.53 9.93
CA ARG A 121 3.87 1.76 10.37
C ARG A 121 5.33 1.49 10.75
N LYS A 122 5.56 0.30 11.28
CA LYS A 122 6.90 -0.10 11.70
C LYS A 122 7.74 -0.39 10.46
N LEU A 123 7.08 -0.95 9.45
CA LEU A 123 7.77 -1.28 8.21
C LEU A 123 8.28 0.00 7.56
N TYR A 124 7.41 1.00 7.52
CA TYR A 124 7.75 2.28 6.93
C TYR A 124 8.89 2.95 7.70
N GLU A 125 8.71 3.03 9.01
CA GLU A 125 9.71 3.65 9.87
C GLU A 125 11.04 2.91 9.74
N SER A 126 10.97 1.67 9.28
CA SER A 126 12.15 0.86 9.10
C SER A 126 12.78 1.15 7.74
N PHE A 127 12.03 1.85 6.90
CA PHE A 127 12.49 2.20 5.57
C PHE A 127 13.04 3.64 5.54
N GLY A 128 12.68 4.39 6.57
CA GLY A 128 13.12 5.77 6.66
C GLY A 128 11.93 6.74 6.57
N PHE A 129 10.96 6.52 7.45
CA PHE A 129 9.78 7.36 7.47
C PHE A 129 9.71 8.16 8.78
N GLN A 130 9.46 9.45 8.63
CA GLN A 130 9.36 10.33 9.78
C GLN A 130 7.96 10.92 9.88
N TYR A 131 7.54 11.21 11.10
CA TYR A 131 6.23 11.78 11.35
C TYR A 131 6.06 13.11 10.61
N CYS A 132 4.83 13.37 10.22
CA CYS A 132 4.51 14.59 9.50
C CYS A 132 3.01 14.81 9.56
N GLU A 133 2.54 15.76 8.75
CA GLU A 133 1.12 16.08 8.71
C GLU A 133 0.33 14.89 8.15
N PRO A 134 -0.86 14.66 8.77
CA PRO A 134 -1.72 13.57 8.36
C PRO A 134 -2.42 13.90 7.04
N PHE A 135 -2.88 12.84 6.36
CA PHE A 135 -3.56 13.00 5.09
C PHE A 135 -4.37 11.75 4.76
N ALA A 136 -3.70 10.81 4.09
CA ALA A 136 -4.34 9.57 3.69
C ALA A 136 -5.77 9.86 3.22
N ASP A 137 -6.60 8.84 3.30
CA ASP A 137 -7.99 8.97 2.89
C ASP A 137 -8.87 9.13 4.13
N TYR A 138 -8.36 9.88 5.09
CA TYR A 138 -9.08 10.12 6.33
C TYR A 138 -8.66 11.44 6.97
N GLY A 139 -9.24 11.71 8.13
CA GLY A 139 -8.92 12.92 8.85
C GLY A 139 -8.25 12.61 10.20
N GLU A 140 -7.55 13.61 10.73
CA GLU A 140 -6.86 13.45 11.99
C GLU A 140 -7.78 12.76 13.02
N ASP A 141 -7.18 12.40 14.14
CA ASP A 141 -7.92 11.74 15.20
C ASP A 141 -7.04 11.62 16.44
N PRO A 142 -7.70 11.30 17.59
CA PRO A 142 -6.98 11.16 18.85
C PRO A 142 -6.20 9.84 18.89
N ASN A 143 -6.66 8.90 18.07
CA ASN A 143 -6.02 7.60 18.00
C ASN A 143 -5.61 7.31 16.56
N SER A 144 -4.73 8.14 16.04
CA SER A 144 -4.26 7.98 14.67
C SER A 144 -2.92 8.69 14.50
N VAL A 145 -1.97 7.96 13.95
CA VAL A 145 -0.63 8.51 13.73
C VAL A 145 -0.36 8.54 12.22
N PHE A 146 0.42 9.54 11.83
CA PHE A 146 0.76 9.71 10.43
C PHE A 146 2.22 10.12 10.27
N MET A 147 2.79 9.78 9.12
CA MET A 147 4.17 10.10 8.83
C MET A 147 4.40 10.27 7.33
N THR A 148 5.61 10.68 6.98
CA THR A 148 5.97 10.88 5.59
C THR A 148 7.38 10.37 5.32
N LYS A 149 7.60 9.95 4.09
CA LYS A 149 8.91 9.43 3.70
C LYS A 149 9.69 10.53 2.97
N LYS A 150 10.87 10.81 3.49
CA LYS A 150 11.72 11.83 2.91
C LYS A 150 12.91 11.17 2.21
N LEU A 151 12.94 11.33 0.89
CA LEU A 151 14.00 10.76 0.09
C LEU A 151 15.33 11.42 0.46
N MET A 1 13.60 -11.73 -4.94
CA MET A 1 14.38 -11.05 -5.96
C MET A 1 13.69 -11.13 -7.31
N HIS A 2 12.47 -10.62 -7.36
CA HIS A 2 11.68 -10.63 -8.58
C HIS A 2 10.51 -9.67 -8.46
N ILE A 3 10.60 -8.56 -9.18
CA ILE A 3 9.56 -7.56 -9.16
C ILE A 3 8.99 -7.39 -10.56
N LYS A 4 7.66 -7.30 -10.63
CA LYS A 4 6.98 -7.13 -11.89
C LYS A 4 5.75 -6.23 -11.70
N ILE A 5 5.10 -5.94 -12.81
CA ILE A 5 3.91 -5.10 -12.78
C ILE A 5 2.67 -5.96 -13.03
N ASP A 6 1.67 -5.74 -12.21
CA ASP A 6 0.42 -6.49 -12.34
C ASP A 6 -0.72 -5.52 -12.68
N ASP A 7 -1.42 -5.85 -13.75
CA ASP A 7 -2.53 -5.03 -14.20
C ASP A 7 -3.79 -5.88 -14.27
N LEU A 8 -4.67 -5.66 -13.30
CA LEU A 8 -5.91 -6.40 -13.23
C LEU A 8 -5.62 -7.88 -12.99
N THR A 9 -5.20 -8.55 -14.05
CA THR A 9 -4.88 -9.97 -13.95
C THR A 9 -4.16 -10.27 -12.64
N GLY A 10 -4.55 -11.38 -12.02
CA GLY A 10 -3.95 -11.79 -10.76
C GLY A 10 -5.01 -11.94 -9.67
N ARG A 11 -5.53 -13.15 -9.58
CA ARG A 11 -6.55 -13.46 -8.58
C ARG A 11 -6.01 -13.20 -7.17
N GLN A 12 -4.90 -13.87 -6.87
CA GLN A 12 -4.28 -13.74 -5.56
C GLN A 12 -3.85 -12.29 -5.33
N VAL A 13 -3.50 -11.63 -6.42
CA VAL A 13 -3.08 -10.23 -6.35
C VAL A 13 -4.29 -9.34 -6.07
N VAL A 14 -5.31 -9.51 -6.91
CA VAL A 14 -6.53 -8.74 -6.77
C VAL A 14 -7.19 -9.07 -5.43
N SER A 15 -7.18 -10.35 -5.11
CA SER A 15 -7.78 -10.81 -3.87
C SER A 15 -7.12 -10.10 -2.68
N LEU A 16 -5.81 -9.94 -2.78
CA LEU A 16 -5.05 -9.28 -1.73
C LEU A 16 -5.58 -7.85 -1.56
N VAL A 17 -5.94 -7.24 -2.67
CA VAL A 17 -6.46 -5.89 -2.65
C VAL A 17 -7.91 -5.90 -2.17
N ASN A 18 -8.55 -7.04 -2.35
CA ASN A 18 -9.93 -7.20 -1.93
C ASN A 18 -9.98 -7.65 -0.47
N GLU A 19 -8.79 -7.80 0.11
CA GLU A 19 -8.68 -8.22 1.49
C GLU A 19 -9.14 -9.68 1.64
N HIS A 20 -8.20 -10.59 1.39
CA HIS A 20 -8.49 -12.01 1.50
C HIS A 20 -8.14 -12.51 2.91
N LEU A 21 -6.97 -12.09 3.36
CA LEU A 21 -6.50 -12.48 4.69
C LEU A 21 -7.54 -12.08 5.73
N HIS A 22 -7.82 -10.78 5.77
CA HIS A 22 -8.79 -10.25 6.71
C HIS A 22 -10.18 -10.28 6.09
N SER A 23 -11.19 -10.27 6.95
CA SER A 23 -12.57 -10.29 6.50
C SER A 23 -12.86 -9.07 5.63
N MET A 24 -13.84 -9.23 4.76
CA MET A 24 -14.23 -8.14 3.87
C MET A 24 -15.39 -8.57 2.96
N THR A 25 -16.11 -7.57 2.47
CA THR A 25 -17.24 -7.82 1.60
C THR A 25 -17.70 -6.52 0.93
N LEU A 26 -18.16 -6.66 -0.30
CA LEU A 26 -18.64 -5.51 -1.06
C LEU A 26 -20.06 -5.79 -1.56
N MET A 27 -20.66 -4.75 -2.12
CA MET A 27 -22.01 -4.87 -2.64
C MET A 27 -22.15 -4.13 -3.98
N SER A 28 -22.91 -4.73 -4.88
CA SER A 28 -23.13 -4.14 -6.18
C SER A 28 -23.94 -2.86 -6.05
N PRO A 29 -23.47 -1.79 -6.76
CA PRO A 29 -24.14 -0.51 -6.73
C PRO A 29 -25.43 -0.54 -7.56
N PRO A 30 -26.26 0.52 -7.39
CA PRO A 30 -27.51 0.63 -8.12
C PRO A 30 -27.26 1.01 -9.57
N GLU A 31 -28.34 1.43 -10.23
CA GLU A 31 -28.25 1.84 -11.62
C GLU A 31 -27.87 3.32 -11.71
N SER A 32 -26.57 3.57 -11.80
CA SER A 32 -26.07 4.93 -11.90
C SER A 32 -26.54 5.74 -10.70
N ILE A 33 -26.04 6.97 -10.63
CA ILE A 33 -26.39 7.86 -9.54
C ILE A 33 -25.78 7.34 -8.24
N HIS A 34 -24.92 6.35 -8.39
CA HIS A 34 -24.25 5.75 -7.24
C HIS A 34 -23.33 4.62 -7.71
N ALA A 35 -22.05 4.93 -7.76
CA ALA A 35 -21.07 3.95 -8.18
C ALA A 35 -19.95 3.87 -7.14
N LEU A 36 -18.75 3.58 -7.63
CA LEU A 36 -17.59 3.47 -6.76
C LEU A 36 -16.34 3.92 -7.51
N GLY A 37 -15.41 2.99 -7.66
CA GLY A 37 -14.18 3.28 -8.36
C GLY A 37 -13.42 1.99 -8.70
N LEU A 38 -14.16 1.02 -9.21
CA LEU A 38 -13.57 -0.26 -9.57
C LEU A 38 -12.48 -0.04 -10.61
N GLU A 39 -12.79 0.80 -11.58
CA GLU A 39 -11.84 1.12 -12.65
C GLU A 39 -10.83 2.16 -12.17
N LYS A 40 -10.96 2.53 -10.90
CA LYS A 40 -10.07 3.51 -10.31
C LYS A 40 -8.73 2.85 -10.00
N LEU A 41 -8.74 2.09 -8.91
CA LEU A 41 -7.54 1.38 -8.48
C LEU A 41 -7.30 0.18 -9.38
N ARG A 42 -8.37 -0.58 -9.59
CA ARG A 42 -8.29 -1.76 -10.43
C ARG A 42 -8.59 -1.41 -11.89
N GLY A 43 -7.71 -0.60 -12.46
CA GLY A 43 -7.87 -0.18 -13.84
C GLY A 43 -6.53 0.22 -14.45
N PRO A 44 -6.60 0.75 -15.70
CA PRO A 44 -5.40 1.18 -16.40
C PRO A 44 -4.88 2.50 -15.83
N GLU A 45 -5.80 3.42 -15.60
CA GLU A 45 -5.45 4.73 -15.07
C GLU A 45 -4.39 4.58 -13.97
N ILE A 46 -4.67 3.68 -13.04
CA ILE A 46 -3.77 3.44 -11.93
C ILE A 46 -2.97 2.17 -12.21
N THR A 47 -1.67 2.24 -11.94
CA THR A 47 -0.79 1.12 -12.15
C THR A 47 -0.57 0.35 -10.84
N PHE A 48 -0.55 -0.97 -10.97
CA PHE A 48 -0.36 -1.83 -9.81
C PHE A 48 0.93 -2.65 -9.94
N TRP A 49 1.73 -2.62 -8.89
CA TRP A 49 2.98 -3.35 -8.88
C TRP A 49 2.85 -4.49 -7.86
N SER A 50 3.29 -5.66 -8.28
CA SER A 50 3.23 -6.83 -7.42
C SER A 50 4.54 -7.62 -7.52
N ALA A 51 5.11 -7.90 -6.36
CA ALA A 51 6.36 -8.64 -6.30
C ALA A 51 6.05 -10.15 -6.30
N TRP A 52 6.83 -10.87 -7.10
CA TRP A 52 6.65 -12.31 -7.20
C TRP A 52 7.97 -12.97 -6.79
N GLU A 53 7.87 -13.82 -5.77
CA GLU A 53 9.04 -14.53 -5.28
C GLU A 53 8.73 -16.02 -5.14
N GLY A 54 8.82 -16.71 -6.26
CA GLY A 54 8.56 -18.14 -6.28
C GLY A 54 7.51 -18.50 -7.35
N ASP A 55 6.51 -19.26 -6.92
CA ASP A 55 5.45 -19.67 -7.82
C ASP A 55 4.19 -18.86 -7.53
N GLU A 56 4.22 -18.17 -6.40
CA GLU A 56 3.09 -17.35 -5.99
C GLU A 56 3.54 -15.90 -5.76
N LEU A 57 2.57 -15.00 -5.78
CA LEU A 57 2.85 -13.60 -5.58
C LEU A 57 3.47 -13.40 -4.20
N ALA A 58 4.49 -12.54 -4.15
CA ALA A 58 5.18 -12.26 -2.91
C ALA A 58 4.47 -11.12 -2.18
N GLY A 59 3.93 -10.20 -2.98
CA GLY A 59 3.22 -9.06 -2.41
C GLY A 59 2.51 -8.27 -3.52
N CYS A 60 1.84 -7.21 -3.10
CA CYS A 60 1.12 -6.36 -4.03
C CYS A 60 1.26 -4.91 -3.56
N GLY A 61 0.74 -4.00 -4.38
CA GLY A 61 0.79 -2.58 -4.07
C GLY A 61 0.44 -1.74 -5.30
N ALA A 62 -0.04 -0.53 -5.02
CA ALA A 62 -0.42 0.38 -6.08
C ALA A 62 -0.10 1.81 -5.65
N LEU A 63 -0.26 2.73 -6.60
CA LEU A 63 0.01 4.13 -6.34
C LEU A 63 -0.66 4.98 -7.41
N LYS A 64 -1.32 6.04 -6.95
CA LYS A 64 -2.02 6.94 -7.86
C LYS A 64 -1.26 8.27 -7.93
N GLU A 65 -1.10 8.77 -9.15
CA GLU A 65 -0.41 10.03 -9.35
C GLU A 65 -0.94 11.09 -8.39
N LEU A 66 -0.04 11.99 -8.00
CA LEU A 66 -0.40 13.06 -7.09
C LEU A 66 0.27 14.36 -7.55
N ASP A 67 1.50 14.54 -7.10
CA ASP A 67 2.25 15.74 -7.47
C ASP A 67 3.37 15.36 -8.43
N THR A 68 4.22 16.34 -8.71
CA THR A 68 5.34 16.12 -9.62
C THR A 68 6.41 15.28 -8.92
N ARG A 69 6.35 15.24 -7.61
CA ARG A 69 7.31 14.48 -6.83
C ARG A 69 6.63 13.90 -5.58
N HIS A 70 5.31 13.78 -5.66
CA HIS A 70 4.55 13.24 -4.55
C HIS A 70 3.71 12.05 -5.02
N GLY A 71 3.63 11.04 -4.17
CA GLY A 71 2.87 9.85 -4.49
C GLY A 71 2.12 9.33 -3.26
N GLU A 72 1.18 8.44 -3.53
CA GLU A 72 0.39 7.85 -2.45
C GLU A 72 0.11 6.37 -2.74
N ILE A 73 0.14 5.58 -1.68
CA ILE A 73 -0.10 4.16 -1.81
C ILE A 73 -1.47 3.82 -1.21
N LYS A 74 -2.30 3.20 -2.03
CA LYS A 74 -3.63 2.83 -1.60
C LYS A 74 -3.80 1.31 -1.75
N SER A 75 -2.73 0.60 -1.44
CA SER A 75 -2.74 -0.86 -1.53
C SER A 75 -1.50 -1.44 -0.85
N MET A 76 -1.74 -2.14 0.24
CA MET A 76 -0.66 -2.76 0.99
C MET A 76 -1.17 -3.90 1.87
N ARG A 77 -0.97 -5.11 1.37
CA ARG A 77 -1.42 -6.29 2.10
C ARG A 77 -0.23 -7.21 2.41
N THR A 78 0.02 -7.38 3.70
CA THR A 78 1.13 -8.23 4.14
C THR A 78 0.62 -9.61 4.53
N SER A 79 1.55 -10.47 4.90
CA SER A 79 1.22 -11.82 5.30
C SER A 79 0.55 -12.56 4.15
N ALA A 80 1.38 -13.15 3.30
CA ALA A 80 0.89 -13.89 2.15
C ALA A 80 0.68 -15.34 2.55
N SER A 81 1.78 -16.05 2.70
CA SER A 81 1.73 -17.45 3.08
C SER A 81 3.02 -17.85 3.79
N HIS A 82 3.55 -16.92 4.56
CA HIS A 82 4.78 -17.16 5.30
C HIS A 82 5.96 -17.19 4.33
N LEU A 83 6.71 -16.08 4.32
CA LEU A 83 7.86 -15.97 3.45
C LEU A 83 8.98 -15.24 4.18
N ARG A 84 10.20 -15.54 3.76
CA ARG A 84 11.38 -14.92 4.37
C ARG A 84 12.15 -14.11 3.34
N LYS A 85 11.88 -12.81 3.33
CA LYS A 85 12.54 -11.91 2.40
C LYS A 85 12.03 -10.49 2.62
N GLY A 86 10.74 -10.31 2.39
CA GLY A 86 10.12 -9.00 2.57
C GLY A 86 9.01 -8.78 1.54
N VAL A 87 7.82 -9.29 1.88
CA VAL A 87 6.67 -9.16 1.01
C VAL A 87 6.37 -7.67 0.79
N ALA A 88 6.07 -7.00 1.89
CA ALA A 88 5.76 -5.58 1.83
C ALA A 88 7.03 -4.80 1.48
N LYS A 89 8.16 -5.33 1.92
CA LYS A 89 9.44 -4.70 1.65
C LYS A 89 9.71 -4.73 0.15
N GLN A 90 9.44 -5.88 -0.45
CA GLN A 90 9.66 -6.06 -1.88
C GLN A 90 8.87 -5.02 -2.67
N VAL A 91 7.62 -4.85 -2.27
CA VAL A 91 6.74 -3.89 -2.93
C VAL A 91 7.13 -2.47 -2.49
N LEU A 92 7.37 -2.34 -1.19
CA LEU A 92 7.75 -1.04 -0.64
C LEU A 92 9.03 -0.55 -1.33
N GLN A 93 10.04 -1.39 -1.29
CA GLN A 93 11.32 -1.05 -1.91
C GLN A 93 11.13 -0.74 -3.39
N HIS A 94 10.25 -1.53 -4.02
CA HIS A 94 9.97 -1.35 -5.43
C HIS A 94 9.22 -0.03 -5.64
N ILE A 95 8.21 0.18 -4.80
CA ILE A 95 7.41 1.39 -4.89
C ILE A 95 8.33 2.60 -4.83
N ILE A 96 9.22 2.58 -3.84
CA ILE A 96 10.16 3.68 -3.65
C ILE A 96 10.98 3.86 -4.93
N GLU A 97 11.43 2.74 -5.47
CA GLU A 97 12.23 2.76 -6.68
C GLU A 97 11.42 3.36 -7.83
N GLU A 98 10.15 2.98 -7.89
CA GLU A 98 9.27 3.47 -8.93
C GLU A 98 9.26 5.01 -8.94
N ALA A 99 9.07 5.57 -7.75
CA ALA A 99 9.03 7.01 -7.61
C ALA A 99 10.42 7.59 -7.92
N GLU A 100 11.43 6.84 -7.53
CA GLU A 100 12.80 7.25 -7.75
C GLU A 100 13.07 7.42 -9.24
N LYS A 101 12.51 6.50 -10.02
CA LYS A 101 12.68 6.53 -11.45
C LYS A 101 12.25 7.89 -11.99
N ARG A 102 11.15 8.39 -11.43
CA ARG A 102 10.63 9.68 -11.84
C ARG A 102 11.42 10.81 -11.18
N GLY A 103 11.75 10.59 -9.91
CA GLY A 103 12.49 11.57 -9.15
C GLY A 103 11.61 12.26 -8.11
N TYR A 104 10.96 11.43 -7.30
CA TYR A 104 10.07 11.94 -6.27
C TYR A 104 10.87 12.52 -5.09
N GLU A 105 10.18 13.31 -4.28
CA GLU A 105 10.81 13.93 -3.13
C GLU A 105 9.95 13.74 -1.89
N ARG A 106 8.90 12.94 -2.04
CA ARG A 106 7.99 12.66 -0.94
C ARG A 106 7.17 11.41 -1.23
N LEU A 107 6.74 10.77 -0.16
CA LEU A 107 5.94 9.55 -0.28
C LEU A 107 5.11 9.37 0.98
N SER A 108 3.80 9.29 0.79
CA SER A 108 2.88 9.12 1.90
C SER A 108 2.29 7.70 1.87
N LEU A 109 1.86 7.25 3.04
CA LEU A 109 1.27 5.93 3.16
C LEU A 109 0.02 6.01 4.05
N GLU A 110 -0.70 4.89 4.11
CA GLU A 110 -1.90 4.82 4.91
C GLU A 110 -1.64 4.03 6.19
N THR A 111 -1.57 4.76 7.30
CA THR A 111 -1.33 4.13 8.58
C THR A 111 -1.90 4.99 9.72
N GLY A 112 -2.74 4.37 10.52
CA GLY A 112 -3.36 5.07 11.63
C GLY A 112 -3.14 4.31 12.95
N SER A 113 -2.04 3.59 13.00
CA SER A 113 -1.69 2.82 14.17
C SER A 113 -2.80 1.81 14.49
N MET A 114 -3.16 1.05 13.47
CA MET A 114 -4.21 0.05 13.62
C MET A 114 -3.62 -1.32 13.96
N ALA A 115 -4.37 -2.08 14.73
CA ALA A 115 -3.93 -3.41 15.14
C ALA A 115 -3.55 -4.21 13.89
N SER A 116 -4.30 -3.98 12.82
CA SER A 116 -4.05 -4.68 11.57
C SER A 116 -2.74 -4.19 10.95
N PHE A 117 -2.58 -2.87 10.93
CA PHE A 117 -1.39 -2.26 10.37
C PHE A 117 -0.49 -1.71 11.47
N GLU A 118 -0.37 -2.48 12.54
CA GLU A 118 0.45 -2.07 13.67
C GLU A 118 1.94 -2.10 13.28
N PRO A 119 2.38 -3.30 12.80
CA PRO A 119 3.77 -3.46 12.39
C PRO A 119 4.03 -2.78 11.04
N ALA A 120 2.94 -2.52 10.34
CA ALA A 120 3.04 -1.88 9.04
C ALA A 120 3.83 -0.58 9.17
N ARG A 121 3.41 0.23 10.14
CA ARG A 121 4.06 1.50 10.39
C ARG A 121 5.50 1.28 10.88
N LYS A 122 5.68 0.18 11.60
CA LYS A 122 6.99 -0.16 12.12
C LYS A 122 7.94 -0.46 10.97
N LEU A 123 7.40 -1.09 9.94
CA LEU A 123 8.18 -1.43 8.77
C LEU A 123 8.63 -0.16 8.06
N TYR A 124 7.79 0.86 8.18
CA TYR A 124 8.07 2.15 7.55
C TYR A 124 9.16 2.90 8.31
N GLU A 125 8.98 2.98 9.62
CA GLU A 125 9.94 3.67 10.47
C GLU A 125 11.36 3.13 10.21
N SER A 126 11.43 1.83 10.01
CA SER A 126 12.71 1.19 9.74
C SER A 126 13.28 1.67 8.41
N PHE A 127 12.43 2.37 7.65
CA PHE A 127 12.82 2.88 6.36
C PHE A 127 13.26 4.35 6.47
N GLY A 128 12.87 4.96 7.58
CA GLY A 128 13.21 6.36 7.82
C GLY A 128 11.95 7.21 7.98
N PHE A 129 10.81 6.58 7.73
CA PHE A 129 9.54 7.26 7.85
C PHE A 129 9.38 7.91 9.22
N GLN A 130 8.99 9.18 9.20
CA GLN A 130 8.80 9.92 10.43
C GLN A 130 7.38 10.47 10.52
N TYR A 131 6.91 10.63 11.74
CA TYR A 131 5.57 11.14 11.97
C TYR A 131 5.41 12.55 11.41
N CYS A 132 4.26 12.79 10.80
CA CYS A 132 3.97 14.09 10.21
C CYS A 132 2.46 14.20 10.00
N GLU A 133 2.07 15.29 9.35
CA GLU A 133 0.65 15.52 9.08
C GLU A 133 -0.01 14.24 8.58
N PRO A 134 -1.34 14.14 8.86
CA PRO A 134 -2.10 12.98 8.45
C PRO A 134 -2.38 13.01 6.94
N PHE A 135 -1.90 11.98 6.26
CA PHE A 135 -2.09 11.88 4.82
C PHE A 135 -2.97 10.68 4.46
N ALA A 136 -3.06 10.42 3.17
CA ALA A 136 -3.87 9.31 2.69
C ALA A 136 -5.35 9.61 2.95
N ASP A 137 -6.19 8.74 2.41
CA ASP A 137 -7.63 8.90 2.58
C ASP A 137 -7.96 9.10 4.06
N TYR A 138 -7.14 8.46 4.90
CA TYR A 138 -7.32 8.56 6.33
C TYR A 138 -7.06 9.98 6.83
N GLY A 139 -7.70 10.31 7.95
CA GLY A 139 -7.54 11.63 8.54
C GLY A 139 -7.73 11.58 10.05
N GLU A 140 -8.22 12.68 10.60
CA GLU A 140 -8.45 12.77 12.03
C GLU A 140 -9.06 11.49 12.56
N ASP A 141 -9.01 11.33 13.87
CA ASP A 141 -9.55 10.14 14.51
C ASP A 141 -9.32 10.23 16.02
N PRO A 142 -9.93 9.25 16.75
CA PRO A 142 -9.77 9.21 18.19
C PRO A 142 -8.40 8.69 18.59
N ASN A 143 -7.86 7.83 17.74
CA ASN A 143 -6.54 7.25 17.99
C ASN A 143 -5.94 6.79 16.66
N SER A 144 -5.34 7.74 15.96
CA SER A 144 -4.72 7.44 14.67
C SER A 144 -3.42 8.23 14.53
N VAL A 145 -2.42 7.56 13.99
CA VAL A 145 -1.12 8.17 13.79
C VAL A 145 -0.87 8.35 12.28
N PHE A 146 0.25 8.99 11.98
CA PHE A 146 0.62 9.23 10.60
C PHE A 146 2.10 9.61 10.48
N MET A 147 2.68 9.26 9.34
CA MET A 147 4.07 9.56 9.09
C MET A 147 4.35 9.66 7.59
N THR A 148 5.46 10.31 7.27
CA THR A 148 5.86 10.48 5.88
C THR A 148 7.33 10.13 5.69
N LYS A 149 7.68 9.80 4.46
CA LYS A 149 9.05 9.43 4.14
C LYS A 149 9.63 10.48 3.17
N LYS A 150 10.90 10.80 3.40
CA LYS A 150 11.58 11.78 2.57
C LYS A 150 12.68 11.08 1.77
N LEU A 151 12.59 11.19 0.45
CA LEU A 151 13.56 10.58 -0.44
C LEU A 151 14.96 11.05 -0.03
N MET A 1 14.02 -12.35 -7.48
CA MET A 1 13.03 -11.43 -6.97
C MET A 1 12.29 -10.72 -8.10
N HIS A 2 11.62 -11.52 -8.91
CA HIS A 2 10.87 -10.98 -10.03
C HIS A 2 9.97 -9.84 -9.56
N ILE A 3 10.35 -8.63 -9.96
CA ILE A 3 9.60 -7.45 -9.58
C ILE A 3 9.07 -6.75 -10.85
N LYS A 4 7.77 -6.56 -10.88
CA LYS A 4 7.13 -5.92 -12.01
C LYS A 4 5.76 -5.38 -11.59
N ILE A 5 5.10 -4.73 -12.54
CA ILE A 5 3.79 -4.17 -12.28
C ILE A 5 2.72 -5.10 -12.86
N ASP A 6 1.63 -5.23 -12.12
CA ASP A 6 0.53 -6.08 -12.54
C ASP A 6 -0.77 -5.28 -12.51
N ASP A 7 -1.51 -5.37 -13.61
CA ASP A 7 -2.77 -4.66 -13.72
C ASP A 7 -3.89 -5.66 -13.97
N LEU A 8 -4.62 -5.97 -12.91
CA LEU A 8 -5.72 -6.92 -12.99
C LEU A 8 -5.32 -8.08 -13.91
N THR A 9 -4.59 -9.02 -13.33
CA THR A 9 -4.13 -10.17 -14.07
C THR A 9 -3.72 -11.30 -13.11
N GLY A 10 -4.64 -12.24 -12.92
CA GLY A 10 -4.39 -13.36 -12.04
C GLY A 10 -5.24 -13.27 -10.77
N ARG A 11 -6.11 -14.26 -10.61
CA ARG A 11 -6.99 -14.29 -9.46
C ARG A 11 -6.19 -14.09 -8.17
N GLN A 12 -5.02 -14.70 -8.13
CA GLN A 12 -4.15 -14.59 -6.97
C GLN A 12 -3.78 -13.13 -6.73
N VAL A 13 -3.65 -12.39 -7.81
CA VAL A 13 -3.31 -10.99 -7.73
C VAL A 13 -4.51 -10.20 -7.20
N VAL A 14 -5.67 -10.54 -7.72
CA VAL A 14 -6.90 -9.88 -7.31
C VAL A 14 -7.22 -10.26 -5.86
N SER A 15 -7.19 -11.56 -5.60
CA SER A 15 -7.46 -12.05 -4.27
C SER A 15 -6.60 -11.32 -3.24
N LEU A 16 -5.40 -10.96 -3.67
CA LEU A 16 -4.48 -10.25 -2.80
C LEU A 16 -5.05 -8.88 -2.46
N VAL A 17 -5.66 -8.26 -3.47
CA VAL A 17 -6.25 -6.95 -3.29
C VAL A 17 -7.55 -7.08 -2.49
N ASN A 18 -8.29 -8.13 -2.81
CA ASN A 18 -9.55 -8.39 -2.12
C ASN A 18 -9.28 -8.68 -0.65
N GLU A 19 -8.02 -8.95 -0.35
CA GLU A 19 -7.62 -9.25 1.01
C GLU A 19 -8.57 -10.28 1.64
N HIS A 20 -8.17 -11.53 1.57
CA HIS A 20 -8.97 -12.61 2.12
C HIS A 20 -8.56 -12.86 3.58
N LEU A 21 -7.26 -13.07 3.77
CA LEU A 21 -6.74 -13.32 5.10
C LEU A 21 -7.09 -12.14 6.02
N HIS A 22 -6.64 -10.96 5.62
CA HIS A 22 -6.91 -9.76 6.39
C HIS A 22 -8.22 -9.13 5.93
N SER A 23 -9.20 -9.14 6.82
CA SER A 23 -10.50 -8.58 6.52
C SER A 23 -11.19 -9.42 5.44
N MET A 24 -12.45 -9.74 5.71
CA MET A 24 -13.23 -10.54 4.78
C MET A 24 -12.58 -11.91 4.56
N THR A 25 -13.07 -12.88 5.30
CA THR A 25 -12.55 -14.24 5.20
C THR A 25 -13.65 -15.20 4.73
N LEU A 26 -14.77 -14.61 4.33
CA LEU A 26 -15.90 -15.39 3.86
C LEU A 26 -15.41 -16.42 2.84
N MET A 27 -16.21 -17.46 2.65
CA MET A 27 -15.87 -18.52 1.72
C MET A 27 -15.31 -17.93 0.42
N SER A 28 -14.73 -18.82 -0.38
CA SER A 28 -14.15 -18.40 -1.65
C SER A 28 -15.12 -17.46 -2.38
N PRO A 29 -14.52 -16.48 -3.10
CA PRO A 29 -15.31 -15.52 -3.85
C PRO A 29 -15.88 -16.15 -5.11
N PRO A 30 -16.84 -15.40 -5.74
CA PRO A 30 -17.48 -15.88 -6.96
C PRO A 30 -16.55 -15.74 -8.16
N GLU A 31 -16.68 -16.68 -9.09
CA GLU A 31 -15.85 -16.67 -10.28
C GLU A 31 -16.59 -15.98 -11.44
N SER A 32 -17.23 -14.87 -11.11
CA SER A 32 -17.98 -14.11 -12.10
C SER A 32 -17.38 -12.72 -12.26
N ILE A 33 -16.09 -12.69 -12.53
CA ILE A 33 -15.38 -11.42 -12.69
C ILE A 33 -15.48 -10.62 -11.40
N HIS A 34 -14.46 -9.78 -11.18
CA HIS A 34 -14.42 -8.95 -9.99
C HIS A 34 -15.82 -8.40 -9.70
N ALA A 35 -16.50 -9.07 -8.79
CA ALA A 35 -17.85 -8.66 -8.42
C ALA A 35 -17.94 -8.60 -6.89
N LEU A 36 -17.46 -7.51 -6.33
CA LEU A 36 -17.49 -7.31 -4.90
C LEU A 36 -17.91 -5.87 -4.58
N GLY A 37 -17.02 -4.94 -4.92
CA GLY A 37 -17.29 -3.54 -4.68
C GLY A 37 -16.00 -2.80 -4.29
N LEU A 38 -15.04 -2.84 -5.19
CA LEU A 38 -13.77 -2.18 -4.97
C LEU A 38 -14.01 -0.83 -4.28
N GLU A 39 -14.52 0.11 -5.06
CA GLU A 39 -14.81 1.43 -4.55
C GLU A 39 -13.62 1.95 -3.73
N LYS A 40 -12.50 2.11 -4.42
CA LYS A 40 -11.30 2.60 -3.77
C LYS A 40 -10.19 2.74 -4.82
N LEU A 41 -9.72 1.61 -5.29
CA LEU A 41 -8.67 1.60 -6.29
C LEU A 41 -9.28 1.42 -7.69
N ARG A 42 -10.22 2.30 -7.99
CA ARG A 42 -10.90 2.25 -9.27
C ARG A 42 -10.76 3.60 -9.99
N GLY A 43 -9.63 3.76 -10.67
CA GLY A 43 -9.37 4.99 -11.39
C GLY A 43 -8.70 4.70 -12.74
N PRO A 44 -8.87 5.66 -13.68
CA PRO A 44 -8.28 5.52 -15.01
C PRO A 44 -6.77 5.76 -14.97
N GLU A 45 -6.32 6.32 -13.85
CA GLU A 45 -4.91 6.60 -13.68
C GLU A 45 -4.38 5.95 -12.40
N ILE A 46 -4.68 4.66 -12.28
CA ILE A 46 -4.24 3.91 -11.11
C ILE A 46 -3.24 2.83 -11.55
N THR A 47 -2.17 2.69 -10.78
CA THR A 47 -1.16 1.70 -11.08
C THR A 47 -0.99 0.74 -9.90
N PHE A 48 -0.86 -0.53 -10.23
CA PHE A 48 -0.69 -1.56 -9.21
C PHE A 48 0.61 -2.33 -9.43
N TRP A 49 1.44 -2.33 -8.39
CA TRP A 49 2.71 -3.03 -8.45
C TRP A 49 2.54 -4.39 -7.77
N SER A 50 3.28 -5.36 -8.28
CA SER A 50 3.21 -6.71 -7.74
C SER A 50 4.62 -7.33 -7.71
N ALA A 51 4.92 -7.96 -6.59
CA ALA A 51 6.22 -8.60 -6.42
C ALA A 51 6.05 -10.12 -6.53
N TRP A 52 6.93 -10.72 -7.33
CA TRP A 52 6.89 -12.16 -7.54
C TRP A 52 8.19 -12.75 -6.99
N GLU A 53 8.03 -13.74 -6.14
CA GLU A 53 9.19 -14.40 -5.54
C GLU A 53 9.00 -15.92 -5.56
N GLY A 54 9.23 -16.48 -6.75
CA GLY A 54 9.09 -17.92 -6.93
C GLY A 54 7.94 -18.25 -7.88
N ASP A 55 7.12 -19.19 -7.45
CA ASP A 55 5.97 -19.61 -8.25
C ASP A 55 4.69 -19.12 -7.59
N GLU A 56 4.86 -18.31 -6.56
CA GLU A 56 3.72 -17.75 -5.84
C GLU A 56 3.82 -16.23 -5.78
N LEU A 57 2.70 -15.62 -5.44
CA LEU A 57 2.64 -14.16 -5.35
C LEU A 57 3.50 -13.70 -4.16
N ALA A 58 4.50 -12.89 -4.47
CA ALA A 58 5.39 -12.38 -3.45
C ALA A 58 4.66 -11.30 -2.63
N GLY A 59 3.92 -10.47 -3.34
CA GLY A 59 3.18 -9.40 -2.70
C GLY A 59 2.48 -8.52 -3.74
N CYS A 60 1.88 -7.44 -3.25
CA CYS A 60 1.19 -6.51 -4.12
C CYS A 60 1.24 -5.12 -3.47
N GLY A 61 0.99 -4.11 -4.29
CA GLY A 61 1.01 -2.74 -3.83
C GLY A 61 0.31 -1.81 -4.82
N ALA A 62 0.21 -0.54 -4.43
CA ALA A 62 -0.43 0.44 -5.27
C ALA A 62 0.04 1.85 -4.86
N LEU A 63 0.10 2.73 -5.85
CA LEU A 63 0.54 4.09 -5.61
C LEU A 63 -0.02 5.00 -6.69
N LYS A 64 -0.89 5.91 -6.26
CA LYS A 64 -1.51 6.85 -7.20
C LYS A 64 -0.86 8.22 -7.03
N GLU A 65 -0.58 8.85 -8.16
CA GLU A 65 0.04 10.16 -8.16
C GLU A 65 -0.85 11.17 -7.43
N LEU A 66 -0.20 12.06 -6.69
CA LEU A 66 -0.91 13.07 -5.94
C LEU A 66 -0.52 14.45 -6.45
N ASP A 67 0.79 14.73 -6.36
CA ASP A 67 1.30 16.01 -6.80
C ASP A 67 2.31 15.78 -7.94
N THR A 68 2.83 16.88 -8.46
CA THR A 68 3.79 16.81 -9.55
C THR A 68 4.96 15.91 -9.16
N ARG A 69 5.27 15.93 -7.87
CA ARG A 69 6.37 15.11 -7.36
C ARG A 69 6.01 14.54 -5.99
N HIS A 70 4.79 14.04 -5.89
CA HIS A 70 4.31 13.46 -4.64
C HIS A 70 3.53 12.19 -4.94
N GLY A 71 3.73 11.20 -4.09
CA GLY A 71 3.05 9.92 -4.24
C GLY A 71 2.56 9.39 -2.90
N GLU A 72 1.47 8.64 -2.96
CA GLU A 72 0.88 8.07 -1.75
C GLU A 72 0.56 6.59 -1.97
N ILE A 73 0.91 5.79 -0.97
CA ILE A 73 0.67 4.36 -1.03
C ILE A 73 -0.67 4.04 -0.38
N LYS A 74 -1.34 3.03 -0.91
CA LYS A 74 -2.63 2.61 -0.40
C LYS A 74 -2.80 1.11 -0.61
N SER A 75 -1.74 0.38 -0.32
CA SER A 75 -1.76 -1.06 -0.48
C SER A 75 -0.57 -1.69 0.26
N MET A 76 -0.90 -2.56 1.21
CA MET A 76 0.13 -3.23 1.99
C MET A 76 -0.40 -4.55 2.56
N ARG A 77 -0.70 -5.47 1.66
CA ARG A 77 -1.21 -6.77 2.05
C ARG A 77 -0.30 -7.88 1.50
N THR A 78 0.00 -8.84 2.37
CA THR A 78 0.85 -9.95 1.99
C THR A 78 0.01 -11.07 1.38
N SER A 79 0.63 -11.80 0.46
CA SER A 79 -0.04 -12.91 -0.20
C SER A 79 -0.63 -13.86 0.84
N ALA A 80 0.25 -14.39 1.68
CA ALA A 80 -0.16 -15.31 2.72
C ALA A 80 0.84 -15.26 3.87
N SER A 81 0.71 -16.23 4.77
CA SER A 81 1.59 -16.30 5.91
C SER A 81 3.00 -16.70 5.48
N HIS A 82 3.61 -15.84 4.68
CA HIS A 82 4.95 -16.10 4.18
C HIS A 82 5.97 -15.43 5.10
N LEU A 83 7.23 -15.48 4.68
CA LEU A 83 8.30 -14.90 5.45
C LEU A 83 8.08 -13.39 5.58
N ARG A 84 8.71 -12.80 6.58
CA ARG A 84 8.58 -11.37 6.82
C ARG A 84 9.80 -10.63 6.24
N LYS A 85 9.57 -9.37 5.90
CA LYS A 85 10.62 -8.55 5.35
C LYS A 85 11.04 -9.10 3.98
N GLY A 86 10.06 -9.15 3.08
CA GLY A 86 10.30 -9.65 1.74
C GLY A 86 9.10 -9.37 0.83
N VAL A 87 7.92 -9.74 1.33
CA VAL A 87 6.70 -9.55 0.57
C VAL A 87 6.39 -8.05 0.48
N ALA A 88 6.20 -7.45 1.66
CA ALA A 88 5.90 -6.02 1.73
C ALA A 88 7.15 -5.22 1.35
N LYS A 89 8.30 -5.78 1.71
CA LYS A 89 9.56 -5.13 1.42
C LYS A 89 9.74 -5.03 -0.10
N GLN A 90 9.45 -6.13 -0.77
CA GLN A 90 9.57 -6.18 -2.22
C GLN A 90 8.72 -5.08 -2.86
N VAL A 91 7.46 -5.03 -2.45
CA VAL A 91 6.53 -4.04 -2.97
C VAL A 91 6.99 -2.64 -2.52
N LEU A 92 7.41 -2.57 -1.27
CA LEU A 92 7.87 -1.30 -0.72
C LEU A 92 9.08 -0.81 -1.51
N GLN A 93 10.04 -1.70 -1.67
CA GLN A 93 11.25 -1.36 -2.42
C GLN A 93 10.91 -0.94 -3.84
N HIS A 94 9.85 -1.54 -4.36
CA HIS A 94 9.40 -1.23 -5.70
C HIS A 94 8.81 0.19 -5.74
N ILE A 95 7.83 0.40 -4.86
CA ILE A 95 7.18 1.70 -4.78
C ILE A 95 8.24 2.79 -4.61
N ILE A 96 9.17 2.53 -3.70
CA ILE A 96 10.23 3.47 -3.43
C ILE A 96 11.02 3.74 -4.73
N GLU A 97 11.46 2.66 -5.35
CA GLU A 97 12.21 2.76 -6.58
C GLU A 97 11.40 3.52 -7.63
N GLU A 98 10.11 3.20 -7.68
CA GLU A 98 9.22 3.85 -8.63
C GLU A 98 9.29 5.38 -8.48
N ALA A 99 9.25 5.82 -7.23
CA ALA A 99 9.30 7.23 -6.94
C ALA A 99 10.71 7.76 -7.22
N GLU A 100 11.69 6.87 -7.04
CA GLU A 100 13.08 7.23 -7.27
C GLU A 100 13.33 7.38 -8.77
N LYS A 101 12.87 6.40 -9.53
CA LYS A 101 13.05 6.41 -10.97
C LYS A 101 12.33 7.63 -11.55
N ARG A 102 11.26 8.02 -10.89
CA ARG A 102 10.48 9.17 -11.33
C ARG A 102 11.12 10.46 -10.85
N GLY A 103 11.57 10.44 -9.60
CA GLY A 103 12.20 11.61 -9.01
C GLY A 103 11.17 12.49 -8.30
N TYR A 104 10.49 11.87 -7.34
CA TYR A 104 9.47 12.58 -6.57
C TYR A 104 10.12 13.44 -5.48
N GLU A 105 9.28 14.15 -4.75
CA GLU A 105 9.75 15.00 -3.67
C GLU A 105 9.62 14.28 -2.33
N ARG A 106 8.53 13.55 -2.19
CA ARG A 106 8.27 12.80 -0.96
C ARG A 106 7.22 11.73 -1.20
N LEU A 107 7.26 10.70 -0.36
CA LEU A 107 6.31 9.61 -0.46
C LEU A 107 5.42 9.59 0.78
N SER A 108 4.11 9.67 0.53
CA SER A 108 3.15 9.67 1.62
C SER A 108 2.52 8.27 1.75
N LEU A 109 1.87 8.07 2.88
CA LEU A 109 1.23 6.79 3.15
C LEU A 109 0.16 6.97 4.23
N GLU A 110 -0.90 6.18 4.12
CA GLU A 110 -1.98 6.25 5.08
C GLU A 110 -1.92 5.05 6.03
N THR A 111 -1.45 5.32 7.24
CA THR A 111 -1.33 4.28 8.24
C THR A 111 -2.30 4.54 9.39
N GLY A 112 -2.33 5.79 9.84
CA GLY A 112 -3.22 6.18 10.92
C GLY A 112 -3.22 5.12 12.02
N SER A 113 -2.11 4.41 12.13
CA SER A 113 -1.99 3.37 13.14
C SER A 113 -3.16 2.40 13.04
N MET A 114 -3.61 2.19 11.81
CA MET A 114 -4.72 1.29 11.57
C MET A 114 -4.28 -0.17 11.67
N ALA A 115 -5.24 -1.03 12.00
CA ALA A 115 -4.96 -2.45 12.13
C ALA A 115 -4.51 -3.00 10.78
N SER A 116 -5.02 -2.39 9.72
CA SER A 116 -4.67 -2.80 8.38
C SER A 116 -3.28 -2.30 8.01
N PHE A 117 -2.88 -1.22 8.67
CA PHE A 117 -1.58 -0.63 8.43
C PHE A 117 -0.73 -0.62 9.70
N GLU A 118 -1.03 -1.55 10.57
CA GLU A 118 -0.32 -1.67 11.83
C GLU A 118 1.15 -2.07 11.57
N PRO A 119 1.31 -3.15 10.76
CA PRO A 119 2.64 -3.64 10.43
C PRO A 119 3.31 -2.72 9.40
N ALA A 120 2.49 -2.10 8.57
CA ALA A 120 2.99 -1.20 7.55
C ALA A 120 3.80 -0.07 8.21
N ARG A 121 3.21 0.49 9.25
CA ARG A 121 3.85 1.58 9.98
C ARG A 121 5.15 1.07 10.63
N LYS A 122 5.09 -0.14 11.13
CA LYS A 122 6.25 -0.75 11.77
C LYS A 122 7.28 -1.11 10.70
N LEU A 123 6.78 -1.48 9.54
CA LEU A 123 7.65 -1.86 8.43
C LEU A 123 8.24 -0.60 7.79
N TYR A 124 7.47 0.49 7.90
CA TYR A 124 7.91 1.75 7.34
C TYR A 124 9.01 2.38 8.18
N GLU A 125 8.73 2.50 9.47
CA GLU A 125 9.69 3.07 10.40
C GLU A 125 11.01 2.29 10.34
N SER A 126 10.89 1.02 10.03
CA SER A 126 12.07 0.15 9.95
C SER A 126 12.90 0.54 8.73
N PHE A 127 12.28 1.31 7.84
CA PHE A 127 12.96 1.75 6.63
C PHE A 127 13.49 3.18 6.79
N GLY A 128 12.96 3.87 7.79
CA GLY A 128 13.38 5.24 8.06
C GLY A 128 12.16 6.14 8.30
N PHE A 129 11.09 5.83 7.59
CA PHE A 129 9.86 6.60 7.71
C PHE A 129 9.63 7.04 9.15
N GLN A 130 9.13 8.26 9.30
CA GLN A 130 8.86 8.81 10.62
C GLN A 130 7.46 9.40 10.67
N TYR A 131 6.99 9.62 11.88
CA TYR A 131 5.66 10.19 12.08
C TYR A 131 5.62 11.66 11.66
N CYS A 132 4.49 12.05 11.10
CA CYS A 132 4.31 13.41 10.65
C CYS A 132 2.83 13.79 10.80
N GLU A 133 2.51 15.00 10.40
CA GLU A 133 1.15 15.50 10.49
C GLU A 133 0.20 14.56 9.73
N PRO A 134 -1.12 14.78 9.97
CA PRO A 134 -2.13 13.97 9.31
C PRO A 134 -2.29 14.36 7.84
N PHE A 135 -2.96 13.50 7.10
CA PHE A 135 -3.19 13.75 5.68
C PHE A 135 -4.12 12.70 5.08
N ALA A 136 -3.85 11.45 5.43
CA ALA A 136 -4.65 10.34 4.94
C ALA A 136 -6.13 10.74 4.94
N ASP A 137 -6.66 10.88 6.15
CA ASP A 137 -8.06 11.26 6.31
C ASP A 137 -8.15 12.79 6.42
N TYR A 138 -7.17 13.46 5.83
CA TYR A 138 -7.15 14.91 5.87
C TYR A 138 -7.33 15.44 7.29
N GLY A 139 -7.44 16.76 7.39
CA GLY A 139 -7.60 17.40 8.67
C GLY A 139 -6.73 16.74 9.74
N GLU A 140 -7.17 16.86 10.99
CA GLU A 140 -6.45 16.27 12.11
C GLU A 140 -6.85 14.81 12.30
N ASP A 141 -6.15 14.15 13.20
CA ASP A 141 -6.43 12.75 13.49
C ASP A 141 -6.47 12.55 15.02
N PRO A 142 -7.68 12.16 15.50
CA PRO A 142 -7.89 11.94 16.93
C PRO A 142 -7.25 10.62 17.36
N ASN A 143 -7.37 9.62 16.50
CA ASN A 143 -6.81 8.31 16.78
C ASN A 143 -6.19 7.74 15.51
N SER A 144 -5.10 8.36 15.09
CA SER A 144 -4.41 7.92 13.89
C SER A 144 -3.12 8.74 13.70
N VAL A 145 -2.07 8.04 13.30
CA VAL A 145 -0.79 8.68 13.09
C VAL A 145 -0.39 8.55 11.61
N PHE A 146 0.24 9.59 11.10
CA PHE A 146 0.67 9.61 9.72
C PHE A 146 2.14 9.23 9.60
N MET A 147 2.55 8.95 8.37
CA MET A 147 3.94 8.58 8.10
C MET A 147 4.38 9.06 6.72
N THR A 148 5.57 9.64 6.68
CA THR A 148 6.12 10.14 5.43
C THR A 148 7.61 9.81 5.34
N LYS A 149 8.10 9.78 4.10
CA LYS A 149 9.49 9.49 3.85
C LYS A 149 10.05 10.46 2.82
N LYS A 150 11.35 10.70 2.91
CA LYS A 150 12.01 11.60 1.99
C LYS A 150 13.00 10.82 1.12
N LEU A 151 12.70 10.80 -0.17
CA LEU A 151 13.55 10.09 -1.12
C LEU A 151 14.98 10.61 -1.00
N MET A 1 14.52 -13.16 -8.35
CA MET A 1 13.17 -12.63 -8.34
C MET A 1 12.98 -11.56 -9.42
N HIS A 2 11.74 -11.12 -9.55
CA HIS A 2 11.42 -10.10 -10.54
C HIS A 2 10.16 -9.33 -10.10
N ILE A 3 10.38 -8.08 -9.71
CA ILE A 3 9.28 -7.25 -9.26
C ILE A 3 8.93 -6.25 -10.37
N LYS A 4 7.64 -6.16 -10.66
CA LYS A 4 7.17 -5.25 -11.69
C LYS A 4 5.66 -5.03 -11.52
N ILE A 5 5.11 -4.17 -12.35
CA ILE A 5 3.70 -3.85 -12.31
C ILE A 5 2.91 -5.02 -12.92
N ASP A 6 1.80 -5.34 -12.27
CA ASP A 6 0.95 -6.42 -12.73
C ASP A 6 -0.36 -5.85 -13.29
N ASP A 7 -0.68 -6.25 -14.51
CA ASP A 7 -1.89 -5.78 -15.16
C ASP A 7 -2.72 -6.98 -15.59
N LEU A 8 -3.90 -7.11 -14.99
CA LEU A 8 -4.79 -8.21 -15.30
C LEU A 8 -4.17 -9.53 -14.83
N THR A 9 -3.21 -10.01 -15.61
CA THR A 9 -2.53 -11.25 -15.27
C THR A 9 -2.30 -11.34 -13.76
N GLY A 10 -2.27 -12.58 -13.27
CA GLY A 10 -2.05 -12.82 -11.86
C GLY A 10 -3.39 -12.98 -11.12
N ARG A 11 -3.90 -14.19 -11.16
CA ARG A 11 -5.17 -14.49 -10.50
C ARG A 11 -5.02 -14.35 -8.99
N GLN A 12 -4.05 -15.07 -8.45
CA GLN A 12 -3.80 -15.05 -7.02
C GLN A 12 -3.52 -13.61 -6.56
N VAL A 13 -2.87 -12.86 -7.44
CA VAL A 13 -2.55 -11.48 -7.13
C VAL A 13 -3.81 -10.62 -7.24
N VAL A 14 -4.59 -10.90 -8.28
CA VAL A 14 -5.82 -10.16 -8.50
C VAL A 14 -6.82 -10.50 -7.38
N SER A 15 -7.02 -11.79 -7.18
CA SER A 15 -7.94 -12.25 -6.15
C SER A 15 -7.61 -11.58 -4.81
N LEU A 16 -6.32 -11.38 -4.61
CA LEU A 16 -5.85 -10.75 -3.37
C LEU A 16 -6.37 -9.31 -3.31
N VAL A 17 -6.40 -8.67 -4.47
CA VAL A 17 -6.88 -7.30 -4.56
C VAL A 17 -8.40 -7.29 -4.49
N ASN A 18 -9.01 -8.26 -5.15
CA ASN A 18 -10.46 -8.38 -5.17
C ASN A 18 -10.97 -8.53 -3.74
N GLU A 19 -10.68 -9.67 -3.15
CA GLU A 19 -11.10 -9.96 -1.79
C GLU A 19 -10.86 -11.43 -1.45
N HIS A 20 -9.58 -11.78 -1.35
CA HIS A 20 -9.20 -13.14 -1.03
C HIS A 20 -9.17 -13.33 0.48
N LEU A 21 -8.40 -12.46 1.14
CA LEU A 21 -8.27 -12.51 2.58
C LEU A 21 -9.53 -11.94 3.22
N HIS A 22 -9.86 -10.72 2.83
CA HIS A 22 -11.03 -10.04 3.37
C HIS A 22 -11.15 -8.64 2.75
N SER A 23 -12.15 -7.91 3.21
CA SER A 23 -12.38 -6.57 2.71
C SER A 23 -12.71 -6.61 1.22
N MET A 24 -13.89 -6.11 0.89
CA MET A 24 -14.33 -6.08 -0.50
C MET A 24 -13.59 -5.01 -1.29
N THR A 25 -13.73 -3.78 -0.84
CA THR A 25 -13.08 -2.65 -1.50
C THR A 25 -11.72 -2.39 -0.85
N LEU A 26 -10.68 -2.72 -1.60
CA LEU A 26 -9.32 -2.52 -1.12
C LEU A 26 -9.15 -1.06 -0.69
N MET A 27 -9.01 -0.88 0.62
CA MET A 27 -8.83 0.46 1.16
C MET A 27 -10.18 1.18 1.27
N SER A 28 -10.25 2.07 2.26
CA SER A 28 -11.47 2.84 2.48
C SER A 28 -11.14 4.14 3.20
N PRO A 29 -11.01 5.23 2.38
CA PRO A 29 -10.70 6.54 2.93
C PRO A 29 -11.92 7.15 3.61
N PRO A 30 -11.73 7.53 4.91
CA PRO A 30 -12.79 8.12 5.68
C PRO A 30 -13.03 9.57 5.27
N GLU A 31 -14.15 10.11 5.73
CA GLU A 31 -14.51 11.48 5.42
C GLU A 31 -14.99 11.59 3.97
N SER A 32 -16.20 11.09 3.76
CA SER A 32 -16.80 11.12 2.43
C SER A 32 -17.21 12.55 2.07
N ILE A 33 -16.23 13.43 2.07
CA ILE A 33 -16.46 14.83 1.75
C ILE A 33 -16.22 15.06 0.26
N HIS A 34 -15.89 13.96 -0.43
CA HIS A 34 -15.63 14.03 -1.86
C HIS A 34 -15.78 12.64 -2.46
N ALA A 35 -16.84 11.96 -2.05
CA ALA A 35 -17.11 10.62 -2.55
C ALA A 35 -16.01 9.67 -2.07
N LEU A 36 -16.45 8.55 -1.51
CA LEU A 36 -15.51 7.56 -1.00
C LEU A 36 -14.38 7.37 -2.02
N GLY A 37 -14.75 6.97 -3.22
CA GLY A 37 -13.79 6.75 -4.28
C GLY A 37 -13.86 5.32 -4.80
N LEU A 38 -15.03 4.95 -5.28
CA LEU A 38 -15.24 3.61 -5.82
C LEU A 38 -14.42 3.44 -7.10
N GLU A 39 -14.57 4.41 -8.00
CA GLU A 39 -13.85 4.38 -9.26
C GLU A 39 -12.38 4.73 -9.04
N LYS A 40 -12.07 5.08 -7.81
CA LYS A 40 -10.71 5.45 -7.45
C LYS A 40 -9.74 4.39 -7.99
N LEU A 41 -9.74 3.24 -7.32
CA LEU A 41 -8.87 2.15 -7.72
C LEU A 41 -9.44 1.49 -8.98
N ARG A 42 -10.76 1.48 -9.06
CA ARG A 42 -11.43 0.90 -10.21
C ARG A 42 -11.65 1.95 -11.29
N GLY A 43 -10.54 2.54 -11.73
CA GLY A 43 -10.59 3.55 -12.77
C GLY A 43 -9.55 3.27 -13.86
N PRO A 44 -9.86 3.76 -15.09
CA PRO A 44 -8.97 3.59 -16.22
C PRO A 44 -7.75 4.50 -16.11
N GLU A 45 -7.09 4.43 -14.98
CA GLU A 45 -5.91 5.24 -14.74
C GLU A 45 -5.31 4.92 -13.37
N ILE A 46 -5.08 3.63 -13.14
CA ILE A 46 -4.52 3.18 -11.88
C ILE A 46 -3.47 2.09 -12.15
N THR A 47 -2.31 2.27 -11.53
CA THR A 47 -1.23 1.31 -11.70
C THR A 47 -1.06 0.48 -10.43
N PHE A 48 -1.05 -0.83 -10.61
CA PHE A 48 -0.89 -1.75 -9.49
C PHE A 48 0.47 -2.43 -9.53
N TRP A 49 1.26 -2.17 -8.50
CA TRP A 49 2.59 -2.76 -8.40
C TRP A 49 2.46 -4.10 -7.67
N SER A 50 3.24 -5.06 -8.13
CA SER A 50 3.23 -6.38 -7.53
C SER A 50 4.66 -6.83 -7.21
N ALA A 51 4.76 -7.74 -6.26
CA ALA A 51 6.06 -8.26 -5.86
C ALA A 51 6.02 -9.79 -5.85
N TRP A 52 6.90 -10.37 -6.66
CA TRP A 52 6.98 -11.81 -6.76
C TRP A 52 8.30 -12.26 -6.15
N GLU A 53 8.21 -13.19 -5.21
CA GLU A 53 9.39 -13.71 -4.55
C GLU A 53 9.45 -15.24 -4.69
N GLY A 54 9.86 -15.67 -5.86
CA GLY A 54 9.97 -17.10 -6.15
C GLY A 54 9.06 -17.50 -7.31
N ASP A 55 8.33 -18.58 -7.09
CA ASP A 55 7.42 -19.08 -8.11
C ASP A 55 6.02 -18.55 -7.84
N GLU A 56 5.84 -18.04 -6.62
CA GLU A 56 4.56 -17.50 -6.23
C GLU A 56 4.69 -16.01 -5.85
N LEU A 57 3.64 -15.27 -6.10
CA LEU A 57 3.63 -13.85 -5.79
C LEU A 57 3.98 -13.65 -4.32
N ALA A 58 4.60 -12.52 -4.03
CA ALA A 58 5.00 -12.19 -2.67
C ALA A 58 3.97 -11.23 -2.06
N GLY A 59 3.33 -10.48 -2.94
CA GLY A 59 2.32 -9.52 -2.49
C GLY A 59 1.86 -8.65 -3.66
N CYS A 60 1.10 -7.62 -3.32
CA CYS A 60 0.58 -6.71 -4.32
C CYS A 60 0.50 -5.31 -3.71
N GLY A 61 0.41 -4.32 -4.58
CA GLY A 61 0.32 -2.94 -4.14
C GLY A 61 -0.18 -2.02 -5.26
N ALA A 62 -0.65 -0.86 -4.87
CA ALA A 62 -1.15 0.11 -5.82
C ALA A 62 -0.56 1.48 -5.53
N LEU A 63 -0.58 2.35 -6.54
CA LEU A 63 -0.05 3.69 -6.40
C LEU A 63 -0.64 4.58 -7.50
N LYS A 64 -1.27 5.66 -7.06
CA LYS A 64 -1.87 6.60 -7.98
C LYS A 64 -1.20 7.97 -7.83
N GLU A 65 -0.86 8.55 -8.98
CA GLU A 65 -0.21 9.84 -8.99
C GLU A 65 -1.14 10.92 -8.42
N LEU A 66 -0.56 11.81 -7.63
CA LEU A 66 -1.32 12.88 -7.02
C LEU A 66 -0.89 14.21 -7.62
N ASP A 67 0.18 14.76 -7.05
CA ASP A 67 0.71 16.03 -7.53
C ASP A 67 1.80 15.77 -8.56
N THR A 68 2.37 16.86 -9.06
CA THR A 68 3.42 16.77 -10.06
C THR A 68 4.64 16.04 -9.47
N ARG A 69 4.77 16.15 -8.16
CA ARG A 69 5.88 15.51 -7.46
C ARG A 69 5.43 14.97 -6.11
N HIS A 70 4.26 14.34 -6.13
CA HIS A 70 3.71 13.77 -4.92
C HIS A 70 2.84 12.56 -5.26
N GLY A 71 2.82 11.60 -4.36
CA GLY A 71 2.05 10.39 -4.55
C GLY A 71 1.70 9.72 -3.22
N GLU A 72 0.79 8.77 -3.28
CA GLU A 72 0.37 8.06 -2.09
C GLU A 72 0.13 6.58 -2.41
N ILE A 73 0.57 5.73 -1.50
CA ILE A 73 0.41 4.29 -1.67
C ILE A 73 -0.92 3.85 -1.05
N LYS A 74 -1.53 2.87 -1.68
CA LYS A 74 -2.80 2.35 -1.20
C LYS A 74 -2.65 0.87 -0.86
N SER A 75 -2.93 0.03 -1.84
CA SER A 75 -2.82 -1.40 -1.66
C SER A 75 -1.44 -1.76 -1.10
N MET A 76 -1.46 -2.48 0.01
CA MET A 76 -0.23 -2.89 0.66
C MET A 76 -0.52 -3.58 1.99
N ARG A 77 -0.96 -4.83 1.89
CA ARG A 77 -1.28 -5.61 3.08
C ARG A 77 -1.12 -7.11 2.79
N THR A 78 -0.99 -7.87 3.86
CA THR A 78 -0.82 -9.31 3.74
C THR A 78 -1.15 -10.00 5.06
N SER A 79 -1.78 -11.16 4.94
CA SER A 79 -2.16 -11.93 6.12
C SER A 79 -2.77 -13.27 5.69
N ALA A 80 -1.92 -14.13 5.15
CA ALA A 80 -2.35 -15.44 4.71
C ALA A 80 -1.37 -16.50 5.20
N SER A 81 -0.19 -16.50 4.57
CA SER A 81 0.85 -17.45 4.94
C SER A 81 2.04 -16.72 5.55
N HIS A 82 2.38 -15.58 4.94
CA HIS A 82 3.49 -14.78 5.42
C HIS A 82 4.79 -15.54 5.20
N LEU A 83 5.42 -15.27 4.07
CA LEU A 83 6.68 -15.92 3.73
C LEU A 83 7.80 -15.28 4.54
N ARG A 84 8.86 -16.07 4.76
CA ARG A 84 10.01 -15.59 5.51
C ARG A 84 11.08 -15.04 4.56
N LYS A 85 11.06 -13.73 4.39
CA LYS A 85 12.02 -13.07 3.51
C LYS A 85 11.85 -11.56 3.61
N GLY A 86 10.67 -11.10 3.20
CA GLY A 86 10.37 -9.68 3.24
C GLY A 86 9.27 -9.33 2.24
N VAL A 87 8.08 -9.85 2.51
CA VAL A 87 6.95 -9.59 1.64
C VAL A 87 6.65 -8.09 1.61
N ALA A 88 6.34 -7.56 2.79
CA ALA A 88 6.03 -6.15 2.91
C ALA A 88 7.30 -5.33 2.63
N LYS A 89 8.43 -5.91 2.99
CA LYS A 89 9.71 -5.26 2.79
C LYS A 89 9.98 -5.13 1.28
N GLN A 90 9.66 -6.20 0.56
CA GLN A 90 9.85 -6.22 -0.87
C GLN A 90 9.01 -5.12 -1.54
N VAL A 91 7.72 -5.14 -1.25
CA VAL A 91 6.81 -4.16 -1.81
C VAL A 91 7.29 -2.76 -1.42
N LEU A 92 7.48 -2.57 -0.13
CA LEU A 92 7.93 -1.29 0.39
C LEU A 92 9.15 -0.82 -0.41
N GLN A 93 10.08 -1.73 -0.60
CA GLN A 93 11.29 -1.43 -1.35
C GLN A 93 10.93 -0.91 -2.75
N HIS A 94 10.03 -1.63 -3.40
CA HIS A 94 9.60 -1.27 -4.74
C HIS A 94 8.94 0.11 -4.70
N ILE A 95 8.13 0.31 -3.67
CA ILE A 95 7.44 1.57 -3.51
C ILE A 95 8.45 2.72 -3.55
N ILE A 96 9.50 2.57 -2.76
CA ILE A 96 10.54 3.60 -2.71
C ILE A 96 11.23 3.68 -4.07
N GLU A 97 11.61 2.52 -4.57
CA GLU A 97 12.29 2.46 -5.87
C GLU A 97 11.42 3.09 -6.95
N GLU A 98 10.12 2.88 -6.83
CA GLU A 98 9.17 3.44 -7.79
C GLU A 98 9.22 4.96 -7.76
N ALA A 99 9.12 5.50 -6.56
CA ALA A 99 9.16 6.95 -6.39
C ALA A 99 10.54 7.47 -6.76
N GLU A 100 11.54 6.62 -6.52
CA GLU A 100 12.91 6.98 -6.82
C GLU A 100 13.12 7.09 -8.33
N LYS A 101 12.45 6.21 -9.05
CA LYS A 101 12.55 6.19 -10.50
C LYS A 101 11.75 7.36 -11.08
N ARG A 102 10.77 7.81 -10.30
CA ARG A 102 9.94 8.92 -10.71
C ARG A 102 10.55 10.25 -10.25
N GLY A 103 11.29 10.18 -9.15
CA GLY A 103 11.93 11.36 -8.60
C GLY A 103 10.90 12.27 -7.93
N TYR A 104 10.19 11.71 -6.96
CA TYR A 104 9.18 12.47 -6.24
C TYR A 104 9.80 13.30 -5.12
N GLU A 105 8.97 14.11 -4.49
CA GLU A 105 9.43 14.96 -3.41
C GLU A 105 9.29 14.22 -2.08
N ARG A 106 8.22 13.46 -1.96
CA ARG A 106 7.96 12.71 -0.74
C ARG A 106 6.92 11.61 -1.01
N LEU A 107 6.91 10.62 -0.13
CA LEU A 107 5.98 9.52 -0.25
C LEU A 107 4.99 9.55 0.91
N SER A 108 3.73 9.71 0.56
CA SER A 108 2.68 9.76 1.57
C SER A 108 1.92 8.42 1.61
N LEU A 109 1.26 8.18 2.73
CA LEU A 109 0.51 6.95 2.90
C LEU A 109 -0.23 6.99 4.25
N GLU A 110 -1.07 5.99 4.45
CA GLU A 110 -1.84 5.91 5.68
C GLU A 110 -1.22 4.85 6.62
N THR A 111 -0.77 5.32 7.77
CA THR A 111 -0.16 4.43 8.75
C THR A 111 -0.15 5.09 10.13
N GLY A 112 -0.95 4.52 11.02
CA GLY A 112 -1.05 5.05 12.38
C GLY A 112 -0.18 4.24 13.34
N SER A 113 -0.82 3.69 14.36
CA SER A 113 -0.12 2.89 15.36
C SER A 113 -1.00 1.74 15.82
N MET A 114 -2.03 1.48 15.03
CA MET A 114 -2.96 0.39 15.34
C MET A 114 -2.21 -0.92 15.58
N ALA A 115 -2.78 -1.74 16.44
CA ALA A 115 -2.18 -3.02 16.77
C ALA A 115 -1.92 -3.80 15.47
N SER A 116 -2.81 -3.61 14.51
CA SER A 116 -2.69 -4.28 13.24
C SER A 116 -1.60 -3.61 12.40
N PHE A 117 -1.55 -2.29 12.48
CA PHE A 117 -0.56 -1.52 11.74
C PHE A 117 0.52 -0.98 12.68
N GLU A 118 0.88 -1.79 13.66
CA GLU A 118 1.90 -1.42 14.61
C GLU A 118 3.28 -1.45 13.96
N PRO A 119 3.59 -2.61 13.33
CA PRO A 119 4.88 -2.79 12.67
C PRO A 119 4.92 -2.03 11.34
N ALA A 120 3.73 -1.61 10.91
CA ALA A 120 3.62 -0.88 9.66
C ALA A 120 4.46 0.41 9.75
N ARG A 121 4.22 1.16 10.82
CA ARG A 121 4.93 2.40 11.03
C ARG A 121 6.39 2.12 11.42
N LYS A 122 6.57 1.06 12.18
CA LYS A 122 7.89 0.67 12.62
C LYS A 122 8.71 0.19 11.41
N LEU A 123 8.02 -0.46 10.48
CA LEU A 123 8.66 -0.96 9.28
C LEU A 123 9.24 0.22 8.49
N TYR A 124 8.44 1.26 8.36
CA TYR A 124 8.87 2.44 7.64
C TYR A 124 10.08 3.09 8.31
N GLU A 125 10.01 3.19 9.63
CA GLU A 125 11.09 3.78 10.39
C GLU A 125 12.40 3.00 10.17
N SER A 126 12.24 1.69 9.97
CA SER A 126 13.38 0.83 9.75
C SER A 126 13.80 0.89 8.28
N PHE A 127 12.85 1.26 7.44
CA PHE A 127 13.10 1.36 6.02
C PHE A 127 13.53 2.78 5.63
N GLY A 128 13.27 3.71 6.54
CA GLY A 128 13.62 5.10 6.32
C GLY A 128 12.37 5.93 6.01
N PHE A 129 11.86 6.57 7.05
CA PHE A 129 10.68 7.41 6.90
C PHE A 129 10.67 8.53 7.95
N GLN A 130 9.88 9.56 7.66
CA GLN A 130 9.77 10.69 8.55
C GLN A 130 8.43 10.67 9.28
N TYR A 131 8.40 11.34 10.43
CA TYR A 131 7.19 11.40 11.23
C TYR A 131 6.61 12.82 11.24
N CYS A 132 5.40 12.93 10.73
CA CYS A 132 4.73 14.22 10.67
C CYS A 132 3.23 13.98 10.73
N GLU A 133 2.48 15.07 10.69
CA GLU A 133 1.03 15.00 10.73
C GLU A 133 0.52 14.09 9.62
N PRO A 134 -0.79 13.72 9.73
CA PRO A 134 -1.41 12.86 8.74
C PRO A 134 -1.71 13.63 7.45
N PHE A 135 -1.44 12.96 6.33
CA PHE A 135 -1.67 13.56 5.03
C PHE A 135 -2.59 12.69 4.17
N ALA A 136 -2.29 11.39 4.19
CA ALA A 136 -3.07 10.44 3.42
C ALA A 136 -4.55 10.83 3.49
N ASP A 137 -5.15 10.55 4.64
CA ASP A 137 -6.56 10.85 4.86
C ASP A 137 -6.82 10.95 6.36
N TYR A 138 -6.48 9.89 7.06
CA TYR A 138 -6.68 9.84 8.50
C TYR A 138 -6.42 11.21 9.14
N GLY A 139 -7.02 11.41 10.30
CA GLY A 139 -6.86 12.66 11.01
C GLY A 139 -6.88 12.44 12.53
N GLU A 140 -7.31 13.46 13.25
CA GLU A 140 -7.38 13.38 14.69
C GLU A 140 -7.92 12.01 15.13
N ASP A 141 -7.67 11.70 16.39
CA ASP A 141 -8.11 10.42 16.95
C ASP A 141 -7.47 10.22 18.32
N PRO A 142 -7.91 9.13 19.00
CA PRO A 142 -7.39 8.81 20.31
C PRO A 142 -5.97 8.23 20.22
N ASN A 143 -5.71 7.59 19.09
CA ASN A 143 -4.40 6.99 18.86
C ASN A 143 -4.20 6.79 17.35
N SER A 144 -3.92 7.89 16.67
CA SER A 144 -3.71 7.84 15.23
C SER A 144 -2.51 8.72 14.86
N VAL A 145 -1.62 8.14 14.06
CA VAL A 145 -0.44 8.85 13.62
C VAL A 145 -0.27 8.68 12.11
N PHE A 146 0.82 9.24 11.60
CA PHE A 146 1.11 9.16 10.18
C PHE A 146 2.61 9.01 9.93
N MET A 147 2.94 8.67 8.69
CA MET A 147 4.33 8.50 8.32
C MET A 147 4.53 8.77 6.83
N THR A 148 5.65 9.40 6.51
CA THR A 148 5.97 9.73 5.13
C THR A 148 7.45 9.46 4.85
N LYS A 149 7.73 9.16 3.58
CA LYS A 149 9.10 8.88 3.17
C LYS A 149 9.64 10.07 2.38
N LYS A 150 10.82 10.51 2.78
CA LYS A 150 11.46 11.64 2.12
C LYS A 150 12.56 11.12 1.18
N LEU A 151 12.30 11.29 -0.12
CA LEU A 151 13.25 10.85 -1.12
C LEU A 151 14.51 11.71 -1.04
N MET A 1 15.14 -8.84 -6.37
CA MET A 1 14.43 -10.10 -6.56
C MET A 1 13.80 -10.14 -7.96
N HIS A 2 12.52 -9.78 -8.01
CA HIS A 2 11.79 -9.78 -9.26
C HIS A 2 10.49 -8.97 -9.10
N ILE A 3 10.48 -7.80 -9.71
CA ILE A 3 9.32 -6.93 -9.64
C ILE A 3 8.79 -6.68 -11.06
N LYS A 4 7.47 -6.73 -11.18
CA LYS A 4 6.83 -6.51 -12.46
C LYS A 4 5.45 -5.88 -12.24
N ILE A 5 4.81 -5.54 -13.35
CA ILE A 5 3.49 -4.94 -13.28
C ILE A 5 2.45 -5.93 -13.78
N ASP A 6 1.31 -5.93 -13.10
CA ASP A 6 0.23 -6.83 -13.46
C ASP A 6 -1.00 -6.02 -13.85
N ASP A 7 -1.47 -6.24 -15.08
CA ASP A 7 -2.63 -5.54 -15.58
C ASP A 7 -3.68 -6.55 -16.04
N LEU A 8 -4.68 -6.74 -15.19
CA LEU A 8 -5.75 -7.67 -15.51
C LEU A 8 -5.16 -8.90 -16.22
N THR A 9 -4.75 -9.87 -15.42
CA THR A 9 -4.17 -11.08 -15.95
C THR A 9 -3.86 -12.07 -14.82
N GLY A 10 -3.40 -11.52 -13.71
CA GLY A 10 -3.06 -12.33 -12.56
C GLY A 10 -4.10 -12.17 -11.45
N ARG A 11 -5.29 -12.71 -11.70
CA ARG A 11 -6.37 -12.63 -10.73
C ARG A 11 -5.87 -13.05 -9.34
N GLN A 12 -4.94 -13.98 -9.34
CA GLN A 12 -4.38 -14.47 -8.09
C GLN A 12 -3.52 -13.38 -7.43
N VAL A 13 -2.84 -12.62 -8.27
CA VAL A 13 -1.99 -11.55 -7.78
C VAL A 13 -2.86 -10.37 -7.34
N VAL A 14 -3.75 -9.97 -8.23
CA VAL A 14 -4.65 -8.86 -7.95
C VAL A 14 -5.57 -9.25 -6.79
N SER A 15 -5.87 -10.53 -6.71
CA SER A 15 -6.74 -11.04 -5.66
C SER A 15 -6.25 -10.55 -4.30
N LEU A 16 -4.94 -10.41 -4.18
CA LEU A 16 -4.34 -9.95 -2.94
C LEU A 16 -4.82 -8.53 -2.65
N VAL A 17 -5.02 -7.77 -3.72
CA VAL A 17 -5.48 -6.40 -3.59
C VAL A 17 -6.99 -6.39 -3.39
N ASN A 18 -7.64 -7.38 -3.99
CA ASN A 18 -9.10 -7.50 -3.89
C ASN A 18 -9.46 -8.07 -2.52
N GLU A 19 -8.43 -8.36 -1.74
CA GLU A 19 -8.63 -8.92 -0.41
C GLU A 19 -9.01 -10.41 -0.51
N HIS A 20 -8.04 -11.20 -0.93
CA HIS A 20 -8.25 -12.63 -1.07
C HIS A 20 -7.85 -13.34 0.23
N LEU A 21 -6.73 -12.91 0.78
CA LEU A 21 -6.24 -13.49 2.01
C LEU A 21 -7.06 -12.97 3.19
N HIS A 22 -7.02 -11.66 3.37
CA HIS A 22 -7.76 -11.02 4.44
C HIS A 22 -7.33 -9.56 4.57
N SER A 23 -8.04 -8.84 5.42
CA SER A 23 -7.74 -7.43 5.64
C SER A 23 -8.67 -6.86 6.71
N MET A 24 -8.41 -5.62 7.08
CA MET A 24 -9.21 -4.94 8.09
C MET A 24 -10.70 -5.20 7.86
N THR A 25 -11.38 -5.59 8.94
CA THR A 25 -12.80 -5.86 8.86
C THR A 25 -13.59 -4.55 8.85
N LEU A 26 -14.40 -4.38 7.82
CA LEU A 26 -15.21 -3.19 7.68
C LEU A 26 -16.68 -3.56 7.86
N MET A 27 -17.42 -2.63 8.47
CA MET A 27 -18.83 -2.84 8.71
C MET A 27 -19.67 -1.77 8.03
N SER A 28 -19.37 -0.53 8.37
CA SER A 28 -20.08 0.60 7.79
C SER A 28 -21.56 0.53 8.15
N PRO A 29 -22.22 1.71 8.19
CA PRO A 29 -23.63 1.78 8.53
C PRO A 29 -24.49 1.31 7.35
N PRO A 30 -25.82 1.19 7.63
CA PRO A 30 -26.75 0.75 6.61
C PRO A 30 -27.03 1.87 5.60
N GLU A 31 -26.45 1.72 4.42
CA GLU A 31 -26.62 2.70 3.36
C GLU A 31 -25.83 2.30 2.12
N SER A 32 -26.41 1.40 1.35
CA SER A 32 -25.77 0.92 0.13
C SER A 32 -24.50 0.14 0.49
N ILE A 33 -24.67 -0.80 1.41
CA ILE A 33 -23.55 -1.63 1.84
C ILE A 33 -22.93 -2.31 0.62
N HIS A 34 -21.70 -1.93 0.33
CA HIS A 34 -20.98 -2.49 -0.79
C HIS A 34 -21.73 -2.17 -2.09
N ALA A 35 -21.00 -2.26 -3.20
CA ALA A 35 -21.58 -1.98 -4.50
C ALA A 35 -21.63 -0.47 -4.72
N LEU A 36 -20.47 0.16 -4.58
CA LEU A 36 -20.37 1.59 -4.76
C LEU A 36 -20.15 1.91 -6.25
N GLY A 37 -19.02 1.44 -6.76
CA GLY A 37 -18.69 1.66 -8.16
C GLY A 37 -17.23 2.12 -8.30
N LEU A 38 -16.33 1.25 -7.91
CA LEU A 38 -14.91 1.55 -7.99
C LEU A 38 -14.62 2.30 -9.30
N GLU A 39 -14.43 1.52 -10.35
CA GLU A 39 -14.14 2.09 -11.66
C GLU A 39 -13.02 3.13 -11.56
N LYS A 40 -11.98 2.75 -10.83
CA LYS A 40 -10.83 3.62 -10.65
C LYS A 40 -9.56 2.78 -10.59
N LEU A 41 -9.58 1.78 -9.71
CA LEU A 41 -8.43 0.91 -9.55
C LEU A 41 -8.56 -0.28 -10.52
N ARG A 42 -8.98 0.03 -11.73
CA ARG A 42 -9.16 -0.99 -12.75
C ARG A 42 -9.12 -0.36 -14.15
N GLY A 43 -8.40 0.75 -14.24
CA GLY A 43 -8.27 1.45 -15.50
C GLY A 43 -6.80 1.74 -15.83
N PRO A 44 -6.60 2.56 -16.89
CA PRO A 44 -5.26 2.92 -17.32
C PRO A 44 -4.62 3.93 -16.36
N GLU A 45 -5.45 4.84 -15.89
CA GLU A 45 -4.99 5.88 -14.97
C GLU A 45 -4.30 5.23 -13.77
N ILE A 46 -4.77 4.04 -13.42
CA ILE A 46 -4.19 3.32 -12.29
C ILE A 46 -3.21 2.27 -12.81
N THR A 47 -2.32 1.85 -11.93
CA THR A 47 -1.31 0.86 -12.29
C THR A 47 -1.03 -0.06 -11.10
N PHE A 48 -1.16 -1.36 -11.35
CA PHE A 48 -0.92 -2.35 -10.32
C PHE A 48 0.48 -2.95 -10.44
N TRP A 49 1.25 -2.80 -9.38
CA TRP A 49 2.61 -3.33 -9.37
C TRP A 49 2.59 -4.65 -8.60
N SER A 50 3.18 -5.67 -9.22
CA SER A 50 3.25 -6.99 -8.61
C SER A 50 4.70 -7.36 -8.33
N ALA A 51 4.86 -8.37 -7.48
CA ALA A 51 6.19 -8.85 -7.13
C ALA A 51 6.18 -10.37 -7.05
N TRP A 52 7.20 -10.97 -7.65
CA TRP A 52 7.33 -12.42 -7.66
C TRP A 52 8.60 -12.78 -6.89
N GLU A 53 8.42 -13.60 -5.86
CA GLU A 53 9.53 -14.04 -5.05
C GLU A 53 9.50 -15.56 -4.87
N GLY A 54 9.91 -16.26 -5.91
CA GLY A 54 9.93 -17.71 -5.89
C GLY A 54 9.17 -18.29 -7.08
N ASP A 55 8.25 -19.19 -6.77
CA ASP A 55 7.44 -19.83 -7.79
C ASP A 55 6.00 -19.32 -7.70
N GLU A 56 5.75 -18.51 -6.67
CA GLU A 56 4.43 -17.96 -6.45
C GLU A 56 4.51 -16.44 -6.31
N LEU A 57 3.38 -15.79 -6.56
CA LEU A 57 3.31 -14.34 -6.47
C LEU A 57 3.68 -13.91 -5.05
N ALA A 58 4.64 -13.00 -4.97
CA ALA A 58 5.09 -12.50 -3.69
C ALA A 58 4.00 -11.60 -3.08
N GLY A 59 3.40 -10.81 -3.94
CA GLY A 59 2.35 -9.91 -3.51
C GLY A 59 1.99 -8.91 -4.62
N CYS A 60 1.39 -7.80 -4.20
CA CYS A 60 1.00 -6.76 -5.15
C CYS A 60 0.88 -5.45 -4.39
N GLY A 61 0.58 -4.40 -5.14
CA GLY A 61 0.44 -3.07 -4.56
C GLY A 61 -0.38 -2.15 -5.47
N ALA A 62 -0.47 -0.90 -5.07
CA ALA A 62 -1.21 0.09 -5.84
C ALA A 62 -0.73 1.50 -5.45
N LEU A 63 -0.31 2.24 -6.47
CA LEU A 63 0.17 3.59 -6.25
C LEU A 63 -0.36 4.50 -7.36
N LYS A 64 -1.13 5.50 -6.94
CA LYS A 64 -1.71 6.44 -7.89
C LYS A 64 -0.94 7.77 -7.80
N GLU A 65 -0.85 8.44 -8.95
CA GLU A 65 -0.16 9.71 -9.02
C GLU A 65 -0.90 10.76 -8.20
N LEU A 66 -0.13 11.58 -7.50
CA LEU A 66 -0.69 12.64 -6.69
C LEU A 66 -0.18 13.99 -7.17
N ASP A 67 1.11 14.21 -6.96
CA ASP A 67 1.74 15.45 -7.37
C ASP A 67 2.95 15.14 -8.24
N THR A 68 3.68 16.20 -8.59
CA THR A 68 4.87 16.05 -9.42
C THR A 68 5.99 15.39 -8.64
N ARG A 69 5.97 15.62 -7.33
CA ARG A 69 6.99 15.04 -6.46
C ARG A 69 6.33 14.46 -5.21
N HIS A 70 5.13 13.94 -5.40
CA HIS A 70 4.39 13.34 -4.31
C HIS A 70 3.62 12.12 -4.81
N GLY A 71 3.37 11.18 -3.89
CA GLY A 71 2.66 9.98 -4.23
C GLY A 71 1.95 9.39 -3.01
N GLU A 72 1.20 8.33 -3.23
CA GLU A 72 0.47 7.67 -2.16
C GLU A 72 0.31 6.18 -2.47
N ILE A 73 0.23 5.39 -1.41
CA ILE A 73 0.07 3.95 -1.55
C ILE A 73 -1.26 3.53 -0.92
N LYS A 74 -2.09 2.90 -1.73
CA LYS A 74 -3.39 2.44 -1.27
C LYS A 74 -3.52 0.95 -1.54
N SER A 75 -2.58 0.19 -0.98
CA SER A 75 -2.59 -1.26 -1.14
C SER A 75 -1.36 -1.86 -0.46
N MET A 76 -1.60 -2.89 0.32
CA MET A 76 -0.53 -3.58 1.03
C MET A 76 -1.08 -4.70 1.91
N ARG A 77 -1.10 -5.90 1.33
CA ARG A 77 -1.59 -7.06 2.05
C ARG A 77 -0.78 -8.30 1.66
N THR A 78 -0.49 -9.11 2.67
CA THR A 78 0.28 -10.33 2.45
C THR A 78 0.49 -11.07 3.77
N SER A 79 0.78 -10.29 4.81
CA SER A 79 1.01 -10.85 6.13
C SER A 79 0.01 -12.00 6.38
N ALA A 80 0.51 -13.22 6.21
CA ALA A 80 -0.32 -14.40 6.42
C ALA A 80 0.36 -15.30 7.46
N SER A 81 1.35 -14.75 8.13
CA SER A 81 2.08 -15.49 9.14
C SER A 81 2.92 -16.59 8.48
N HIS A 82 3.14 -16.42 7.18
CA HIS A 82 3.93 -17.38 6.44
C HIS A 82 5.21 -16.72 5.93
N LEU A 83 5.29 -15.42 6.14
CA LEU A 83 6.46 -14.66 5.73
C LEU A 83 6.83 -13.65 6.81
N ARG A 84 8.12 -13.40 6.93
CA ARG A 84 8.61 -12.46 7.92
C ARG A 84 9.20 -11.23 7.24
N LYS A 85 8.38 -10.19 7.15
CA LYS A 85 8.81 -8.95 6.51
C LYS A 85 9.65 -9.28 5.27
N GLY A 86 8.96 -9.42 4.16
CA GLY A 86 9.62 -9.73 2.90
C GLY A 86 8.82 -9.18 1.71
N VAL A 87 7.70 -9.83 1.45
CA VAL A 87 6.84 -9.41 0.35
C VAL A 87 6.64 -7.89 0.41
N ALA A 88 6.06 -7.45 1.51
CA ALA A 88 5.80 -6.03 1.71
C ALA A 88 7.08 -5.25 1.45
N LYS A 89 8.18 -5.78 1.97
CA LYS A 89 9.48 -5.14 1.80
C LYS A 89 9.76 -4.96 0.30
N GLN A 90 9.48 -6.02 -0.44
CA GLN A 90 9.71 -6.00 -1.88
C GLN A 90 8.89 -4.87 -2.53
N VAL A 91 7.60 -4.88 -2.25
CA VAL A 91 6.71 -3.87 -2.79
C VAL A 91 7.16 -2.49 -2.30
N LEU A 92 7.28 -2.36 -0.99
CA LEU A 92 7.69 -1.10 -0.39
C LEU A 92 8.93 -0.59 -1.13
N GLN A 93 9.87 -1.49 -1.35
CA GLN A 93 11.11 -1.13 -2.04
C GLN A 93 10.79 -0.59 -3.43
N HIS A 94 9.82 -1.22 -4.08
CA HIS A 94 9.41 -0.81 -5.41
C HIS A 94 8.66 0.52 -5.34
N ILE A 95 7.94 0.69 -4.24
CA ILE A 95 7.16 1.90 -4.04
C ILE A 95 8.10 3.11 -4.09
N ILE A 96 9.20 3.01 -3.37
CA ILE A 96 10.17 4.08 -3.32
C ILE A 96 10.90 4.16 -4.67
N GLU A 97 11.10 2.99 -5.27
CA GLU A 97 11.78 2.91 -6.55
C GLU A 97 10.92 3.57 -7.63
N GLU A 98 9.65 3.18 -7.66
CA GLU A 98 8.72 3.73 -8.64
C GLU A 98 8.71 5.25 -8.57
N ALA A 99 8.65 5.75 -7.34
CA ALA A 99 8.62 7.18 -7.12
C ALA A 99 10.00 7.77 -7.43
N GLU A 100 11.02 6.96 -7.21
CA GLU A 100 12.39 7.38 -7.46
C GLU A 100 12.64 7.48 -8.97
N LYS A 101 12.26 6.41 -9.67
CA LYS A 101 12.44 6.36 -11.11
C LYS A 101 11.69 7.54 -11.75
N ARG A 102 10.69 8.03 -11.03
CA ARG A 102 9.90 9.14 -11.52
C ARG A 102 10.59 10.47 -11.20
N GLY A 103 11.11 10.56 -9.99
CA GLY A 103 11.80 11.76 -9.55
C GLY A 103 11.03 12.45 -8.42
N TYR A 104 10.43 11.64 -7.57
CA TYR A 104 9.66 12.15 -6.45
C TYR A 104 10.59 12.65 -5.34
N GLU A 105 10.05 13.51 -4.50
CA GLU A 105 10.80 14.07 -3.40
C GLU A 105 9.98 14.01 -2.10
N ARG A 106 8.89 13.26 -2.18
CA ARG A 106 8.02 13.12 -1.02
C ARG A 106 7.08 11.93 -1.22
N LEU A 107 6.54 11.45 -0.11
CA LEU A 107 5.63 10.31 -0.14
C LEU A 107 4.72 10.35 1.08
N SER A 108 3.53 9.79 0.91
CA SER A 108 2.56 9.76 2.00
C SER A 108 2.06 8.32 2.21
N LEU A 109 1.42 8.12 3.35
CA LEU A 109 0.89 6.80 3.69
C LEU A 109 -0.05 6.94 4.88
N GLU A 110 -0.89 5.92 5.05
CA GLU A 110 -1.84 5.90 6.14
C GLU A 110 -1.36 4.97 7.25
N THR A 111 -1.00 5.57 8.38
CA THR A 111 -0.52 4.81 9.52
C THR A 111 -0.29 5.73 10.72
N GLY A 112 -1.06 5.48 11.77
CA GLY A 112 -0.95 6.27 12.98
C GLY A 112 -0.94 5.38 14.22
N SER A 113 -0.29 4.24 14.08
CA SER A 113 -0.20 3.29 15.18
C SER A 113 -1.34 2.27 15.09
N MET A 114 -2.22 2.49 14.12
CA MET A 114 -3.35 1.61 13.92
C MET A 114 -2.94 0.15 14.04
N ALA A 115 -3.67 -0.58 14.87
CA ALA A 115 -3.39 -1.99 15.08
C ALA A 115 -3.35 -2.70 13.73
N SER A 116 -4.38 -2.48 12.94
CA SER A 116 -4.48 -3.09 11.63
C SER A 116 -3.19 -2.82 10.83
N PHE A 117 -2.51 -1.75 11.21
CA PHE A 117 -1.28 -1.37 10.55
C PHE A 117 -0.13 -1.24 11.56
N GLU A 118 -0.24 -1.99 12.64
CA GLU A 118 0.77 -1.96 13.67
C GLU A 118 2.14 -2.34 13.10
N PRO A 119 2.16 -3.49 12.38
CA PRO A 119 3.39 -3.97 11.77
C PRO A 119 3.74 -3.14 10.53
N ALA A 120 2.71 -2.54 9.95
CA ALA A 120 2.91 -1.72 8.77
C ALA A 120 3.76 -0.50 9.12
N ARG A 121 3.36 0.16 10.19
CA ARG A 121 4.09 1.34 10.65
C ARG A 121 5.52 0.97 11.04
N LYS A 122 5.64 -0.16 11.71
CA LYS A 122 6.94 -0.64 12.14
C LYS A 122 7.76 -1.07 10.92
N LEU A 123 7.04 -1.50 9.89
CA LEU A 123 7.69 -1.94 8.66
C LEU A 123 8.14 -0.71 7.87
N TYR A 124 7.32 0.33 7.93
CA TYR A 124 7.62 1.56 7.22
C TYR A 124 8.87 2.23 7.79
N GLU A 125 8.87 2.42 9.10
CA GLU A 125 10.00 3.04 9.77
C GLU A 125 11.27 2.22 9.57
N SER A 126 11.06 0.92 9.39
CA SER A 126 12.18 0.01 9.17
C SER A 126 12.83 0.28 7.81
N PHE A 127 12.11 1.05 7.00
CA PHE A 127 12.61 1.39 5.68
C PHE A 127 13.24 2.78 5.68
N GLY A 128 12.93 3.55 6.71
CA GLY A 128 13.45 4.89 6.84
C GLY A 128 12.36 5.87 7.27
N PHE A 129 11.15 5.59 6.80
CA PHE A 129 10.01 6.44 7.12
C PHE A 129 10.09 6.94 8.56
N GLN A 130 9.71 8.21 8.73
CA GLN A 130 9.74 8.83 10.04
C GLN A 130 8.42 9.54 10.31
N TYR A 131 8.14 9.74 11.60
CA TYR A 131 6.91 10.41 12.01
C TYR A 131 6.93 11.87 11.60
N CYS A 132 5.75 12.38 11.28
CA CYS A 132 5.61 13.77 10.88
C CYS A 132 4.21 14.24 11.24
N GLU A 133 3.95 15.50 10.95
CA GLU A 133 2.65 16.09 11.23
C GLU A 133 1.53 15.15 10.78
N PRO A 134 0.38 15.25 11.49
CA PRO A 134 -0.77 14.41 11.17
C PRO A 134 -1.47 14.91 9.90
N PHE A 135 -2.14 13.98 9.23
CA PHE A 135 -2.85 14.31 8.00
C PHE A 135 -3.58 13.08 7.46
N ALA A 136 -2.86 12.32 6.65
CA ALA A 136 -3.44 11.12 6.05
C ALA A 136 -4.87 11.40 5.63
N ASP A 137 -5.80 10.96 6.47
CA ASP A 137 -7.22 11.16 6.19
C ASP A 137 -7.84 11.94 7.35
N TYR A 138 -7.57 11.48 8.56
CA TYR A 138 -8.11 12.12 9.75
C TYR A 138 -7.17 13.23 10.24
N GLY A 139 -7.50 13.77 11.40
CA GLY A 139 -6.71 14.83 12.00
C GLY A 139 -6.08 14.38 13.31
N GLU A 140 -5.60 15.36 14.07
CA GLU A 140 -4.97 15.07 15.35
C GLU A 140 -5.81 14.06 16.13
N ASP A 141 -5.20 13.52 17.18
CA ASP A 141 -5.87 12.55 18.02
C ASP A 141 -4.98 12.21 19.22
N PRO A 142 -5.63 11.63 20.27
CA PRO A 142 -4.91 11.26 21.47
C PRO A 142 -4.07 10.00 21.25
N ASN A 143 -4.59 9.13 20.40
CA ASN A 143 -3.90 7.89 20.09
C ASN A 143 -3.87 7.70 18.57
N SER A 144 -3.11 8.56 17.92
CA SER A 144 -2.97 8.50 16.47
C SER A 144 -1.76 9.31 16.03
N VAL A 145 -0.93 8.66 15.21
CA VAL A 145 0.27 9.31 14.71
C VAL A 145 0.24 9.32 13.18
N PHE A 146 1.33 9.79 12.60
CA PHE A 146 1.44 9.85 11.15
C PHE A 146 2.83 9.45 10.68
N MET A 147 2.92 9.13 9.39
CA MET A 147 4.19 8.72 8.81
C MET A 147 4.41 9.40 7.46
N THR A 148 5.64 9.84 7.26
CA THR A 148 6.00 10.51 6.01
C THR A 148 7.33 9.97 5.47
N LYS A 149 7.51 10.13 4.17
CA LYS A 149 8.73 9.67 3.53
C LYS A 149 9.49 10.86 2.96
N LYS A 150 10.75 10.97 3.36
CA LYS A 150 11.60 12.05 2.90
C LYS A 150 12.63 11.51 1.91
N LEU A 151 12.41 11.81 0.64
CA LEU A 151 13.31 11.35 -0.39
C LEU A 151 14.69 11.99 -0.19
N MET A 1 14.50 -9.22 -5.96
CA MET A 1 14.39 -10.58 -6.48
C MET A 1 13.75 -10.58 -7.87
N HIS A 2 12.49 -10.18 -7.90
CA HIS A 2 11.76 -10.14 -9.16
C HIS A 2 10.48 -9.31 -8.99
N ILE A 3 10.50 -8.13 -9.59
CA ILE A 3 9.36 -7.23 -9.51
C ILE A 3 8.81 -6.98 -10.91
N LYS A 4 7.49 -7.00 -11.01
CA LYS A 4 6.82 -6.78 -12.28
C LYS A 4 5.51 -6.05 -12.05
N ILE A 5 4.86 -5.69 -13.14
CA ILE A 5 3.59 -4.98 -13.07
C ILE A 5 2.47 -5.90 -13.56
N ASP A 6 1.37 -5.90 -12.82
CA ASP A 6 0.23 -6.73 -13.16
C ASP A 6 -1.02 -5.84 -13.24
N ASP A 7 -1.72 -5.96 -14.36
CA ASP A 7 -2.94 -5.18 -14.57
C ASP A 7 -4.08 -6.13 -14.89
N LEU A 8 -5.08 -6.12 -14.00
CA LEU A 8 -6.24 -6.97 -14.18
C LEU A 8 -5.85 -8.43 -13.92
N THR A 9 -5.20 -9.02 -14.91
CA THR A 9 -4.77 -10.41 -14.81
C THR A 9 -4.25 -10.69 -13.40
N GLY A 10 -4.39 -11.94 -12.99
CA GLY A 10 -3.94 -12.35 -11.67
C GLY A 10 -5.10 -12.38 -10.68
N ARG A 11 -5.55 -13.60 -10.38
CA ARG A 11 -6.65 -13.78 -9.45
C ARG A 11 -6.15 -13.67 -8.00
N GLN A 12 -5.17 -14.50 -7.69
CA GLN A 12 -4.60 -14.50 -6.35
C GLN A 12 -3.95 -13.14 -6.04
N VAL A 13 -3.43 -12.53 -7.09
CA VAL A 13 -2.80 -11.23 -6.95
C VAL A 13 -3.85 -10.16 -6.68
N VAL A 14 -4.94 -10.24 -7.45
CA VAL A 14 -6.02 -9.29 -7.30
C VAL A 14 -6.77 -9.58 -6.00
N SER A 15 -7.06 -10.85 -5.79
CA SER A 15 -7.77 -11.27 -4.58
C SER A 15 -7.06 -10.71 -3.35
N LEU A 16 -5.74 -10.65 -3.43
CA LEU A 16 -4.94 -10.14 -2.33
C LEU A 16 -5.23 -8.65 -2.14
N VAL A 17 -5.30 -7.95 -3.26
CA VAL A 17 -5.58 -6.52 -3.23
C VAL A 17 -7.00 -6.28 -2.73
N ASN A 18 -7.91 -7.13 -3.19
CA ASN A 18 -9.30 -7.03 -2.79
C ASN A 18 -9.40 -7.20 -1.26
N GLU A 19 -9.18 -8.42 -0.83
CA GLU A 19 -9.24 -8.74 0.59
C GLU A 19 -9.01 -10.23 0.82
N HIS A 20 -7.79 -10.56 1.23
CA HIS A 20 -7.43 -11.94 1.48
C HIS A 20 -7.65 -12.26 2.97
N LEU A 21 -7.00 -11.47 3.81
CA LEU A 21 -7.11 -11.65 5.25
C LEU A 21 -8.58 -11.57 5.66
N HIS A 22 -9.19 -10.44 5.30
CA HIS A 22 -10.58 -10.22 5.61
C HIS A 22 -10.76 -10.17 7.14
N SER A 23 -10.06 -9.21 7.75
CA SER A 23 -10.13 -9.04 9.18
C SER A 23 -11.60 -9.05 9.64
N MET A 24 -11.80 -9.59 10.83
CA MET A 24 -13.15 -9.67 11.39
C MET A 24 -13.77 -8.28 11.50
N THR A 25 -15.10 -8.25 11.52
CA THR A 25 -15.83 -7.00 11.61
C THR A 25 -15.14 -6.06 12.61
N LEU A 26 -15.01 -6.54 13.83
CA LEU A 26 -14.37 -5.75 14.88
C LEU A 26 -15.23 -4.52 15.17
N MET A 27 -15.11 -4.04 16.41
CA MET A 27 -15.87 -2.88 16.84
C MET A 27 -15.74 -1.74 15.82
N SER A 28 -16.88 -1.36 15.26
CA SER A 28 -16.90 -0.29 14.28
C SER A 28 -18.34 -0.06 13.81
N PRO A 29 -18.67 1.25 13.60
CA PRO A 29 -19.99 1.63 13.15
C PRO A 29 -20.18 1.31 11.66
N PRO A 30 -21.13 0.37 11.39
CA PRO A 30 -21.42 -0.03 10.02
C PRO A 30 -22.22 1.04 9.30
N GLU A 31 -21.54 1.76 8.42
CA GLU A 31 -22.17 2.81 7.65
C GLU A 31 -22.05 2.53 6.15
N SER A 32 -22.86 1.59 5.69
CA SER A 32 -22.86 1.22 4.29
C SER A 32 -23.84 0.08 4.05
N ILE A 33 -24.09 -0.20 2.78
CA ILE A 33 -25.00 -1.27 2.40
C ILE A 33 -24.52 -1.91 1.10
N HIS A 34 -23.35 -2.53 1.18
CA HIS A 34 -22.77 -3.18 0.03
C HIS A 34 -22.44 -2.14 -1.04
N ALA A 35 -21.16 -1.82 -1.13
CA ALA A 35 -20.70 -0.84 -2.11
C ALA A 35 -19.17 -0.78 -2.09
N LEU A 36 -18.59 -0.88 -3.27
CA LEU A 36 -17.14 -0.84 -3.40
C LEU A 36 -16.76 0.24 -4.43
N GLY A 37 -15.72 -0.07 -5.19
CA GLY A 37 -15.24 0.85 -6.21
C GLY A 37 -14.74 0.09 -7.44
N LEU A 38 -15.55 -0.86 -7.89
CA LEU A 38 -15.21 -1.66 -9.05
C LEU A 38 -14.56 -0.76 -10.11
N GLU A 39 -15.04 0.47 -10.17
CA GLU A 39 -14.52 1.44 -11.12
C GLU A 39 -13.64 2.47 -10.40
N LYS A 40 -12.68 1.95 -9.64
CA LYS A 40 -11.77 2.82 -8.91
C LYS A 40 -10.37 2.22 -8.96
N LEU A 41 -10.20 1.12 -8.26
CA LEU A 41 -8.90 0.45 -8.22
C LEU A 41 -8.87 -0.63 -9.31
N ARG A 42 -9.06 -0.19 -10.54
CA ARG A 42 -9.06 -1.10 -11.68
C ARG A 42 -9.23 -0.32 -12.98
N GLY A 43 -8.14 0.26 -13.44
CA GLY A 43 -8.17 1.03 -14.67
C GLY A 43 -6.74 1.39 -15.12
N PRO A 44 -6.68 2.26 -16.16
CA PRO A 44 -5.40 2.70 -16.69
C PRO A 44 -4.74 3.71 -15.75
N GLU A 45 -5.53 4.68 -15.32
CA GLU A 45 -5.02 5.71 -14.43
C GLU A 45 -4.41 5.08 -13.18
N ILE A 46 -4.96 3.93 -12.81
CA ILE A 46 -4.47 3.21 -11.63
C ILE A 46 -3.53 2.09 -12.09
N THR A 47 -2.36 2.08 -11.48
CA THR A 47 -1.36 1.07 -11.80
C THR A 47 -1.15 0.13 -10.61
N PHE A 48 -1.10 -1.16 -10.92
CA PHE A 48 -0.92 -2.18 -9.90
C PHE A 48 0.42 -2.89 -10.07
N TRP A 49 1.25 -2.77 -9.04
CA TRP A 49 2.56 -3.38 -9.07
C TRP A 49 2.48 -4.72 -8.32
N SER A 50 3.04 -5.74 -8.94
CA SER A 50 3.03 -7.07 -8.35
C SER A 50 4.46 -7.57 -8.17
N ALA A 51 4.78 -7.95 -6.93
CA ALA A 51 6.10 -8.45 -6.61
C ALA A 51 6.06 -9.97 -6.55
N TRP A 52 6.95 -10.59 -7.31
CA TRP A 52 7.03 -12.04 -7.34
C TRP A 52 8.40 -12.45 -6.79
N GLU A 53 8.35 -13.22 -5.71
CA GLU A 53 9.57 -13.69 -5.08
C GLU A 53 9.54 -15.21 -4.93
N GLY A 54 9.79 -15.89 -6.06
CA GLY A 54 9.80 -17.35 -6.06
C GLY A 54 8.95 -17.88 -7.22
N ASP A 55 8.11 -18.84 -6.89
CA ASP A 55 7.24 -19.46 -7.89
C ASP A 55 5.82 -18.93 -7.71
N GLU A 56 5.60 -18.26 -6.58
CA GLU A 56 4.31 -17.71 -6.28
C GLU A 56 4.40 -16.19 -6.10
N LEU A 57 3.24 -15.54 -6.14
CA LEU A 57 3.18 -14.10 -5.99
C LEU A 57 3.64 -13.71 -4.58
N ALA A 58 4.52 -12.73 -4.52
CA ALA A 58 5.03 -12.27 -3.26
C ALA A 58 4.05 -11.28 -2.64
N GLY A 59 3.43 -10.48 -3.50
CA GLY A 59 2.46 -9.50 -3.06
C GLY A 59 2.16 -8.49 -4.17
N CYS A 60 1.24 -7.59 -3.87
CA CYS A 60 0.86 -6.56 -4.83
C CYS A 60 1.05 -5.19 -4.17
N GLY A 61 0.55 -4.17 -4.86
CA GLY A 61 0.66 -2.81 -4.36
C GLY A 61 -0.07 -1.82 -5.28
N ALA A 62 -0.65 -0.81 -4.66
CA ALA A 62 -1.38 0.20 -5.41
C ALA A 62 -0.64 1.54 -5.31
N LEU A 63 -0.21 2.04 -6.46
CA LEU A 63 0.51 3.30 -6.51
C LEU A 63 -0.13 4.20 -7.57
N LYS A 64 -0.65 5.32 -7.10
CA LYS A 64 -1.29 6.27 -7.99
C LYS A 64 -0.66 7.66 -7.79
N GLU A 65 -0.26 8.25 -8.91
CA GLU A 65 0.36 9.56 -8.89
C GLU A 65 -0.59 10.59 -8.27
N LEU A 66 -0.06 11.33 -7.30
CA LEU A 66 -0.84 12.35 -6.62
C LEU A 66 -0.45 13.72 -7.15
N ASP A 67 0.80 14.09 -6.90
CA ASP A 67 1.31 15.37 -7.35
C ASP A 67 2.56 15.15 -8.19
N THR A 68 3.19 16.26 -8.56
CA THR A 68 4.40 16.19 -9.38
C THR A 68 5.53 15.53 -8.60
N ARG A 69 5.59 15.83 -7.31
CA ARG A 69 6.61 15.27 -6.45
C ARG A 69 5.99 14.69 -5.18
N HIS A 70 4.81 14.10 -5.36
CA HIS A 70 4.10 13.51 -4.25
C HIS A 70 3.34 12.27 -4.72
N GLY A 71 3.31 11.26 -3.86
CA GLY A 71 2.63 10.02 -4.18
C GLY A 71 1.93 9.44 -2.94
N GLU A 72 1.29 8.31 -3.15
CA GLU A 72 0.58 7.64 -2.06
C GLU A 72 0.30 6.19 -2.42
N ILE A 73 0.23 5.36 -1.39
CA ILE A 73 -0.04 3.94 -1.59
C ILE A 73 -1.28 3.54 -0.80
N LYS A 74 -2.08 2.68 -1.41
CA LYS A 74 -3.30 2.21 -0.78
C LYS A 74 -3.45 0.70 -1.03
N SER A 75 -2.43 -0.04 -0.62
CA SER A 75 -2.45 -1.48 -0.79
C SER A 75 -1.13 -2.08 -0.30
N MET A 76 -1.21 -2.78 0.82
CA MET A 76 -0.04 -3.40 1.41
C MET A 76 -0.43 -4.58 2.31
N ARG A 77 -0.55 -5.74 1.68
CA ARG A 77 -0.91 -6.95 2.42
C ARG A 77 -0.09 -8.14 1.92
N THR A 78 -0.03 -9.16 2.77
CA THR A 78 0.72 -10.36 2.43
C THR A 78 -0.22 -11.46 1.94
N SER A 79 -0.86 -12.12 2.89
CA SER A 79 -1.79 -13.19 2.56
C SER A 79 -2.38 -13.78 3.84
N ALA A 80 -1.53 -13.87 4.85
CA ALA A 80 -1.94 -14.41 6.14
C ALA A 80 -0.95 -13.99 7.21
N SER A 81 0.29 -14.42 7.03
CA SER A 81 1.35 -14.09 7.98
C SER A 81 2.70 -14.56 7.44
N HIS A 82 2.87 -14.38 6.13
CA HIS A 82 4.11 -14.78 5.48
C HIS A 82 5.30 -14.15 6.21
N LEU A 83 6.48 -14.35 5.64
CA LEU A 83 7.69 -13.81 6.22
C LEU A 83 7.60 -12.29 6.25
N ARG A 84 8.35 -11.69 7.17
CA ARG A 84 8.37 -10.25 7.31
C ARG A 84 9.62 -9.67 6.66
N LYS A 85 9.49 -8.43 6.18
CA LYS A 85 10.60 -7.75 5.55
C LYS A 85 11.00 -8.51 4.27
N GLY A 86 10.09 -8.50 3.30
CA GLY A 86 10.33 -9.19 2.05
C GLY A 86 9.19 -8.91 1.05
N VAL A 87 8.06 -9.55 1.30
CA VAL A 87 6.90 -9.38 0.44
C VAL A 87 6.59 -7.90 0.29
N ALA A 88 6.30 -7.27 1.42
CA ALA A 88 5.98 -5.85 1.43
C ALA A 88 7.26 -5.05 1.14
N LYS A 89 8.33 -5.43 1.81
CA LYS A 89 9.60 -4.75 1.64
C LYS A 89 9.95 -4.69 0.15
N GLN A 90 9.53 -5.73 -0.56
CA GLN A 90 9.79 -5.81 -1.99
C GLN A 90 9.01 -4.72 -2.73
N VAL A 91 7.75 -4.57 -2.33
CA VAL A 91 6.88 -3.57 -2.94
C VAL A 91 7.33 -2.18 -2.49
N LEU A 92 7.51 -2.04 -1.19
CA LEU A 92 7.93 -0.77 -0.63
C LEU A 92 9.13 -0.25 -1.40
N GLN A 93 10.13 -1.10 -1.53
CA GLN A 93 11.35 -0.72 -2.24
C GLN A 93 11.00 -0.28 -3.67
N HIS A 94 10.13 -1.04 -4.30
CA HIS A 94 9.71 -0.73 -5.65
C HIS A 94 8.95 0.59 -5.67
N ILE A 95 8.11 0.78 -4.66
CA ILE A 95 7.32 1.99 -4.54
C ILE A 95 8.26 3.20 -4.46
N ILE A 96 9.27 3.06 -3.62
CA ILE A 96 10.24 4.12 -3.44
C ILE A 96 11.06 4.28 -4.73
N GLU A 97 11.36 3.16 -5.35
CA GLU A 97 12.13 3.16 -6.58
C GLU A 97 11.35 3.87 -7.69
N GLU A 98 10.06 3.60 -7.73
CA GLU A 98 9.20 4.22 -8.73
C GLU A 98 9.30 5.74 -8.65
N ALA A 99 9.21 6.25 -7.43
CA ALA A 99 9.29 7.67 -7.20
C ALA A 99 10.71 8.16 -7.47
N GLU A 100 11.66 7.27 -7.20
CA GLU A 100 13.06 7.59 -7.42
C GLU A 100 13.32 7.93 -8.89
N LYS A 101 12.83 7.05 -9.75
CA LYS A 101 12.99 7.24 -11.18
C LYS A 101 12.55 8.65 -11.56
N ARG A 102 11.34 8.99 -11.15
CA ARG A 102 10.79 10.30 -11.44
C ARG A 102 11.57 11.38 -10.68
N GLY A 103 11.86 11.08 -9.43
CA GLY A 103 12.59 12.02 -8.59
C GLY A 103 11.64 12.87 -7.76
N TYR A 104 11.07 12.25 -6.73
CA TYR A 104 10.14 12.94 -5.86
C TYR A 104 10.87 13.57 -4.67
N GLU A 105 10.10 14.13 -3.77
CA GLU A 105 10.66 14.78 -2.59
C GLU A 105 10.24 14.01 -1.32
N ARG A 106 9.07 13.42 -1.38
CA ARG A 106 8.55 12.66 -0.26
C ARG A 106 7.41 11.76 -0.71
N LEU A 107 7.23 10.67 0.03
CA LEU A 107 6.18 9.72 -0.28
C LEU A 107 5.23 9.60 0.93
N SER A 108 3.94 9.64 0.64
CA SER A 108 2.94 9.53 1.69
C SER A 108 2.36 8.11 1.71
N LEU A 109 1.61 7.84 2.77
CA LEU A 109 1.00 6.53 2.93
C LEU A 109 -0.10 6.61 4.00
N GLU A 110 -1.05 5.70 3.88
CA GLU A 110 -2.16 5.65 4.82
C GLU A 110 -1.98 4.49 5.80
N THR A 111 -1.55 4.83 7.01
CA THR A 111 -1.34 3.83 8.04
C THR A 111 -2.53 3.78 8.98
N GLY A 112 -2.36 4.39 10.13
CA GLY A 112 -3.41 4.42 11.15
C GLY A 112 -3.02 3.60 12.37
N SER A 113 -2.26 2.53 12.11
CA SER A 113 -1.83 1.66 13.19
C SER A 113 -2.85 0.54 13.40
N MET A 114 -3.45 0.11 12.30
CA MET A 114 -4.44 -0.95 12.36
C MET A 114 -3.87 -2.21 13.00
N ALA A 115 -4.76 -3.11 13.39
CA ALA A 115 -4.36 -4.35 14.02
C ALA A 115 -3.66 -5.23 12.98
N SER A 116 -4.29 -5.32 11.81
CA SER A 116 -3.74 -6.12 10.73
C SER A 116 -2.57 -5.39 10.06
N PHE A 117 -2.52 -4.09 10.33
CA PHE A 117 -1.46 -3.26 9.76
C PHE A 117 -0.55 -2.71 10.85
N GLU A 118 -0.38 -3.50 11.91
CA GLU A 118 0.45 -3.10 13.03
C GLU A 118 1.93 -3.22 12.65
N PRO A 119 2.31 -4.42 12.13
CA PRO A 119 3.67 -4.67 11.73
C PRO A 119 4.00 -3.97 10.42
N ALA A 120 2.97 -3.77 9.61
CA ALA A 120 3.12 -3.12 8.33
C ALA A 120 3.78 -1.75 8.53
N ARG A 121 3.22 -0.99 9.47
CA ARG A 121 3.74 0.32 9.77
C ARG A 121 5.16 0.22 10.33
N LYS A 122 5.37 -0.79 11.15
CA LYS A 122 6.68 -1.01 11.74
C LYS A 122 7.69 -1.35 10.65
N LEU A 123 7.16 -1.89 9.55
CA LEU A 123 8.00 -2.27 8.42
C LEU A 123 8.41 -1.01 7.66
N TYR A 124 7.49 -0.05 7.62
CA TYR A 124 7.75 1.20 6.92
C TYR A 124 8.83 2.01 7.64
N GLU A 125 8.62 2.21 8.93
CA GLU A 125 9.57 2.96 9.73
C GLU A 125 10.95 2.30 9.69
N SER A 126 10.93 0.99 9.49
CA SER A 126 12.17 0.23 9.43
C SER A 126 12.81 0.38 8.05
N PHE A 127 12.05 0.96 7.14
CA PHE A 127 12.53 1.16 5.79
C PHE A 127 13.18 2.55 5.64
N GLY A 128 12.88 3.40 6.61
CA GLY A 128 13.42 4.75 6.60
C GLY A 128 12.35 5.79 6.92
N PHE A 129 11.10 5.38 6.71
CA PHE A 129 9.97 6.25 6.97
C PHE A 129 9.99 6.77 8.41
N GLN A 130 9.65 8.04 8.56
CA GLN A 130 9.62 8.66 9.87
C GLN A 130 8.27 9.32 10.12
N TYR A 131 7.88 9.35 11.39
CA TYR A 131 6.63 9.96 11.77
C TYR A 131 6.56 11.42 11.36
N CYS A 132 5.41 11.82 10.84
CA CYS A 132 5.21 13.19 10.40
C CYS A 132 3.71 13.45 10.30
N GLU A 133 3.37 14.70 10.02
CA GLU A 133 1.98 15.09 9.89
C GLU A 133 1.20 14.02 9.11
N PRO A 134 0.01 13.66 9.68
CA PRO A 134 -0.83 12.65 9.06
C PRO A 134 -1.55 13.23 7.83
N PHE A 135 -1.93 12.34 6.93
CA PHE A 135 -2.62 12.74 5.72
C PHE A 135 -3.90 11.92 5.52
N ALA A 136 -3.76 10.61 5.70
CA ALA A 136 -4.88 9.71 5.54
C ALA A 136 -6.10 10.28 6.27
N ASP A 137 -5.96 10.40 7.59
CA ASP A 137 -7.03 10.93 8.41
C ASP A 137 -6.75 12.41 8.71
N TYR A 138 -5.49 12.78 8.57
CA TYR A 138 -5.08 14.14 8.83
C TYR A 138 -5.44 14.57 10.26
N GLY A 139 -4.74 15.60 10.73
CA GLY A 139 -4.98 16.10 12.07
C GLY A 139 -4.71 15.02 13.12
N GLU A 140 -4.33 15.48 14.31
CA GLU A 140 -4.04 14.57 15.40
C GLU A 140 -5.16 13.53 15.54
N ASP A 141 -4.92 12.58 16.44
CA ASP A 141 -5.90 11.53 16.67
C ASP A 141 -5.65 10.91 18.05
N PRO A 142 -6.75 10.36 18.64
CA PRO A 142 -6.66 9.74 19.95
C PRO A 142 -5.98 8.37 19.87
N ASN A 143 -5.88 7.88 18.63
CA ASN A 143 -5.26 6.59 18.40
C ASN A 143 -5.04 6.40 16.90
N SER A 144 -3.89 6.85 16.44
CA SER A 144 -3.54 6.74 15.03
C SER A 144 -2.10 7.18 14.81
N VAL A 145 -1.40 6.41 13.98
CA VAL A 145 -0.01 6.72 13.68
C VAL A 145 0.08 7.31 12.26
N PHE A 146 1.23 7.89 11.98
CA PHE A 146 1.46 8.49 10.67
C PHE A 146 2.95 8.81 10.46
N MET A 147 3.38 8.66 9.22
CA MET A 147 4.76 8.93 8.88
C MET A 147 4.91 9.23 7.38
N THR A 148 5.99 9.93 7.06
CA THR A 148 6.26 10.29 5.68
C THR A 148 7.66 9.81 5.26
N LYS A 149 7.82 9.66 3.95
CA LYS A 149 9.10 9.20 3.42
C LYS A 149 9.91 10.43 2.97
N LYS A 150 11.22 10.31 3.16
CA LYS A 150 12.12 11.39 2.78
C LYS A 150 12.91 10.98 1.54
N LEU A 151 12.54 11.57 0.41
CA LEU A 151 13.21 11.27 -0.84
C LEU A 151 14.32 12.30 -1.09
N MET A 1 9.07 -14.02 -9.93
CA MET A 1 10.36 -14.11 -10.58
C MET A 1 11.03 -12.73 -10.66
N HIS A 2 10.22 -11.73 -11.02
CA HIS A 2 10.72 -10.38 -11.13
C HIS A 2 9.61 -9.40 -10.79
N ILE A 3 10.01 -8.29 -10.16
CA ILE A 3 9.06 -7.27 -9.76
C ILE A 3 8.92 -6.25 -10.89
N LYS A 4 7.67 -5.99 -11.26
CA LYS A 4 7.38 -5.05 -12.33
C LYS A 4 5.92 -4.61 -12.24
N ILE A 5 5.56 -3.69 -13.12
CA ILE A 5 4.20 -3.18 -13.14
C ILE A 5 3.31 -4.17 -13.92
N ASP A 6 2.29 -4.66 -13.23
CA ASP A 6 1.37 -5.60 -13.83
C ASP A 6 -0.06 -5.06 -13.70
N ASP A 7 -0.91 -5.46 -14.64
CA ASP A 7 -2.29 -5.03 -14.63
C ASP A 7 -3.21 -6.26 -14.63
N LEU A 8 -3.72 -6.57 -13.44
CA LEU A 8 -4.61 -7.71 -13.28
C LEU A 8 -4.08 -8.87 -14.12
N THR A 9 -3.21 -9.66 -13.50
CA THR A 9 -2.64 -10.81 -14.18
C THR A 9 -2.41 -11.96 -13.18
N GLY A 10 -3.35 -12.89 -13.19
CA GLY A 10 -3.25 -14.04 -12.30
C GLY A 10 -4.29 -13.94 -11.17
N ARG A 11 -5.20 -14.90 -11.16
CA ARG A 11 -6.24 -14.93 -10.14
C ARG A 11 -5.63 -14.86 -8.74
N GLN A 12 -4.62 -15.70 -8.54
CA GLN A 12 -3.93 -15.74 -7.26
C GLN A 12 -3.36 -14.36 -6.90
N VAL A 13 -2.96 -13.64 -7.95
CA VAL A 13 -2.40 -12.31 -7.76
C VAL A 13 -3.52 -11.34 -7.36
N VAL A 14 -4.66 -11.49 -8.03
CA VAL A 14 -5.80 -10.65 -7.76
C VAL A 14 -6.40 -11.03 -6.40
N SER A 15 -6.58 -12.32 -6.21
CA SER A 15 -7.14 -12.82 -4.97
C SER A 15 -6.37 -12.24 -3.77
N LEU A 16 -5.08 -12.04 -3.98
CA LEU A 16 -4.23 -11.50 -2.94
C LEU A 16 -4.62 -10.04 -2.68
N VAL A 17 -4.92 -9.34 -3.76
CA VAL A 17 -5.31 -7.94 -3.66
C VAL A 17 -6.70 -7.85 -3.03
N ASN A 18 -7.46 -8.92 -3.20
CA ASN A 18 -8.81 -8.97 -2.66
C ASN A 18 -8.75 -9.33 -1.17
N GLU A 19 -7.61 -9.88 -0.78
CA GLU A 19 -7.40 -10.27 0.61
C GLU A 19 -8.66 -10.94 1.16
N HIS A 20 -8.75 -12.24 0.94
CA HIS A 20 -9.89 -13.00 1.41
C HIS A 20 -9.68 -13.39 2.87
N LEU A 21 -8.42 -13.61 3.22
CA LEU A 21 -8.06 -13.99 4.58
C LEU A 21 -8.43 -12.84 5.54
N HIS A 22 -7.85 -11.69 5.26
CA HIS A 22 -8.11 -10.51 6.08
C HIS A 22 -9.60 -10.38 6.36
N SER A 23 -10.33 -9.94 5.33
CA SER A 23 -11.76 -9.77 5.46
C SER A 23 -12.08 -8.63 6.43
N MET A 24 -13.25 -8.04 6.24
CA MET A 24 -13.68 -6.94 7.08
C MET A 24 -12.70 -5.78 7.02
N THR A 25 -13.16 -4.69 6.42
CA THR A 25 -12.33 -3.50 6.29
C THR A 25 -12.12 -2.84 7.66
N LEU A 26 -12.87 -3.31 8.64
CA LEU A 26 -12.79 -2.78 9.98
C LEU A 26 -12.86 -3.94 10.99
N MET A 27 -12.50 -3.61 12.23
CA MET A 27 -12.53 -4.61 13.29
C MET A 27 -13.79 -5.48 13.20
N SER A 28 -14.92 -4.81 13.12
CA SER A 28 -16.20 -5.49 13.03
C SER A 28 -16.57 -5.73 11.56
N PRO A 29 -17.61 -6.59 11.36
CA PRO A 29 -18.06 -6.90 10.01
C PRO A 29 -18.87 -5.74 9.42
N PRO A 30 -18.35 -5.21 8.28
CA PRO A 30 -19.00 -4.10 7.61
C PRO A 30 -20.25 -4.57 6.86
N GLU A 31 -21.20 -3.67 6.74
CA GLU A 31 -22.45 -3.97 6.05
C GLU A 31 -22.70 -2.96 4.93
N SER A 32 -22.85 -1.71 5.33
CA SER A 32 -23.08 -0.64 4.38
C SER A 32 -23.12 0.71 5.10
N ILE A 33 -22.03 1.01 5.80
CA ILE A 33 -21.92 2.25 6.52
C ILE A 33 -20.49 2.79 6.39
N HIS A 34 -20.01 2.83 5.16
CA HIS A 34 -18.68 3.31 4.89
C HIS A 34 -18.55 3.66 3.41
N ALA A 35 -18.80 2.67 2.57
CA ALA A 35 -18.72 2.85 1.14
C ALA A 35 -17.26 3.11 0.73
N LEU A 36 -16.81 2.36 -0.26
CA LEU A 36 -15.45 2.49 -0.74
C LEU A 36 -15.46 3.13 -2.13
N GLY A 37 -14.57 2.64 -2.98
CA GLY A 37 -14.47 3.14 -4.33
C GLY A 37 -14.04 2.04 -5.31
N LEU A 38 -14.81 0.96 -5.29
CA LEU A 38 -14.52 -0.17 -6.15
C LEU A 38 -14.21 0.34 -7.56
N GLU A 39 -14.77 1.50 -7.87
CA GLU A 39 -14.56 2.10 -9.17
C GLU A 39 -13.34 3.03 -9.14
N LYS A 40 -12.30 2.56 -8.45
CA LYS A 40 -11.07 3.33 -8.34
C LYS A 40 -9.88 2.42 -8.63
N LEU A 41 -9.71 1.43 -7.76
CA LEU A 41 -8.62 0.48 -7.91
C LEU A 41 -8.98 -0.56 -8.97
N ARG A 42 -9.34 -0.06 -10.15
CA ARG A 42 -9.72 -0.94 -11.24
C ARG A 42 -9.80 -0.14 -12.55
N GLY A 43 -8.68 0.48 -12.89
CA GLY A 43 -8.59 1.26 -14.11
C GLY A 43 -7.14 1.55 -14.50
N PRO A 44 -6.98 2.35 -15.58
CA PRO A 44 -5.65 2.70 -16.06
C PRO A 44 -4.99 3.73 -15.14
N GLU A 45 -5.73 4.80 -14.87
CA GLU A 45 -5.22 5.86 -14.01
C GLU A 45 -4.57 5.27 -12.77
N ILE A 46 -5.02 4.09 -12.40
CA ILE A 46 -4.49 3.40 -11.23
C ILE A 46 -3.50 2.33 -11.69
N THR A 47 -2.28 2.44 -11.18
CA THR A 47 -1.23 1.49 -11.52
C THR A 47 -1.03 0.49 -10.38
N PHE A 48 -0.92 -0.78 -10.76
CA PHE A 48 -0.72 -1.83 -9.80
C PHE A 48 0.70 -2.44 -9.91
N TRP A 49 1.45 -2.30 -8.83
CA TRP A 49 2.80 -2.81 -8.81
C TRP A 49 2.76 -4.22 -8.21
N SER A 50 3.26 -5.17 -8.97
CA SER A 50 3.28 -6.56 -8.53
C SER A 50 4.63 -6.87 -7.87
N ALA A 51 4.67 -8.02 -7.22
CA ALA A 51 5.89 -8.45 -6.54
C ALA A 51 5.87 -9.97 -6.40
N TRP A 52 7.02 -10.58 -6.69
CA TRP A 52 7.15 -12.03 -6.60
C TRP A 52 8.37 -12.33 -5.74
N GLU A 53 8.11 -12.96 -4.60
CA GLU A 53 9.17 -13.32 -3.67
C GLU A 53 9.34 -14.83 -3.63
N GLY A 54 10.04 -15.35 -4.63
CA GLY A 54 10.28 -16.78 -4.70
C GLY A 54 9.14 -17.49 -5.43
N ASP A 55 8.67 -18.57 -4.82
CA ASP A 55 7.58 -19.34 -5.40
C ASP A 55 6.28 -19.01 -4.66
N GLU A 56 6.31 -17.88 -3.95
CA GLU A 56 5.15 -17.43 -3.21
C GLU A 56 4.79 -16.00 -3.59
N LEU A 57 3.53 -15.79 -3.90
CA LEU A 57 3.05 -14.48 -4.27
C LEU A 57 3.50 -13.46 -3.22
N ALA A 58 4.42 -12.59 -3.63
CA ALA A 58 4.93 -11.57 -2.74
C ALA A 58 3.77 -10.71 -2.23
N GLY A 59 2.90 -10.33 -3.15
CA GLY A 59 1.76 -9.51 -2.82
C GLY A 59 1.36 -8.63 -3.99
N CYS A 60 1.24 -7.33 -3.71
CA CYS A 60 0.87 -6.37 -4.73
C CYS A 60 1.13 -4.97 -4.18
N GLY A 61 0.92 -3.98 -5.05
CA GLY A 61 1.12 -2.59 -4.67
C GLY A 61 0.21 -1.66 -5.46
N ALA A 62 -0.07 -0.52 -4.86
CA ALA A 62 -0.94 0.47 -5.50
C ALA A 62 -0.54 1.87 -5.02
N LEU A 63 -0.44 2.78 -5.98
CA LEU A 63 -0.07 4.15 -5.67
C LEU A 63 -0.68 5.08 -6.72
N LYS A 64 -1.50 6.00 -6.23
CA LYS A 64 -2.16 6.96 -7.11
C LYS A 64 -1.48 8.32 -6.97
N GLU A 65 -1.12 8.88 -8.12
CA GLU A 65 -0.47 10.18 -8.14
C GLU A 65 -1.27 11.20 -7.33
N LEU A 66 -0.55 12.06 -6.63
CA LEU A 66 -1.18 13.07 -5.81
C LEU A 66 -0.78 14.46 -6.33
N ASP A 67 0.51 14.71 -6.32
CA ASP A 67 1.04 15.98 -6.78
C ASP A 67 2.12 15.72 -7.84
N THR A 68 2.83 16.79 -8.17
CA THR A 68 3.90 16.70 -9.15
C THR A 68 5.02 15.80 -8.64
N ARG A 69 5.29 15.92 -7.35
CA ARG A 69 6.35 15.13 -6.72
C ARG A 69 5.84 14.55 -5.40
N HIS A 70 4.66 13.95 -5.46
CA HIS A 70 4.07 13.34 -4.28
C HIS A 70 3.25 12.12 -4.68
N GLY A 71 3.38 11.06 -3.89
CA GLY A 71 2.66 9.84 -4.15
C GLY A 71 2.06 9.26 -2.87
N GLU A 72 0.96 8.55 -3.02
CA GLU A 72 0.28 7.95 -1.89
C GLU A 72 0.03 6.46 -2.16
N ILE A 73 0.39 5.65 -1.18
CA ILE A 73 0.21 4.21 -1.29
C ILE A 73 -1.07 3.81 -0.56
N LYS A 74 -1.72 2.79 -1.10
CA LYS A 74 -2.95 2.29 -0.51
C LYS A 74 -3.12 0.81 -0.85
N SER A 75 -1.98 0.14 -0.96
CA SER A 75 -2.00 -1.28 -1.28
C SER A 75 -0.59 -1.86 -1.13
N MET A 76 -0.48 -2.86 -0.26
CA MET A 76 0.80 -3.51 0.00
C MET A 76 0.64 -4.64 1.01
N ARG A 77 -0.50 -5.31 0.94
CA ARG A 77 -0.78 -6.40 1.84
C ARG A 77 0.29 -7.49 1.70
N THR A 78 0.37 -8.33 2.72
CA THR A 78 1.34 -9.42 2.73
C THR A 78 0.83 -10.60 1.89
N SER A 79 0.43 -11.65 2.59
CA SER A 79 -0.08 -12.84 1.93
C SER A 79 -1.15 -13.50 2.80
N ALA A 80 -0.69 -14.14 3.85
CA ALA A 80 -1.61 -14.82 4.77
C ALA A 80 -0.82 -15.36 5.96
N SER A 81 -0.36 -14.43 6.79
CA SER A 81 0.40 -14.80 7.98
C SER A 81 1.52 -15.76 7.59
N HIS A 82 1.94 -15.68 6.33
CA HIS A 82 3.00 -16.53 5.83
C HIS A 82 4.34 -16.10 6.44
N LEU A 83 5.40 -16.72 5.96
CA LEU A 83 6.73 -16.43 6.45
C LEU A 83 7.05 -14.95 6.18
N ARG A 84 8.01 -14.44 6.93
CA ARG A 84 8.42 -13.06 6.79
C ARG A 84 9.85 -12.97 6.26
N LYS A 85 10.11 -11.92 5.49
CA LYS A 85 11.42 -11.71 4.92
C LYS A 85 11.49 -10.31 4.31
N GLY A 86 10.45 -9.97 3.56
CA GLY A 86 10.38 -8.67 2.93
C GLY A 86 9.28 -8.64 1.86
N VAL A 87 8.15 -9.23 2.20
CA VAL A 87 7.03 -9.28 1.29
C VAL A 87 6.54 -7.85 1.00
N ALA A 88 6.12 -7.18 2.06
CA ALA A 88 5.64 -5.82 1.94
C ALA A 88 6.80 -4.90 1.55
N LYS A 89 7.97 -5.24 2.05
CA LYS A 89 9.17 -4.47 1.77
C LYS A 89 9.46 -4.52 0.26
N GLN A 90 9.26 -5.70 -0.31
CA GLN A 90 9.49 -5.89 -1.72
C GLN A 90 8.65 -4.91 -2.54
N VAL A 91 7.40 -4.77 -2.14
CA VAL A 91 6.48 -3.88 -2.82
C VAL A 91 6.84 -2.44 -2.48
N LEU A 92 6.99 -2.18 -1.19
CA LEU A 92 7.34 -0.85 -0.72
C LEU A 92 8.58 -0.36 -1.46
N GLN A 93 9.59 -1.20 -1.46
CA GLN A 93 10.84 -0.87 -2.12
C GLN A 93 10.59 -0.51 -3.59
N HIS A 94 9.74 -1.30 -4.22
CA HIS A 94 9.39 -1.08 -5.61
C HIS A 94 8.74 0.29 -5.77
N ILE A 95 7.86 0.59 -4.84
CA ILE A 95 7.15 1.87 -4.85
C ILE A 95 8.17 3.00 -4.66
N ILE A 96 8.99 2.85 -3.64
CA ILE A 96 10.00 3.85 -3.34
C ILE A 96 10.91 4.03 -4.55
N GLU A 97 11.30 2.91 -5.14
CA GLU A 97 12.18 2.92 -6.30
C GLU A 97 11.55 3.77 -7.41
N GLU A 98 10.27 3.54 -7.62
CA GLU A 98 9.53 4.27 -8.65
C GLU A 98 9.64 5.78 -8.42
N ALA A 99 9.33 6.18 -7.19
CA ALA A 99 9.39 7.58 -6.82
C ALA A 99 10.85 8.06 -6.88
N GLU A 100 11.75 7.15 -6.54
CA GLU A 100 13.17 7.46 -6.54
C GLU A 100 13.64 7.72 -7.98
N LYS A 101 13.09 6.94 -8.90
CA LYS A 101 13.46 7.07 -10.30
C LYS A 101 12.69 8.24 -10.91
N ARG A 102 11.49 8.46 -10.40
CA ARG A 102 10.65 9.55 -10.89
C ARG A 102 11.22 10.89 -10.43
N GLY A 103 11.64 10.93 -9.18
CA GLY A 103 12.19 12.15 -8.61
C GLY A 103 11.14 12.93 -7.83
N TYR A 104 10.53 12.25 -6.87
CA TYR A 104 9.51 12.87 -6.05
C TYR A 104 10.12 13.53 -4.82
N GLU A 105 9.25 14.16 -4.03
CA GLU A 105 9.69 14.84 -2.83
C GLU A 105 9.63 13.89 -1.63
N ARG A 106 8.50 13.20 -1.51
CA ARG A 106 8.30 12.27 -0.43
C ARG A 106 7.13 11.33 -0.74
N LEU A 107 7.12 10.19 -0.06
CA LEU A 107 6.08 9.20 -0.25
C LEU A 107 5.18 9.18 0.98
N SER A 108 3.92 9.53 0.77
CA SER A 108 2.94 9.55 1.84
C SER A 108 2.06 8.30 1.78
N LEU A 109 1.31 8.08 2.85
CA LEU A 109 0.42 6.94 2.93
C LEU A 109 -0.41 7.02 4.20
N GLU A 110 -1.49 6.25 4.23
CA GLU A 110 -2.38 6.24 5.38
C GLU A 110 -1.84 5.27 6.44
N THR A 111 -1.64 5.82 7.63
CA THR A 111 -1.14 5.02 8.74
C THR A 111 -1.70 5.55 10.07
N GLY A 112 -1.25 4.93 11.15
CA GLY A 112 -1.69 5.32 12.48
C GLY A 112 -1.01 4.48 13.55
N SER A 113 -1.63 4.46 14.73
CA SER A 113 -1.08 3.70 15.85
C SER A 113 -1.99 2.50 16.16
N MET A 114 -3.11 2.44 15.45
CA MET A 114 -4.06 1.37 15.64
C MET A 114 -3.37 0.00 15.59
N ALA A 115 -3.90 -0.92 16.37
CA ALA A 115 -3.34 -2.26 16.43
C ALA A 115 -3.29 -2.84 15.02
N SER A 116 -4.27 -2.46 14.21
CA SER A 116 -4.35 -2.93 12.84
C SER A 116 -3.23 -2.31 12.01
N PHE A 117 -2.93 -1.05 12.33
CA PHE A 117 -1.89 -0.33 11.62
C PHE A 117 -0.66 -0.12 12.52
N GLU A 118 -0.50 -1.03 13.46
CA GLU A 118 0.62 -0.96 14.39
C GLU A 118 1.92 -1.37 13.69
N PRO A 119 1.87 -2.58 13.07
CA PRO A 119 3.03 -3.11 12.36
C PRO A 119 3.22 -2.40 11.02
N ALA A 120 2.16 -1.74 10.59
CA ALA A 120 2.20 -1.02 9.33
C ALA A 120 3.23 0.11 9.42
N ARG A 121 3.11 0.90 10.46
CA ARG A 121 4.02 2.00 10.68
C ARG A 121 5.43 1.49 10.99
N LYS A 122 5.47 0.37 11.70
CA LYS A 122 6.73 -0.24 12.07
C LYS A 122 7.49 -0.64 10.80
N LEU A 123 6.77 -1.27 9.89
CA LEU A 123 7.37 -1.70 8.63
C LEU A 123 8.05 -0.51 7.96
N TYR A 124 7.35 0.61 7.99
CA TYR A 124 7.88 1.83 7.39
C TYR A 124 9.17 2.27 8.08
N GLU A 125 9.09 2.35 9.40
CA GLU A 125 10.24 2.75 10.20
C GLU A 125 11.44 1.88 9.88
N SER A 126 11.17 0.62 9.57
CA SER A 126 12.22 -0.33 9.24
C SER A 126 12.91 0.09 7.94
N PHE A 127 12.27 1.01 7.24
CA PHE A 127 12.81 1.50 5.97
C PHE A 127 13.54 2.83 6.17
N GLY A 128 13.27 3.44 7.32
CA GLY A 128 13.89 4.72 7.64
C GLY A 128 12.88 5.85 7.57
N PHE A 129 11.66 5.50 7.19
CA PHE A 129 10.59 6.48 7.08
C PHE A 129 10.64 7.48 8.24
N GLN A 130 10.01 8.63 8.01
CA GLN A 130 9.98 9.68 9.02
C GLN A 130 8.53 10.01 9.37
N TYR A 131 8.37 10.61 10.55
CA TYR A 131 7.05 10.99 11.02
C TYR A 131 6.74 12.45 10.66
N CYS A 132 5.46 12.72 10.48
CA CYS A 132 5.03 14.07 10.14
C CYS A 132 3.60 14.26 10.65
N GLU A 133 3.03 15.41 10.35
CA GLU A 133 1.69 15.73 10.78
C GLU A 133 0.70 14.68 10.25
N PRO A 134 -0.40 14.49 11.02
CA PRO A 134 -1.42 13.52 10.64
C PRO A 134 -2.27 14.05 9.48
N PHE A 135 -2.57 13.15 8.56
CA PHE A 135 -3.38 13.51 7.41
C PHE A 135 -4.08 12.28 6.82
N ALA A 136 -4.56 12.43 5.60
CA ALA A 136 -5.25 11.35 4.93
C ALA A 136 -6.70 11.30 5.42
N ASP A 137 -7.37 10.21 5.06
CA ASP A 137 -8.75 10.02 5.45
C ASP A 137 -8.89 10.29 6.95
N TYR A 138 -7.90 9.85 7.71
CA TYR A 138 -7.90 10.03 9.14
C TYR A 138 -7.09 11.28 9.53
N GLY A 139 -7.65 12.04 10.46
CA GLY A 139 -7.01 13.26 10.92
C GLY A 139 -6.66 13.15 12.40
N GLU A 140 -6.41 14.31 13.00
CA GLU A 140 -6.05 14.36 14.41
C GLU A 140 -6.96 13.42 15.22
N ASP A 141 -6.47 13.05 16.39
CA ASP A 141 -7.22 12.16 17.27
C ASP A 141 -6.34 11.78 18.46
N PRO A 142 -6.98 11.05 19.42
CA PRO A 142 -6.27 10.62 20.61
C PRO A 142 -5.33 9.47 20.31
N ASN A 143 -5.28 9.09 19.04
CA ASN A 143 -4.42 8.01 18.61
C ASN A 143 -4.33 8.02 17.08
N SER A 144 -3.48 8.90 16.57
CA SER A 144 -3.29 9.02 15.14
C SER A 144 -1.90 9.56 14.84
N VAL A 145 -1.26 8.96 13.85
CA VAL A 145 0.08 9.37 13.45
C VAL A 145 0.26 9.14 11.95
N PHE A 146 1.11 9.96 11.36
CA PHE A 146 1.38 9.86 9.93
C PHE A 146 2.87 9.62 9.66
N MET A 147 3.13 8.86 8.61
CA MET A 147 4.50 8.55 8.23
C MET A 147 4.81 9.04 6.82
N THR A 148 6.03 9.52 6.66
CA THR A 148 6.46 10.03 5.36
C THR A 148 7.89 9.56 5.06
N LYS A 149 8.11 9.25 3.79
CA LYS A 149 9.42 8.80 3.35
C LYS A 149 10.17 9.96 2.69
N LYS A 150 11.41 10.14 3.11
CA LYS A 150 12.24 11.20 2.58
C LYS A 150 13.08 10.65 1.43
N LEU A 151 12.79 11.12 0.23
CA LEU A 151 13.51 10.69 -0.95
C LEU A 151 14.76 11.57 -1.14
N MET A 1 14.96 -11.15 -6.87
CA MET A 1 13.90 -12.07 -7.23
C MET A 1 13.25 -11.66 -8.56
N HIS A 2 12.15 -10.95 -8.44
CA HIS A 2 11.42 -10.49 -9.61
C HIS A 2 10.43 -9.40 -9.20
N ILE A 3 10.75 -8.18 -9.60
CA ILE A 3 9.91 -7.04 -9.28
C ILE A 3 9.44 -6.38 -10.58
N LYS A 4 8.12 -6.30 -10.73
CA LYS A 4 7.54 -5.70 -11.92
C LYS A 4 6.07 -5.37 -11.65
N ILE A 5 5.47 -4.69 -12.61
CA ILE A 5 4.07 -4.31 -12.49
C ILE A 5 3.19 -5.44 -13.03
N ASP A 6 2.10 -5.68 -12.31
CA ASP A 6 1.18 -6.73 -12.69
C ASP A 6 -0.11 -6.10 -13.23
N ASP A 7 -0.39 -6.39 -14.50
CA ASP A 7 -1.58 -5.86 -15.13
C ASP A 7 -2.41 -7.02 -15.70
N LEU A 8 -3.46 -7.36 -14.97
CA LEU A 8 -4.33 -8.44 -15.38
C LEU A 8 -3.50 -9.70 -15.66
N THR A 9 -4.19 -10.77 -15.98
CA THR A 9 -3.53 -12.04 -16.27
C THR A 9 -2.96 -12.65 -14.98
N GLY A 10 -3.38 -12.09 -13.86
CA GLY A 10 -2.91 -12.55 -12.57
C GLY A 10 -4.09 -12.75 -11.61
N ARG A 11 -4.81 -13.84 -11.82
CA ARG A 11 -5.95 -14.16 -10.99
C ARG A 11 -5.57 -14.07 -9.50
N GLN A 12 -4.47 -14.72 -9.17
CA GLN A 12 -3.99 -14.72 -7.80
C GLN A 12 -3.68 -13.28 -7.35
N VAL A 13 -3.31 -12.47 -8.31
CA VAL A 13 -2.97 -11.07 -8.03
C VAL A 13 -4.26 -10.29 -7.77
N VAL A 14 -5.27 -10.58 -8.58
CA VAL A 14 -6.55 -9.92 -8.45
C VAL A 14 -7.27 -10.45 -7.20
N SER A 15 -7.30 -11.76 -7.09
CA SER A 15 -7.94 -12.40 -5.96
C SER A 15 -7.43 -11.79 -4.65
N LEU A 16 -6.15 -11.42 -4.66
CA LEU A 16 -5.52 -10.83 -3.50
C LEU A 16 -6.05 -9.40 -3.32
N VAL A 17 -6.09 -8.68 -4.43
CA VAL A 17 -6.55 -7.30 -4.41
C VAL A 17 -8.03 -7.28 -4.03
N ASN A 18 -8.70 -8.40 -4.28
CA ASN A 18 -10.11 -8.52 -3.97
C ASN A 18 -10.27 -8.76 -2.46
N GLU A 19 -9.72 -9.86 -2.00
CA GLU A 19 -9.78 -10.21 -0.59
C GLU A 19 -9.08 -11.54 -0.33
N HIS A 20 -7.83 -11.43 0.10
CA HIS A 20 -7.04 -12.60 0.40
C HIS A 20 -7.10 -12.92 1.89
N LEU A 21 -6.67 -11.95 2.68
CA LEU A 21 -6.67 -12.10 4.13
C LEU A 21 -8.09 -11.92 4.65
N HIS A 22 -8.69 -10.80 4.29
CA HIS A 22 -10.05 -10.49 4.71
C HIS A 22 -10.37 -9.04 4.40
N SER A 23 -11.60 -8.66 4.69
CA SER A 23 -12.06 -7.30 4.44
C SER A 23 -12.15 -7.05 2.94
N MET A 24 -12.89 -6.00 2.59
CA MET A 24 -13.06 -5.64 1.19
C MET A 24 -13.76 -6.76 0.42
N THR A 25 -15.08 -6.78 0.51
CA THR A 25 -15.87 -7.79 -0.16
C THR A 25 -17.22 -7.22 -0.58
N LEU A 26 -17.51 -7.35 -1.87
CA LEU A 26 -18.77 -6.85 -2.40
C LEU A 26 -18.93 -5.36 -2.03
N MET A 27 -20.05 -4.81 -2.44
CA MET A 27 -20.34 -3.42 -2.15
C MET A 27 -20.71 -3.21 -0.68
N SER A 28 -20.91 -1.96 -0.31
CA SER A 28 -21.27 -1.62 1.05
C SER A 28 -22.75 -1.29 1.13
N PRO A 29 -23.34 -1.52 2.34
CA PRO A 29 -24.75 -1.24 2.56
C PRO A 29 -24.99 0.26 2.69
N PRO A 30 -26.31 0.63 2.70
CA PRO A 30 -26.70 2.02 2.81
C PRO A 30 -26.50 2.53 4.24
N GLU A 31 -25.52 3.41 4.40
CA GLU A 31 -25.22 3.98 5.70
C GLU A 31 -23.99 4.89 5.62
N SER A 32 -24.08 6.00 6.32
CA SER A 32 -22.99 6.96 6.33
C SER A 32 -21.81 6.40 7.13
N ILE A 33 -21.29 5.28 6.64
CA ILE A 33 -20.16 4.63 7.29
C ILE A 33 -19.40 3.80 6.26
N HIS A 34 -18.97 4.48 5.20
CA HIS A 34 -18.23 3.82 4.14
C HIS A 34 -17.84 4.85 3.08
N ALA A 35 -17.08 5.83 3.50
CA ALA A 35 -16.63 6.88 2.60
C ALA A 35 -15.17 6.64 2.22
N LEU A 36 -14.99 5.88 1.15
CA LEU A 36 -13.65 5.57 0.67
C LEU A 36 -13.48 6.11 -0.75
N GLY A 37 -12.78 5.34 -1.57
CA GLY A 37 -12.53 5.73 -2.94
C GLY A 37 -12.60 4.52 -3.87
N LEU A 38 -13.62 3.70 -3.64
CA LEU A 38 -13.80 2.51 -4.46
C LEU A 38 -13.52 2.83 -5.91
N GLU A 39 -13.80 4.08 -6.27
CA GLU A 39 -13.57 4.54 -7.64
C GLU A 39 -12.23 5.26 -7.74
N LYS A 40 -11.21 4.62 -7.20
CA LYS A 40 -9.87 5.18 -7.22
C LYS A 40 -8.88 4.13 -7.72
N LEU A 41 -8.85 3.01 -7.00
CA LEU A 41 -7.96 1.91 -7.36
C LEU A 41 -8.40 1.32 -8.70
N ARG A 42 -9.69 1.03 -8.79
CA ARG A 42 -10.25 0.46 -10.00
C ARG A 42 -10.46 1.55 -11.06
N GLY A 43 -9.35 2.17 -11.44
CA GLY A 43 -9.40 3.23 -12.43
C GLY A 43 -8.63 2.83 -13.70
N PRO A 44 -8.85 3.63 -14.78
CA PRO A 44 -8.19 3.37 -16.04
C PRO A 44 -6.71 3.78 -15.99
N GLU A 45 -6.44 4.78 -15.16
CA GLU A 45 -5.09 5.28 -15.01
C GLU A 45 -4.52 4.85 -13.65
N ILE A 46 -4.56 3.54 -13.41
CA ILE A 46 -4.05 3.00 -12.16
C ILE A 46 -3.04 1.90 -12.46
N THR A 47 -1.93 1.93 -11.73
CA THR A 47 -0.88 0.95 -11.91
C THR A 47 -0.63 0.20 -10.61
N PHE A 48 -0.69 -1.13 -10.70
CA PHE A 48 -0.47 -1.96 -9.53
C PHE A 48 0.89 -2.65 -9.61
N TRP A 49 1.74 -2.33 -8.65
CA TRP A 49 3.06 -2.92 -8.60
C TRP A 49 2.99 -4.19 -7.76
N SER A 50 3.57 -5.25 -8.30
CA SER A 50 3.59 -6.53 -7.62
C SER A 50 5.02 -7.02 -7.43
N ALA A 51 5.17 -7.98 -6.53
CA ALA A 51 6.49 -8.54 -6.24
C ALA A 51 6.41 -10.06 -6.29
N TRP A 52 7.35 -10.65 -7.02
CA TRP A 52 7.40 -12.10 -7.14
C TRP A 52 8.75 -12.57 -6.60
N GLU A 53 8.67 -13.37 -5.54
CA GLU A 53 9.86 -13.90 -4.90
C GLU A 53 9.62 -15.33 -4.42
N GLY A 54 9.62 -16.25 -5.38
CA GLY A 54 9.41 -17.65 -5.07
C GLY A 54 8.81 -18.39 -6.27
N ASP A 55 7.72 -19.09 -6.01
CA ASP A 55 7.04 -19.84 -7.04
C ASP A 55 5.70 -19.18 -7.35
N GLU A 56 5.34 -18.21 -6.52
CA GLU A 56 4.08 -17.50 -6.70
C GLU A 56 4.27 -16.02 -6.37
N LEU A 57 3.19 -15.27 -6.55
CA LEU A 57 3.22 -13.84 -6.28
C LEU A 57 3.59 -13.61 -4.81
N ALA A 58 4.50 -12.67 -4.60
CA ALA A 58 4.94 -12.34 -3.26
C ALA A 58 3.94 -11.38 -2.62
N GLY A 59 3.41 -10.49 -3.44
CA GLY A 59 2.45 -9.51 -2.98
C GLY A 59 2.04 -8.56 -4.10
N CYS A 60 1.23 -7.57 -3.73
CA CYS A 60 0.76 -6.59 -4.70
C CYS A 60 0.73 -5.23 -4.00
N GLY A 61 0.21 -4.24 -4.73
CA GLY A 61 0.10 -2.90 -4.20
C GLY A 61 -0.57 -1.96 -5.21
N ALA A 62 -0.99 -0.81 -4.71
CA ALA A 62 -1.66 0.17 -5.55
C ALA A 62 -1.03 1.55 -5.29
N LEU A 63 -0.62 2.18 -6.38
CA LEU A 63 0.00 3.50 -6.30
C LEU A 63 -0.54 4.38 -7.42
N LYS A 64 -1.18 5.47 -7.04
CA LYS A 64 -1.74 6.40 -7.99
C LYS A 64 -1.10 7.78 -7.81
N GLU A 65 -0.77 8.40 -8.93
CA GLU A 65 -0.14 9.72 -8.91
C GLU A 65 -1.08 10.73 -8.26
N LEU A 66 -0.49 11.71 -7.60
CA LEU A 66 -1.25 12.76 -6.94
C LEU A 66 -0.83 14.12 -7.49
N ASP A 67 0.28 14.62 -6.96
CA ASP A 67 0.79 15.91 -7.38
C ASP A 67 1.97 15.69 -8.34
N THR A 68 2.65 16.79 -8.64
CA THR A 68 3.80 16.73 -9.54
C THR A 68 4.87 15.79 -8.98
N ARG A 69 5.11 15.94 -7.69
CA ARG A 69 6.11 15.11 -7.03
C ARG A 69 5.58 14.60 -5.68
N HIS A 70 4.31 14.22 -5.70
CA HIS A 70 3.67 13.71 -4.50
C HIS A 70 2.78 12.52 -4.86
N GLY A 71 2.95 11.45 -4.08
CA GLY A 71 2.17 10.24 -4.31
C GLY A 71 1.67 9.65 -2.98
N GLU A 72 0.79 8.68 -3.10
CA GLU A 72 0.24 8.03 -1.92
C GLU A 72 -0.09 6.56 -2.22
N ILE A 73 -0.09 5.76 -1.18
CA ILE A 73 -0.39 4.34 -1.32
C ILE A 73 -1.67 4.01 -0.56
N LYS A 74 -2.50 3.18 -1.19
CA LYS A 74 -3.75 2.78 -0.57
C LYS A 74 -3.96 1.28 -0.77
N SER A 75 -2.90 0.53 -0.49
CA SER A 75 -2.94 -0.91 -0.63
C SER A 75 -1.60 -1.52 -0.22
N MET A 76 -1.57 -2.07 0.98
CA MET A 76 -0.36 -2.69 1.49
C MET A 76 -0.67 -3.97 2.26
N ARG A 77 -0.82 -5.05 1.49
CA ARG A 77 -1.11 -6.35 2.08
C ARG A 77 -0.05 -7.37 1.69
N THR A 78 0.37 -8.15 2.68
CA THR A 78 1.38 -9.17 2.44
C THR A 78 0.81 -10.29 1.56
N SER A 79 0.13 -11.22 2.21
CA SER A 79 -0.46 -12.33 1.51
C SER A 79 -1.07 -13.33 2.51
N ALA A 80 -0.23 -13.77 3.43
CA ALA A 80 -0.66 -14.72 4.45
C ALA A 80 -0.52 -14.07 5.83
N SER A 81 0.73 -13.88 6.22
CA SER A 81 1.01 -13.28 7.52
C SER A 81 2.47 -13.53 7.91
N HIS A 82 2.98 -14.65 7.43
CA HIS A 82 4.36 -15.02 7.72
C HIS A 82 5.04 -15.52 6.43
N LEU A 83 5.98 -14.73 5.97
CA LEU A 83 6.71 -15.07 4.75
C LEU A 83 8.20 -14.74 4.94
N ARG A 84 9.03 -15.38 4.13
CA ARG A 84 10.46 -15.16 4.19
C ARG A 84 10.86 -14.01 3.26
N LYS A 85 11.99 -13.40 3.59
CA LYS A 85 12.49 -12.29 2.79
C LYS A 85 11.76 -11.00 3.20
N GLY A 86 10.48 -10.96 2.88
CA GLY A 86 9.67 -9.81 3.19
C GLY A 86 8.86 -9.36 1.97
N VAL A 87 7.56 -9.56 2.05
CA VAL A 87 6.66 -9.19 0.97
C VAL A 87 6.50 -7.67 0.95
N ALA A 88 5.98 -7.15 2.06
CA ALA A 88 5.76 -5.72 2.18
C ALA A 88 7.06 -4.98 1.86
N LYS A 89 8.16 -5.53 2.38
CA LYS A 89 9.47 -4.94 2.15
C LYS A 89 9.71 -4.81 0.65
N GLN A 90 9.37 -5.86 -0.07
CA GLN A 90 9.54 -5.88 -1.52
C GLN A 90 8.69 -4.78 -2.16
N VAL A 91 7.41 -4.81 -1.85
CA VAL A 91 6.48 -3.84 -2.39
C VAL A 91 6.95 -2.43 -2.02
N LEU A 92 7.15 -2.24 -0.72
CA LEU A 92 7.61 -0.94 -0.22
C LEU A 92 8.78 -0.47 -1.07
N GLN A 93 9.75 -1.35 -1.24
CA GLN A 93 10.93 -1.02 -2.02
C GLN A 93 10.54 -0.65 -3.45
N HIS A 94 9.61 -1.41 -3.99
CA HIS A 94 9.14 -1.17 -5.35
C HIS A 94 8.60 0.26 -5.46
N ILE A 95 7.74 0.60 -4.52
CA ILE A 95 7.15 1.94 -4.49
C ILE A 95 8.27 2.98 -4.46
N ILE A 96 9.20 2.78 -3.53
CA ILE A 96 10.31 3.70 -3.38
C ILE A 96 11.11 3.74 -4.68
N GLU A 97 11.48 2.55 -5.14
CA GLU A 97 12.25 2.43 -6.37
C GLU A 97 11.53 3.14 -7.52
N GLU A 98 10.21 2.96 -7.56
CA GLU A 98 9.39 3.57 -8.59
C GLU A 98 9.47 5.10 -8.49
N ALA A 99 9.22 5.58 -7.28
CA ALA A 99 9.26 7.02 -7.03
C ALA A 99 10.69 7.53 -7.22
N GLU A 100 11.64 6.65 -6.92
CA GLU A 100 13.04 7.01 -7.04
C GLU A 100 13.37 7.37 -8.49
N LYS A 101 12.89 6.55 -9.41
CA LYS A 101 13.12 6.78 -10.82
C LYS A 101 12.51 8.13 -11.22
N ARG A 102 11.25 8.29 -10.87
CA ARG A 102 10.53 9.53 -11.18
C ARG A 102 11.21 10.72 -10.50
N GLY A 103 11.74 10.46 -9.31
CA GLY A 103 12.41 11.49 -8.55
C GLY A 103 11.39 12.39 -7.84
N TYR A 104 10.57 11.76 -7.02
CA TYR A 104 9.55 12.49 -6.27
C TYR A 104 10.19 13.34 -5.17
N GLU A 105 9.33 13.93 -4.35
CA GLU A 105 9.80 14.76 -3.26
C GLU A 105 9.56 14.06 -1.91
N ARG A 106 8.45 13.34 -1.85
CA ARG A 106 8.11 12.61 -0.64
C ARG A 106 7.05 11.55 -0.94
N LEU A 107 6.95 10.59 -0.03
CA LEU A 107 5.99 9.51 -0.20
C LEU A 107 5.07 9.47 1.03
N SER A 108 3.79 9.68 0.78
CA SER A 108 2.80 9.67 1.85
C SER A 108 1.96 8.40 1.78
N LEU A 109 1.19 8.17 2.83
CA LEU A 109 0.34 6.99 2.89
C LEU A 109 -0.56 7.07 4.13
N GLU A 110 -1.31 6.02 4.35
CA GLU A 110 -2.21 5.96 5.49
C GLU A 110 -1.54 5.22 6.65
N THR A 111 -1.54 5.86 7.81
CA THR A 111 -0.94 5.28 8.99
C THR A 111 -1.72 5.69 10.25
N GLY A 112 -1.80 4.76 11.18
CA GLY A 112 -2.51 5.01 12.43
C GLY A 112 -1.81 4.32 13.61
N SER A 113 -2.46 3.27 14.09
CA SER A 113 -1.91 2.52 15.21
C SER A 113 -2.86 1.36 15.56
N MET A 114 -3.22 0.60 14.55
CA MET A 114 -4.12 -0.53 14.74
C MET A 114 -3.32 -1.82 14.92
N ALA A 115 -3.84 -2.67 15.80
CA ALA A 115 -3.19 -3.94 16.07
C ALA A 115 -2.97 -4.69 14.75
N SER A 116 -3.87 -4.46 13.82
CA SER A 116 -3.78 -5.09 12.52
C SER A 116 -2.54 -4.62 11.78
N PHE A 117 -2.32 -3.31 11.84
CA PHE A 117 -1.15 -2.72 11.19
C PHE A 117 -0.25 -2.02 12.21
N GLU A 118 -0.01 -2.71 13.31
CA GLU A 118 0.84 -2.17 14.36
C GLU A 118 2.30 -2.14 13.90
N PRO A 119 2.79 -3.32 13.44
CA PRO A 119 4.15 -3.43 12.97
C PRO A 119 4.32 -2.78 11.61
N ALA A 120 3.19 -2.47 10.98
CA ALA A 120 3.20 -1.85 9.67
C ALA A 120 4.08 -0.60 9.72
N ARG A 121 3.78 0.26 10.68
CA ARG A 121 4.53 1.49 10.85
C ARG A 121 5.98 1.18 11.26
N LYS A 122 6.13 0.10 12.02
CA LYS A 122 7.44 -0.31 12.49
C LYS A 122 8.29 -0.73 11.30
N LEU A 123 7.64 -1.40 10.35
CA LEU A 123 8.32 -1.86 9.16
C LEU A 123 8.84 -0.66 8.36
N TYR A 124 8.06 0.41 8.41
CA TYR A 124 8.42 1.63 7.70
C TYR A 124 9.63 2.30 8.35
N GLU A 125 9.55 2.47 9.66
CA GLU A 125 10.62 3.10 10.41
C GLU A 125 11.95 2.44 10.07
N SER A 126 11.93 1.12 10.00
CA SER A 126 13.13 0.37 9.67
C SER A 126 13.64 0.75 8.29
N PHE A 127 12.75 1.39 7.52
CA PHE A 127 13.11 1.81 6.18
C PHE A 127 13.66 3.24 6.18
N GLY A 128 13.41 3.93 7.28
CA GLY A 128 13.89 5.30 7.43
C GLY A 128 12.73 6.26 7.67
N PHE A 129 11.53 5.78 7.37
CA PHE A 129 10.33 6.58 7.54
C PHE A 129 10.36 7.30 8.89
N GLN A 130 9.90 8.56 8.86
CA GLN A 130 9.87 9.37 10.07
C GLN A 130 8.42 9.69 10.45
N TYR A 131 8.25 10.10 11.69
CA TYR A 131 6.93 10.45 12.19
C TYR A 131 6.63 11.93 11.95
N CYS A 132 5.41 12.19 11.48
CA CYS A 132 4.98 13.54 11.21
C CYS A 132 3.47 13.63 11.46
N GLU A 133 3.02 14.86 11.64
CA GLU A 133 1.59 15.09 11.89
C GLU A 133 0.75 14.23 10.97
N PRO A 134 -0.56 14.10 11.33
CA PRO A 134 -1.48 13.29 10.54
C PRO A 134 -1.88 14.03 9.27
N PHE A 135 -1.80 13.29 8.17
CA PHE A 135 -2.14 13.86 6.87
C PHE A 135 -3.07 12.92 6.09
N ALA A 136 -2.72 11.64 6.14
CA ALA A 136 -3.52 10.63 5.44
C ALA A 136 -5.00 10.99 5.54
N ASP A 137 -5.50 11.02 6.76
CA ASP A 137 -6.89 11.35 7.00
C ASP A 137 -7.13 11.48 8.50
N TYR A 138 -6.98 10.37 9.20
CA TYR A 138 -7.18 10.34 10.64
C TYR A 138 -6.43 11.50 11.31
N GLY A 139 -7.20 12.33 12.00
CA GLY A 139 -6.63 13.47 12.70
C GLY A 139 -6.10 13.07 14.07
N GLU A 140 -5.89 14.09 14.91
CA GLU A 140 -5.38 13.86 16.25
C GLU A 140 -6.20 12.78 16.95
N ASP A 141 -5.59 12.16 17.94
CA ASP A 141 -6.25 11.10 18.70
C ASP A 141 -5.22 10.37 19.55
N PRO A 142 -5.74 9.55 20.51
CA PRO A 142 -4.89 8.79 21.40
C PRO A 142 -4.25 7.60 20.67
N ASN A 143 -4.58 7.49 19.39
CA ASN A 143 -4.07 6.41 18.58
C ASN A 143 -4.12 6.81 17.11
N SER A 144 -3.13 7.62 16.71
CA SER A 144 -3.06 8.09 15.34
C SER A 144 -1.68 8.67 15.07
N VAL A 145 -1.07 8.20 13.98
CA VAL A 145 0.25 8.67 13.60
C VAL A 145 0.44 8.49 12.09
N PHE A 146 1.15 9.43 11.50
CA PHE A 146 1.40 9.40 10.08
C PHE A 146 2.90 9.27 9.78
N MET A 147 3.20 8.75 8.60
CA MET A 147 4.58 8.56 8.19
C MET A 147 4.81 9.12 6.78
N THR A 148 6.00 9.69 6.60
CA THR A 148 6.36 10.26 5.30
C THR A 148 7.81 9.93 4.96
N LYS A 149 7.99 9.38 3.77
CA LYS A 149 9.33 9.01 3.31
C LYS A 149 9.94 10.19 2.56
N LYS A 150 11.26 10.32 2.72
CA LYS A 150 11.99 11.41 2.06
C LYS A 150 12.91 10.82 0.99
N LEU A 151 12.53 11.06 -0.25
CA LEU A 151 13.32 10.57 -1.38
C LEU A 151 14.45 11.55 -1.67
N MET A 1 13.29 -10.75 -6.36
CA MET A 1 13.29 -11.83 -7.35
C MET A 1 12.89 -11.31 -8.73
N HIS A 2 11.64 -10.89 -8.83
CA HIS A 2 11.13 -10.36 -10.09
C HIS A 2 9.81 -9.62 -9.84
N ILE A 3 9.88 -8.30 -9.96
CA ILE A 3 8.71 -7.48 -9.75
C ILE A 3 8.39 -6.71 -11.04
N LYS A 4 7.12 -6.74 -11.40
CA LYS A 4 6.67 -6.06 -12.61
C LYS A 4 5.37 -5.31 -12.31
N ILE A 5 4.91 -4.57 -13.31
CA ILE A 5 3.69 -3.80 -13.17
C ILE A 5 2.52 -4.61 -13.72
N ASP A 6 1.65 -5.04 -12.81
CA ASP A 6 0.49 -5.82 -13.18
C ASP A 6 -0.77 -5.17 -12.59
N ASP A 7 -1.88 -5.36 -13.30
CA ASP A 7 -3.14 -4.81 -12.85
C ASP A 7 -4.14 -5.94 -12.64
N LEU A 8 -4.31 -6.31 -11.37
CA LEU A 8 -5.22 -7.38 -11.02
C LEU A 8 -5.17 -8.47 -12.09
N THR A 9 -4.22 -9.39 -11.90
CA THR A 9 -4.04 -10.49 -12.82
C THR A 9 -5.29 -11.37 -12.87
N GLY A 10 -5.38 -12.25 -11.87
CA GLY A 10 -6.52 -13.15 -11.78
C GLY A 10 -7.07 -13.18 -10.36
N ARG A 11 -7.17 -14.39 -9.82
CA ARG A 11 -7.68 -14.57 -8.47
C ARG A 11 -6.55 -14.41 -7.45
N GLN A 12 -5.34 -14.75 -7.88
CA GLN A 12 -4.18 -14.64 -7.01
C GLN A 12 -3.94 -13.18 -6.64
N VAL A 13 -3.92 -12.33 -7.65
CA VAL A 13 -3.70 -10.92 -7.44
C VAL A 13 -4.95 -10.30 -6.81
N VAL A 14 -6.10 -10.76 -7.28
CA VAL A 14 -7.36 -10.25 -6.77
C VAL A 14 -7.46 -10.57 -5.27
N SER A 15 -7.12 -11.80 -4.93
CA SER A 15 -7.16 -12.22 -3.54
C SER A 15 -6.33 -11.27 -2.66
N LEU A 16 -5.13 -10.98 -3.15
CA LEU A 16 -4.24 -10.09 -2.42
C LEU A 16 -4.95 -8.76 -2.18
N VAL A 17 -5.60 -8.26 -3.22
CA VAL A 17 -6.32 -7.01 -3.12
C VAL A 17 -7.43 -7.13 -2.07
N ASN A 18 -8.16 -8.23 -2.17
CA ASN A 18 -9.25 -8.48 -1.24
C ASN A 18 -8.68 -8.64 0.19
N GLU A 19 -7.98 -9.75 0.38
CA GLU A 19 -7.38 -10.03 1.68
C GLU A 19 -6.71 -11.40 1.66
N HIS A 20 -5.51 -11.44 2.25
CA HIS A 20 -4.76 -12.68 2.31
C HIS A 20 -5.07 -13.41 3.62
N LEU A 21 -5.01 -12.65 4.71
CA LEU A 21 -5.27 -13.22 6.02
C LEU A 21 -6.78 -13.51 6.14
N HIS A 22 -7.57 -12.46 6.03
CA HIS A 22 -9.01 -12.60 6.12
C HIS A 22 -9.67 -11.25 5.87
N SER A 23 -10.59 -11.24 4.92
CA SER A 23 -11.31 -10.01 4.58
C SER A 23 -11.92 -9.39 5.84
N MET A 24 -12.90 -10.09 6.38
CA MET A 24 -13.58 -9.61 7.59
C MET A 24 -14.33 -8.31 7.31
N THR A 25 -15.21 -7.97 8.25
CA THR A 25 -16.00 -6.76 8.12
C THR A 25 -16.17 -6.08 9.48
N LEU A 26 -16.04 -4.76 9.47
CA LEU A 26 -16.16 -3.99 10.69
C LEU A 26 -17.57 -3.41 10.78
N MET A 27 -17.97 -3.08 12.00
CA MET A 27 -19.28 -2.51 12.24
C MET A 27 -20.34 -3.24 11.41
N SER A 28 -21.51 -2.63 11.34
CA SER A 28 -22.62 -3.21 10.59
C SER A 28 -22.26 -3.27 9.11
N PRO A 29 -22.41 -4.51 8.53
CA PRO A 29 -22.12 -4.72 7.13
C PRO A 29 -23.21 -4.13 6.24
N PRO A 30 -22.79 -3.64 5.05
CA PRO A 30 -23.72 -3.06 4.10
C PRO A 30 -24.54 -4.14 3.39
N GLU A 31 -25.33 -3.71 2.43
CA GLU A 31 -26.16 -4.62 1.67
C GLU A 31 -25.83 -4.55 0.18
N SER A 32 -24.93 -5.42 -0.24
CA SER A 32 -24.51 -5.46 -1.63
C SER A 32 -23.88 -6.82 -1.95
N ILE A 33 -23.61 -7.03 -3.23
CA ILE A 33 -23.00 -8.27 -3.68
C ILE A 33 -21.54 -8.30 -3.24
N HIS A 34 -21.34 -8.35 -1.93
CA HIS A 34 -20.00 -8.38 -1.37
C HIS A 34 -19.38 -6.98 -1.43
N ALA A 35 -18.95 -6.61 -2.62
CA ALA A 35 -18.34 -5.30 -2.81
C ALA A 35 -17.28 -5.08 -1.75
N LEU A 36 -16.04 -5.36 -2.13
CA LEU A 36 -14.91 -5.19 -1.21
C LEU A 36 -14.96 -3.80 -0.61
N GLY A 37 -15.02 -2.81 -1.48
CA GLY A 37 -15.07 -1.42 -1.04
C GLY A 37 -13.80 -0.67 -1.44
N LEU A 38 -13.50 -0.73 -2.72
CA LEU A 38 -12.31 -0.06 -3.25
C LEU A 38 -12.24 1.36 -2.67
N GLU A 39 -12.86 2.28 -3.39
CA GLU A 39 -12.87 3.67 -2.98
C GLU A 39 -11.45 4.14 -2.68
N LYS A 40 -10.50 3.53 -3.36
CA LYS A 40 -9.10 3.88 -3.18
C LYS A 40 -8.49 4.26 -4.53
N LEU A 41 -8.14 3.25 -5.30
CA LEU A 41 -7.56 3.46 -6.60
C LEU A 41 -8.61 4.05 -7.55
N ARG A 42 -9.36 3.16 -8.18
CA ARG A 42 -10.40 3.58 -9.10
C ARG A 42 -9.94 4.78 -9.91
N GLY A 43 -9.18 4.48 -10.96
CA GLY A 43 -8.66 5.54 -11.83
C GLY A 43 -8.33 4.98 -13.21
N PRO A 44 -8.53 5.84 -14.24
CA PRO A 44 -8.26 5.45 -15.62
C PRO A 44 -6.75 5.44 -15.89
N GLU A 45 -6.00 5.96 -14.92
CA GLU A 45 -4.56 6.01 -15.05
C GLU A 45 -3.90 5.61 -13.73
N ILE A 46 -4.31 4.46 -13.23
CA ILE A 46 -3.77 3.95 -11.98
C ILE A 46 -2.85 2.77 -12.27
N THR A 47 -1.62 2.88 -11.78
CA THR A 47 -0.63 1.84 -11.98
C THR A 47 -0.54 0.94 -10.73
N PHE A 48 -0.34 -0.34 -10.99
CA PHE A 48 -0.23 -1.31 -9.91
C PHE A 48 1.05 -2.14 -10.04
N TRP A 49 1.84 -2.10 -8.99
CA TRP A 49 3.10 -2.84 -8.97
C TRP A 49 2.85 -4.15 -8.23
N SER A 50 3.08 -5.25 -8.94
CA SER A 50 2.89 -6.57 -8.37
C SER A 50 4.25 -7.17 -7.97
N ALA A 51 4.32 -7.63 -6.74
CA ALA A 51 5.55 -8.22 -6.24
C ALA A 51 5.43 -9.75 -6.30
N TRP A 52 6.39 -10.35 -7.00
CA TRP A 52 6.40 -11.80 -7.15
C TRP A 52 7.77 -12.30 -6.67
N GLU A 53 7.73 -13.07 -5.60
CA GLU A 53 8.96 -13.62 -5.04
C GLU A 53 8.95 -15.15 -5.16
N GLY A 54 9.26 -15.62 -6.36
CA GLY A 54 9.29 -17.05 -6.62
C GLY A 54 8.42 -17.42 -7.81
N ASP A 55 7.54 -18.39 -7.59
CA ASP A 55 6.64 -18.84 -8.64
C ASP A 55 5.25 -18.27 -8.39
N GLU A 56 5.06 -17.76 -7.18
CA GLU A 56 3.78 -17.19 -6.79
C GLU A 56 3.95 -15.71 -6.44
N LEU A 57 2.83 -15.00 -6.47
CA LEU A 57 2.83 -13.58 -6.15
C LEU A 57 3.17 -13.39 -4.67
N ALA A 58 3.98 -12.38 -4.41
CA ALA A 58 4.39 -12.09 -3.05
C ALA A 58 3.47 -11.02 -2.46
N GLY A 59 3.03 -10.11 -3.34
CA GLY A 59 2.15 -9.04 -2.92
C GLY A 59 1.86 -8.09 -4.09
N CYS A 60 1.53 -6.85 -3.73
CA CYS A 60 1.24 -5.85 -4.74
C CYS A 60 1.39 -4.46 -4.09
N GLY A 61 1.38 -3.45 -4.93
CA GLY A 61 1.51 -2.09 -4.46
C GLY A 61 1.20 -1.08 -5.58
N ALA A 62 0.17 -0.29 -5.35
CA ALA A 62 -0.25 0.70 -6.32
C ALA A 62 -0.05 2.10 -5.73
N LEU A 63 0.15 3.07 -6.62
CA LEU A 63 0.35 4.44 -6.19
C LEU A 63 -0.40 5.38 -7.15
N LYS A 64 -1.26 6.20 -6.56
CA LYS A 64 -2.03 7.14 -7.35
C LYS A 64 -1.30 8.48 -7.42
N GLU A 65 -1.07 8.95 -8.64
CA GLU A 65 -0.39 10.20 -8.84
C GLU A 65 -0.98 11.29 -7.95
N LEU A 66 -0.17 12.31 -7.68
CA LEU A 66 -0.60 13.41 -6.85
C LEU A 66 -0.08 14.72 -7.44
N ASP A 67 1.21 14.97 -7.25
CA ASP A 67 1.83 16.17 -7.75
C ASP A 67 3.06 15.80 -8.57
N THR A 68 3.78 16.82 -9.01
CA THR A 68 4.98 16.62 -9.80
C THR A 68 5.98 15.75 -9.03
N ARG A 69 6.12 16.05 -7.74
CA ARG A 69 7.04 15.31 -6.89
C ARG A 69 6.31 14.79 -5.65
N HIS A 70 5.06 14.36 -5.87
CA HIS A 70 4.26 13.84 -4.78
C HIS A 70 3.52 12.58 -5.24
N GLY A 71 3.60 11.55 -4.40
CA GLY A 71 2.95 10.30 -4.71
C GLY A 71 2.23 9.73 -3.48
N GLU A 72 1.21 8.92 -3.75
CA GLU A 72 0.44 8.32 -2.68
C GLU A 72 0.23 6.82 -2.96
N ILE A 73 0.45 6.03 -1.92
CA ILE A 73 0.31 4.59 -2.04
C ILE A 73 -1.04 4.17 -1.42
N LYS A 74 -1.72 3.27 -2.12
CA LYS A 74 -3.01 2.78 -1.66
C LYS A 74 -3.12 1.29 -1.94
N SER A 75 -2.19 0.54 -1.37
CA SER A 75 -2.17 -0.90 -1.56
C SER A 75 -0.94 -1.50 -0.88
N MET A 76 -1.20 -2.40 0.06
CA MET A 76 -0.13 -3.05 0.80
C MET A 76 -0.69 -4.06 1.80
N ARG A 77 -0.78 -5.30 1.34
CA ARG A 77 -1.29 -6.37 2.19
C ARG A 77 -0.25 -7.48 2.34
N THR A 78 0.45 -7.45 3.47
CA THR A 78 1.47 -8.44 3.74
C THR A 78 0.94 -9.85 3.46
N SER A 79 1.87 -10.80 3.42
CA SER A 79 1.51 -12.19 3.16
C SER A 79 1.55 -12.98 4.46
N ALA A 80 0.46 -13.71 4.69
CA ALA A 80 0.35 -14.53 5.89
C ALA A 80 1.07 -15.85 5.68
N SER A 81 0.79 -16.80 6.56
CA SER A 81 1.40 -18.11 6.47
C SER A 81 2.73 -18.12 7.22
N HIS A 82 3.27 -16.92 7.43
CA HIS A 82 4.54 -16.79 8.13
C HIS A 82 5.67 -17.30 7.25
N LEU A 83 6.11 -16.46 6.33
CA LEU A 83 7.18 -16.82 5.43
C LEU A 83 8.29 -15.78 5.53
N ARG A 84 9.52 -16.25 5.36
CA ARG A 84 10.68 -15.38 5.42
C ARG A 84 11.17 -15.03 4.02
N LYS A 85 10.73 -13.86 3.55
CA LYS A 85 11.10 -13.40 2.22
C LYS A 85 11.17 -11.88 2.21
N GLY A 86 10.03 -11.27 2.52
CA GLY A 86 9.94 -9.83 2.55
C GLY A 86 8.92 -9.32 1.53
N VAL A 87 7.68 -9.73 1.72
CA VAL A 87 6.61 -9.32 0.82
C VAL A 87 6.45 -7.81 0.88
N ALA A 88 6.14 -7.31 2.07
CA ALA A 88 5.96 -5.89 2.28
C ALA A 88 7.27 -5.16 1.93
N LYS A 89 8.36 -5.72 2.41
CA LYS A 89 9.67 -5.15 2.16
C LYS A 89 9.88 -5.01 0.65
N GLN A 90 9.53 -6.06 -0.07
CA GLN A 90 9.67 -6.08 -1.51
C GLN A 90 8.89 -4.92 -2.13
N VAL A 91 7.63 -4.82 -1.74
CA VAL A 91 6.76 -3.77 -2.25
C VAL A 91 7.31 -2.41 -1.81
N LEU A 92 7.54 -2.30 -0.50
CA LEU A 92 8.06 -1.07 0.06
C LEU A 92 9.24 -0.59 -0.76
N GLN A 93 10.19 -1.49 -0.96
CA GLN A 93 11.39 -1.18 -1.73
C GLN A 93 11.01 -0.69 -3.12
N HIS A 94 10.13 -1.47 -3.76
CA HIS A 94 9.68 -1.13 -5.10
C HIS A 94 8.99 0.24 -5.07
N ILE A 95 8.13 0.41 -4.08
CA ILE A 95 7.39 1.66 -3.94
C ILE A 95 8.37 2.82 -3.92
N ILE A 96 9.38 2.70 -3.06
CA ILE A 96 10.39 3.74 -2.94
C ILE A 96 11.15 3.86 -4.26
N GLU A 97 11.52 2.72 -4.80
CA GLU A 97 12.25 2.68 -6.05
C GLU A 97 11.48 3.43 -7.14
N GLU A 98 10.18 3.21 -7.16
CA GLU A 98 9.32 3.86 -8.13
C GLU A 98 9.47 5.38 -8.04
N ALA A 99 9.36 5.88 -6.81
CA ALA A 99 9.49 7.31 -6.58
C ALA A 99 10.91 7.75 -6.89
N GLU A 100 11.86 6.86 -6.61
CA GLU A 100 13.25 7.14 -6.86
C GLU A 100 13.50 7.38 -8.35
N LYS A 101 12.97 6.47 -9.15
CA LYS A 101 13.12 6.56 -10.59
C LYS A 101 12.67 7.94 -11.07
N ARG A 102 11.46 8.30 -10.66
CA ARG A 102 10.89 9.60 -11.02
C ARG A 102 11.70 10.72 -10.38
N GLY A 103 12.06 10.51 -9.12
CA GLY A 103 12.84 11.49 -8.39
C GLY A 103 11.92 12.53 -7.74
N TYR A 104 11.00 12.03 -6.93
CA TYR A 104 10.05 12.91 -6.25
C TYR A 104 10.71 13.60 -5.05
N GLU A 105 9.88 14.23 -4.24
CA GLU A 105 10.38 14.93 -3.06
C GLU A 105 9.84 14.27 -1.79
N ARG A 106 8.61 13.78 -1.89
CA ARG A 106 7.99 13.12 -0.75
C ARG A 106 6.79 12.28 -1.22
N LEU A 107 6.39 11.36 -0.37
CA LEU A 107 5.27 10.48 -0.68
C LEU A 107 4.48 10.19 0.60
N SER A 108 3.17 10.36 0.49
CA SER A 108 2.29 10.12 1.63
C SER A 108 1.58 8.77 1.47
N LEU A 109 1.01 8.31 2.57
CA LEU A 109 0.29 7.05 2.56
C LEU A 109 -0.49 6.90 3.87
N GLU A 110 -1.43 5.97 3.86
CA GLU A 110 -2.25 5.72 5.03
C GLU A 110 -1.82 4.42 5.70
N THR A 111 -1.11 4.58 6.82
CA THR A 111 -0.63 3.44 7.57
C THR A 111 -1.17 3.47 9.00
N GLY A 112 -0.91 4.59 9.67
CA GLY A 112 -1.36 4.77 11.03
C GLY A 112 -0.71 3.75 11.96
N SER A 113 -1.43 3.41 13.02
CA SER A 113 -0.93 2.44 13.99
C SER A 113 -2.06 1.51 14.43
N MET A 114 -2.73 0.94 13.45
CA MET A 114 -3.83 0.03 13.73
C MET A 114 -3.31 -1.34 14.19
N ALA A 115 -4.12 -1.99 15.01
CA ALA A 115 -3.76 -3.29 15.53
C ALA A 115 -3.40 -4.22 14.36
N SER A 116 -4.09 -4.02 13.25
CA SER A 116 -3.86 -4.82 12.07
C SER A 116 -2.58 -4.36 11.36
N PHE A 117 -2.42 -3.05 11.30
CA PHE A 117 -1.26 -2.46 10.66
C PHE A 117 -0.31 -1.85 11.69
N GLU A 118 -0.11 -2.60 12.77
CA GLU A 118 0.77 -2.15 13.84
C GLU A 118 2.22 -2.26 13.41
N PRO A 119 2.60 -3.48 12.94
CA PRO A 119 3.96 -3.73 12.49
C PRO A 119 4.21 -3.10 11.12
N ALA A 120 3.11 -2.86 10.40
CA ALA A 120 3.20 -2.26 9.08
C ALA A 120 3.90 -0.91 9.19
N ARG A 121 3.42 -0.10 10.11
CA ARG A 121 3.99 1.23 10.32
C ARG A 121 5.42 1.11 10.84
N LYS A 122 5.66 0.05 11.60
CA LYS A 122 6.97 -0.19 12.16
C LYS A 122 7.92 -0.65 11.05
N LEU A 123 7.41 -1.52 10.20
CA LEU A 123 8.20 -2.04 9.09
C LEU A 123 8.71 -0.88 8.25
N TYR A 124 7.90 0.17 8.20
CA TYR A 124 8.25 1.35 7.42
C TYR A 124 9.39 2.12 8.10
N GLU A 125 9.20 2.39 9.38
CA GLU A 125 10.21 3.11 10.15
C GLU A 125 11.60 2.49 9.94
N SER A 126 11.62 1.17 9.93
CA SER A 126 12.86 0.45 9.75
C SER A 126 13.46 0.78 8.38
N PHE A 127 12.63 1.39 7.54
CA PHE A 127 13.05 1.76 6.20
C PHE A 127 13.50 3.22 6.15
N GLY A 128 13.10 3.96 7.18
CA GLY A 128 13.45 5.37 7.26
C GLY A 128 12.23 6.22 7.58
N PHE A 129 11.07 5.72 7.17
CA PHE A 129 9.82 6.42 7.40
C PHE A 129 9.78 7.00 8.82
N GLN A 130 9.25 8.22 8.91
CA GLN A 130 9.14 8.90 10.19
C GLN A 130 7.70 9.36 10.42
N TYR A 131 7.43 9.73 11.66
CA TYR A 131 6.10 10.20 12.03
C TYR A 131 5.94 11.68 11.72
N CYS A 132 4.81 11.99 11.10
CA CYS A 132 4.50 13.37 10.73
C CYS A 132 3.05 13.65 11.07
N GLU A 133 2.64 14.88 10.81
CA GLU A 133 1.27 15.29 11.07
C GLU A 133 0.28 14.28 10.46
N PRO A 134 -0.83 14.05 11.20
CA PRO A 134 -1.86 13.13 10.74
C PRO A 134 -2.68 13.74 9.61
N PHE A 135 -2.72 13.02 8.50
CA PHE A 135 -3.47 13.47 7.33
C PHE A 135 -4.24 12.32 6.69
N ALA A 136 -3.57 11.62 5.79
CA ALA A 136 -4.18 10.49 5.10
C ALA A 136 -5.63 10.84 4.75
N ASP A 137 -6.45 9.81 4.68
CA ASP A 137 -7.85 9.99 4.35
C ASP A 137 -8.49 10.94 5.36
N TYR A 138 -8.45 10.54 6.63
CA TYR A 138 -9.02 11.34 7.70
C TYR A 138 -7.91 11.98 8.55
N GLY A 139 -8.18 13.19 8.98
CA GLY A 139 -7.22 13.92 9.81
C GLY A 139 -6.90 13.14 11.09
N GLU A 140 -6.59 13.90 12.13
CA GLU A 140 -6.26 13.30 13.41
C GLU A 140 -7.31 12.26 13.81
N ASP A 141 -7.07 11.62 14.93
CA ASP A 141 -7.99 10.60 15.42
C ASP A 141 -7.55 10.16 16.82
N PRO A 142 -8.41 9.30 17.45
CA PRO A 142 -8.12 8.79 18.78
C PRO A 142 -7.04 7.71 18.72
N ASN A 143 -7.04 6.98 17.62
CA ASN A 143 -6.07 5.91 17.43
C ASN A 143 -5.69 5.83 15.95
N SER A 144 -4.89 6.79 15.52
CA SER A 144 -4.45 6.85 14.14
C SER A 144 -3.29 7.82 13.99
N VAL A 145 -2.36 7.48 13.12
CA VAL A 145 -1.19 8.31 12.88
C VAL A 145 -0.93 8.38 11.37
N PHE A 146 0.14 9.09 11.03
CA PHE A 146 0.51 9.24 9.64
C PHE A 146 2.03 9.11 9.45
N MET A 147 2.40 8.75 8.24
CA MET A 147 3.81 8.57 7.92
C MET A 147 4.14 9.16 6.54
N THR A 148 5.37 9.63 6.43
CA THR A 148 5.83 10.23 5.18
C THR A 148 7.26 9.80 4.87
N LYS A 149 7.54 9.64 3.59
CA LYS A 149 8.87 9.23 3.15
C LYS A 149 9.55 10.40 2.45
N LYS A 150 10.80 10.63 2.83
CA LYS A 150 11.57 11.71 2.24
C LYS A 150 12.63 11.13 1.29
N LEU A 151 12.40 11.35 0.00
CA LEU A 151 13.32 10.86 -1.02
C LEU A 151 14.73 11.37 -0.72
N MET A 1 14.70 -8.63 -5.70
CA MET A 1 14.32 -10.02 -5.92
C MET A 1 13.65 -10.21 -7.27
N HIS A 2 12.39 -9.80 -7.34
CA HIS A 2 11.63 -9.92 -8.58
C HIS A 2 10.37 -9.05 -8.49
N ILE A 3 10.38 -7.96 -9.23
CA ILE A 3 9.25 -7.06 -9.25
C ILE A 3 8.70 -6.95 -10.67
N LYS A 4 7.38 -6.96 -10.77
CA LYS A 4 6.72 -6.87 -12.06
C LYS A 4 5.48 -6.00 -11.93
N ILE A 5 4.84 -5.74 -13.06
CA ILE A 5 3.65 -4.92 -13.10
C ILE A 5 2.46 -5.77 -13.53
N ASP A 6 1.49 -5.88 -12.64
CA ASP A 6 0.30 -6.66 -12.93
C ASP A 6 -0.95 -5.80 -12.69
N ASP A 7 -1.84 -5.82 -13.68
CA ASP A 7 -3.06 -5.05 -13.59
C ASP A 7 -4.27 -5.98 -13.79
N LEU A 8 -4.89 -6.34 -12.69
CA LEU A 8 -6.05 -7.22 -12.74
C LEU A 8 -5.74 -8.39 -13.67
N THR A 9 -5.17 -9.44 -13.08
CA THR A 9 -4.84 -10.63 -13.85
C THR A 9 -4.31 -11.72 -12.91
N GLY A 10 -5.00 -12.85 -12.95
CA GLY A 10 -4.62 -13.99 -12.12
C GLY A 10 -5.36 -13.96 -10.78
N ARG A 11 -6.20 -14.97 -10.58
CA ARG A 11 -6.97 -15.06 -9.36
C ARG A 11 -6.05 -14.94 -8.14
N GLN A 12 -4.81 -15.37 -8.33
CA GLN A 12 -3.83 -15.32 -7.26
C GLN A 12 -3.41 -13.87 -7.00
N VAL A 13 -3.15 -13.16 -8.10
CA VAL A 13 -2.73 -11.77 -7.99
C VAL A 13 -3.93 -10.92 -7.55
N VAL A 14 -5.10 -11.30 -8.02
CA VAL A 14 -6.31 -10.58 -7.69
C VAL A 14 -6.67 -10.86 -6.22
N SER A 15 -6.53 -12.12 -5.84
CA SER A 15 -6.83 -12.53 -4.48
C SER A 15 -6.04 -11.66 -3.49
N LEU A 16 -4.83 -11.31 -3.90
CA LEU A 16 -3.97 -10.49 -3.06
C LEU A 16 -4.62 -9.12 -2.86
N VAL A 17 -5.15 -8.58 -3.95
CA VAL A 17 -5.80 -7.28 -3.90
C VAL A 17 -7.06 -7.37 -3.04
N ASN A 18 -7.82 -8.44 -3.27
CA ASN A 18 -9.05 -8.66 -2.52
C ASN A 18 -8.73 -8.75 -1.04
N GLU A 19 -7.47 -9.08 -0.75
CA GLU A 19 -7.02 -9.20 0.63
C GLU A 19 -8.19 -9.58 1.53
N HIS A 20 -8.41 -10.88 1.65
CA HIS A 20 -9.49 -11.39 2.48
C HIS A 20 -9.16 -11.15 3.96
N LEU A 21 -7.87 -11.25 4.27
CA LEU A 21 -7.42 -11.04 5.64
C LEU A 21 -7.94 -9.70 6.14
N HIS A 22 -7.62 -8.65 5.40
CA HIS A 22 -8.04 -7.31 5.77
C HIS A 22 -9.25 -6.91 4.91
N SER A 23 -10.42 -7.36 5.37
CA SER A 23 -11.66 -7.05 4.66
C SER A 23 -12.78 -6.78 5.66
N MET A 24 -13.94 -6.45 5.13
CA MET A 24 -15.09 -6.17 5.97
C MET A 24 -15.70 -7.46 6.52
N THR A 25 -16.87 -7.31 7.14
CA THR A 25 -17.56 -8.45 7.72
C THR A 25 -16.70 -9.11 8.78
N LEU A 26 -15.81 -9.97 8.33
CA LEU A 26 -14.91 -10.69 9.23
C LEU A 26 -14.05 -9.67 9.98
N MET A 27 -12.96 -10.18 10.54
CA MET A 27 -12.05 -9.34 11.30
C MET A 27 -11.62 -8.11 10.47
N SER A 28 -10.93 -7.20 11.14
CA SER A 28 -10.46 -6.00 10.48
C SER A 28 -11.65 -5.14 10.04
N PRO A 29 -12.01 -4.16 10.90
CA PRO A 29 -13.13 -3.27 10.60
C PRO A 29 -12.74 -2.24 9.54
N PRO A 30 -13.79 -1.68 8.87
CA PRO A 30 -13.57 -0.69 7.84
C PRO A 30 -13.19 0.66 8.43
N GLU A 31 -12.93 1.61 7.55
CA GLU A 31 -12.55 2.94 7.97
C GLU A 31 -13.55 3.98 7.44
N SER A 32 -14.37 4.49 8.36
CA SER A 32 -15.36 5.48 7.99
C SER A 32 -14.77 6.47 6.97
N ILE A 33 -15.67 7.07 6.19
CA ILE A 33 -15.26 8.01 5.18
C ILE A 33 -14.42 7.30 4.13
N HIS A 34 -14.64 7.68 2.87
CA HIS A 34 -13.91 7.08 1.77
C HIS A 34 -14.33 5.63 1.59
N ALA A 35 -13.91 4.80 2.54
CA ALA A 35 -14.23 3.38 2.49
C ALA A 35 -13.82 2.80 1.14
N LEU A 36 -12.55 2.48 1.03
CA LEU A 36 -12.02 1.91 -0.20
C LEU A 36 -12.14 2.96 -1.32
N GLY A 37 -11.09 3.04 -2.12
CA GLY A 37 -11.05 3.98 -3.22
C GLY A 37 -11.93 3.49 -4.38
N LEU A 38 -13.18 3.22 -4.07
CA LEU A 38 -14.12 2.75 -5.08
C LEU A 38 -13.90 3.53 -6.38
N GLU A 39 -14.23 4.81 -6.33
CA GLU A 39 -14.07 5.66 -7.50
C GLU A 39 -12.69 6.32 -7.49
N LYS A 40 -11.67 5.49 -7.30
CA LYS A 40 -10.31 5.97 -7.28
C LYS A 40 -9.39 4.93 -7.93
N LEU A 41 -9.31 3.77 -7.28
CA LEU A 41 -8.48 2.69 -7.78
C LEU A 41 -9.19 2.01 -8.95
N ARG A 42 -10.51 2.06 -8.91
CA ARG A 42 -11.32 1.45 -9.96
C ARG A 42 -11.38 2.36 -11.18
N GLY A 43 -10.20 2.64 -11.73
CA GLY A 43 -10.10 3.49 -12.90
C GLY A 43 -9.01 2.99 -13.85
N PRO A 44 -9.05 3.52 -15.10
CA PRO A 44 -8.08 3.14 -16.12
C PRO A 44 -6.73 3.79 -15.84
N GLU A 45 -6.75 4.83 -15.03
CA GLU A 45 -5.54 5.55 -14.68
C GLU A 45 -4.98 5.03 -13.36
N ILE A 46 -4.88 3.71 -13.26
CA ILE A 46 -4.36 3.08 -12.06
C ILE A 46 -3.34 2.01 -12.45
N THR A 47 -2.19 2.08 -11.81
CA THR A 47 -1.12 1.13 -12.08
C THR A 47 -0.83 0.28 -10.83
N PHE A 48 -0.57 -0.99 -11.06
CA PHE A 48 -0.27 -1.90 -9.98
C PHE A 48 1.08 -2.60 -10.19
N TRP A 49 1.72 -2.92 -9.08
CA TRP A 49 3.01 -3.58 -9.14
C TRP A 49 2.95 -4.82 -8.25
N SER A 50 3.25 -5.96 -8.86
CA SER A 50 3.23 -7.22 -8.14
C SER A 50 4.66 -7.74 -7.96
N ALA A 51 4.92 -8.25 -6.77
CA ALA A 51 6.23 -8.78 -6.44
C ALA A 51 6.14 -10.31 -6.30
N TRP A 52 7.12 -10.99 -6.87
CA TRP A 52 7.15 -12.44 -6.81
C TRP A 52 8.42 -12.85 -6.05
N GLU A 53 8.21 -13.59 -4.97
CA GLU A 53 9.32 -14.05 -4.16
C GLU A 53 9.19 -15.55 -3.87
N GLY A 54 9.52 -16.33 -4.88
CA GLY A 54 9.44 -17.78 -4.75
C GLY A 54 8.70 -18.40 -5.93
N ASP A 55 7.76 -19.28 -5.62
CA ASP A 55 6.96 -19.95 -6.64
C ASP A 55 5.56 -19.34 -6.67
N GLU A 56 5.33 -18.44 -5.73
CA GLU A 56 4.03 -17.78 -5.63
C GLU A 56 4.22 -16.27 -5.45
N LEU A 57 3.20 -15.52 -5.87
CA LEU A 57 3.24 -14.08 -5.75
C LEU A 57 3.54 -13.69 -4.30
N ALA A 58 4.47 -12.76 -4.15
CA ALA A 58 4.86 -12.29 -2.83
C ALA A 58 3.84 -11.27 -2.34
N GLY A 59 3.35 -10.47 -3.27
CA GLY A 59 2.38 -9.45 -2.94
C GLY A 59 2.13 -8.52 -4.14
N CYS A 60 1.79 -7.27 -3.82
CA CYS A 60 1.53 -6.29 -4.84
C CYS A 60 1.11 -4.99 -4.16
N GLY A 61 1.18 -3.90 -4.93
CA GLY A 61 0.81 -2.60 -4.41
C GLY A 61 0.13 -1.75 -5.48
N ALA A 62 -0.14 -0.50 -5.13
CA ALA A 62 -0.78 0.42 -6.05
C ALA A 62 -0.47 1.85 -5.64
N LEU A 63 -0.49 2.73 -6.63
CA LEU A 63 -0.22 4.14 -6.39
C LEU A 63 -0.86 4.98 -7.49
N LYS A 64 -1.52 6.05 -7.07
CA LYS A 64 -2.19 6.93 -8.01
C LYS A 64 -1.44 8.27 -8.05
N GLU A 65 -1.23 8.75 -9.28
CA GLU A 65 -0.54 10.01 -9.48
C GLU A 65 -1.11 11.09 -8.57
N LEU A 66 -0.28 12.06 -8.23
CA LEU A 66 -0.70 13.16 -7.37
C LEU A 66 -0.22 14.48 -7.98
N ASP A 67 1.00 14.84 -7.62
CA ASP A 67 1.59 16.08 -8.12
C ASP A 67 2.85 15.75 -8.92
N THR A 68 3.48 16.80 -9.43
CA THR A 68 4.69 16.64 -10.21
C THR A 68 5.75 15.87 -9.41
N ARG A 69 5.76 16.13 -8.11
CA ARG A 69 6.71 15.47 -7.23
C ARG A 69 6.00 14.98 -5.97
N HIS A 70 4.74 14.61 -6.14
CA HIS A 70 3.95 14.12 -5.02
C HIS A 70 3.23 12.84 -5.44
N GLY A 71 3.29 11.85 -4.56
CA GLY A 71 2.65 10.57 -4.81
C GLY A 71 2.04 10.00 -3.54
N GLU A 72 1.28 8.93 -3.71
CA GLU A 72 0.62 8.27 -2.59
C GLU A 72 0.38 6.80 -2.90
N ILE A 73 0.29 6.00 -1.83
CA ILE A 73 0.06 4.58 -1.98
C ILE A 73 -1.21 4.19 -1.21
N LYS A 74 -2.00 3.33 -1.83
CA LYS A 74 -3.24 2.88 -1.22
C LYS A 74 -3.40 1.38 -1.47
N SER A 75 -2.28 0.68 -1.40
CA SER A 75 -2.28 -0.76 -1.62
C SER A 75 -1.02 -1.39 -1.02
N MET A 76 -1.25 -2.35 -0.14
CA MET A 76 -0.14 -3.03 0.51
C MET A 76 -0.65 -4.14 1.44
N ARG A 77 -0.36 -5.38 1.05
CA ARG A 77 -0.78 -6.52 1.85
C ARG A 77 0.24 -7.65 1.71
N THR A 78 0.18 -8.58 2.66
CA THR A 78 1.09 -9.71 2.67
C THR A 78 0.31 -11.01 2.47
N SER A 79 0.94 -11.94 1.77
CA SER A 79 0.32 -13.23 1.50
C SER A 79 -0.29 -13.79 2.79
N ALA A 80 0.58 -14.02 3.77
CA ALA A 80 0.14 -14.56 5.05
C ALA A 80 0.76 -13.74 6.18
N SER A 81 0.13 -13.82 7.33
CA SER A 81 0.61 -13.09 8.50
C SER A 81 1.95 -13.66 8.96
N HIS A 82 2.17 -14.93 8.61
CA HIS A 82 3.40 -15.60 8.98
C HIS A 82 4.15 -16.02 7.72
N LEU A 83 4.75 -15.03 7.06
CA LEU A 83 5.50 -15.28 5.85
C LEU A 83 6.92 -14.74 6.01
N ARG A 84 7.83 -15.28 5.20
CA ARG A 84 9.21 -14.85 5.25
C ARG A 84 9.45 -13.72 4.25
N LYS A 85 10.46 -12.92 4.55
CA LYS A 85 10.80 -11.80 3.68
C LYS A 85 9.74 -10.70 3.82
N GLY A 86 10.20 -9.47 3.78
CA GLY A 86 9.31 -8.33 3.90
C GLY A 86 8.58 -8.07 2.58
N VAL A 87 7.41 -8.68 2.46
CA VAL A 87 6.60 -8.53 1.26
C VAL A 87 6.44 -7.04 0.96
N ALA A 88 5.84 -6.33 1.90
CA ALA A 88 5.61 -4.91 1.73
C ALA A 88 6.94 -4.23 1.39
N LYS A 89 8.01 -4.78 1.93
CA LYS A 89 9.34 -4.24 1.69
C LYS A 89 9.68 -4.37 0.20
N GLN A 90 9.37 -5.53 -0.35
CA GLN A 90 9.63 -5.79 -1.75
C GLN A 90 8.91 -4.76 -2.63
N VAL A 91 7.65 -4.52 -2.28
CA VAL A 91 6.84 -3.56 -3.02
C VAL A 91 7.31 -2.15 -2.69
N LEU A 92 7.41 -1.88 -1.40
CA LEU A 92 7.84 -0.57 -0.93
C LEU A 92 9.09 -0.15 -1.70
N GLN A 93 10.04 -1.07 -1.79
CA GLN A 93 11.28 -0.81 -2.51
C GLN A 93 10.99 -0.34 -3.93
N HIS A 94 10.12 -1.08 -4.60
CA HIS A 94 9.75 -0.74 -5.97
C HIS A 94 9.05 0.62 -5.99
N ILE A 95 8.16 0.81 -5.04
CA ILE A 95 7.42 2.06 -4.94
C ILE A 95 8.41 3.22 -4.76
N ILE A 96 9.27 3.06 -3.77
CA ILE A 96 10.27 4.07 -3.48
C ILE A 96 11.11 4.32 -4.73
N GLU A 97 11.48 3.24 -5.39
CA GLU A 97 12.28 3.31 -6.59
C GLU A 97 11.53 4.09 -7.68
N GLU A 98 10.25 3.77 -7.82
CA GLU A 98 9.42 4.42 -8.81
C GLU A 98 9.46 5.93 -8.63
N ALA A 99 9.30 6.36 -7.38
CA ALA A 99 9.33 7.78 -7.06
C ALA A 99 10.74 8.31 -7.27
N GLU A 100 11.71 7.44 -7.02
CA GLU A 100 13.11 7.82 -7.17
C GLU A 100 13.44 8.08 -8.64
N LYS A 101 12.63 7.48 -9.50
CA LYS A 101 12.83 7.64 -10.93
C LYS A 101 12.29 9.00 -11.37
N ARG A 102 11.12 9.35 -10.84
CA ARG A 102 10.49 10.62 -11.17
C ARG A 102 11.12 11.75 -10.35
N GLY A 103 11.51 11.40 -9.13
CA GLY A 103 12.12 12.37 -8.24
C GLY A 103 11.06 13.15 -7.46
N TYR A 104 10.23 12.41 -6.75
CA TYR A 104 9.17 13.03 -5.96
C TYR A 104 9.75 13.92 -4.85
N GLU A 105 8.85 14.37 -3.99
CA GLU A 105 9.26 15.22 -2.88
C GLU A 105 9.19 14.45 -1.56
N ARG A 106 8.15 13.64 -1.44
CA ARG A 106 7.96 12.84 -0.24
C ARG A 106 6.95 11.72 -0.51
N LEU A 107 7.00 10.72 0.36
CA LEU A 107 6.10 9.58 0.22
C LEU A 107 5.20 9.51 1.45
N SER A 108 3.90 9.55 1.20
CA SER A 108 2.92 9.49 2.27
C SER A 108 2.25 8.12 2.30
N LEU A 109 1.52 7.86 3.37
CA LEU A 109 0.83 6.59 3.53
C LEU A 109 -0.28 6.75 4.58
N GLU A 110 -1.16 5.76 4.62
CA GLU A 110 -2.26 5.77 5.56
C GLU A 110 -1.98 4.81 6.72
N THR A 111 -1.59 5.40 7.85
CA THR A 111 -1.28 4.60 9.03
C THR A 111 -1.87 5.27 10.27
N GLY A 112 -2.61 4.46 11.04
CA GLY A 112 -3.23 4.96 12.25
C GLY A 112 -3.19 3.90 13.36
N SER A 113 -2.03 3.27 13.50
CA SER A 113 -1.86 2.24 14.49
C SER A 113 -2.94 1.17 14.35
N MET A 114 -3.47 1.07 13.14
CA MET A 114 -4.51 0.10 12.86
C MET A 114 -4.01 -1.33 13.08
N ALA A 115 -4.79 -2.08 13.84
CA ALA A 115 -4.43 -3.46 14.13
C ALA A 115 -4.19 -4.21 12.82
N SER A 116 -4.87 -3.75 11.78
CA SER A 116 -4.74 -4.37 10.47
C SER A 116 -3.39 -3.99 9.84
N PHE A 117 -2.92 -2.81 10.22
CA PHE A 117 -1.65 -2.32 9.70
C PHE A 117 -0.69 -1.99 10.84
N GLU A 118 -0.80 -2.77 11.91
CA GLU A 118 0.06 -2.57 13.07
C GLU A 118 1.53 -2.64 12.66
N PRO A 119 1.88 -3.77 11.99
CA PRO A 119 3.26 -3.97 11.55
C PRO A 119 3.56 -3.10 10.32
N ALA A 120 2.51 -2.70 9.64
CA ALA A 120 2.64 -1.87 8.45
C ALA A 120 3.54 -0.67 8.78
N ARG A 121 3.19 0.01 9.85
CA ARG A 121 3.94 1.18 10.28
C ARG A 121 5.36 0.76 10.69
N LYS A 122 5.46 -0.45 11.20
CA LYS A 122 6.75 -0.98 11.64
C LYS A 122 7.59 -1.34 10.40
N LEU A 123 6.90 -1.79 9.36
CA LEU A 123 7.56 -2.17 8.13
C LEU A 123 8.03 -0.90 7.40
N TYR A 124 7.17 0.10 7.40
CA TYR A 124 7.46 1.36 6.75
C TYR A 124 8.69 2.02 7.38
N GLU A 125 8.62 2.18 8.70
CA GLU A 125 9.71 2.79 9.43
C GLU A 125 10.98 1.97 9.28
N SER A 126 10.79 0.68 9.07
CA SER A 126 11.91 -0.23 8.91
C SER A 126 12.63 0.04 7.58
N PHE A 127 11.98 0.85 6.76
CA PHE A 127 12.53 1.19 5.46
C PHE A 127 13.22 2.56 5.50
N GLY A 128 12.88 3.32 6.54
CA GLY A 128 13.46 4.64 6.71
C GLY A 128 12.40 5.64 7.17
N PHE A 129 11.18 5.40 6.74
CA PHE A 129 10.07 6.26 7.09
C PHE A 129 10.21 6.77 8.53
N GLN A 130 9.97 8.06 8.70
CA GLN A 130 10.06 8.68 10.01
C GLN A 130 8.75 9.37 10.36
N TYR A 131 8.43 9.34 11.65
CA TYR A 131 7.21 9.96 12.14
C TYR A 131 7.20 11.46 11.85
N CYS A 132 6.03 11.95 11.47
CA CYS A 132 5.88 13.37 11.16
C CYS A 132 4.38 13.67 11.04
N GLU A 133 4.09 14.89 10.62
CA GLU A 133 2.71 15.32 10.46
C GLU A 133 1.88 14.21 9.81
N PRO A 134 0.62 14.09 10.30
CA PRO A 134 -0.28 13.07 9.78
C PRO A 134 -0.81 13.46 8.40
N PHE A 135 -0.43 12.66 7.41
CA PHE A 135 -0.85 12.92 6.04
C PHE A 135 -2.10 12.08 5.70
N ALA A 136 -2.24 10.97 6.40
CA ALA A 136 -3.37 10.08 6.18
C ALA A 136 -4.64 10.93 6.01
N ASP A 137 -5.14 11.42 7.13
CA ASP A 137 -6.34 12.24 7.12
C ASP A 137 -6.15 13.43 8.06
N TYR A 138 -4.89 13.84 8.19
CA TYR A 138 -4.56 14.97 9.05
C TYR A 138 -5.15 14.79 10.45
N GLY A 139 -4.78 15.70 11.33
CA GLY A 139 -5.25 15.65 12.71
C GLY A 139 -4.44 14.65 13.53
N GLU A 140 -4.32 14.95 14.81
CA GLU A 140 -3.58 14.10 15.73
C GLU A 140 -4.54 13.18 16.49
N ASP A 141 -3.94 12.23 17.20
CA ASP A 141 -4.72 11.28 17.98
C ASP A 141 -3.79 10.52 18.93
N PRO A 142 -4.34 10.19 20.13
CA PRO A 142 -3.57 9.46 21.13
C PRO A 142 -3.44 7.99 20.75
N ASN A 143 -4.24 7.58 19.76
CA ASN A 143 -4.22 6.21 19.30
C ASN A 143 -4.05 6.19 17.77
N SER A 144 -2.88 6.63 17.33
CA SER A 144 -2.58 6.67 15.92
C SER A 144 -1.12 7.06 15.70
N VAL A 145 -0.54 6.52 14.63
CA VAL A 145 0.84 6.81 14.30
C VAL A 145 0.93 7.28 12.85
N PHE A 146 1.75 8.31 12.65
CA PHE A 146 1.92 8.87 11.32
C PHE A 146 3.41 9.09 11.02
N MET A 147 3.74 8.96 9.74
CA MET A 147 5.12 9.14 9.31
C MET A 147 5.18 9.46 7.82
N THR A 148 6.35 9.94 7.39
CA THR A 148 6.55 10.29 6.00
C THR A 148 7.94 9.85 5.53
N LYS A 149 8.06 9.68 4.23
CA LYS A 149 9.33 9.26 3.65
C LYS A 149 10.05 10.48 3.06
N LYS A 150 11.35 10.52 3.27
CA LYS A 150 12.16 11.62 2.78
C LYS A 150 13.14 11.09 1.72
N LEU A 151 12.89 11.49 0.48
CA LEU A 151 13.73 11.07 -0.63
C LEU A 151 15.20 11.35 -0.28
N MET A 1 13.97 -12.53 -6.42
CA MET A 1 14.43 -11.35 -7.15
C MET A 1 13.70 -11.22 -8.48
N HIS A 2 12.52 -10.63 -8.43
CA HIS A 2 11.71 -10.44 -9.62
C HIS A 2 10.61 -9.43 -9.34
N ILE A 3 10.76 -8.25 -9.93
CA ILE A 3 9.77 -7.19 -9.75
C ILE A 3 9.18 -6.82 -11.11
N LYS A 4 7.86 -6.65 -11.11
CA LYS A 4 7.15 -6.30 -12.33
C LYS A 4 5.81 -5.65 -11.96
N ILE A 5 5.10 -5.21 -12.99
CA ILE A 5 3.81 -4.58 -12.80
C ILE A 5 2.73 -5.66 -12.76
N ASP A 6 1.75 -5.45 -11.89
CA ASP A 6 0.65 -6.38 -11.74
C ASP A 6 -0.51 -5.93 -12.62
N ASP A 7 -0.99 -6.85 -13.44
CA ASP A 7 -2.10 -6.56 -14.33
C ASP A 7 -3.23 -7.57 -14.08
N LEU A 8 -4.44 -7.14 -14.38
CA LEU A 8 -5.61 -8.00 -14.20
C LEU A 8 -5.44 -9.26 -15.06
N THR A 9 -4.69 -10.22 -14.53
CA THR A 9 -4.45 -11.46 -15.23
C THR A 9 -3.99 -12.54 -14.25
N GLY A 10 -4.37 -12.36 -13.00
CA GLY A 10 -3.99 -13.31 -11.96
C GLY A 10 -4.89 -13.17 -10.74
N ARG A 11 -5.90 -14.04 -10.67
CA ARG A 11 -6.83 -14.01 -9.57
C ARG A 11 -6.08 -14.06 -8.24
N GLN A 12 -4.89 -14.64 -8.28
CA GLN A 12 -4.07 -14.75 -7.09
C GLN A 12 -3.55 -13.37 -6.67
N VAL A 13 -3.11 -12.61 -7.67
CA VAL A 13 -2.58 -11.29 -7.41
C VAL A 13 -3.75 -10.35 -7.06
N VAL A 14 -4.84 -10.53 -7.77
CA VAL A 14 -6.03 -9.72 -7.54
C VAL A 14 -6.67 -10.10 -6.20
N SER A 15 -6.79 -11.41 -6.00
CA SER A 15 -7.38 -11.92 -4.78
C SER A 15 -6.70 -11.28 -3.57
N LEU A 16 -5.38 -11.38 -3.55
CA LEU A 16 -4.60 -10.82 -2.46
C LEU A 16 -4.97 -9.35 -2.28
N VAL A 17 -5.04 -8.65 -3.39
CA VAL A 17 -5.38 -7.23 -3.37
C VAL A 17 -6.80 -7.06 -2.84
N ASN A 18 -7.69 -7.93 -3.32
CA ASN A 18 -9.07 -7.90 -2.90
C ASN A 18 -9.15 -8.07 -1.38
N GLU A 19 -8.84 -9.26 -0.94
CA GLU A 19 -8.88 -9.57 0.48
C GLU A 19 -8.41 -11.01 0.73
N HIS A 20 -7.22 -11.12 1.29
CA HIS A 20 -6.65 -12.43 1.59
C HIS A 20 -6.97 -12.82 3.04
N LEU A 21 -6.77 -11.85 3.93
CA LEU A 21 -7.04 -12.07 5.34
C LEU A 21 -8.54 -12.15 5.56
N HIS A 22 -9.22 -11.07 5.21
CA HIS A 22 -10.66 -11.00 5.37
C HIS A 22 -11.02 -11.10 6.86
N SER A 23 -11.29 -9.96 7.45
CA SER A 23 -11.63 -9.91 8.86
C SER A 23 -11.87 -8.46 9.29
N MET A 24 -13.05 -7.96 8.95
CA MET A 24 -13.41 -6.59 9.28
C MET A 24 -14.91 -6.48 9.57
N THR A 25 -15.29 -5.36 10.18
CA THR A 25 -16.68 -5.12 10.52
C THR A 25 -17.11 -3.75 10.01
N LEU A 26 -16.41 -2.74 10.47
CA LEU A 26 -16.70 -1.37 10.08
C LEU A 26 -16.81 -1.30 8.54
N MET A 27 -17.64 -0.36 8.08
CA MET A 27 -17.83 -0.18 6.66
C MET A 27 -17.92 1.30 6.30
N SER A 28 -17.69 1.59 5.03
CA SER A 28 -17.74 2.96 4.55
C SER A 28 -18.98 3.66 5.10
N PRO A 29 -18.93 5.03 5.06
CA PRO A 29 -20.04 5.82 5.55
C PRO A 29 -21.21 5.80 4.56
N PRO A 30 -22.39 6.27 5.06
CA PRO A 30 -23.58 6.32 4.23
C PRO A 30 -23.51 7.45 3.21
N GLU A 31 -23.32 7.08 1.96
CA GLU A 31 -23.23 8.04 0.88
C GLU A 31 -24.05 7.58 -0.32
N SER A 32 -23.67 8.09 -1.49
CA SER A 32 -24.36 7.73 -2.72
C SER A 32 -24.26 6.23 -2.95
N ILE A 33 -25.26 5.51 -2.45
CA ILE A 33 -25.31 4.06 -2.60
C ILE A 33 -23.91 3.49 -2.34
N HIS A 34 -23.49 3.56 -1.09
CA HIS A 34 -22.19 3.04 -0.70
C HIS A 34 -21.10 3.93 -1.30
N ALA A 35 -20.91 3.77 -2.61
CA ALA A 35 -19.90 4.55 -3.31
C ALA A 35 -18.51 4.01 -2.95
N LEU A 36 -17.72 3.77 -3.98
CA LEU A 36 -16.38 3.26 -3.79
C LEU A 36 -15.47 3.82 -4.88
N GLY A 37 -14.73 2.92 -5.52
CA GLY A 37 -13.82 3.30 -6.58
C GLY A 37 -13.60 2.15 -7.56
N LEU A 38 -14.65 1.34 -7.72
CA LEU A 38 -14.58 0.20 -8.62
C LEU A 38 -13.85 0.60 -9.90
N GLU A 39 -14.06 1.85 -10.29
CA GLU A 39 -13.41 2.37 -11.49
C GLU A 39 -12.31 3.36 -11.12
N LYS A 40 -11.45 2.91 -10.21
CA LYS A 40 -10.34 3.74 -9.75
C LYS A 40 -9.08 2.88 -9.66
N LEU A 41 -9.08 1.99 -8.68
CA LEU A 41 -7.95 1.11 -8.46
C LEU A 41 -7.94 0.03 -9.55
N ARG A 42 -9.13 -0.39 -9.94
CA ARG A 42 -9.26 -1.41 -10.97
C ARG A 42 -9.47 -0.75 -12.34
N GLY A 43 -8.46 0.01 -12.75
CA GLY A 43 -8.53 0.70 -14.03
C GLY A 43 -7.12 1.08 -14.50
N PRO A 44 -7.07 1.73 -15.70
CA PRO A 44 -5.81 2.15 -16.28
C PRO A 44 -5.27 3.39 -15.56
N GLU A 45 -6.16 4.32 -15.31
CA GLU A 45 -5.79 5.56 -14.64
C GLU A 45 -4.81 5.26 -13.51
N ILE A 46 -5.00 4.11 -12.88
CA ILE A 46 -4.14 3.70 -11.79
C ILE A 46 -3.33 2.48 -12.21
N THR A 47 -2.23 2.26 -11.51
CA THR A 47 -1.36 1.13 -11.81
C THR A 47 -0.99 0.39 -10.53
N PHE A 48 -0.92 -0.93 -10.64
CA PHE A 48 -0.59 -1.77 -9.50
C PHE A 48 0.74 -2.50 -9.73
N TRP A 49 1.68 -2.24 -8.83
CA TRP A 49 2.99 -2.87 -8.92
C TRP A 49 3.02 -4.05 -7.96
N SER A 50 3.60 -5.13 -8.42
CA SER A 50 3.70 -6.35 -7.62
C SER A 50 5.17 -6.76 -7.47
N ALA A 51 5.39 -7.73 -6.58
CA ALA A 51 6.73 -8.21 -6.34
C ALA A 51 6.71 -9.75 -6.27
N TRP A 52 7.48 -10.35 -7.17
CA TRP A 52 7.55 -11.80 -7.23
C TRP A 52 8.91 -12.23 -6.68
N GLU A 53 8.87 -13.03 -5.63
CA GLU A 53 10.10 -13.50 -5.00
C GLU A 53 10.08 -15.04 -4.93
N GLY A 54 10.34 -15.65 -6.07
CA GLY A 54 10.37 -17.11 -6.14
C GLY A 54 9.51 -17.61 -7.31
N ASP A 55 8.65 -18.58 -7.01
CA ASP A 55 7.78 -19.15 -8.01
C ASP A 55 6.36 -18.65 -7.78
N GLU A 56 6.15 -18.04 -6.62
CA GLU A 56 4.85 -17.52 -6.27
C GLU A 56 4.91 -16.01 -6.06
N LEU A 57 3.75 -15.39 -6.10
CA LEU A 57 3.66 -13.94 -5.92
C LEU A 57 4.10 -13.58 -4.50
N ALA A 58 5.01 -12.62 -4.43
CA ALA A 58 5.52 -12.17 -3.15
C ALA A 58 4.53 -11.20 -2.51
N GLY A 59 3.96 -10.35 -3.37
CA GLY A 59 3.00 -9.36 -2.91
C GLY A 59 2.82 -8.25 -3.94
N CYS A 60 2.18 -7.17 -3.51
CA CYS A 60 1.94 -6.04 -4.38
C CYS A 60 1.23 -4.95 -3.58
N GLY A 61 1.12 -3.79 -4.19
CA GLY A 61 0.47 -2.66 -3.54
C GLY A 61 -0.14 -1.70 -4.57
N ALA A 62 -0.70 -0.61 -4.07
CA ALA A 62 -1.32 0.38 -4.94
C ALA A 62 -0.48 1.67 -4.91
N LEU A 63 -0.59 2.42 -5.98
CA LEU A 63 0.14 3.67 -6.10
C LEU A 63 -0.58 4.58 -7.11
N LYS A 64 -1.07 5.70 -6.59
CA LYS A 64 -1.77 6.66 -7.44
C LYS A 64 -1.08 8.02 -7.33
N GLU A 65 -0.99 8.69 -8.47
CA GLU A 65 -0.36 10.00 -8.52
C GLU A 65 -1.09 10.98 -7.60
N LEU A 66 -0.33 11.94 -7.10
CA LEU A 66 -0.89 12.95 -6.21
C LEU A 66 -0.41 14.34 -6.64
N ASP A 67 0.90 14.51 -6.60
CA ASP A 67 1.51 15.77 -6.98
C ASP A 67 2.62 15.51 -7.99
N THR A 68 3.47 16.52 -8.16
CA THR A 68 4.58 16.42 -9.09
C THR A 68 5.69 15.55 -8.50
N ARG A 69 5.87 15.67 -7.20
CA ARG A 69 6.89 14.90 -6.51
C ARG A 69 6.34 14.35 -5.19
N HIS A 70 5.11 13.87 -5.26
CA HIS A 70 4.46 13.31 -4.08
C HIS A 70 3.61 12.11 -4.48
N GLY A 71 3.68 11.08 -3.66
CA GLY A 71 2.94 9.86 -3.91
C GLY A 71 2.33 9.30 -2.62
N GLU A 72 1.38 8.39 -2.79
CA GLU A 72 0.72 7.77 -1.66
C GLU A 72 0.35 6.33 -1.98
N ILE A 73 0.46 5.48 -0.96
CA ILE A 73 0.14 4.07 -1.13
C ILE A 73 -0.97 3.70 -0.15
N LYS A 74 -1.98 3.02 -0.69
CA LYS A 74 -3.11 2.58 0.13
C LYS A 74 -3.42 1.12 -0.17
N SER A 75 -2.46 0.26 0.17
CA SER A 75 -2.62 -1.16 -0.06
C SER A 75 -1.28 -1.87 0.13
N MET A 76 -1.10 -2.42 1.32
CA MET A 76 0.12 -3.12 1.66
C MET A 76 -0.17 -4.42 2.42
N ARG A 77 -0.38 -5.48 1.66
CA ARG A 77 -0.68 -6.77 2.25
C ARG A 77 0.28 -7.84 1.70
N THR A 78 0.75 -8.68 2.61
CA THR A 78 1.67 -9.74 2.24
C THR A 78 0.90 -10.98 1.78
N SER A 79 0.27 -11.64 2.74
CA SER A 79 -0.49 -12.84 2.44
C SER A 79 -0.83 -13.59 3.73
N ALA A 80 -1.60 -12.92 4.58
CA ALA A 80 -1.99 -13.49 5.85
C ALA A 80 -0.75 -13.76 6.69
N SER A 81 -0.68 -13.07 7.82
CA SER A 81 0.46 -13.22 8.72
C SER A 81 1.68 -12.51 8.15
N HIS A 82 2.03 -12.87 6.93
CA HIS A 82 3.18 -12.28 6.27
C HIS A 82 4.44 -13.06 6.61
N LEU A 83 5.01 -13.68 5.59
CA LEU A 83 6.23 -14.46 5.77
C LEU A 83 7.41 -13.52 6.00
N ARG A 84 8.46 -14.08 6.60
CA ARG A 84 9.65 -13.30 6.89
C ARG A 84 10.66 -13.45 5.76
N LYS A 85 10.75 -12.40 4.95
CA LYS A 85 11.67 -12.40 3.82
C LYS A 85 11.90 -10.96 3.35
N GLY A 86 10.79 -10.32 3.00
CA GLY A 86 10.86 -8.94 2.53
C GLY A 86 9.90 -8.72 1.36
N VAL A 87 8.65 -9.09 1.57
CA VAL A 87 7.63 -8.94 0.56
C VAL A 87 7.23 -7.47 0.44
N ALA A 88 6.72 -6.94 1.55
CA ALA A 88 6.31 -5.55 1.59
C ALA A 88 7.48 -4.66 1.18
N LYS A 89 8.68 -5.09 1.57
CA LYS A 89 9.88 -4.35 1.25
C LYS A 89 10.05 -4.28 -0.27
N GLN A 90 9.87 -5.42 -0.91
CA GLN A 90 10.00 -5.50 -2.36
C GLN A 90 9.04 -4.52 -3.03
N VAL A 91 7.80 -4.58 -2.57
CA VAL A 91 6.77 -3.70 -3.12
C VAL A 91 7.14 -2.24 -2.84
N LEU A 92 7.48 -1.98 -1.59
CA LEU A 92 7.85 -0.65 -1.18
C LEU A 92 9.02 -0.16 -2.04
N GLN A 93 10.05 -0.99 -2.12
CA GLN A 93 11.23 -0.66 -2.90
C GLN A 93 10.84 -0.35 -4.34
N HIS A 94 9.85 -1.08 -4.83
CA HIS A 94 9.37 -0.89 -6.18
C HIS A 94 8.71 0.48 -6.30
N ILE A 95 7.73 0.71 -5.44
CA ILE A 95 7.01 1.97 -5.43
C ILE A 95 8.00 3.12 -5.32
N ILE A 96 8.98 2.95 -4.44
CA ILE A 96 9.99 3.96 -4.23
C ILE A 96 10.76 4.18 -5.53
N GLU A 97 11.32 3.09 -6.05
CA GLU A 97 12.08 3.15 -7.29
C GLU A 97 11.23 3.76 -8.40
N GLU A 98 9.95 3.42 -8.39
CA GLU A 98 9.03 3.93 -9.39
C GLU A 98 8.99 5.46 -9.34
N ALA A 99 8.83 5.98 -8.14
CA ALA A 99 8.77 7.42 -7.95
C ALA A 99 10.15 8.02 -8.26
N GLU A 100 11.19 7.24 -7.97
CA GLU A 100 12.54 7.69 -8.21
C GLU A 100 12.77 7.90 -9.71
N LYS A 101 12.20 7.01 -10.50
CA LYS A 101 12.33 7.08 -11.95
C LYS A 101 11.52 8.27 -12.46
N ARG A 102 10.63 8.76 -11.61
CA ARG A 102 9.78 9.88 -11.97
C ARG A 102 10.46 11.19 -11.56
N GLY A 103 11.02 11.18 -10.36
CA GLY A 103 11.70 12.36 -9.85
C GLY A 103 10.96 12.93 -8.63
N TYR A 104 10.60 12.03 -7.72
CA TYR A 104 9.90 12.43 -6.52
C TYR A 104 10.87 12.68 -5.36
N GLU A 105 10.37 13.34 -4.33
CA GLU A 105 11.18 13.64 -3.17
C GLU A 105 10.35 13.47 -1.88
N ARG A 106 9.20 12.82 -2.04
CA ARG A 106 8.33 12.59 -0.91
C ARG A 106 7.43 11.37 -1.17
N LEU A 107 7.17 10.62 -0.11
CA LEU A 107 6.33 9.44 -0.22
C LEU A 107 5.48 9.31 1.04
N SER A 108 4.17 9.35 0.83
CA SER A 108 3.23 9.24 1.93
C SER A 108 2.67 7.82 2.00
N LEU A 109 1.97 7.54 3.10
CA LEU A 109 1.37 6.23 3.30
C LEU A 109 0.10 6.37 4.12
N GLU A 110 -0.72 5.34 4.09
CA GLU A 110 -1.97 5.34 4.83
C GLU A 110 -1.84 4.47 6.08
N THR A 111 -1.73 5.15 7.21
CA THR A 111 -1.60 4.44 8.48
C THR A 111 -2.32 5.22 9.59
N GLY A 112 -2.98 4.47 10.46
CA GLY A 112 -3.71 5.07 11.56
C GLY A 112 -3.69 4.15 12.79
N SER A 113 -2.56 3.51 12.99
CA SER A 113 -2.40 2.61 14.12
C SER A 113 -3.53 1.58 14.14
N MET A 114 -3.91 1.14 12.95
CA MET A 114 -4.98 0.16 12.83
C MET A 114 -4.43 -1.26 12.86
N ALA A 115 -5.13 -2.12 13.59
CA ALA A 115 -4.72 -3.51 13.72
C ALA A 115 -4.53 -4.10 12.32
N SER A 116 -5.34 -3.62 11.39
CA SER A 116 -5.28 -4.09 10.02
C SER A 116 -3.95 -3.69 9.39
N PHE A 117 -3.46 -2.52 9.79
CA PHE A 117 -2.20 -2.02 9.28
C PHE A 117 -1.21 -1.77 10.41
N GLU A 118 -1.24 -2.65 11.40
CA GLU A 118 -0.36 -2.52 12.54
C GLU A 118 1.09 -2.71 12.11
N PRO A 119 1.34 -3.84 11.38
CA PRO A 119 2.67 -4.16 10.91
C PRO A 119 3.05 -3.26 9.72
N ALA A 120 2.03 -2.75 9.06
CA ALA A 120 2.25 -1.88 7.91
C ALA A 120 3.13 -0.71 8.33
N ARG A 121 2.74 -0.07 9.43
CA ARG A 121 3.49 1.06 9.93
C ARG A 121 4.87 0.63 10.44
N LYS A 122 4.90 -0.59 10.97
CA LYS A 122 6.14 -1.15 11.49
C LYS A 122 7.06 -1.50 10.32
N LEU A 123 6.44 -1.86 9.20
CA LEU A 123 7.18 -2.22 8.01
C LEU A 123 7.70 -0.95 7.34
N TYR A 124 6.87 0.08 7.35
CA TYR A 124 7.24 1.35 6.75
C TYR A 124 8.41 1.99 7.49
N GLU A 125 8.26 2.09 8.80
CA GLU A 125 9.31 2.67 9.63
C GLU A 125 10.61 1.89 9.48
N SER A 126 10.46 0.59 9.27
CA SER A 126 11.62 -0.28 9.11
C SER A 126 12.32 0.03 7.80
N PHE A 127 11.65 0.82 6.96
CA PHE A 127 12.20 1.19 5.68
C PHE A 127 12.84 2.58 5.73
N GLY A 128 12.47 3.32 6.78
CA GLY A 128 13.00 4.66 6.96
C GLY A 128 11.89 5.63 7.39
N PHE A 129 10.71 5.39 6.85
CA PHE A 129 9.56 6.23 7.16
C PHE A 129 9.57 6.65 8.64
N GLN A 130 9.27 7.92 8.86
CA GLN A 130 9.23 8.45 10.21
C GLN A 130 7.90 9.14 10.48
N TYR A 131 7.52 9.14 11.75
CA TYR A 131 6.27 9.77 12.15
C TYR A 131 6.26 11.26 11.81
N CYS A 132 5.08 11.77 11.50
CA CYS A 132 4.92 13.17 11.15
C CYS A 132 3.42 13.50 11.11
N GLU A 133 3.13 14.75 10.81
CA GLU A 133 1.76 15.21 10.73
C GLU A 133 0.94 14.26 9.85
N PRO A 134 -0.37 14.15 10.19
CA PRO A 134 -1.27 13.28 9.45
C PRO A 134 -1.64 13.90 8.10
N PHE A 135 -2.14 13.06 7.21
CA PHE A 135 -2.52 13.51 5.88
C PHE A 135 -3.76 12.75 5.38
N ALA A 136 -3.71 11.44 5.56
CA ALA A 136 -4.80 10.58 5.13
C ALA A 136 -6.14 11.21 5.56
N ASP A 137 -7.19 10.79 4.89
CA ASP A 137 -8.52 11.30 5.20
C ASP A 137 -8.70 11.38 6.71
N TYR A 138 -8.36 10.29 7.37
CA TYR A 138 -8.47 10.23 8.82
C TYR A 138 -7.75 11.40 9.48
N GLY A 139 -8.38 11.95 10.52
CA GLY A 139 -7.81 13.07 11.23
C GLY A 139 -7.30 12.63 12.61
N GLU A 140 -6.74 13.60 13.32
CA GLU A 140 -6.21 13.33 14.66
C GLU A 140 -7.17 12.44 15.44
N ASP A 141 -6.66 11.90 16.54
CA ASP A 141 -7.46 11.03 17.39
C ASP A 141 -6.57 10.39 18.45
N PRO A 142 -7.23 9.78 19.46
CA PRO A 142 -6.50 9.13 20.54
C PRO A 142 -5.91 7.79 20.07
N ASN A 143 -6.18 7.47 18.81
CA ASN A 143 -5.69 6.24 18.23
C ASN A 143 -5.46 6.43 16.74
N SER A 144 -4.37 7.12 16.42
CA SER A 144 -4.03 7.38 15.03
C SER A 144 -2.57 7.84 14.93
N VAL A 145 -1.87 7.24 13.98
CA VAL A 145 -0.46 7.58 13.77
C VAL A 145 -0.20 7.72 12.27
N PHE A 146 0.75 8.59 11.95
CA PHE A 146 1.10 8.83 10.56
C PHE A 146 2.60 9.11 10.43
N MET A 147 3.16 8.62 9.33
CA MET A 147 4.57 8.81 9.06
C MET A 147 4.82 9.07 7.57
N THR A 148 5.92 9.75 7.31
CA THR A 148 6.29 10.07 5.93
C THR A 148 7.73 9.63 5.64
N LYS A 149 8.00 9.40 4.37
CA LYS A 149 9.32 8.98 3.95
C LYS A 149 9.98 10.11 3.15
N LYS A 150 11.29 10.23 3.33
CA LYS A 150 12.05 11.25 2.64
C LYS A 150 12.97 10.58 1.60
N LEU A 151 12.60 10.76 0.34
CA LEU A 151 13.37 10.18 -0.75
C LEU A 151 14.50 11.15 -1.13
N MET A 1 15.05 -9.94 -6.26
CA MET A 1 14.33 -11.19 -6.50
C MET A 1 13.67 -11.18 -7.87
N HIS A 2 12.45 -10.67 -7.90
CA HIS A 2 11.70 -10.59 -9.15
C HIS A 2 10.52 -9.64 -8.98
N ILE A 3 10.64 -8.49 -9.63
CA ILE A 3 9.60 -7.48 -9.56
C ILE A 3 9.05 -7.22 -10.97
N LYS A 4 7.73 -7.12 -11.05
CA LYS A 4 7.08 -6.87 -12.32
C LYS A 4 5.84 -6.00 -12.10
N ILE A 5 5.16 -5.70 -13.20
CA ILE A 5 3.97 -4.88 -13.14
C ILE A 5 2.75 -5.73 -13.46
N ASP A 6 1.69 -5.52 -12.70
CA ASP A 6 0.45 -6.26 -12.90
C ASP A 6 -0.71 -5.28 -13.10
N ASP A 7 -1.40 -5.45 -14.21
CA ASP A 7 -2.53 -4.59 -14.52
C ASP A 7 -3.79 -5.45 -14.71
N LEU A 8 -4.63 -5.41 -13.70
CA LEU A 8 -5.87 -6.18 -13.74
C LEU A 8 -5.61 -7.53 -14.42
N THR A 9 -4.71 -8.29 -13.83
CA THR A 9 -4.36 -9.59 -14.37
C THR A 9 -3.84 -10.51 -13.25
N GLY A 10 -4.65 -11.50 -12.91
CA GLY A 10 -4.28 -12.44 -11.87
C GLY A 10 -5.30 -12.41 -10.72
N ARG A 11 -5.94 -13.55 -10.51
CA ARG A 11 -6.93 -13.67 -9.45
C ARG A 11 -6.26 -13.48 -8.09
N GLN A 12 -5.22 -14.26 -7.85
CA GLN A 12 -4.49 -14.19 -6.60
C GLN A 12 -3.91 -12.78 -6.40
N VAL A 13 -3.53 -12.17 -7.51
CA VAL A 13 -2.97 -10.83 -7.47
C VAL A 13 -4.07 -9.82 -7.16
N VAL A 14 -5.17 -9.94 -7.89
CA VAL A 14 -6.30 -9.05 -7.70
C VAL A 14 -6.83 -9.21 -6.27
N SER A 15 -7.05 -10.47 -5.90
CA SER A 15 -7.55 -10.77 -4.57
C SER A 15 -6.68 -10.10 -3.51
N LEU A 16 -5.38 -10.15 -3.74
CA LEU A 16 -4.43 -9.55 -2.82
C LEU A 16 -4.73 -8.06 -2.68
N VAL A 17 -5.09 -7.45 -3.80
CA VAL A 17 -5.40 -6.04 -3.82
C VAL A 17 -6.78 -5.81 -3.20
N ASN A 18 -7.63 -6.81 -3.36
CA ASN A 18 -8.98 -6.74 -2.82
C ASN A 18 -8.94 -6.99 -1.32
N GLU A 19 -8.64 -8.23 -0.96
CA GLU A 19 -8.56 -8.63 0.43
C GLU A 19 -8.45 -10.14 0.56
N HIS A 20 -7.20 -10.61 0.53
CA HIS A 20 -6.94 -12.04 0.64
C HIS A 20 -6.65 -12.40 2.10
N LEU A 21 -5.66 -11.72 2.66
CA LEU A 21 -5.29 -11.97 4.05
C LEU A 21 -6.30 -11.29 4.97
N HIS A 22 -6.40 -9.97 4.83
CA HIS A 22 -7.33 -9.20 5.64
C HIS A 22 -7.27 -9.69 7.09
N SER A 23 -6.13 -9.46 7.72
CA SER A 23 -5.94 -9.87 9.10
C SER A 23 -7.18 -9.52 9.93
N MET A 24 -7.78 -10.54 10.49
CA MET A 24 -8.97 -10.36 11.30
C MET A 24 -10.14 -9.86 10.46
N THR A 25 -11.34 -10.22 10.90
CA THR A 25 -12.55 -9.82 10.19
C THR A 25 -12.56 -10.41 8.78
N LEU A 26 -13.62 -11.15 8.49
CA LEU A 26 -13.76 -11.77 7.18
C LEU A 26 -14.83 -11.03 6.39
N MET A 27 -14.70 -11.10 5.07
CA MET A 27 -15.64 -10.43 4.18
C MET A 27 -15.45 -8.91 4.21
N SER A 28 -15.32 -8.35 3.03
CA SER A 28 -15.12 -6.91 2.90
C SER A 28 -16.46 -6.23 2.58
N PRO A 29 -16.84 -5.25 3.45
CA PRO A 29 -18.08 -4.53 3.26
C PRO A 29 -17.96 -3.51 2.12
N PRO A 30 -19.11 -2.89 1.79
CA PRO A 30 -19.15 -1.90 0.72
C PRO A 30 -18.53 -0.58 1.18
N GLU A 31 -17.33 -0.31 0.66
CA GLU A 31 -16.63 0.91 1.01
C GLU A 31 -17.33 2.12 0.39
N SER A 32 -18.28 2.66 1.14
CA SER A 32 -19.03 3.82 0.67
C SER A 32 -19.21 4.82 1.82
N ILE A 33 -18.11 5.11 2.49
CA ILE A 33 -18.14 6.04 3.60
C ILE A 33 -18.15 7.47 3.07
N HIS A 34 -19.23 8.17 3.36
CA HIS A 34 -19.37 9.55 2.91
C HIS A 34 -18.89 9.67 1.46
N ALA A 35 -19.26 8.68 0.67
CA ALA A 35 -18.86 8.67 -0.73
C ALA A 35 -17.36 8.46 -0.83
N LEU A 36 -16.97 7.54 -1.71
CA LEU A 36 -15.57 7.24 -1.91
C LEU A 36 -15.21 7.47 -3.38
N GLY A 37 -14.39 6.58 -3.91
CA GLY A 37 -13.96 6.68 -5.29
C GLY A 37 -13.77 5.29 -5.91
N LEU A 38 -14.80 4.46 -5.74
CA LEU A 38 -14.75 3.12 -6.28
C LEU A 38 -14.23 3.15 -7.71
N GLU A 39 -14.57 4.22 -8.41
CA GLU A 39 -14.14 4.39 -9.79
C GLU A 39 -12.78 5.11 -9.83
N LYS A 40 -11.89 4.67 -8.96
CA LYS A 40 -10.57 5.26 -8.88
C LYS A 40 -9.51 4.17 -9.08
N LEU A 41 -9.43 3.28 -8.10
CA LEU A 41 -8.48 2.18 -8.16
C LEU A 41 -9.07 1.04 -8.99
N ARG A 42 -9.44 1.38 -10.21
CA ARG A 42 -10.02 0.39 -11.11
C ARG A 42 -10.02 0.92 -12.55
N GLY A 43 -8.92 1.54 -12.91
CA GLY A 43 -8.78 2.11 -14.24
C GLY A 43 -7.32 2.04 -14.71
N PRO A 44 -7.08 2.63 -15.92
CA PRO A 44 -5.75 2.64 -16.48
C PRO A 44 -4.87 3.67 -15.79
N GLU A 45 -5.43 4.87 -15.61
CA GLU A 45 -4.70 5.95 -14.96
C GLU A 45 -3.96 5.42 -13.73
N ILE A 46 -4.54 4.40 -13.13
CA ILE A 46 -3.94 3.79 -11.95
C ILE A 46 -3.10 2.59 -12.37
N THR A 47 -1.87 2.57 -11.89
CA THR A 47 -0.96 1.48 -12.20
C THR A 47 -0.71 0.61 -10.97
N PHE A 48 -0.71 -0.69 -11.20
CA PHE A 48 -0.49 -1.64 -10.11
C PHE A 48 0.79 -2.45 -10.35
N TRP A 49 1.64 -2.47 -9.33
CA TRP A 49 2.89 -3.20 -9.41
C TRP A 49 2.75 -4.47 -8.58
N SER A 50 3.32 -5.55 -9.10
CA SER A 50 3.26 -6.83 -8.42
C SER A 50 4.66 -7.43 -8.31
N ALA A 51 4.90 -8.09 -7.19
CA ALA A 51 6.20 -8.72 -6.95
C ALA A 51 6.01 -10.24 -6.84
N TRP A 52 6.87 -10.95 -7.54
CA TRP A 52 6.82 -12.42 -7.51
C TRP A 52 8.13 -12.92 -6.91
N GLU A 53 7.99 -13.75 -5.89
CA GLU A 53 9.14 -14.32 -5.22
C GLU A 53 8.93 -15.81 -4.97
N GLY A 54 9.09 -16.59 -6.03
CA GLY A 54 8.91 -18.03 -5.93
C GLY A 54 7.64 -18.48 -6.65
N ASP A 55 6.88 -19.34 -5.97
CA ASP A 55 5.65 -19.84 -6.53
C ASP A 55 4.46 -19.16 -5.84
N GLU A 56 4.77 -18.09 -5.12
CA GLU A 56 3.74 -17.34 -4.41
C GLU A 56 3.92 -15.84 -4.65
N LEU A 57 2.79 -15.15 -4.66
CA LEU A 57 2.81 -13.71 -4.87
C LEU A 57 3.70 -13.05 -3.82
N ALA A 58 4.75 -12.38 -4.31
CA ALA A 58 5.68 -11.71 -3.42
C ALA A 58 4.98 -10.52 -2.76
N GLY A 59 3.90 -10.08 -3.39
CA GLY A 59 3.13 -8.96 -2.88
C GLY A 59 2.62 -8.08 -4.02
N CYS A 60 1.86 -7.07 -3.64
CA CYS A 60 1.30 -6.14 -4.61
C CYS A 60 1.38 -4.73 -4.04
N GLY A 61 1.46 -3.76 -4.94
CA GLY A 61 1.55 -2.36 -4.54
C GLY A 61 1.10 -1.45 -5.67
N ALA A 62 0.51 -0.33 -5.28
CA ALA A 62 0.03 0.65 -6.25
C ALA A 62 -0.02 2.03 -5.60
N LEU A 63 0.06 3.05 -6.44
CA LEU A 63 0.02 4.42 -5.95
C LEU A 63 -0.77 5.29 -6.94
N LYS A 64 -1.57 6.17 -6.37
CA LYS A 64 -2.40 7.06 -7.19
C LYS A 64 -1.68 8.40 -7.35
N GLU A 65 -1.69 8.90 -8.58
CA GLU A 65 -1.05 10.18 -8.87
C GLU A 65 -1.64 11.28 -7.99
N LEU A 66 -0.80 11.78 -7.10
CA LEU A 66 -1.22 12.85 -6.20
C LEU A 66 -0.87 14.20 -6.81
N ASP A 67 0.41 14.54 -6.70
CA ASP A 67 0.89 15.80 -7.23
C ASP A 67 2.00 15.53 -8.25
N THR A 68 2.63 16.61 -8.70
CA THR A 68 3.70 16.51 -9.68
C THR A 68 4.91 15.80 -9.07
N ARG A 69 5.09 16.02 -7.77
CA ARG A 69 6.19 15.42 -7.06
C ARG A 69 5.71 14.76 -5.77
N HIS A 70 4.41 14.47 -5.74
CA HIS A 70 3.81 13.85 -4.58
C HIS A 70 3.05 12.59 -5.01
N GLY A 71 3.10 11.58 -4.15
CA GLY A 71 2.43 10.33 -4.42
C GLY A 71 1.93 9.68 -3.13
N GLU A 72 1.29 8.53 -3.30
CA GLU A 72 0.76 7.80 -2.16
C GLU A 72 0.48 6.34 -2.54
N ILE A 73 0.60 5.47 -1.56
CA ILE A 73 0.36 4.05 -1.78
C ILE A 73 -1.11 3.73 -1.47
N LYS A 74 -1.80 3.23 -2.49
CA LYS A 74 -3.19 2.88 -2.34
C LYS A 74 -3.37 1.39 -2.65
N SER A 75 -2.47 0.60 -2.11
CA SER A 75 -2.52 -0.85 -2.31
C SER A 75 -1.41 -1.52 -1.51
N MET A 76 -1.82 -2.34 -0.55
CA MET A 76 -0.87 -3.06 0.29
C MET A 76 -1.59 -3.79 1.42
N ARG A 77 -1.57 -5.12 1.33
CA ARG A 77 -2.22 -5.94 2.33
C ARG A 77 -1.32 -7.14 2.69
N THR A 78 -0.88 -7.15 3.93
CA THR A 78 -0.01 -8.22 4.41
C THR A 78 -0.12 -8.35 5.93
N SER A 79 -0.01 -9.59 6.38
CA SER A 79 -0.09 -9.88 7.81
C SER A 79 0.12 -11.37 8.07
N ALA A 80 1.06 -11.93 7.33
CA ALA A 80 1.38 -13.34 7.46
C ALA A 80 2.70 -13.50 8.21
N SER A 81 2.80 -14.61 8.92
CA SER A 81 4.01 -14.89 9.69
C SER A 81 4.81 -16.01 9.02
N HIS A 82 4.74 -16.03 7.70
CA HIS A 82 5.46 -17.03 6.93
C HIS A 82 6.69 -16.40 6.28
N LEU A 83 6.75 -15.08 6.35
CA LEU A 83 7.87 -14.35 5.78
C LEU A 83 8.21 -13.16 6.68
N ARG A 84 9.49 -12.81 6.68
CA ARG A 84 9.94 -11.69 7.49
C ARG A 84 10.71 -10.68 6.63
N LYS A 85 10.13 -9.50 6.51
CA LYS A 85 10.74 -8.44 5.72
C LYS A 85 11.14 -9.00 4.34
N GLY A 86 10.18 -8.97 3.43
CA GLY A 86 10.41 -9.48 2.09
C GLY A 86 9.27 -9.08 1.14
N VAL A 87 8.08 -9.57 1.47
CA VAL A 87 6.91 -9.28 0.66
C VAL A 87 6.64 -7.77 0.69
N ALA A 88 6.40 -7.26 1.88
CA ALA A 88 6.13 -5.84 2.05
C ALA A 88 7.39 -5.05 1.71
N LYS A 89 8.54 -5.66 1.95
CA LYS A 89 9.81 -5.02 1.67
C LYS A 89 9.97 -4.87 0.16
N GLN A 90 9.67 -5.95 -0.56
CA GLN A 90 9.78 -5.94 -2.00
C GLN A 90 8.85 -4.89 -2.60
N VAL A 91 7.58 -4.99 -2.24
CA VAL A 91 6.58 -4.06 -2.74
C VAL A 91 7.01 -2.63 -2.37
N LEU A 92 7.37 -2.46 -1.10
CA LEU A 92 7.80 -1.16 -0.62
C LEU A 92 8.98 -0.66 -1.47
N GLN A 93 9.91 -1.57 -1.69
CA GLN A 93 11.09 -1.23 -2.48
C GLN A 93 10.68 -0.82 -3.90
N HIS A 94 9.65 -1.48 -4.40
CA HIS A 94 9.16 -1.19 -5.73
C HIS A 94 8.57 0.23 -5.77
N ILE A 95 7.70 0.50 -4.80
CA ILE A 95 7.07 1.80 -4.71
C ILE A 95 8.15 2.89 -4.70
N ILE A 96 9.15 2.67 -3.86
CA ILE A 96 10.24 3.62 -3.74
C ILE A 96 10.96 3.73 -5.10
N GLU A 97 11.08 2.60 -5.76
CA GLU A 97 11.73 2.56 -7.05
C GLU A 97 10.96 3.40 -8.08
N GLU A 98 9.67 3.12 -8.18
CA GLU A 98 8.81 3.84 -9.10
C GLU A 98 8.90 5.35 -8.83
N ALA A 99 8.80 5.70 -7.55
CA ALA A 99 8.86 7.08 -7.16
C ALA A 99 10.29 7.61 -7.35
N GLU A 100 11.25 6.70 -7.21
CA GLU A 100 12.64 7.05 -7.36
C GLU A 100 12.96 7.31 -8.84
N LYS A 101 12.38 6.49 -9.69
CA LYS A 101 12.59 6.63 -11.12
C LYS A 101 11.81 7.83 -11.64
N ARG A 102 10.71 8.12 -10.96
CA ARG A 102 9.87 9.24 -11.34
C ARG A 102 10.50 10.56 -10.88
N GLY A 103 11.02 10.53 -9.66
CA GLY A 103 11.65 11.72 -9.11
C GLY A 103 10.67 12.51 -8.23
N TYR A 104 10.06 11.80 -7.30
CA TYR A 104 9.10 12.42 -6.40
C TYR A 104 9.81 13.28 -5.35
N GLU A 105 9.03 13.77 -4.40
CA GLU A 105 9.56 14.60 -3.34
C GLU A 105 9.49 13.87 -2.00
N ARG A 106 8.42 13.08 -1.85
CA ARG A 106 8.23 12.32 -0.63
C ARG A 106 7.20 11.20 -0.86
N LEU A 107 7.25 10.21 0.00
CA LEU A 107 6.34 9.08 -0.09
C LEU A 107 5.46 9.04 1.16
N SER A 108 4.15 9.14 0.91
CA SER A 108 3.18 9.12 2.00
C SER A 108 2.54 7.73 2.10
N LEU A 109 1.83 7.53 3.19
CA LEU A 109 1.15 6.25 3.42
C LEU A 109 -0.01 6.46 4.39
N GLU A 110 -0.83 5.42 4.51
CA GLU A 110 -1.98 5.48 5.39
C GLU A 110 -1.73 4.67 6.66
N THR A 111 -1.58 5.39 7.76
CA THR A 111 -1.33 4.74 9.04
C THR A 111 -2.02 5.50 10.17
N GLY A 112 -2.87 4.79 10.90
CA GLY A 112 -3.61 5.39 11.99
C GLY A 112 -3.73 4.40 13.17
N SER A 113 -2.58 3.88 13.58
CA SER A 113 -2.55 2.94 14.69
C SER A 113 -3.70 1.94 14.55
N MET A 114 -3.78 1.31 13.39
CA MET A 114 -4.82 0.33 13.11
C MET A 114 -4.26 -1.09 13.17
N ALA A 115 -4.99 -1.96 13.84
CA ALA A 115 -4.58 -3.34 13.96
C ALA A 115 -4.33 -3.92 12.57
N SER A 116 -5.26 -3.66 11.67
CA SER A 116 -5.14 -4.15 10.30
C SER A 116 -3.84 -3.66 9.68
N PHE A 117 -3.38 -2.51 10.17
CA PHE A 117 -2.15 -1.92 9.67
C PHE A 117 -1.17 -1.65 10.81
N GLU A 118 -1.14 -2.59 11.75
CA GLU A 118 -0.25 -2.47 12.90
C GLU A 118 1.19 -2.75 12.49
N PRO A 119 1.38 -3.90 11.79
CA PRO A 119 2.69 -4.30 11.34
C PRO A 119 3.14 -3.47 10.14
N ALA A 120 2.15 -2.99 9.39
CA ALA A 120 2.43 -2.18 8.22
C ALA A 120 3.21 -0.93 8.63
N ARG A 121 2.80 -0.37 9.77
CA ARG A 121 3.45 0.82 10.29
C ARG A 121 4.84 0.48 10.82
N LYS A 122 4.95 -0.71 11.39
CA LYS A 122 6.22 -1.17 11.93
C LYS A 122 7.15 -1.56 10.79
N LEU A 123 6.53 -1.99 9.69
CA LEU A 123 7.30 -2.41 8.53
C LEU A 123 7.84 -1.16 7.81
N TYR A 124 7.01 -0.13 7.77
CA TYR A 124 7.39 1.11 7.12
C TYR A 124 8.58 1.76 7.84
N GLU A 125 8.44 1.91 9.15
CA GLU A 125 9.49 2.51 9.95
C GLU A 125 10.75 1.65 9.91
N SER A 126 10.54 0.36 9.70
CA SER A 126 11.64 -0.58 9.63
C SER A 126 12.55 -0.24 8.44
N PHE A 127 12.03 0.61 7.57
CA PHE A 127 12.77 1.02 6.39
C PHE A 127 13.42 2.39 6.60
N GLY A 128 12.92 3.10 7.61
CA GLY A 128 13.44 4.41 7.93
C GLY A 128 12.30 5.42 8.13
N PHE A 129 11.18 5.13 7.49
CA PHE A 129 10.01 5.99 7.59
C PHE A 129 9.91 6.62 8.99
N GLN A 130 9.72 7.92 9.01
CA GLN A 130 9.60 8.64 10.26
C GLN A 130 8.13 8.96 10.56
N TYR A 131 7.80 8.97 11.84
CA TYR A 131 6.45 9.26 12.27
C TYR A 131 6.17 10.76 12.25
N CYS A 132 5.83 11.25 11.07
CA CYS A 132 5.53 12.66 10.90
C CYS A 132 4.56 12.82 9.73
N GLU A 133 3.85 13.94 9.73
CA GLU A 133 2.89 14.22 8.67
C GLU A 133 1.87 13.08 8.58
N PRO A 134 0.59 13.42 8.91
CA PRO A 134 -0.47 12.45 8.85
C PRO A 134 -0.89 12.16 7.41
N PHE A 135 -1.83 11.25 7.27
CA PHE A 135 -2.32 10.88 5.96
C PHE A 135 -3.51 9.91 6.06
N ALA A 136 -3.40 8.98 6.99
CA ALA A 136 -4.45 8.00 7.21
C ALA A 136 -5.81 8.69 7.09
N ASP A 137 -6.81 7.89 6.74
CA ASP A 137 -8.16 8.40 6.58
C ASP A 137 -8.45 9.40 7.71
N TYR A 138 -8.07 9.01 8.92
CA TYR A 138 -8.28 9.86 10.08
C TYR A 138 -7.53 11.19 9.93
N GLY A 139 -7.75 12.07 10.90
CA GLY A 139 -7.12 13.37 10.88
C GLY A 139 -6.31 13.60 12.17
N GLU A 140 -5.89 14.84 12.35
CA GLU A 140 -5.11 15.20 13.52
C GLU A 140 -5.89 14.89 14.80
N ASP A 141 -5.14 14.66 15.87
CA ASP A 141 -5.76 14.34 17.15
C ASP A 141 -4.71 13.72 18.07
N PRO A 142 -5.02 13.73 19.39
CA PRO A 142 -4.11 13.18 20.38
C PRO A 142 -4.16 11.64 20.36
N ASN A 143 -4.99 11.11 19.47
CA ASN A 143 -5.13 9.68 19.34
C ASN A 143 -4.97 9.28 17.87
N SER A 144 -3.80 9.63 17.32
CA SER A 144 -3.51 9.32 15.94
C SER A 144 -1.99 9.15 15.75
N VAL A 145 -1.62 8.85 14.51
CA VAL A 145 -0.22 8.66 14.19
C VAL A 145 0.08 9.28 12.82
N PHE A 146 1.32 9.16 12.41
CA PHE A 146 1.75 9.70 11.12
C PHE A 146 2.97 8.96 10.59
N MET A 147 3.22 9.14 9.31
CA MET A 147 4.36 8.49 8.67
C MET A 147 4.74 9.21 7.38
N THR A 148 6.03 9.54 7.27
CA THR A 148 6.53 10.22 6.09
C THR A 148 7.88 9.64 5.68
N LYS A 149 8.14 9.69 4.37
CA LYS A 149 9.38 9.17 3.83
C LYS A 149 10.12 10.30 3.11
N LYS A 150 11.44 10.24 3.18
CA LYS A 150 12.27 11.25 2.53
C LYS A 150 13.08 10.59 1.41
N LEU A 151 12.89 11.11 0.20
CA LEU A 151 13.59 10.59 -0.95
C LEU A 151 15.10 10.66 -0.70
N MET A 1 15.15 -9.70 -6.06
CA MET A 1 14.36 -10.91 -6.23
C MET A 1 13.69 -10.94 -7.61
N HIS A 2 12.46 -10.44 -7.64
CA HIS A 2 11.70 -10.40 -8.88
C HIS A 2 10.51 -9.46 -8.72
N ILE A 3 10.61 -8.31 -9.37
CA ILE A 3 9.55 -7.31 -9.30
C ILE A 3 9.03 -7.05 -10.72
N LYS A 4 7.71 -6.96 -10.82
CA LYS A 4 7.07 -6.71 -12.09
C LYS A 4 5.85 -5.80 -11.89
N ILE A 5 5.22 -5.45 -13.00
CA ILE A 5 4.04 -4.59 -12.95
C ILE A 5 2.81 -5.41 -13.34
N ASP A 6 1.77 -5.28 -12.53
CA ASP A 6 0.53 -5.99 -12.78
C ASP A 6 -0.44 -5.06 -13.52
N ASP A 7 -0.81 -5.48 -14.72
CA ASP A 7 -1.73 -4.70 -15.53
C ASP A 7 -2.92 -5.58 -15.94
N LEU A 8 -4.01 -5.39 -15.22
CA LEU A 8 -5.22 -6.16 -15.50
C LEU A 8 -4.83 -7.61 -15.82
N THR A 9 -4.18 -8.23 -14.86
CA THR A 9 -3.75 -9.61 -15.03
C THR A 9 -3.06 -10.12 -13.77
N GLY A 10 -2.99 -11.44 -13.65
CA GLY A 10 -2.36 -12.05 -12.49
C GLY A 10 -3.38 -12.86 -11.68
N ARG A 11 -3.28 -14.17 -11.80
CA ARG A 11 -4.19 -15.06 -11.08
C ARG A 11 -3.90 -15.00 -9.57
N GLN A 12 -2.65 -15.30 -9.23
CA GLN A 12 -2.23 -15.29 -7.84
C GLN A 12 -2.43 -13.90 -7.24
N VAL A 13 -2.29 -12.89 -8.10
CA VAL A 13 -2.44 -11.51 -7.67
C VAL A 13 -3.93 -11.21 -7.44
N VAL A 14 -4.72 -11.50 -8.48
CA VAL A 14 -6.14 -11.25 -8.41
C VAL A 14 -6.74 -12.07 -7.25
N SER A 15 -6.33 -13.32 -7.18
CA SER A 15 -6.80 -14.21 -6.13
C SER A 15 -6.55 -13.58 -4.76
N LEU A 16 -5.47 -12.82 -4.67
CA LEU A 16 -5.11 -12.16 -3.43
C LEU A 16 -6.05 -10.98 -3.20
N VAL A 17 -6.28 -10.23 -4.27
CA VAL A 17 -7.15 -9.07 -4.19
C VAL A 17 -8.59 -9.54 -3.94
N ASN A 18 -8.85 -10.79 -4.31
CA ASN A 18 -10.17 -11.37 -4.13
C ASN A 18 -10.23 -12.09 -2.79
N GLU A 19 -9.04 -12.41 -2.28
CA GLU A 19 -8.95 -13.11 -1.01
C GLU A 19 -9.61 -12.28 0.11
N HIS A 20 -9.82 -12.93 1.24
CA HIS A 20 -10.44 -12.27 2.37
C HIS A 20 -9.67 -10.99 2.70
N LEU A 21 -8.37 -11.03 2.43
CA LEU A 21 -7.52 -9.88 2.69
C LEU A 21 -8.14 -8.63 2.06
N HIS A 22 -8.43 -8.75 0.77
CA HIS A 22 -9.03 -7.64 0.04
C HIS A 22 -8.10 -6.44 0.09
N SER A 23 -8.30 -5.53 -0.84
CA SER A 23 -7.49 -4.32 -0.91
C SER A 23 -8.36 -3.09 -0.65
N MET A 24 -7.83 -2.21 0.18
CA MET A 24 -8.54 -0.99 0.54
C MET A 24 -9.16 -0.34 -0.70
N THR A 25 -10.45 -0.07 -0.61
CA THR A 25 -11.17 0.55 -1.71
C THR A 25 -11.07 2.07 -1.63
N LEU A 26 -10.76 2.55 -0.42
CA LEU A 26 -10.63 3.98 -0.21
C LEU A 26 -11.85 4.69 -0.77
N MET A 27 -12.90 4.76 0.04
CA MET A 27 -14.13 5.41 -0.36
C MET A 27 -13.84 6.68 -1.18
N SER A 28 -14.70 6.93 -2.15
CA SER A 28 -14.56 8.09 -2.99
C SER A 28 -15.16 9.33 -2.32
N PRO A 29 -14.76 10.52 -2.83
CA PRO A 29 -15.25 11.77 -2.28
C PRO A 29 -16.69 12.03 -2.70
N PRO A 30 -17.28 13.10 -2.11
CA PRO A 30 -18.66 13.47 -2.42
C PRO A 30 -18.75 14.13 -3.79
N GLU A 31 -19.94 14.64 -4.09
CA GLU A 31 -20.17 15.30 -5.35
C GLU A 31 -19.97 14.32 -6.51
N SER A 32 -20.82 13.31 -6.53
CA SER A 32 -20.75 12.29 -7.58
C SER A 32 -21.85 11.25 -7.37
N ILE A 33 -23.08 11.71 -7.49
CA ILE A 33 -24.23 10.83 -7.32
C ILE A 33 -23.95 9.50 -8.02
N HIS A 34 -23.90 8.45 -7.21
CA HIS A 34 -23.65 7.12 -7.74
C HIS A 34 -22.30 7.09 -8.46
N ALA A 35 -21.96 5.92 -8.98
CA ALA A 35 -20.69 5.76 -9.68
C ALA A 35 -19.55 5.73 -8.67
N LEU A 36 -18.66 4.78 -8.87
CA LEU A 36 -17.51 4.63 -7.99
C LEU A 36 -16.22 4.72 -8.81
N GLY A 37 -15.30 3.81 -8.50
CA GLY A 37 -14.03 3.78 -9.20
C GLY A 37 -13.48 2.35 -9.27
N LEU A 38 -14.32 1.45 -9.74
CA LEU A 38 -13.93 0.05 -9.86
C LEU A 38 -12.85 -0.08 -10.92
N GLU A 39 -13.00 0.71 -11.98
CA GLU A 39 -12.04 0.69 -13.07
C GLU A 39 -10.83 1.58 -12.73
N LYS A 40 -10.95 2.27 -11.61
CA LYS A 40 -9.89 3.16 -11.17
C LYS A 40 -8.59 2.35 -11.01
N LEU A 41 -8.53 1.61 -9.92
CA LEU A 41 -7.36 0.80 -9.63
C LEU A 41 -7.12 -0.17 -10.80
N ARG A 42 -8.21 -0.64 -11.38
CA ARG A 42 -8.14 -1.56 -12.49
C ARG A 42 -8.27 -0.80 -13.82
N GLY A 43 -7.39 0.16 -14.01
CA GLY A 43 -7.41 0.97 -15.22
C GLY A 43 -6.00 1.44 -15.58
N PRO A 44 -5.90 2.11 -16.76
CA PRO A 44 -4.62 2.61 -17.23
C PRO A 44 -4.20 3.86 -16.45
N GLU A 45 -5.20 4.58 -15.97
CA GLU A 45 -4.95 5.79 -15.21
C GLU A 45 -4.14 5.47 -13.95
N ILE A 46 -4.38 4.28 -13.42
CA ILE A 46 -3.68 3.84 -12.22
C ILE A 46 -2.80 2.63 -12.56
N THR A 47 -1.62 2.63 -11.96
CA THR A 47 -0.68 1.55 -12.20
C THR A 47 -0.59 0.63 -10.96
N PHE A 48 -0.52 -0.66 -11.23
CA PHE A 48 -0.42 -1.63 -10.16
C PHE A 48 0.90 -2.40 -10.23
N TRP A 49 1.64 -2.33 -9.13
CA TRP A 49 2.93 -3.01 -9.05
C TRP A 49 2.76 -4.23 -8.14
N SER A 50 3.31 -5.35 -8.60
CA SER A 50 3.23 -6.58 -7.84
C SER A 50 4.59 -7.27 -7.81
N ALA A 51 4.94 -7.79 -6.65
CA ALA A 51 6.22 -8.47 -6.47
C ALA A 51 5.97 -9.99 -6.42
N TRP A 52 6.80 -10.70 -7.15
CA TRP A 52 6.70 -12.15 -7.20
C TRP A 52 7.99 -12.74 -6.62
N GLU A 53 7.82 -13.66 -5.69
CA GLU A 53 8.95 -14.31 -5.05
C GLU A 53 8.72 -15.82 -4.94
N GLY A 54 8.88 -16.49 -6.08
CA GLY A 54 8.70 -17.93 -6.13
C GLY A 54 7.48 -18.29 -6.98
N ASP A 55 6.62 -19.13 -6.41
CA ASP A 55 5.43 -19.56 -7.12
C ASP A 55 4.20 -18.87 -6.50
N GLU A 56 4.48 -17.99 -5.54
CA GLU A 56 3.42 -17.26 -4.87
C GLU A 56 3.65 -15.76 -5.00
N LEU A 57 2.76 -15.00 -4.37
CA LEU A 57 2.86 -13.55 -4.40
C LEU A 57 3.97 -13.08 -3.45
N ALA A 58 4.59 -11.97 -3.82
CA ALA A 58 5.67 -11.42 -3.02
C ALA A 58 5.20 -10.11 -2.37
N GLY A 59 4.13 -9.56 -2.93
CA GLY A 59 3.58 -8.32 -2.42
C GLY A 59 2.86 -7.55 -3.53
N CYS A 60 1.99 -6.63 -3.11
CA CYS A 60 1.25 -5.82 -4.05
C CYS A 60 1.25 -4.37 -3.54
N GLY A 61 1.45 -3.46 -4.48
CA GLY A 61 1.48 -2.04 -4.15
C GLY A 61 0.74 -1.22 -5.19
N ALA A 62 0.25 -0.07 -4.75
CA ALA A 62 -0.49 0.81 -5.64
C ALA A 62 -0.16 2.27 -5.29
N LEU A 63 -0.26 3.13 -6.29
CA LEU A 63 0.03 4.53 -6.10
C LEU A 63 -0.68 5.35 -7.20
N LYS A 64 -1.54 6.25 -6.76
CA LYS A 64 -2.28 7.09 -7.69
C LYS A 64 -1.60 8.46 -7.78
N GLU A 65 -1.30 8.86 -9.01
CA GLU A 65 -0.66 10.13 -9.26
C GLU A 65 -1.26 11.21 -8.35
N LEU A 66 -0.43 12.18 -8.02
CA LEU A 66 -0.86 13.28 -7.16
C LEU A 66 -0.26 14.59 -7.67
N ASP A 67 0.93 14.89 -7.20
CA ASP A 67 1.62 16.10 -7.60
C ASP A 67 2.91 15.73 -8.33
N THR A 68 3.68 16.76 -8.66
CA THR A 68 4.94 16.56 -9.36
C THR A 68 5.97 15.92 -8.44
N ARG A 69 5.80 16.16 -7.15
CA ARG A 69 6.70 15.61 -6.16
C ARG A 69 5.91 15.07 -4.96
N HIS A 70 4.71 14.61 -5.25
CA HIS A 70 3.84 14.08 -4.21
C HIS A 70 3.20 12.78 -4.70
N GLY A 71 3.18 11.79 -3.80
CA GLY A 71 2.60 10.51 -4.13
C GLY A 71 1.84 9.92 -2.93
N GLU A 72 1.04 8.91 -3.22
CA GLU A 72 0.26 8.26 -2.17
C GLU A 72 0.13 6.76 -2.47
N ILE A 73 0.04 5.99 -1.39
CA ILE A 73 -0.08 4.55 -1.52
C ILE A 73 -1.42 4.10 -0.90
N LYS A 74 -2.05 3.16 -1.58
CA LYS A 74 -3.33 2.65 -1.12
C LYS A 74 -3.35 1.13 -1.28
N SER A 75 -2.27 0.51 -0.85
CA SER A 75 -2.15 -0.94 -0.94
C SER A 75 -0.82 -1.40 -0.33
N MET A 76 -0.92 -2.21 0.70
CA MET A 76 0.27 -2.72 1.38
C MET A 76 -0.05 -3.98 2.17
N ARG A 77 -0.56 -4.98 1.45
CA ARG A 77 -0.92 -6.24 2.08
C ARG A 77 -0.79 -7.38 1.07
N THR A 78 -0.48 -8.56 1.59
CA THR A 78 -0.33 -9.74 0.75
C THR A 78 -0.14 -10.99 1.61
N SER A 79 -0.43 -12.14 1.01
CA SER A 79 -0.28 -13.40 1.71
C SER A 79 -1.20 -13.43 2.94
N ALA A 80 -1.60 -14.64 3.30
CA ALA A 80 -2.47 -14.81 4.46
C ALA A 80 -1.63 -14.82 5.73
N SER A 81 -0.81 -13.80 5.87
CA SER A 81 0.04 -13.67 7.03
C SER A 81 0.84 -14.97 7.24
N HIS A 82 1.10 -15.64 6.13
CA HIS A 82 1.85 -16.89 6.17
C HIS A 82 3.34 -16.60 6.00
N LEU A 83 3.63 -15.34 5.72
CA LEU A 83 5.02 -14.92 5.54
C LEU A 83 5.37 -13.90 6.63
N ARG A 84 6.65 -13.88 6.98
CA ARG A 84 7.14 -12.98 7.99
C ARG A 84 7.86 -11.79 7.35
N LYS A 85 7.12 -10.70 7.20
CA LYS A 85 7.66 -9.50 6.59
C LYS A 85 8.39 -9.87 5.30
N GLY A 86 9.05 -8.88 4.72
CA GLY A 86 9.78 -9.09 3.48
C GLY A 86 8.94 -8.68 2.27
N VAL A 87 7.82 -9.36 2.13
CA VAL A 87 6.91 -9.08 1.02
C VAL A 87 6.72 -7.57 0.89
N ALA A 88 6.27 -6.97 1.98
CA ALA A 88 6.04 -5.53 2.01
C ALA A 88 7.33 -4.81 1.61
N LYS A 89 8.44 -5.34 2.09
CA LYS A 89 9.73 -4.76 1.80
C LYS A 89 9.91 -4.65 0.27
N GLN A 90 9.62 -5.76 -0.39
CA GLN A 90 9.75 -5.80 -1.84
C GLN A 90 8.88 -4.71 -2.48
N VAL A 91 7.63 -4.67 -2.06
CA VAL A 91 6.69 -3.68 -2.59
C VAL A 91 7.20 -2.29 -2.25
N LEU A 92 7.45 -2.07 -0.96
CA LEU A 92 7.93 -0.78 -0.50
C LEU A 92 9.12 -0.34 -1.38
N GLN A 93 10.07 -1.24 -1.53
CA GLN A 93 11.25 -0.96 -2.34
C GLN A 93 10.82 -0.54 -3.75
N HIS A 94 9.85 -1.25 -4.29
CA HIS A 94 9.36 -0.96 -5.62
C HIS A 94 8.70 0.42 -5.63
N ILE A 95 7.97 0.70 -4.55
CA ILE A 95 7.29 1.98 -4.43
C ILE A 95 8.31 3.11 -4.54
N ILE A 96 9.34 3.04 -3.71
CA ILE A 96 10.38 4.04 -3.71
C ILE A 96 11.05 4.08 -5.09
N GLU A 97 11.44 2.90 -5.55
CA GLU A 97 12.09 2.78 -6.85
C GLU A 97 11.21 3.39 -7.94
N GLU A 98 9.94 3.03 -7.89
CA GLU A 98 8.98 3.53 -8.87
C GLU A 98 8.92 5.06 -8.82
N ALA A 99 8.82 5.58 -7.61
CA ALA A 99 8.76 7.01 -7.41
C ALA A 99 10.12 7.63 -7.75
N GLU A 100 11.16 6.85 -7.50
CA GLU A 100 12.51 7.32 -7.78
C GLU A 100 12.66 7.68 -9.26
N LYS A 101 11.95 6.93 -10.10
CA LYS A 101 12.00 7.16 -11.53
C LYS A 101 11.23 8.44 -11.86
N ARG A 102 9.99 8.48 -11.38
CA ARG A 102 9.13 9.62 -11.62
C ARG A 102 9.84 10.91 -11.18
N GLY A 103 10.51 10.82 -10.04
CA GLY A 103 11.23 11.96 -9.50
C GLY A 103 10.39 12.68 -8.44
N TYR A 104 10.08 11.95 -7.38
CA TYR A 104 9.30 12.51 -6.29
C TYR A 104 10.19 12.97 -5.15
N GLU A 105 9.59 13.74 -4.24
CA GLU A 105 10.33 14.25 -3.10
C GLU A 105 9.47 14.16 -1.84
N ARG A 106 8.37 13.43 -1.97
CA ARG A 106 7.45 13.25 -0.85
C ARG A 106 6.59 12.01 -1.05
N LEU A 107 6.43 11.25 0.02
CA LEU A 107 5.63 10.05 -0.04
C LEU A 107 4.77 9.95 1.23
N SER A 108 3.54 9.51 1.04
CA SER A 108 2.61 9.36 2.15
C SER A 108 2.36 7.89 2.43
N LEU A 109 1.71 7.63 3.56
CA LEU A 109 1.40 6.26 3.95
C LEU A 109 0.27 6.28 4.98
N GLU A 110 -0.27 5.10 5.24
CA GLU A 110 -1.35 4.97 6.20
C GLU A 110 -0.83 4.37 7.51
N THR A 111 -0.76 5.21 8.52
CA THR A 111 -0.28 4.78 9.83
C THR A 111 -0.79 5.72 10.92
N GLY A 112 -1.45 5.14 11.91
CA GLY A 112 -1.98 5.90 13.01
C GLY A 112 -2.09 5.05 14.27
N SER A 113 -1.21 4.07 14.37
CA SER A 113 -1.19 3.18 15.51
C SER A 113 -2.10 1.96 15.25
N MET A 114 -2.92 2.10 14.22
CA MET A 114 -3.83 1.02 13.85
C MET A 114 -3.19 -0.34 14.07
N ALA A 115 -3.79 -1.11 14.96
CA ALA A 115 -3.28 -2.44 15.26
C ALA A 115 -3.11 -3.23 13.95
N SER A 116 -4.14 -3.20 13.13
CA SER A 116 -4.11 -3.90 11.86
C SER A 116 -2.87 -3.48 11.07
N PHE A 117 -2.36 -2.31 11.41
CA PHE A 117 -1.17 -1.79 10.73
C PHE A 117 -0.07 -1.45 11.75
N GLU A 118 -0.05 -2.21 12.83
CA GLU A 118 0.94 -2.01 13.87
C GLU A 118 2.34 -2.23 13.32
N PRO A 119 2.52 -3.39 12.63
CA PRO A 119 3.80 -3.72 12.05
C PRO A 119 4.07 -2.90 10.79
N ALA A 120 2.99 -2.40 10.20
CA ALA A 120 3.08 -1.59 8.99
C ALA A 120 4.11 -0.48 9.22
N ARG A 121 3.99 0.17 10.36
CA ARG A 121 4.89 1.26 10.70
C ARG A 121 6.31 0.72 10.90
N LYS A 122 6.39 -0.42 11.58
CA LYS A 122 7.67 -1.05 11.85
C LYS A 122 8.39 -1.33 10.53
N LEU A 123 7.58 -1.62 9.51
CA LEU A 123 8.13 -1.91 8.19
C LEU A 123 8.64 -0.62 7.57
N TYR A 124 7.90 0.46 7.80
CA TYR A 124 8.27 1.76 7.27
C TYR A 124 9.50 2.32 7.99
N GLU A 125 9.43 2.31 9.31
CA GLU A 125 10.52 2.81 10.12
C GLU A 125 11.83 2.09 9.76
N SER A 126 11.67 0.88 9.23
CA SER A 126 12.82 0.09 8.84
C SER A 126 13.46 0.69 7.58
N PHE A 127 12.68 1.47 6.87
CA PHE A 127 13.16 2.11 5.65
C PHE A 127 13.73 3.49 5.94
N GLY A 128 13.37 4.00 7.12
CA GLY A 128 13.84 5.32 7.53
C GLY A 128 12.67 6.28 7.71
N PHE A 129 11.50 5.83 7.30
CA PHE A 129 10.30 6.64 7.41
C PHE A 129 10.29 7.44 8.72
N GLN A 130 9.95 8.72 8.59
CA GLN A 130 9.90 9.60 9.73
C GLN A 130 8.53 10.25 9.86
N TYR A 131 8.30 10.85 11.01
CA TYR A 131 7.02 11.52 11.27
C TYR A 131 6.98 12.90 10.61
N CYS A 132 5.84 13.20 10.01
CA CYS A 132 5.66 14.48 9.35
C CYS A 132 4.16 14.73 9.19
N GLU A 133 3.84 15.70 8.33
CA GLU A 133 2.46 16.03 8.08
C GLU A 133 1.59 14.77 8.04
N PRO A 134 0.55 14.77 8.92
CA PRO A 134 -0.36 13.63 9.01
C PRO A 134 -1.31 13.61 7.82
N PHE A 135 -1.96 12.46 7.64
CA PHE A 135 -2.90 12.30 6.55
C PHE A 135 -3.57 10.93 6.60
N ALA A 136 -2.78 9.90 6.34
CA ALA A 136 -3.28 8.54 6.35
C ALA A 136 -4.69 8.51 5.75
N ASP A 137 -5.46 7.53 6.17
CA ASP A 137 -6.81 7.37 5.68
C ASP A 137 -7.78 8.09 6.62
N TYR A 138 -7.20 8.94 7.46
CA TYR A 138 -8.00 9.70 8.41
C TYR A 138 -7.42 11.10 8.61
N GLY A 139 -7.58 11.60 9.83
CA GLY A 139 -7.08 12.92 10.16
C GLY A 139 -6.46 12.94 11.57
N GLU A 140 -5.69 13.98 11.83
CA GLU A 140 -5.05 14.13 13.13
C GLU A 140 -6.03 13.78 14.25
N ASP A 141 -5.46 13.58 15.43
CA ASP A 141 -6.27 13.23 16.59
C ASP A 141 -5.37 13.16 17.83
N PRO A 142 -6.03 13.12 19.02
CA PRO A 142 -5.29 13.04 20.28
C PRO A 142 -4.74 11.64 20.50
N ASN A 143 -5.16 10.72 19.64
CA ASN A 143 -4.71 9.34 19.74
C ASN A 143 -4.45 8.80 18.33
N SER A 144 -3.40 9.32 17.72
CA SER A 144 -3.03 8.89 16.38
C SER A 144 -1.56 9.23 16.10
N VAL A 145 -1.12 8.86 14.92
CA VAL A 145 0.25 9.12 14.52
C VAL A 145 0.33 9.29 13.00
N PHE A 146 1.49 9.70 12.53
CA PHE A 146 1.70 9.90 11.11
C PHE A 146 3.15 9.57 10.71
N MET A 147 3.35 9.44 9.41
CA MET A 147 4.67 9.12 8.89
C MET A 147 4.80 9.53 7.43
N THR A 148 5.99 9.98 7.07
CA THR A 148 6.25 10.41 5.70
C THR A 148 7.63 9.93 5.26
N LYS A 149 7.73 9.67 3.96
CA LYS A 149 8.98 9.20 3.39
C LYS A 149 9.64 10.34 2.59
N LYS A 150 10.86 10.65 2.97
CA LYS A 150 11.60 11.71 2.30
C LYS A 150 12.67 11.10 1.40
N LEU A 151 12.39 11.11 0.10
CA LEU A 151 13.32 10.55 -0.86
C LEU A 151 14.58 11.41 -0.90
N MET A 1 13.56 -11.53 -6.32
CA MET A 1 14.25 -10.55 -7.14
C MET A 1 13.59 -10.43 -8.52
N HIS A 2 12.31 -10.07 -8.49
CA HIS A 2 11.55 -9.92 -9.73
C HIS A 2 10.29 -9.11 -9.46
N ILE A 3 10.28 -7.90 -10.01
CA ILE A 3 9.14 -7.01 -9.83
C ILE A 3 8.49 -6.76 -11.20
N LYS A 4 7.16 -6.81 -11.20
CA LYS A 4 6.41 -6.58 -12.42
C LYS A 4 5.12 -5.81 -12.09
N ILE A 5 4.38 -5.49 -13.13
CA ILE A 5 3.14 -4.75 -12.98
C ILE A 5 1.97 -5.65 -13.36
N ASP A 6 0.98 -5.68 -12.48
CA ASP A 6 -0.21 -6.50 -12.71
C ASP A 6 -1.46 -5.65 -12.45
N ASP A 7 -2.45 -5.85 -13.30
CA ASP A 7 -3.70 -5.12 -13.17
C ASP A 7 -4.87 -6.11 -13.09
N LEU A 8 -5.35 -6.29 -11.87
CA LEU A 8 -6.45 -7.21 -11.63
C LEU A 8 -6.01 -8.63 -11.95
N THR A 9 -6.97 -9.54 -11.92
CA THR A 9 -6.69 -10.94 -12.21
C THR A 9 -5.74 -11.51 -11.15
N GLY A 10 -5.95 -12.79 -10.84
CA GLY A 10 -5.13 -13.47 -9.86
C GLY A 10 -5.83 -13.54 -8.51
N ARG A 11 -6.09 -14.77 -8.08
CA ARG A 11 -6.76 -14.98 -6.80
C ARG A 11 -5.94 -14.39 -5.66
N GLN A 12 -4.68 -14.82 -5.58
CA GLN A 12 -3.79 -14.33 -4.55
C GLN A 12 -3.48 -12.84 -4.76
N VAL A 13 -3.47 -12.46 -6.03
CA VAL A 13 -3.18 -11.08 -6.38
C VAL A 13 -4.34 -10.19 -5.91
N VAL A 14 -5.55 -10.61 -6.25
CA VAL A 14 -6.74 -9.87 -5.86
C VAL A 14 -6.94 -9.99 -4.35
N SER A 15 -6.88 -11.23 -3.88
CA SER A 15 -7.06 -11.49 -2.46
C SER A 15 -6.12 -10.60 -1.64
N LEU A 16 -4.97 -10.31 -2.22
CA LEU A 16 -3.98 -9.46 -1.55
C LEU A 16 -4.52 -8.05 -1.46
N VAL A 17 -5.12 -7.60 -2.56
CA VAL A 17 -5.68 -6.26 -2.62
C VAL A 17 -6.88 -6.17 -1.67
N ASN A 18 -7.70 -7.19 -1.71
CA ASN A 18 -8.88 -7.24 -0.87
C ASN A 18 -8.45 -7.34 0.60
N GLU A 19 -7.91 -8.50 0.95
CA GLU A 19 -7.45 -8.72 2.31
C GLU A 19 -7.13 -10.21 2.53
N HIS A 20 -5.84 -10.51 2.45
CA HIS A 20 -5.38 -11.88 2.63
C HIS A 20 -4.93 -12.08 4.08
N LEU A 21 -4.07 -11.18 4.53
CA LEU A 21 -3.55 -11.25 5.88
C LEU A 21 -4.66 -10.89 6.87
N HIS A 22 -5.48 -9.93 6.45
CA HIS A 22 -6.59 -9.48 7.29
C HIS A 22 -7.84 -10.29 6.96
N SER A 23 -8.48 -10.77 8.02
CA SER A 23 -9.69 -11.57 7.86
C SER A 23 -10.92 -10.67 7.93
N MET A 24 -12.09 -11.31 7.92
CA MET A 24 -13.34 -10.57 7.99
C MET A 24 -13.47 -9.62 6.79
N THR A 25 -14.22 -10.08 5.79
CA THR A 25 -14.44 -9.28 4.60
C THR A 25 -15.67 -8.39 4.77
N LEU A 26 -15.59 -7.20 4.21
CA LEU A 26 -16.69 -6.25 4.28
C LEU A 26 -18.00 -6.98 4.00
N MET A 27 -19.04 -6.56 4.71
CA MET A 27 -20.35 -7.16 4.53
C MET A 27 -20.79 -7.12 3.06
N SER A 28 -21.43 -8.19 2.63
CA SER A 28 -21.90 -8.28 1.25
C SER A 28 -23.06 -7.30 1.04
N PRO A 29 -23.00 -6.60 -0.13
CA PRO A 29 -24.04 -5.64 -0.46
C PRO A 29 -25.32 -6.34 -0.91
N PRO A 30 -26.42 -5.54 -0.99
CA PRO A 30 -27.70 -6.08 -1.39
C PRO A 30 -27.75 -6.33 -2.90
N GLU A 31 -28.91 -6.71 -3.37
CA GLU A 31 -29.10 -7.00 -4.79
C GLU A 31 -28.33 -5.97 -5.63
N SER A 32 -28.68 -4.71 -5.43
CA SER A 32 -28.04 -3.63 -6.17
C SER A 32 -28.72 -2.29 -5.84
N ILE A 33 -28.30 -1.72 -4.73
CA ILE A 33 -28.86 -0.44 -4.30
C ILE A 33 -27.89 0.23 -3.34
N HIS A 34 -26.61 0.12 -3.65
CA HIS A 34 -25.57 0.71 -2.83
C HIS A 34 -24.45 1.24 -3.72
N ALA A 35 -23.72 0.31 -4.32
CA ALA A 35 -22.62 0.68 -5.20
C ALA A 35 -21.78 1.77 -4.53
N LEU A 36 -20.84 1.31 -3.72
CA LEU A 36 -19.95 2.24 -3.01
C LEU A 36 -19.50 3.33 -3.98
N GLY A 37 -19.13 2.90 -5.18
CA GLY A 37 -18.67 3.83 -6.19
C GLY A 37 -17.15 3.74 -6.37
N LEU A 38 -16.70 2.55 -6.73
CA LEU A 38 -15.28 2.32 -6.94
C LEU A 38 -14.75 3.29 -7.99
N GLU A 39 -14.61 2.78 -9.21
CA GLU A 39 -14.12 3.59 -10.31
C GLU A 39 -12.96 4.48 -9.85
N LYS A 40 -11.98 3.83 -9.23
CA LYS A 40 -10.81 4.53 -8.74
C LYS A 40 -9.57 3.66 -8.94
N LEU A 41 -9.49 2.61 -8.15
CA LEU A 41 -8.37 1.69 -8.24
C LEU A 41 -8.61 0.69 -9.36
N ARG A 42 -8.92 1.23 -10.53
CA ARG A 42 -9.17 0.40 -11.69
C ARG A 42 -9.55 1.27 -12.90
N GLY A 43 -8.56 2.00 -13.39
CA GLY A 43 -8.77 2.87 -14.54
C GLY A 43 -7.45 3.24 -15.21
N PRO A 44 -7.55 4.02 -16.31
CA PRO A 44 -6.37 4.44 -17.05
C PRO A 44 -5.64 5.54 -16.30
N GLU A 45 -5.31 5.26 -15.05
CA GLU A 45 -4.60 6.22 -14.21
C GLU A 45 -3.94 5.51 -13.04
N ILE A 46 -4.68 4.57 -12.46
CA ILE A 46 -4.18 3.82 -11.32
C ILE A 46 -3.45 2.57 -11.83
N THR A 47 -2.30 2.32 -11.23
CA THR A 47 -1.50 1.16 -11.61
C THR A 47 -1.11 0.36 -10.37
N PHE A 48 -1.25 -0.95 -10.48
CA PHE A 48 -0.92 -1.84 -9.37
C PHE A 48 0.34 -2.64 -9.68
N TRP A 49 1.34 -2.46 -8.84
CA TRP A 49 2.60 -3.17 -9.00
C TRP A 49 2.53 -4.47 -8.22
N SER A 50 2.94 -5.55 -8.87
CA SER A 50 2.92 -6.85 -8.25
C SER A 50 4.33 -7.46 -8.26
N ALA A 51 4.75 -7.92 -7.09
CA ALA A 51 6.07 -8.52 -6.96
C ALA A 51 5.93 -10.04 -6.98
N TRP A 52 6.81 -10.67 -7.76
CA TRP A 52 6.81 -12.11 -7.88
C TRP A 52 8.19 -12.62 -7.49
N GLU A 53 8.19 -13.64 -6.64
CA GLU A 53 9.44 -14.24 -6.18
C GLU A 53 9.29 -15.75 -6.03
N GLY A 54 9.31 -16.43 -7.16
CA GLY A 54 9.17 -17.88 -7.17
C GLY A 54 7.78 -18.29 -7.63
N ASP A 55 7.18 -19.20 -6.88
CA ASP A 55 5.85 -19.70 -7.20
C ASP A 55 4.84 -19.07 -6.23
N GLU A 56 5.27 -18.00 -5.58
CA GLU A 56 4.41 -17.32 -4.63
C GLU A 56 4.54 -15.80 -4.82
N LEU A 57 3.39 -15.13 -4.72
CA LEU A 57 3.35 -13.68 -4.86
C LEU A 57 4.35 -13.05 -3.89
N ALA A 58 5.26 -12.26 -4.46
CA ALA A 58 6.27 -11.59 -3.67
C ALA A 58 5.65 -10.39 -2.96
N GLY A 59 4.47 -10.02 -3.43
CA GLY A 59 3.75 -8.88 -2.85
C GLY A 59 3.01 -8.09 -3.93
N CYS A 60 2.20 -7.16 -3.48
CA CYS A 60 1.43 -6.32 -4.39
C CYS A 60 1.22 -4.95 -3.74
N GLY A 61 0.98 -3.96 -4.58
CA GLY A 61 0.76 -2.62 -4.10
C GLY A 61 0.44 -1.66 -5.26
N ALA A 62 -0.29 -0.62 -4.94
CA ALA A 62 -0.68 0.37 -5.94
C ALA A 62 0.13 1.66 -5.72
N LEU A 63 0.23 2.44 -6.78
CA LEU A 63 0.96 3.69 -6.71
C LEU A 63 0.43 4.65 -7.78
N LYS A 64 -0.16 5.74 -7.31
CA LYS A 64 -0.71 6.74 -8.20
C LYS A 64 -0.14 8.11 -7.87
N GLU A 65 0.36 8.77 -8.89
CA GLU A 65 0.95 10.09 -8.71
C GLU A 65 0.01 10.98 -7.88
N LEU A 66 0.60 11.98 -7.25
CA LEU A 66 -0.16 12.91 -6.42
C LEU A 66 0.18 14.34 -6.82
N ASP A 67 1.42 14.71 -6.57
CA ASP A 67 1.89 16.05 -6.89
C ASP A 67 3.10 15.95 -7.82
N THR A 68 3.76 17.09 -8.00
CA THR A 68 4.93 17.15 -8.85
C THR A 68 6.03 16.24 -8.32
N ARG A 69 6.20 16.27 -7.01
CA ARG A 69 7.21 15.46 -6.35
C ARG A 69 6.63 14.78 -5.11
N HIS A 70 5.36 14.41 -5.21
CA HIS A 70 4.68 13.76 -4.11
C HIS A 70 3.85 12.58 -4.63
N GLY A 71 3.95 11.47 -3.92
CA GLY A 71 3.22 10.27 -4.31
C GLY A 71 2.59 9.61 -3.08
N GLU A 72 1.81 8.56 -3.36
CA GLU A 72 1.15 7.83 -2.29
C GLU A 72 1.00 6.35 -2.67
N ILE A 73 0.80 5.53 -1.65
CA ILE A 73 0.64 4.10 -1.87
C ILE A 73 -0.80 3.71 -1.58
N LYS A 74 -1.34 2.85 -2.44
CA LYS A 74 -2.71 2.38 -2.29
C LYS A 74 -2.71 0.86 -2.18
N SER A 75 -3.63 0.37 -1.36
CA SER A 75 -3.75 -1.07 -1.16
C SER A 75 -2.36 -1.70 -1.04
N MET A 76 -1.91 -1.82 0.21
CA MET A 76 -0.61 -2.39 0.49
C MET A 76 -0.69 -3.42 1.60
N ARG A 77 -0.77 -4.69 1.19
CA ARG A 77 -0.85 -5.78 2.15
C ARG A 77 0.07 -6.93 1.73
N THR A 78 0.74 -7.51 2.71
CA THR A 78 1.65 -8.60 2.46
C THR A 78 0.87 -9.92 2.33
N SER A 79 1.62 -11.00 2.19
CA SER A 79 1.01 -12.32 2.05
C SER A 79 1.44 -13.21 3.22
N ALA A 80 0.59 -14.18 3.52
CA ALA A 80 0.86 -15.10 4.61
C ALA A 80 1.52 -16.37 4.04
N SER A 81 2.67 -16.17 3.41
CA SER A 81 3.40 -17.28 2.82
C SER A 81 4.51 -17.73 3.78
N HIS A 82 4.30 -17.46 5.06
CA HIS A 82 5.26 -17.84 6.07
C HIS A 82 6.56 -17.05 5.87
N LEU A 83 6.40 -15.74 5.69
CA LEU A 83 7.54 -14.87 5.48
C LEU A 83 7.62 -13.87 6.63
N ARG A 84 8.81 -13.31 6.81
CA ARG A 84 9.04 -12.35 7.87
C ARG A 84 9.65 -11.07 7.29
N LYS A 85 8.81 -10.05 7.22
CA LYS A 85 9.25 -8.76 6.69
C LYS A 85 10.08 -8.99 5.42
N GLY A 86 9.38 -9.00 4.30
CA GLY A 86 10.04 -9.21 3.01
C GLY A 86 9.11 -8.86 1.86
N VAL A 87 8.01 -9.59 1.78
CA VAL A 87 7.03 -9.37 0.73
C VAL A 87 6.74 -7.87 0.62
N ALA A 88 6.23 -7.31 1.71
CA ALA A 88 5.91 -5.90 1.75
C ALA A 88 7.17 -5.09 1.48
N LYS A 89 8.29 -5.64 1.90
CA LYS A 89 9.58 -4.97 1.71
C LYS A 89 9.88 -4.91 0.21
N GLN A 90 9.62 -6.00 -0.47
CA GLN A 90 9.86 -6.07 -1.90
C GLN A 90 9.10 -4.96 -2.63
N VAL A 91 7.82 -4.85 -2.29
CA VAL A 91 6.97 -3.84 -2.90
C VAL A 91 7.48 -2.45 -2.52
N LEU A 92 7.59 -2.24 -1.21
CA LEU A 92 8.06 -0.97 -0.70
C LEU A 92 9.33 -0.56 -1.44
N GLN A 93 10.15 -1.56 -1.75
CA GLN A 93 11.40 -1.32 -2.47
C GLN A 93 11.11 -0.69 -3.83
N HIS A 94 10.09 -1.21 -4.48
CA HIS A 94 9.70 -0.72 -5.80
C HIS A 94 9.03 0.65 -5.65
N ILE A 95 8.42 0.86 -4.49
CA ILE A 95 7.75 2.11 -4.21
C ILE A 95 8.76 3.25 -4.24
N ILE A 96 9.87 3.04 -3.57
CA ILE A 96 10.92 4.04 -3.51
C ILE A 96 11.55 4.19 -4.91
N GLU A 97 11.69 3.05 -5.58
CA GLU A 97 12.27 3.05 -6.91
C GLU A 97 11.33 3.74 -7.90
N GLU A 98 10.06 3.39 -7.81
CA GLU A 98 9.06 3.97 -8.69
C GLU A 98 9.06 5.49 -8.57
N ALA A 99 9.06 5.96 -7.33
CA ALA A 99 9.07 7.39 -7.06
C ALA A 99 10.43 7.97 -7.46
N GLU A 100 11.46 7.15 -7.29
CA GLU A 100 12.81 7.57 -7.63
C GLU A 100 12.97 7.68 -9.14
N LYS A 101 12.36 6.73 -9.84
CA LYS A 101 12.43 6.70 -11.29
C LYS A 101 11.55 7.83 -11.86
N ARG A 102 10.70 8.35 -11.00
CA ARG A 102 9.81 9.43 -11.40
C ARG A 102 10.48 10.79 -11.18
N GLY A 103 11.13 10.90 -10.02
CA GLY A 103 11.81 12.14 -9.68
C GLY A 103 11.08 12.88 -8.56
N TYR A 104 10.68 12.12 -7.56
CA TYR A 104 9.96 12.68 -6.43
C TYR A 104 10.92 13.00 -5.27
N GLU A 105 10.40 13.73 -4.30
CA GLU A 105 11.20 14.11 -3.15
C GLU A 105 10.38 13.93 -1.86
N ARG A 106 9.25 13.28 -2.01
CA ARG A 106 8.37 13.02 -0.87
C ARG A 106 7.36 11.93 -1.20
N LEU A 107 6.81 11.34 -0.16
CA LEU A 107 5.83 10.28 -0.32
C LEU A 107 4.89 10.26 0.89
N SER A 108 3.61 10.13 0.59
CA SER A 108 2.60 10.10 1.64
C SER A 108 1.92 8.72 1.67
N LEU A 109 1.17 8.49 2.74
CA LEU A 109 0.48 7.23 2.91
C LEU A 109 -0.49 7.34 4.09
N GLU A 110 -1.38 6.36 4.18
CA GLU A 110 -2.36 6.34 5.25
C GLU A 110 -1.96 5.30 6.30
N THR A 111 -2.00 5.74 7.56
CA THR A 111 -1.65 4.86 8.67
C THR A 111 -2.15 5.44 9.99
N GLY A 112 -1.86 4.73 11.06
CA GLY A 112 -2.28 5.16 12.38
C GLY A 112 -1.73 4.21 13.47
N SER A 113 -2.56 4.00 14.48
CA SER A 113 -2.17 3.12 15.58
C SER A 113 -3.11 1.91 15.63
N MET A 114 -4.05 1.89 14.70
CA MET A 114 -5.01 0.80 14.64
C MET A 114 -4.30 -0.54 14.46
N ALA A 115 -4.89 -1.58 15.05
CA ALA A 115 -4.32 -2.91 14.96
C ALA A 115 -4.08 -3.26 13.49
N SER A 116 -4.91 -2.68 12.63
CA SER A 116 -4.79 -2.92 11.20
C SER A 116 -3.62 -2.13 10.63
N PHE A 117 -3.36 -0.99 11.25
CA PHE A 117 -2.27 -0.14 10.81
C PHE A 117 -1.08 -0.24 11.76
N GLU A 118 -1.11 -1.26 12.61
CA GLU A 118 -0.06 -1.47 13.57
C GLU A 118 1.20 -2.04 12.88
N PRO A 119 0.97 -3.14 12.12
CA PRO A 119 2.06 -3.79 11.40
C PRO A 119 2.46 -2.97 10.17
N ALA A 120 1.44 -2.54 9.44
CA ALA A 120 1.66 -1.75 8.24
C ALA A 120 2.59 -0.58 8.56
N ARG A 121 2.44 -0.06 9.77
CA ARG A 121 3.25 1.06 10.22
C ARG A 121 4.63 0.56 10.67
N LYS A 122 4.65 -0.64 11.23
CA LYS A 122 5.88 -1.23 11.69
C LYS A 122 6.70 -1.72 10.49
N LEU A 123 5.99 -2.03 9.43
CA LEU A 123 6.64 -2.51 8.21
C LEU A 123 7.26 -1.31 7.47
N TYR A 124 6.57 -0.20 7.53
CA TYR A 124 7.04 1.02 6.88
C TYR A 124 8.27 1.59 7.60
N GLU A 125 8.13 1.75 8.91
CA GLU A 125 9.21 2.27 9.72
C GLU A 125 10.44 1.37 9.61
N SER A 126 10.18 0.10 9.34
CA SER A 126 11.26 -0.87 9.21
C SER A 126 12.17 -0.49 8.06
N PHE A 127 11.66 0.36 7.19
CA PHE A 127 12.42 0.82 6.04
C PHE A 127 13.02 2.19 6.29
N GLY A 128 12.49 2.87 7.30
CA GLY A 128 12.97 4.19 7.66
C GLY A 128 11.79 5.16 7.88
N PHE A 129 10.75 4.95 7.08
CA PHE A 129 9.57 5.80 7.17
C PHE A 129 9.32 6.23 8.62
N GLN A 130 9.00 7.51 8.77
CA GLN A 130 8.74 8.07 10.09
C GLN A 130 7.32 8.63 10.16
N TYR A 131 6.78 8.65 11.36
CA TYR A 131 5.43 9.16 11.57
C TYR A 131 5.47 10.51 12.30
N CYS A 132 5.18 11.56 11.55
CA CYS A 132 5.17 12.90 12.11
C CYS A 132 3.72 13.31 12.35
N GLU A 133 3.53 14.61 12.56
CA GLU A 133 2.20 15.14 12.81
C GLU A 133 1.17 14.40 11.96
N PRO A 134 -0.08 14.32 12.50
CA PRO A 134 -1.16 13.64 11.82
C PRO A 134 -1.69 14.50 10.66
N PHE A 135 -2.35 13.83 9.73
CA PHE A 135 -2.91 14.52 8.57
C PHE A 135 -3.78 13.57 7.74
N ALA A 136 -3.11 12.87 6.83
CA ALA A 136 -3.81 11.93 5.97
C ALA A 136 -5.14 12.54 5.51
N ASP A 137 -6.21 12.10 6.15
CA ASP A 137 -7.53 12.59 5.82
C ASP A 137 -8.31 12.84 7.11
N TYR A 138 -7.58 13.15 8.17
CA TYR A 138 -8.19 13.41 9.46
C TYR A 138 -7.35 14.39 10.28
N GLY A 139 -7.76 14.57 11.53
CA GLY A 139 -7.05 15.47 12.42
C GLY A 139 -6.49 14.71 13.63
N GLU A 140 -6.02 15.48 14.60
CA GLU A 140 -5.45 14.91 15.80
C GLU A 140 -6.41 13.88 16.40
N ASP A 141 -5.84 12.95 17.16
CA ASP A 141 -6.63 11.91 17.79
C ASP A 141 -5.74 11.10 18.75
N PRO A 142 -6.41 10.41 19.70
CA PRO A 142 -5.69 9.61 20.68
C PRO A 142 -5.18 8.31 20.04
N ASN A 143 -5.65 8.05 18.83
CA ASN A 143 -5.25 6.86 18.11
C ASN A 143 -5.22 7.16 16.61
N SER A 144 -4.27 7.97 16.21
CA SER A 144 -4.13 8.35 14.81
C SER A 144 -2.77 9.01 14.58
N VAL A 145 -2.16 8.66 13.46
CA VAL A 145 -0.87 9.22 13.11
C VAL A 145 -0.74 9.29 11.59
N PHE A 146 0.46 9.62 11.14
CA PHE A 146 0.72 9.73 9.71
C PHE A 146 2.19 9.47 9.40
N MET A 147 2.42 8.63 8.40
CA MET A 147 3.77 8.28 8.00
C MET A 147 4.17 9.02 6.72
N THR A 148 5.40 9.51 6.71
CA THR A 148 5.91 10.23 5.56
C THR A 148 7.36 9.86 5.28
N LYS A 149 7.65 9.59 4.02
CA LYS A 149 8.99 9.20 3.62
C LYS A 149 9.69 10.41 2.99
N LYS A 150 10.91 10.65 3.44
CA LYS A 150 11.69 11.76 2.93
C LYS A 150 12.79 11.23 2.02
N LEU A 151 12.65 11.51 0.74
CA LEU A 151 13.63 11.06 -0.26
C LEU A 151 15.04 11.35 0.28
N MET A 1 15.52 -9.32 -6.69
CA MET A 1 14.09 -9.49 -6.46
C MET A 1 13.29 -9.20 -7.73
N HIS A 2 12.66 -10.25 -8.24
CA HIS A 2 11.87 -10.13 -9.45
C HIS A 2 10.73 -9.14 -9.22
N ILE A 3 10.85 -7.98 -9.85
CA ILE A 3 9.83 -6.95 -9.71
C ILE A 3 9.23 -6.65 -11.08
N LYS A 4 7.91 -6.51 -11.10
CA LYS A 4 7.20 -6.24 -12.33
C LYS A 4 5.98 -5.35 -12.02
N ILE A 5 5.27 -5.00 -13.09
CA ILE A 5 4.09 -4.17 -12.94
C ILE A 5 2.84 -5.01 -13.19
N ASP A 6 1.87 -4.86 -12.29
CA ASP A 6 0.63 -5.61 -12.41
C ASP A 6 -0.41 -4.75 -13.12
N ASP A 7 -0.86 -5.24 -14.26
CA ASP A 7 -1.86 -4.54 -15.05
C ASP A 7 -3.05 -5.46 -15.30
N LEU A 8 -4.11 -5.23 -14.52
CA LEU A 8 -5.31 -6.03 -14.64
C LEU A 8 -4.96 -7.51 -14.49
N THR A 9 -5.99 -8.32 -14.34
CA THR A 9 -5.82 -9.76 -14.19
C THR A 9 -5.08 -10.05 -12.88
N GLY A 10 -5.06 -11.34 -12.52
CA GLY A 10 -4.40 -11.77 -11.31
C GLY A 10 -5.41 -11.98 -10.18
N ARG A 11 -5.88 -13.21 -10.07
CA ARG A 11 -6.84 -13.56 -9.03
C ARG A 11 -6.24 -13.35 -7.65
N GLN A 12 -5.04 -13.91 -7.47
CA GLN A 12 -4.36 -13.79 -6.20
C GLN A 12 -4.09 -12.32 -5.87
N VAL A 13 -3.63 -11.60 -6.88
CA VAL A 13 -3.33 -10.17 -6.71
C VAL A 13 -4.60 -9.45 -6.26
N VAL A 14 -5.66 -9.63 -7.02
CA VAL A 14 -6.93 -9.00 -6.72
C VAL A 14 -7.42 -9.50 -5.35
N SER A 15 -7.38 -10.81 -5.20
CA SER A 15 -7.82 -11.43 -3.96
C SER A 15 -7.05 -10.84 -2.78
N LEU A 16 -5.78 -10.56 -3.03
CA LEU A 16 -4.92 -9.99 -1.99
C LEU A 16 -5.37 -8.57 -1.69
N VAL A 17 -5.60 -7.81 -2.76
CA VAL A 17 -6.03 -6.43 -2.62
C VAL A 17 -7.41 -6.40 -1.96
N ASN A 18 -8.19 -7.43 -2.25
CA ASN A 18 -9.53 -7.54 -1.70
C ASN A 18 -9.44 -7.76 -0.19
N GLU A 19 -8.89 -8.91 0.18
CA GLU A 19 -8.73 -9.26 1.58
C GLU A 19 -8.09 -10.64 1.71
N HIS A 20 -6.82 -10.63 2.11
CA HIS A 20 -6.09 -11.86 2.28
C HIS A 20 -6.11 -12.28 3.76
N LEU A 21 -5.60 -11.38 4.59
CA LEU A 21 -5.56 -11.64 6.02
C LEU A 21 -6.95 -11.43 6.61
N HIS A 22 -7.44 -10.21 6.48
CA HIS A 22 -8.76 -9.88 6.99
C HIS A 22 -9.45 -8.91 6.03
N SER A 23 -10.68 -8.56 6.39
CA SER A 23 -11.46 -7.64 5.56
C SER A 23 -11.91 -6.44 6.41
N MET A 24 -11.65 -5.26 5.87
CA MET A 24 -12.02 -4.03 6.55
C MET A 24 -11.64 -2.80 5.73
N THR A 25 -12.62 -1.92 5.56
CA THR A 25 -12.41 -0.70 4.78
C THR A 25 -13.37 0.39 5.24
N LEU A 26 -13.15 0.86 6.46
CA LEU A 26 -13.98 1.90 7.02
C LEU A 26 -15.46 1.54 6.84
N MET A 27 -16.33 2.46 7.23
CA MET A 27 -17.75 2.23 7.11
C MET A 27 -18.39 3.27 6.18
N SER A 28 -19.66 3.05 5.89
CA SER A 28 -20.40 3.95 5.02
C SER A 28 -21.69 4.41 5.71
N PRO A 29 -22.05 5.70 5.45
CA PRO A 29 -23.26 6.26 6.04
C PRO A 29 -24.51 5.74 5.33
N PRO A 30 -25.69 6.06 5.92
CA PRO A 30 -26.96 5.63 5.35
C PRO A 30 -27.32 6.45 4.11
N GLU A 31 -27.15 5.81 2.96
CA GLU A 31 -27.46 6.46 1.70
C GLU A 31 -27.10 5.55 0.53
N SER A 32 -25.84 5.11 0.53
CA SER A 32 -25.36 4.23 -0.52
C SER A 32 -25.67 2.78 -0.17
N ILE A 33 -26.89 2.37 -0.47
CA ILE A 33 -27.32 1.01 -0.19
C ILE A 33 -26.79 0.08 -1.29
N HIS A 34 -26.05 0.67 -2.22
CA HIS A 34 -25.48 -0.09 -3.32
C HIS A 34 -24.60 0.82 -4.17
N ALA A 35 -23.57 0.23 -4.76
CA ALA A 35 -22.65 0.97 -5.59
C ALA A 35 -21.67 1.74 -4.71
N LEU A 36 -20.69 1.02 -4.20
CA LEU A 36 -19.69 1.62 -3.34
C LEU A 36 -19.25 2.97 -3.94
N GLY A 37 -18.75 2.89 -5.16
CA GLY A 37 -18.29 4.09 -5.84
C GLY A 37 -16.77 4.10 -5.99
N LEU A 38 -16.25 3.01 -6.51
CA LEU A 38 -14.81 2.88 -6.70
C LEU A 38 -14.32 4.00 -7.62
N GLU A 39 -14.46 3.76 -8.91
CA GLU A 39 -14.04 4.74 -9.90
C GLU A 39 -12.71 5.38 -9.47
N LYS A 40 -11.69 4.54 -9.38
CA LYS A 40 -10.37 5.01 -8.99
C LYS A 40 -9.34 3.90 -9.24
N LEU A 41 -9.42 2.87 -8.40
CA LEU A 41 -8.50 1.75 -8.53
C LEU A 41 -9.09 0.73 -9.49
N ARG A 42 -9.56 1.23 -10.63
CA ARG A 42 -10.15 0.38 -11.65
C ARG A 42 -10.39 1.17 -12.93
N GLY A 43 -9.30 1.42 -13.65
CA GLY A 43 -9.39 2.16 -14.90
C GLY A 43 -8.00 2.44 -15.46
N PRO A 44 -7.97 2.87 -16.76
CA PRO A 44 -6.73 3.17 -17.43
C PRO A 44 -6.16 4.50 -16.94
N GLU A 45 -6.02 4.61 -15.63
CA GLU A 45 -5.49 5.83 -15.04
C GLU A 45 -4.53 5.49 -13.89
N ILE A 46 -4.97 4.55 -13.06
CA ILE A 46 -4.16 4.13 -11.93
C ILE A 46 -3.33 2.90 -12.33
N THR A 47 -2.13 2.84 -11.78
CA THR A 47 -1.23 1.74 -12.08
C THR A 47 -1.00 0.89 -10.82
N PHE A 48 -0.91 -0.42 -11.04
CA PHE A 48 -0.70 -1.35 -9.95
C PHE A 48 0.63 -2.09 -10.11
N TRP A 49 1.46 -1.97 -9.09
CA TRP A 49 2.76 -2.62 -9.10
C TRP A 49 2.66 -3.89 -8.26
N SER A 50 3.49 -4.87 -8.61
CA SER A 50 3.50 -6.13 -7.89
C SER A 50 4.77 -6.92 -8.25
N ALA A 51 5.27 -7.64 -7.26
CA ALA A 51 6.48 -8.43 -7.45
C ALA A 51 6.09 -9.91 -7.59
N TRP A 52 7.05 -10.69 -8.05
CA TRP A 52 6.83 -12.12 -8.23
C TRP A 52 8.12 -12.85 -7.87
N GLU A 53 8.03 -13.69 -6.85
CA GLU A 53 9.18 -14.45 -6.40
C GLU A 53 8.81 -15.93 -6.23
N GLY A 54 8.71 -16.62 -7.36
CA GLY A 54 8.37 -18.03 -7.34
C GLY A 54 7.01 -18.26 -8.01
N ASP A 55 6.15 -18.99 -7.31
CA ASP A 55 4.83 -19.30 -7.83
C ASP A 55 3.78 -18.52 -7.02
N GLU A 56 4.27 -17.60 -6.21
CA GLU A 56 3.39 -16.79 -5.39
C GLU A 56 3.73 -15.32 -5.54
N LEU A 57 2.78 -14.47 -5.15
CA LEU A 57 2.98 -13.03 -5.24
C LEU A 57 4.05 -12.60 -4.24
N ALA A 58 5.09 -11.99 -4.77
CA ALA A 58 6.20 -11.53 -3.94
C ALA A 58 5.80 -10.21 -3.27
N GLY A 59 4.67 -9.67 -3.71
CA GLY A 59 4.17 -8.42 -3.17
C GLY A 59 3.32 -7.67 -4.20
N CYS A 60 2.36 -6.92 -3.68
CA CYS A 60 1.47 -6.16 -4.55
C CYS A 60 1.08 -4.87 -3.81
N GLY A 61 0.65 -3.89 -4.59
CA GLY A 61 0.25 -2.61 -4.03
C GLY A 61 -0.22 -1.65 -5.12
N ALA A 62 -0.92 -0.61 -4.70
CA ALA A 62 -1.43 0.38 -5.63
C ALA A 62 -0.80 1.74 -5.31
N LEU A 63 -0.56 2.51 -6.36
CA LEU A 63 0.03 3.83 -6.20
C LEU A 63 -0.52 4.76 -7.28
N LYS A 64 -1.26 5.76 -6.83
CA LYS A 64 -1.85 6.72 -7.74
C LYS A 64 -0.97 7.97 -7.80
N GLU A 65 -1.02 8.64 -8.94
CA GLU A 65 -0.23 9.84 -9.14
C GLU A 65 -0.92 11.04 -8.49
N LEU A 66 -0.19 11.69 -7.60
CA LEU A 66 -0.71 12.85 -6.90
C LEU A 66 -0.19 14.13 -7.57
N ASP A 67 1.12 14.19 -7.69
CA ASP A 67 1.76 15.35 -8.31
C ASP A 67 3.00 14.90 -9.08
N THR A 68 3.69 15.87 -9.66
CA THR A 68 4.89 15.58 -10.43
C THR A 68 5.98 15.01 -9.52
N ARG A 69 5.80 15.23 -8.22
CA ARG A 69 6.76 14.74 -7.24
C ARG A 69 6.03 14.32 -5.96
N HIS A 70 4.95 13.59 -6.14
CA HIS A 70 4.16 13.12 -5.02
C HIS A 70 3.57 11.74 -5.34
N GLY A 71 3.44 10.92 -4.31
CA GLY A 71 2.89 9.58 -4.47
C GLY A 71 2.35 9.06 -3.14
N GLU A 72 1.17 8.45 -3.22
CA GLU A 72 0.54 7.90 -2.03
C GLU A 72 0.15 6.44 -2.28
N ILE A 73 0.50 5.60 -1.32
CA ILE A 73 0.19 4.18 -1.41
C ILE A 73 -1.07 3.88 -0.60
N LYS A 74 -1.84 2.93 -1.11
CA LYS A 74 -3.08 2.54 -0.45
C LYS A 74 -3.23 1.02 -0.53
N SER A 75 -2.26 0.32 0.04
CA SER A 75 -2.28 -1.13 0.04
C SER A 75 -1.02 -1.66 0.70
N MET A 76 -1.12 -2.88 1.21
CA MET A 76 0.00 -3.53 1.88
C MET A 76 -0.43 -4.85 2.52
N ARG A 77 -0.51 -5.88 1.69
CA ARG A 77 -0.91 -7.19 2.17
C ARG A 77 0.18 -8.22 1.84
N THR A 78 0.93 -8.58 2.88
CA THR A 78 2.00 -9.55 2.72
C THR A 78 1.43 -10.96 2.59
N SER A 79 1.41 -11.66 3.71
CA SER A 79 0.90 -13.02 3.74
C SER A 79 0.48 -13.40 5.17
N ALA A 80 -0.30 -14.46 5.26
CA ALA A 80 -0.78 -14.93 6.55
C ALA A 80 0.36 -14.84 7.57
N SER A 81 1.41 -15.59 7.31
CA SER A 81 2.57 -15.60 8.19
C SER A 81 3.71 -16.37 7.54
N HIS A 82 3.83 -16.20 6.23
CA HIS A 82 4.88 -16.86 5.48
C HIS A 82 6.23 -16.19 5.76
N LEU A 83 6.78 -15.58 4.72
CA LEU A 83 8.06 -14.89 4.84
C LEU A 83 7.91 -13.73 5.83
N ARG A 84 9.02 -13.39 6.45
CA ARG A 84 9.04 -12.30 7.41
C ARG A 84 9.73 -11.07 6.82
N LYS A 85 9.00 -9.97 6.81
CA LYS A 85 9.54 -8.73 6.27
C LYS A 85 10.33 -9.03 5.00
N GLY A 86 9.62 -9.04 3.88
CA GLY A 86 10.25 -9.31 2.60
C GLY A 86 9.27 -9.05 1.45
N VAL A 87 8.16 -9.76 1.48
CA VAL A 87 7.15 -9.62 0.45
C VAL A 87 6.77 -8.14 0.32
N ALA A 88 6.28 -7.59 1.43
CA ALA A 88 5.87 -6.20 1.46
C ALA A 88 7.08 -5.32 1.12
N LYS A 89 8.24 -5.75 1.59
CA LYS A 89 9.47 -5.01 1.34
C LYS A 89 9.71 -4.92 -0.16
N GLN A 90 9.43 -6.02 -0.85
CA GLN A 90 9.60 -6.07 -2.29
C GLN A 90 8.80 -4.96 -2.97
N VAL A 91 7.59 -4.77 -2.47
CA VAL A 91 6.70 -3.75 -3.01
C VAL A 91 7.19 -2.37 -2.56
N LEU A 92 7.40 -2.24 -1.26
CA LEU A 92 7.85 -0.98 -0.69
C LEU A 92 9.09 -0.52 -1.44
N GLN A 93 10.07 -1.40 -1.52
CA GLN A 93 11.31 -1.09 -2.21
C GLN A 93 11.05 -0.82 -3.69
N HIS A 94 10.02 -1.48 -4.20
CA HIS A 94 9.65 -1.32 -5.59
C HIS A 94 9.09 0.09 -5.82
N ILE A 95 8.04 0.40 -5.07
CA ILE A 95 7.41 1.71 -5.18
C ILE A 95 8.47 2.80 -5.01
N ILE A 96 9.29 2.62 -3.98
CA ILE A 96 10.34 3.58 -3.69
C ILE A 96 11.26 3.71 -4.91
N GLU A 97 11.48 2.58 -5.56
CA GLU A 97 12.33 2.56 -6.75
C GLU A 97 11.68 3.34 -7.88
N GLU A 98 10.38 3.13 -8.04
CA GLU A 98 9.64 3.81 -9.08
C GLU A 98 9.71 5.32 -8.88
N ALA A 99 9.47 5.74 -7.65
CA ALA A 99 9.50 7.16 -7.32
C ALA A 99 10.95 7.66 -7.40
N GLU A 100 11.87 6.77 -7.04
CA GLU A 100 13.28 7.10 -7.07
C GLU A 100 13.71 7.49 -8.49
N LYS A 101 13.40 6.61 -9.43
CA LYS A 101 13.75 6.83 -10.82
C LYS A 101 13.21 8.20 -11.25
N ARG A 102 11.92 8.39 -11.03
CA ARG A 102 11.27 9.63 -11.39
C ARG A 102 11.86 10.80 -10.58
N GLY A 103 12.14 10.51 -9.31
CA GLY A 103 12.70 11.51 -8.43
C GLY A 103 11.60 12.35 -7.76
N TYR A 104 10.94 11.73 -6.79
CA TYR A 104 9.88 12.40 -6.07
C TYR A 104 10.43 13.28 -4.95
N GLU A 105 9.52 13.80 -4.15
CA GLU A 105 9.90 14.66 -3.04
C GLU A 105 9.66 13.94 -1.70
N ARG A 106 8.61 13.14 -1.67
CA ARG A 106 8.26 12.40 -0.47
C ARG A 106 7.28 11.27 -0.81
N LEU A 107 7.27 10.28 0.07
CA LEU A 107 6.39 9.14 -0.13
C LEU A 107 5.39 9.06 1.03
N SER A 108 4.14 8.85 0.68
CA SER A 108 3.08 8.76 1.67
C SER A 108 2.71 7.29 1.91
N LEU A 109 1.96 7.07 2.98
CA LEU A 109 1.53 5.72 3.33
C LEU A 109 0.16 5.78 3.99
N GLU A 110 -0.49 4.63 4.04
CA GLU A 110 -1.81 4.55 4.64
C GLU A 110 -1.73 3.87 6.01
N THR A 111 -1.82 4.69 7.04
CA THR A 111 -1.76 4.19 8.41
C THR A 111 -2.53 5.12 9.35
N GLY A 112 -3.07 4.50 10.40
CA GLY A 112 -3.83 5.26 11.39
C GLY A 112 -4.02 4.45 12.66
N SER A 113 -3.07 3.56 12.92
CA SER A 113 -3.13 2.73 14.10
C SER A 113 -3.84 1.41 13.78
N MET A 114 -4.57 1.43 12.67
CA MET A 114 -5.30 0.26 12.23
C MET A 114 -4.51 -1.02 12.50
N ALA A 115 -5.16 -1.95 13.18
CA ALA A 115 -4.51 -3.22 13.51
C ALA A 115 -4.08 -3.91 12.21
N SER A 116 -5.01 -3.99 11.28
CA SER A 116 -4.74 -4.62 10.00
C SER A 116 -3.46 -4.01 9.38
N PHE A 117 -3.14 -2.82 9.84
CA PHE A 117 -1.95 -2.13 9.34
C PHE A 117 -1.03 -1.74 10.49
N GLU A 118 -1.06 -2.55 11.54
CA GLU A 118 -0.23 -2.31 12.70
C GLU A 118 1.25 -2.53 12.36
N PRO A 119 1.52 -3.71 11.74
CA PRO A 119 2.88 -4.06 11.35
C PRO A 119 3.32 -3.28 10.11
N ALA A 120 2.32 -2.78 9.39
CA ALA A 120 2.59 -2.01 8.18
C ALA A 120 3.45 -0.79 8.55
N ARG A 121 3.05 -0.13 9.62
CA ARG A 121 3.76 1.05 10.08
C ARG A 121 5.16 0.66 10.59
N LYS A 122 5.21 -0.49 11.25
CA LYS A 122 6.46 -0.98 11.79
C LYS A 122 7.43 -1.27 10.64
N LEU A 123 6.86 -1.66 9.51
CA LEU A 123 7.66 -1.97 8.34
C LEU A 123 8.12 -0.67 7.68
N TYR A 124 7.31 0.36 7.83
CA TYR A 124 7.63 1.66 7.27
C TYR A 124 8.74 2.33 8.06
N GLU A 125 8.57 2.38 9.38
CA GLU A 125 9.56 2.98 10.25
C GLU A 125 10.91 2.28 10.10
N SER A 126 10.83 1.01 9.75
CA SER A 126 12.04 0.21 9.57
C SER A 126 12.69 0.54 8.23
N PHE A 127 11.84 0.89 7.27
CA PHE A 127 12.32 1.22 5.93
C PHE A 127 12.80 2.67 5.88
N GLY A 128 12.40 3.44 6.87
CA GLY A 128 12.80 4.84 6.95
C GLY A 128 11.58 5.75 6.75
N PHE A 129 10.85 5.96 7.83
CA PHE A 129 9.67 6.80 7.78
C PHE A 129 9.52 7.60 9.08
N GLN A 130 9.21 8.88 8.93
CA GLN A 130 9.03 9.75 10.07
C GLN A 130 7.63 10.37 10.05
N TYR A 131 7.14 10.68 11.25
CA TYR A 131 5.83 11.27 11.39
C TYR A 131 5.72 12.57 10.59
N CYS A 132 4.57 12.75 9.97
CA CYS A 132 4.33 13.95 9.17
C CYS A 132 2.82 14.09 8.98
N GLU A 133 2.45 15.19 8.31
CA GLU A 133 1.04 15.46 8.05
C GLU A 133 0.40 14.28 7.31
N PRO A 134 -0.88 14.00 7.68
CA PRO A 134 -1.61 12.91 7.07
C PRO A 134 -2.07 13.28 5.65
N PHE A 135 -1.52 12.57 4.68
CA PHE A 135 -1.86 12.82 3.29
C PHE A 135 -3.00 11.91 2.83
N ALA A 136 -3.03 10.71 3.40
CA ALA A 136 -4.06 9.75 3.06
C ALA A 136 -5.42 10.44 3.04
N ASP A 137 -6.06 10.43 4.20
CA ASP A 137 -7.36 11.06 4.33
C ASP A 137 -7.60 11.46 5.80
N TYR A 138 -7.58 10.45 6.65
CA TYR A 138 -7.78 10.69 8.07
C TYR A 138 -6.96 11.89 8.55
N GLY A 139 -7.39 12.43 9.69
CA GLY A 139 -6.70 13.58 10.26
C GLY A 139 -6.30 13.31 11.71
N GLU A 140 -6.02 14.39 12.43
CA GLU A 140 -5.62 14.28 13.82
C GLU A 140 -6.70 13.56 14.63
N ASP A 141 -6.31 13.12 15.82
CA ASP A 141 -7.24 12.41 16.69
C ASP A 141 -6.45 11.74 17.82
N PRO A 142 -7.21 11.18 18.79
CA PRO A 142 -6.60 10.51 19.92
C PRO A 142 -6.05 9.14 19.51
N ASN A 143 -6.59 8.62 18.42
CA ASN A 143 -6.17 7.32 17.92
C ASN A 143 -5.89 7.43 16.43
N SER A 144 -4.96 8.31 16.09
CA SER A 144 -4.59 8.52 14.70
C SER A 144 -3.08 8.80 14.60
N VAL A 145 -2.46 8.14 13.62
CA VAL A 145 -1.04 8.30 13.41
C VAL A 145 -0.77 8.48 11.91
N PHE A 146 0.33 9.15 11.61
CA PHE A 146 0.71 9.39 10.23
C PHE A 146 2.21 9.68 10.12
N MET A 147 2.77 9.28 8.99
CA MET A 147 4.19 9.48 8.74
C MET A 147 4.50 9.43 7.25
N THR A 148 5.64 10.00 6.89
CA THR A 148 6.06 10.04 5.50
C THR A 148 7.55 9.69 5.38
N LYS A 149 7.92 9.19 4.22
CA LYS A 149 9.30 8.82 3.96
C LYS A 149 9.97 9.90 3.11
N LYS A 150 11.15 10.30 3.55
CA LYS A 150 11.90 11.33 2.84
C LYS A 150 12.93 10.66 1.92
N LEU A 151 12.76 10.90 0.63
CA LEU A 151 13.66 10.32 -0.36
C LEU A 151 15.10 10.61 0.05
N MET A 1 15.15 -9.42 -6.51
CA MET A 1 14.66 -10.75 -6.85
C MET A 1 13.97 -10.74 -8.22
N HIS A 2 12.70 -10.39 -8.21
CA HIS A 2 11.93 -10.34 -9.43
C HIS A 2 10.64 -9.53 -9.20
N ILE A 3 10.62 -8.34 -9.79
CA ILE A 3 9.47 -7.46 -9.66
C ILE A 3 8.89 -7.18 -11.05
N LYS A 4 7.57 -7.23 -11.11
CA LYS A 4 6.87 -6.98 -12.37
C LYS A 4 5.64 -6.12 -12.10
N ILE A 5 4.96 -5.77 -13.18
CA ILE A 5 3.76 -4.94 -13.08
C ILE A 5 2.54 -5.79 -13.40
N ASP A 6 1.51 -5.63 -12.56
CA ASP A 6 0.29 -6.38 -12.74
C ASP A 6 -0.86 -5.40 -13.02
N ASP A 7 -1.77 -5.84 -13.88
CA ASP A 7 -2.91 -5.03 -14.25
C ASP A 7 -4.20 -5.80 -13.99
N LEU A 8 -4.83 -5.49 -12.87
CA LEU A 8 -6.07 -6.15 -12.49
C LEU A 8 -5.98 -7.63 -12.85
N THR A 9 -5.02 -8.31 -12.21
CA THR A 9 -4.83 -9.72 -12.44
C THR A 9 -4.04 -10.35 -11.30
N GLY A 10 -4.13 -11.66 -11.19
CA GLY A 10 -3.44 -12.39 -10.16
C GLY A 10 -4.38 -12.73 -8.99
N ARG A 11 -4.61 -14.01 -8.81
CA ARG A 11 -5.49 -14.48 -7.75
C ARG A 11 -4.91 -14.10 -6.38
N GLN A 12 -3.69 -14.54 -6.15
CA GLN A 12 -3.01 -14.25 -4.89
C GLN A 12 -2.85 -12.74 -4.70
N VAL A 13 -2.43 -12.09 -5.77
CA VAL A 13 -2.24 -10.64 -5.74
C VAL A 13 -3.58 -9.97 -5.43
N VAL A 14 -4.63 -10.50 -6.03
CA VAL A 14 -5.96 -9.96 -5.83
C VAL A 14 -6.45 -10.31 -4.42
N SER A 15 -6.34 -11.59 -4.10
CA SER A 15 -6.75 -12.07 -2.79
C SER A 15 -6.13 -11.21 -1.69
N LEU A 16 -4.86 -10.88 -1.89
CA LEU A 16 -4.13 -10.07 -0.93
C LEU A 16 -4.85 -8.74 -0.75
N VAL A 17 -5.25 -8.16 -1.88
CA VAL A 17 -5.94 -6.88 -1.87
C VAL A 17 -7.27 -7.04 -1.13
N ASN A 18 -8.01 -8.06 -1.53
CA ASN A 18 -9.30 -8.33 -0.92
C ASN A 18 -9.11 -8.63 0.57
N GLU A 19 -7.86 -8.89 0.93
CA GLU A 19 -7.52 -9.19 2.31
C GLU A 19 -8.36 -10.38 2.81
N HIS A 20 -8.00 -11.55 2.31
CA HIS A 20 -8.70 -12.77 2.70
C HIS A 20 -8.28 -13.18 4.11
N LEU A 21 -6.98 -13.12 4.34
CA LEU A 21 -6.42 -13.49 5.64
C LEU A 21 -6.98 -12.54 6.71
N HIS A 22 -6.84 -11.25 6.43
CA HIS A 22 -7.32 -10.24 7.36
C HIS A 22 -6.86 -10.57 8.78
N SER A 23 -7.36 -9.79 9.73
CA SER A 23 -7.01 -10.00 11.13
C SER A 23 -8.26 -10.38 11.93
N MET A 24 -8.06 -10.57 13.22
CA MET A 24 -9.15 -10.94 14.10
C MET A 24 -9.87 -9.69 14.62
N THR A 25 -10.34 -8.89 13.68
CA THR A 25 -11.05 -7.67 14.02
C THR A 25 -12.10 -7.34 12.95
N LEU A 26 -13.26 -6.92 13.41
CA LEU A 26 -14.34 -6.56 12.50
C LEU A 26 -15.43 -5.82 13.28
N MET A 27 -15.53 -4.53 13.01
CA MET A 27 -16.53 -3.71 13.67
C MET A 27 -16.46 -2.26 13.17
N SER A 28 -15.29 -1.65 13.35
CA SER A 28 -15.08 -0.29 12.92
C SER A 28 -15.70 -0.07 11.53
N PRO A 29 -16.90 0.58 11.53
CA PRO A 29 -17.59 0.85 10.29
C PRO A 29 -16.93 2.00 9.53
N PRO A 30 -17.00 1.91 8.18
CA PRO A 30 -16.41 2.93 7.32
C PRO A 30 -17.27 4.20 7.32
N GLU A 31 -16.83 5.16 6.53
CA GLU A 31 -17.55 6.42 6.42
C GLU A 31 -18.74 6.28 5.48
N SER A 32 -18.43 5.87 4.25
CA SER A 32 -19.47 5.69 3.25
C SER A 32 -20.51 4.69 3.74
N ILE A 33 -21.55 4.51 2.94
CA ILE A 33 -22.62 3.59 3.29
C ILE A 33 -22.45 2.30 2.49
N HIS A 34 -22.42 1.19 3.22
CA HIS A 34 -22.26 -0.11 2.59
C HIS A 34 -21.25 -0.02 1.45
N ALA A 35 -20.05 0.40 1.81
CA ALA A 35 -18.98 0.54 0.82
C ALA A 35 -17.68 0.91 1.53
N LEU A 36 -16.67 0.08 1.31
CA LEU A 36 -15.37 0.30 1.93
C LEU A 36 -15.01 1.79 1.82
N GLY A 37 -15.04 2.28 0.59
CA GLY A 37 -14.71 3.67 0.32
C GLY A 37 -13.40 3.79 -0.46
N LEU A 38 -13.37 3.12 -1.61
CA LEU A 38 -12.19 3.15 -2.45
C LEU A 38 -12.10 4.50 -3.15
N GLU A 39 -12.92 4.67 -4.18
CA GLU A 39 -12.95 5.90 -4.93
C GLU A 39 -11.52 6.40 -5.18
N LYS A 40 -10.72 5.54 -5.80
CA LYS A 40 -9.34 5.89 -6.09
C LYS A 40 -8.81 4.94 -7.18
N LEU A 41 -8.68 3.68 -6.80
CA LEU A 41 -8.18 2.66 -7.72
C LEU A 41 -8.98 2.74 -9.02
N ARG A 42 -10.28 2.95 -8.87
CA ARG A 42 -11.17 3.05 -10.02
C ARG A 42 -11.07 4.43 -10.65
N GLY A 43 -9.85 4.80 -11.01
CA GLY A 43 -9.61 6.10 -11.63
C GLY A 43 -8.68 5.97 -12.84
N PRO A 44 -8.50 7.11 -13.55
CA PRO A 44 -7.64 7.13 -14.72
C PRO A 44 -6.17 7.11 -14.33
N GLU A 45 -5.32 6.84 -15.31
CA GLU A 45 -3.89 6.77 -15.08
C GLU A 45 -3.59 6.01 -13.79
N ILE A 46 -4.12 4.79 -13.74
CA ILE A 46 -3.92 3.94 -12.57
C ILE A 46 -3.02 2.76 -12.96
N THR A 47 -2.05 2.50 -12.09
CA THR A 47 -1.12 1.40 -12.33
C THR A 47 -0.91 0.60 -11.05
N PHE A 48 -0.84 -0.72 -11.22
CA PHE A 48 -0.65 -1.61 -10.09
C PHE A 48 0.63 -2.41 -10.24
N TRP A 49 1.49 -2.29 -9.24
CA TRP A 49 2.76 -3.00 -9.24
C TRP A 49 2.62 -4.24 -8.35
N SER A 50 3.36 -5.27 -8.72
CA SER A 50 3.32 -6.51 -7.96
C SER A 50 4.71 -7.16 -7.95
N ALA A 51 4.98 -7.90 -6.88
CA ALA A 51 6.26 -8.57 -6.74
C ALA A 51 6.05 -10.09 -6.81
N TRP A 52 7.06 -10.77 -7.31
CA TRP A 52 6.99 -12.21 -7.44
C TRP A 52 8.38 -12.78 -7.15
N GLU A 53 8.47 -13.56 -6.08
CA GLU A 53 9.72 -14.17 -5.69
C GLU A 53 9.55 -15.66 -5.46
N GLY A 54 9.47 -16.39 -6.57
CA GLY A 54 9.30 -17.83 -6.50
C GLY A 54 8.11 -18.29 -7.35
N ASP A 55 7.25 -19.09 -6.72
CA ASP A 55 6.08 -19.59 -7.41
C ASP A 55 4.84 -18.84 -6.90
N GLU A 56 5.08 -17.99 -5.91
CA GLU A 56 3.99 -17.21 -5.33
C GLU A 56 4.37 -15.73 -5.32
N LEU A 57 3.33 -14.90 -5.32
CA LEU A 57 3.53 -13.45 -5.30
C LEU A 57 4.45 -13.08 -4.14
N ALA A 58 5.14 -11.96 -4.30
CA ALA A 58 6.05 -11.49 -3.27
C ALA A 58 5.54 -10.16 -2.72
N GLY A 59 4.36 -9.77 -3.19
CA GLY A 59 3.75 -8.52 -2.75
C GLY A 59 2.92 -7.90 -3.86
N CYS A 60 1.93 -7.11 -3.46
CA CYS A 60 1.06 -6.45 -4.41
C CYS A 60 0.67 -5.08 -3.84
N GLY A 61 0.33 -4.17 -4.73
CA GLY A 61 -0.06 -2.84 -4.33
C GLY A 61 -0.24 -1.93 -5.55
N ALA A 62 -0.84 -0.77 -5.31
CA ALA A 62 -1.07 0.19 -6.37
C ALA A 62 -0.27 1.46 -6.08
N LEU A 63 -0.27 2.36 -7.06
CA LEU A 63 0.44 3.62 -6.93
C LEU A 63 -0.06 4.60 -7.99
N LYS A 64 -0.62 5.71 -7.51
CA LYS A 64 -1.14 6.72 -8.41
C LYS A 64 -0.52 8.07 -8.04
N GLU A 65 -0.04 8.77 -9.07
CA GLU A 65 0.58 10.07 -8.87
C GLU A 65 -0.36 10.98 -8.07
N LEU A 66 0.24 11.96 -7.41
CA LEU A 66 -0.53 12.91 -6.62
C LEU A 66 -0.19 14.33 -7.07
N ASP A 67 1.09 14.66 -6.96
CA ASP A 67 1.55 15.98 -7.36
C ASP A 67 2.83 15.84 -8.18
N THR A 68 3.46 16.98 -8.42
CA THR A 68 4.70 17.01 -9.19
C THR A 68 5.78 16.18 -8.49
N ARG A 69 5.80 16.28 -7.18
CA ARG A 69 6.79 15.55 -6.39
C ARG A 69 6.13 14.95 -5.15
N HIS A 70 4.93 14.41 -5.35
CA HIS A 70 4.18 13.79 -4.27
C HIS A 70 3.39 12.60 -4.79
N GLY A 71 3.49 11.50 -4.06
CA GLY A 71 2.79 10.28 -4.44
C GLY A 71 2.21 9.58 -3.20
N GLU A 72 1.43 8.55 -3.47
CA GLU A 72 0.81 7.79 -2.39
C GLU A 72 0.60 6.34 -2.83
N ILE A 73 0.62 5.45 -1.86
CA ILE A 73 0.43 4.03 -2.13
C ILE A 73 -0.92 3.59 -1.57
N LYS A 74 -1.57 2.72 -2.32
CA LYS A 74 -2.88 2.21 -1.92
C LYS A 74 -2.72 0.78 -1.40
N SER A 75 -3.16 -0.17 -2.23
CA SER A 75 -3.08 -1.58 -1.86
C SER A 75 -1.68 -1.90 -1.34
N MET A 76 -1.65 -2.59 -0.21
CA MET A 76 -0.38 -2.96 0.40
C MET A 76 -0.61 -3.66 1.74
N ARG A 77 -0.87 -4.96 1.66
CA ARG A 77 -1.11 -5.75 2.85
C ARG A 77 -0.53 -7.15 2.67
N THR A 78 -0.19 -7.76 3.80
CA THR A 78 0.37 -9.10 3.78
C THR A 78 0.31 -9.73 5.19
N SER A 79 0.19 -11.05 5.20
CA SER A 79 0.12 -11.77 6.46
C SER A 79 -0.21 -13.23 6.20
N ALA A 80 -0.77 -13.87 7.22
CA ALA A 80 -1.14 -15.28 7.11
C ALA A 80 0.12 -16.13 7.03
N SER A 81 -0.07 -17.39 6.70
CA SER A 81 1.04 -18.32 6.58
C SER A 81 1.83 -18.05 5.30
N HIS A 82 2.40 -16.86 5.24
CA HIS A 82 3.19 -16.46 4.08
C HIS A 82 4.47 -15.76 4.54
N LEU A 83 5.25 -15.34 3.56
CA LEU A 83 6.50 -14.65 3.85
C LEU A 83 6.22 -13.37 4.62
N ARG A 84 7.11 -13.06 5.54
CA ARG A 84 6.96 -11.87 6.36
C ARG A 84 8.20 -10.99 6.23
N LYS A 85 8.02 -9.69 6.52
CA LYS A 85 9.10 -8.74 6.43
C LYS A 85 9.93 -9.03 5.18
N GLY A 86 9.51 -8.42 4.08
CA GLY A 86 10.20 -8.61 2.82
C GLY A 86 9.23 -8.50 1.64
N VAL A 87 8.13 -9.22 1.75
CA VAL A 87 7.12 -9.21 0.71
C VAL A 87 6.69 -7.77 0.42
N ALA A 88 6.16 -7.13 1.46
CA ALA A 88 5.72 -5.76 1.32
C ALA A 88 6.92 -4.85 1.12
N LYS A 89 8.00 -5.17 1.83
CA LYS A 89 9.22 -4.40 1.73
C LYS A 89 9.71 -4.40 0.28
N GLN A 90 9.49 -5.52 -0.38
CA GLN A 90 9.90 -5.66 -1.77
C GLN A 90 9.14 -4.66 -2.65
N VAL A 91 7.85 -4.58 -2.41
CA VAL A 91 7.00 -3.67 -3.18
C VAL A 91 7.36 -2.23 -2.82
N LEU A 92 7.35 -1.95 -1.52
CA LEU A 92 7.67 -0.62 -1.04
C LEU A 92 8.97 -0.13 -1.71
N GLN A 93 9.98 -0.98 -1.64
CA GLN A 93 11.27 -0.66 -2.24
C GLN A 93 11.09 -0.30 -3.72
N HIS A 94 10.18 -1.01 -4.36
CA HIS A 94 9.90 -0.79 -5.77
C HIS A 94 9.24 0.58 -5.95
N ILE A 95 8.15 0.78 -5.24
CA ILE A 95 7.42 2.03 -5.31
C ILE A 95 8.37 3.19 -5.04
N ILE A 96 9.18 3.01 -4.00
CA ILE A 96 10.14 4.03 -3.62
C ILE A 96 11.08 4.30 -4.80
N GLU A 97 11.57 3.23 -5.38
CA GLU A 97 12.48 3.34 -6.52
C GLU A 97 11.78 4.03 -7.69
N GLU A 98 10.53 3.62 -7.92
CA GLU A 98 9.75 4.18 -9.00
C GLU A 98 9.66 5.70 -8.86
N ALA A 99 9.31 6.14 -7.66
CA ALA A 99 9.19 7.56 -7.39
C ALA A 99 10.58 8.21 -7.46
N GLU A 100 11.58 7.45 -7.03
CA GLU A 100 12.94 7.93 -7.05
C GLU A 100 13.38 8.26 -8.48
N LYS A 101 13.09 7.33 -9.38
CA LYS A 101 13.44 7.51 -10.78
C LYS A 101 12.65 8.69 -11.35
N ARG A 102 11.33 8.64 -11.12
CA ARG A 102 10.46 9.69 -11.62
C ARG A 102 11.01 11.07 -11.23
N GLY A 103 11.49 11.16 -10.00
CA GLY A 103 12.04 12.40 -9.50
C GLY A 103 11.14 13.02 -8.43
N TYR A 104 10.84 12.21 -7.42
CA TYR A 104 9.99 12.67 -6.33
C TYR A 104 10.84 13.19 -5.16
N GLU A 105 10.17 13.92 -4.28
CA GLU A 105 10.83 14.49 -3.12
C GLU A 105 9.95 14.36 -1.88
N ARG A 106 8.90 13.56 -2.02
CA ARG A 106 7.98 13.35 -0.92
C ARG A 106 7.14 12.09 -1.17
N LEU A 107 6.66 11.51 -0.08
CA LEU A 107 5.85 10.31 -0.16
C LEU A 107 4.93 10.24 1.05
N SER A 108 3.64 10.18 0.77
CA SER A 108 2.63 10.11 1.83
C SER A 108 1.82 8.82 1.69
N LEU A 109 1.12 8.49 2.77
CA LEU A 109 0.30 7.29 2.78
C LEU A 109 -0.49 7.23 4.09
N GLU A 110 -1.56 6.44 4.07
CA GLU A 110 -2.40 6.30 5.24
C GLU A 110 -1.96 5.09 6.06
N THR A 111 -1.67 5.35 7.32
CA THR A 111 -1.23 4.30 8.23
C THR A 111 -1.16 4.83 9.66
N GLY A 112 -2.19 4.52 10.43
CA GLY A 112 -2.24 4.95 11.82
C GLY A 112 -1.47 4.00 12.73
N SER A 113 -2.20 3.32 13.60
CA SER A 113 -1.60 2.38 14.52
C SER A 113 -2.61 1.31 14.92
N MET A 114 -3.38 0.88 13.94
CA MET A 114 -4.39 -0.14 14.17
C MET A 114 -3.78 -1.54 14.21
N ALA A 115 -4.34 -2.38 15.06
CA ALA A 115 -3.86 -3.75 15.20
C ALA A 115 -3.81 -4.40 13.82
N SER A 116 -4.67 -3.92 12.93
CA SER A 116 -4.72 -4.45 11.58
C SER A 116 -3.48 -4.03 10.79
N PHE A 117 -3.05 -2.81 11.04
CA PHE A 117 -1.87 -2.28 10.37
C PHE A 117 -0.80 -1.87 11.38
N GLU A 118 -0.66 -2.69 12.40
CA GLU A 118 0.33 -2.43 13.44
C GLU A 118 1.75 -2.68 12.92
N PRO A 119 1.92 -3.88 12.30
CA PRO A 119 3.21 -4.26 11.76
C PRO A 119 3.49 -3.52 10.44
N ALA A 120 2.42 -3.05 9.83
CA ALA A 120 2.53 -2.32 8.58
C ALA A 120 3.36 -1.05 8.81
N ARG A 121 2.98 -0.31 9.83
CA ARG A 121 3.68 0.92 10.16
C ARG A 121 5.07 0.60 10.71
N LYS A 122 5.17 -0.51 11.40
CA LYS A 122 6.43 -0.93 11.97
C LYS A 122 7.38 -1.36 10.85
N LEU A 123 6.78 -1.76 9.74
CA LEU A 123 7.56 -2.21 8.59
C LEU A 123 8.13 -0.98 7.88
N TYR A 124 7.40 0.13 7.98
CA TYR A 124 7.83 1.37 7.35
C TYR A 124 9.01 1.98 8.10
N GLU A 125 8.84 2.13 9.40
CA GLU A 125 9.88 2.71 10.23
C GLU A 125 11.16 1.88 10.13
N SER A 126 10.97 0.60 9.83
CA SER A 126 12.10 -0.31 9.69
C SER A 126 12.81 -0.07 8.36
N PHE A 127 12.16 0.70 7.51
CA PHE A 127 12.72 1.01 6.20
C PHE A 127 13.38 2.39 6.20
N GLY A 128 13.03 3.19 7.20
CA GLY A 128 13.58 4.52 7.32
C GLY A 128 12.49 5.53 7.69
N PHE A 129 11.29 5.29 7.16
CA PHE A 129 10.16 6.16 7.41
C PHE A 129 10.22 6.73 8.84
N GLN A 130 9.64 7.92 8.98
CA GLN A 130 9.63 8.58 10.27
C GLN A 130 8.19 8.99 10.64
N TYR A 131 7.94 9.03 11.93
CA TYR A 131 6.62 9.40 12.43
C TYR A 131 6.54 10.91 12.70
N CYS A 132 6.02 11.63 11.72
CA CYS A 132 5.88 13.07 11.84
C CYS A 132 4.60 13.49 11.11
N GLU A 133 3.91 14.45 11.71
CA GLU A 133 2.68 14.96 11.13
C GLU A 133 1.68 13.81 10.93
N PRO A 134 0.55 13.89 11.68
CA PRO A 134 -0.49 12.88 11.60
C PRO A 134 -1.30 13.02 10.31
N PHE A 135 -2.24 12.12 10.14
CA PHE A 135 -3.10 12.14 8.96
C PHE A 135 -3.99 10.90 8.91
N ALA A 136 -4.55 10.66 7.74
CA ALA A 136 -5.43 9.52 7.54
C ALA A 136 -6.73 9.76 8.29
N ASP A 137 -6.62 9.84 9.61
CA ASP A 137 -7.77 10.07 10.45
C ASP A 137 -7.94 11.56 10.71
N TYR A 138 -7.09 12.34 10.05
CA TYR A 138 -7.13 13.79 10.20
C TYR A 138 -6.94 14.20 11.66
N GLY A 139 -6.40 15.39 11.84
CA GLY A 139 -6.16 15.91 13.18
C GLY A 139 -5.42 14.88 14.04
N GLU A 140 -5.16 15.28 15.27
CA GLU A 140 -4.46 14.40 16.20
C GLU A 140 -5.42 13.37 16.78
N ASP A 141 -4.87 12.50 17.62
CA ASP A 141 -5.67 11.46 18.24
C ASP A 141 -4.75 10.53 19.03
N PRO A 142 -5.35 9.86 20.06
CA PRO A 142 -4.60 8.95 20.91
C PRO A 142 -4.31 7.64 20.17
N ASN A 143 -5.30 7.21 19.38
CA ASN A 143 -5.17 5.98 18.62
C ASN A 143 -5.16 6.31 17.12
N SER A 144 -4.22 7.17 16.74
CA SER A 144 -4.10 7.57 15.35
C SER A 144 -2.73 8.22 15.12
N VAL A 145 -2.08 7.80 14.05
CA VAL A 145 -0.78 8.33 13.70
C VAL A 145 -0.63 8.36 12.18
N PHE A 146 0.57 8.70 11.74
CA PHE A 146 0.86 8.78 10.32
C PHE A 146 2.34 8.53 10.04
N MET A 147 2.64 8.33 8.77
CA MET A 147 4.02 8.08 8.36
C MET A 147 4.36 8.84 7.07
N THR A 148 5.60 9.27 6.98
CA THR A 148 6.06 10.00 5.81
C THR A 148 7.46 9.55 5.42
N LYS A 149 7.73 9.65 4.12
CA LYS A 149 9.03 9.25 3.60
C LYS A 149 9.67 10.45 2.89
N LYS A 150 10.98 10.60 3.12
CA LYS A 150 11.72 11.69 2.52
C LYS A 150 12.75 11.12 1.55
N LEU A 151 12.43 11.23 0.27
CA LEU A 151 13.32 10.73 -0.77
C LEU A 151 14.59 11.59 -0.81
N MET A 1 13.29 -12.26 -5.18
CA MET A 1 13.86 -11.16 -5.94
C MET A 1 13.26 -11.10 -7.35
N HIS A 2 12.08 -10.52 -7.43
CA HIS A 2 11.39 -10.40 -8.70
C HIS A 2 10.27 -9.37 -8.58
N ILE A 3 10.49 -8.22 -9.22
CA ILE A 3 9.50 -7.15 -9.19
C ILE A 3 9.04 -6.84 -10.61
N LYS A 4 7.74 -6.65 -10.76
CA LYS A 4 7.16 -6.35 -12.05
C LYS A 4 5.90 -5.51 -11.87
N ILE A 5 5.33 -5.11 -12.99
CA ILE A 5 4.11 -4.32 -12.96
C ILE A 5 2.94 -5.14 -13.50
N ASP A 6 1.83 -5.08 -12.77
CA ASP A 6 0.64 -5.82 -13.16
C ASP A 6 -0.55 -4.86 -13.20
N ASP A 7 -1.41 -5.07 -14.18
CA ASP A 7 -2.60 -4.24 -14.34
C ASP A 7 -3.84 -5.13 -14.35
N LEU A 8 -4.51 -5.17 -13.21
CA LEU A 8 -5.72 -5.97 -13.08
C LEU A 8 -5.52 -7.31 -13.80
N THR A 9 -4.87 -8.23 -13.09
CA THR A 9 -4.61 -9.55 -13.64
C THR A 9 -4.07 -10.49 -12.55
N GLY A 10 -4.71 -11.63 -12.46
CA GLY A 10 -4.31 -12.63 -11.46
C GLY A 10 -5.35 -12.74 -10.35
N ARG A 11 -5.94 -13.92 -10.24
CA ARG A 11 -6.95 -14.17 -9.23
C ARG A 11 -6.34 -14.02 -7.83
N GLN A 12 -5.26 -14.76 -7.61
CA GLN A 12 -4.58 -14.72 -6.33
C GLN A 12 -3.97 -13.34 -6.09
N VAL A 13 -3.63 -12.68 -7.19
CA VAL A 13 -3.04 -11.35 -7.10
C VAL A 13 -4.12 -10.35 -6.71
N VAL A 14 -5.29 -10.51 -7.31
CA VAL A 14 -6.41 -9.62 -7.02
C VAL A 14 -7.02 -10.00 -5.67
N SER A 15 -7.18 -11.30 -5.47
CA SER A 15 -7.75 -11.80 -4.23
C SER A 15 -7.01 -11.20 -3.03
N LEU A 16 -5.71 -11.02 -3.21
CA LEU A 16 -4.88 -10.45 -2.16
C LEU A 16 -5.28 -8.99 -1.93
N VAL A 17 -5.48 -8.28 -3.03
CA VAL A 17 -5.86 -6.88 -2.95
C VAL A 17 -7.31 -6.78 -2.48
N ASN A 18 -8.06 -7.86 -2.72
CA ASN A 18 -9.45 -7.91 -2.32
C ASN A 18 -9.54 -8.21 -0.82
N GLU A 19 -9.00 -9.38 -0.45
CA GLU A 19 -9.02 -9.80 0.93
C GLU A 19 -8.34 -11.16 1.07
N HIS A 20 -7.13 -11.13 1.62
CA HIS A 20 -6.37 -12.35 1.82
C HIS A 20 -6.57 -12.86 3.25
N LEU A 21 -6.21 -12.01 4.20
CA LEU A 21 -6.34 -12.35 5.61
C LEU A 21 -7.81 -12.22 6.02
N HIS A 22 -8.32 -11.00 5.90
CA HIS A 22 -9.70 -10.73 6.25
C HIS A 22 -10.03 -9.26 5.94
N SER A 23 -11.12 -9.09 5.19
CA SER A 23 -11.56 -7.75 4.82
C SER A 23 -12.17 -7.04 6.02
N MET A 24 -13.35 -7.52 6.41
CA MET A 24 -14.05 -6.95 7.54
C MET A 24 -14.71 -5.61 7.16
N THR A 25 -15.56 -5.14 8.05
CA THR A 25 -16.26 -3.88 7.82
C THR A 25 -15.66 -2.77 8.68
N LEU A 26 -15.35 -1.66 8.03
CA LEU A 26 -14.76 -0.52 8.72
C LEU A 26 -15.69 -0.10 9.88
N MET A 27 -15.28 0.94 10.58
CA MET A 27 -16.04 1.46 11.69
C MET A 27 -16.44 2.91 11.47
N SER A 28 -17.34 3.11 10.52
CA SER A 28 -17.81 4.44 10.19
C SER A 28 -19.34 4.48 10.24
N PRO A 29 -19.87 5.68 10.61
CA PRO A 29 -21.31 5.86 10.69
C PRO A 29 -21.94 5.97 9.30
N PRO A 30 -23.27 5.72 9.25
CA PRO A 30 -24.00 5.79 7.99
C PRO A 30 -24.22 7.24 7.57
N GLU A 31 -23.56 7.62 6.49
CA GLU A 31 -23.67 8.97 5.96
C GLU A 31 -22.70 9.18 4.81
N SER A 32 -22.67 8.21 3.90
CA SER A 32 -21.79 8.28 2.76
C SER A 32 -22.07 7.10 1.82
N ILE A 33 -21.48 7.18 0.63
CA ILE A 33 -21.65 6.14 -0.36
C ILE A 33 -20.37 5.30 -0.44
N HIS A 34 -20.22 4.42 0.55
CA HIS A 34 -19.04 3.56 0.60
C HIS A 34 -17.79 4.40 0.86
N ALA A 35 -17.39 5.13 -0.17
CA ALA A 35 -16.21 5.98 -0.07
C ALA A 35 -14.98 5.10 0.16
N LEU A 36 -14.18 4.98 -0.89
CA LEU A 36 -12.97 4.18 -0.81
C LEU A 36 -12.08 4.48 -2.03
N GLY A 37 -12.17 3.59 -3.01
CA GLY A 37 -11.38 3.76 -4.23
C GLY A 37 -11.80 2.73 -5.28
N LEU A 38 -13.08 2.41 -5.29
CA LEU A 38 -13.62 1.45 -6.23
C LEU A 38 -13.09 1.77 -7.63
N GLU A 39 -13.64 2.82 -8.21
CA GLU A 39 -13.22 3.25 -9.54
C GLU A 39 -11.78 3.76 -9.52
N LYS A 40 -11.26 3.90 -8.31
CA LYS A 40 -9.90 4.38 -8.13
C LYS A 40 -8.92 3.25 -8.44
N LEU A 41 -8.86 2.31 -7.51
CA LEU A 41 -7.97 1.16 -7.67
C LEU A 41 -8.65 0.11 -8.53
N ARG A 42 -9.10 0.54 -9.70
CA ARG A 42 -9.76 -0.36 -10.63
C ARG A 42 -10.12 0.38 -11.92
N GLY A 43 -9.11 0.54 -12.76
CA GLY A 43 -9.29 1.22 -14.04
C GLY A 43 -7.95 1.51 -14.70
N PRO A 44 -8.03 1.87 -16.01
CA PRO A 44 -6.83 2.19 -16.78
C PRO A 44 -6.27 3.56 -16.38
N GLU A 45 -6.07 3.73 -15.09
CA GLU A 45 -5.53 4.99 -14.58
C GLU A 45 -4.51 4.72 -13.48
N ILE A 46 -4.87 3.81 -12.58
CA ILE A 46 -3.99 3.47 -11.48
C ILE A 46 -3.17 2.24 -11.86
N THR A 47 -1.86 2.35 -11.66
CA THR A 47 -0.95 1.26 -11.98
C THR A 47 -0.68 0.41 -10.73
N PHE A 48 -0.62 -0.89 -10.95
CA PHE A 48 -0.37 -1.82 -9.87
C PHE A 48 0.97 -2.53 -10.05
N TRP A 49 1.81 -2.41 -9.03
CA TRP A 49 3.12 -3.03 -9.07
C TRP A 49 3.03 -4.38 -8.33
N SER A 50 3.40 -5.43 -9.05
CA SER A 50 3.35 -6.77 -8.49
C SER A 50 4.77 -7.24 -8.16
N ALA A 51 4.86 -8.48 -7.71
CA ALA A 51 6.14 -9.06 -7.35
C ALA A 51 5.96 -10.55 -7.03
N TRP A 52 6.97 -11.32 -7.41
CA TRP A 52 6.93 -12.75 -7.16
C TRP A 52 8.23 -13.15 -6.46
N GLU A 53 8.07 -13.83 -5.33
CA GLU A 53 9.21 -14.28 -4.55
C GLU A 53 9.06 -15.75 -4.17
N GLY A 54 9.36 -16.62 -5.13
CA GLY A 54 9.26 -18.05 -4.91
C GLY A 54 7.94 -18.60 -5.45
N ASP A 55 7.29 -19.40 -4.63
CA ASP A 55 6.02 -20.00 -5.02
C ASP A 55 4.90 -19.32 -4.23
N GLU A 56 5.18 -18.12 -3.76
CA GLU A 56 4.20 -17.37 -3.00
C GLU A 56 4.20 -15.90 -3.46
N LEU A 57 2.99 -15.36 -3.59
CA LEU A 57 2.83 -13.98 -4.02
C LEU A 57 3.72 -13.08 -3.15
N ALA A 58 4.79 -12.60 -3.76
CA ALA A 58 5.72 -11.72 -3.07
C ALA A 58 4.98 -10.51 -2.54
N GLY A 59 3.96 -10.10 -3.29
CA GLY A 59 3.16 -8.94 -2.91
C GLY A 59 2.87 -8.05 -4.11
N CYS A 60 2.07 -7.03 -3.88
CA CYS A 60 1.72 -6.09 -4.94
C CYS A 60 1.20 -4.81 -4.28
N GLY A 61 1.43 -3.70 -4.97
CA GLY A 61 0.99 -2.41 -4.47
C GLY A 61 0.64 -1.46 -5.63
N ALA A 62 0.19 -0.27 -5.26
CA ALA A 62 -0.17 0.72 -6.25
C ALA A 62 0.09 2.12 -5.68
N LEU A 63 -0.01 3.11 -6.56
CA LEU A 63 0.22 4.49 -6.17
C LEU A 63 -0.48 5.42 -7.16
N LYS A 64 -1.31 6.29 -6.61
CA LYS A 64 -2.05 7.25 -7.43
C LYS A 64 -1.24 8.54 -7.54
N GLU A 65 -1.45 9.23 -8.65
CA GLU A 65 -0.76 10.49 -8.89
C GLU A 65 -1.51 11.65 -8.25
N LEU A 66 -0.92 12.19 -7.19
CA LEU A 66 -1.53 13.30 -6.48
C LEU A 66 -1.06 14.62 -7.11
N ASP A 67 0.18 14.98 -6.78
CA ASP A 67 0.75 16.20 -7.30
C ASP A 67 1.94 15.87 -8.21
N THR A 68 2.59 16.91 -8.68
CA THR A 68 3.74 16.74 -9.56
C THR A 68 4.97 16.30 -8.76
N ARG A 69 4.93 16.60 -7.46
CA ARG A 69 6.03 16.25 -6.58
C ARG A 69 5.54 15.28 -5.50
N HIS A 70 4.31 15.52 -5.06
CA HIS A 70 3.71 14.68 -4.02
C HIS A 70 2.99 13.50 -4.68
N GLY A 71 2.88 12.43 -3.92
CA GLY A 71 2.21 11.23 -4.41
C GLY A 71 1.52 10.48 -3.27
N GLU A 72 1.06 9.27 -3.58
CA GLU A 72 0.38 8.45 -2.60
C GLU A 72 0.58 6.97 -2.92
N ILE A 73 0.61 6.16 -1.87
CA ILE A 73 0.78 4.73 -2.03
C ILE A 73 -0.39 4.00 -1.39
N LYS A 74 -1.10 3.24 -2.23
CA LYS A 74 -2.24 2.49 -1.77
C LYS A 74 -2.09 1.02 -2.17
N SER A 75 -2.90 0.18 -1.54
CA SER A 75 -2.86 -1.24 -1.83
C SER A 75 -1.60 -1.87 -1.22
N MET A 76 -1.61 -3.19 -1.15
CA MET A 76 -0.48 -3.92 -0.59
C MET A 76 -0.59 -4.02 0.93
N ARG A 77 -0.57 -5.25 1.41
CA ARG A 77 -0.66 -5.50 2.84
C ARG A 77 0.09 -6.78 3.21
N THR A 78 0.63 -6.77 4.43
CA THR A 78 1.38 -7.92 4.91
C THR A 78 0.43 -9.08 5.21
N SER A 79 0.94 -10.29 4.96
CA SER A 79 0.15 -11.49 5.21
C SER A 79 0.37 -11.98 6.64
N ALA A 80 -0.20 -13.14 6.93
CA ALA A 80 -0.07 -13.73 8.25
C ALA A 80 1.42 -13.84 8.60
N SER A 81 1.67 -14.30 9.82
CA SER A 81 3.03 -14.46 10.30
C SER A 81 3.57 -15.84 9.91
N HIS A 82 3.36 -16.19 8.66
CA HIS A 82 3.81 -17.48 8.15
C HIS A 82 4.18 -17.35 6.68
N LEU A 83 5.08 -16.41 6.41
CA LEU A 83 5.53 -16.18 5.04
C LEU A 83 7.06 -16.07 5.03
N ARG A 84 7.62 -16.34 3.86
CA ARG A 84 9.06 -16.27 3.70
C ARG A 84 9.46 -14.97 2.99
N LYS A 85 10.45 -14.30 3.57
CA LYS A 85 10.93 -13.05 3.01
C LYS A 85 9.88 -11.96 3.23
N GLY A 86 10.35 -10.72 3.19
CA GLY A 86 9.47 -9.58 3.38
C GLY A 86 8.68 -9.28 2.10
N VAL A 87 7.36 -9.39 2.22
CA VAL A 87 6.50 -9.12 1.09
C VAL A 87 6.41 -7.61 0.85
N ALA A 88 5.91 -6.92 1.87
CA ALA A 88 5.76 -5.47 1.79
C ALA A 88 7.13 -4.84 1.56
N LYS A 89 8.15 -5.49 2.12
CA LYS A 89 9.52 -5.00 1.98
C LYS A 89 9.91 -5.02 0.50
N GLN A 90 9.37 -6.00 -0.21
CA GLN A 90 9.66 -6.14 -1.63
C GLN A 90 9.00 -5.01 -2.42
N VAL A 91 7.70 -4.88 -2.23
CA VAL A 91 6.95 -3.84 -2.92
C VAL A 91 7.40 -2.47 -2.42
N LEU A 92 7.46 -2.33 -1.11
CA LEU A 92 7.87 -1.08 -0.50
C LEU A 92 9.15 -0.59 -1.19
N GLN A 93 10.07 -1.51 -1.41
CA GLN A 93 11.33 -1.19 -2.06
C GLN A 93 11.06 -0.60 -3.45
N HIS A 94 10.22 -1.28 -4.21
CA HIS A 94 9.89 -0.84 -5.55
C HIS A 94 9.08 0.45 -5.47
N ILE A 95 8.27 0.55 -4.41
CA ILE A 95 7.45 1.72 -4.21
C ILE A 95 8.34 2.96 -4.09
N ILE A 96 9.33 2.85 -3.21
CA ILE A 96 10.25 3.94 -2.98
C ILE A 96 11.10 4.16 -4.24
N GLU A 97 11.38 3.06 -4.92
CA GLU A 97 12.18 3.11 -6.14
C GLU A 97 11.40 3.81 -7.25
N GLU A 98 10.13 3.45 -7.36
CA GLU A 98 9.27 4.04 -8.38
C GLU A 98 9.27 5.56 -8.26
N ALA A 99 9.06 6.03 -7.04
CA ALA A 99 9.04 7.46 -6.78
C ALA A 99 10.44 8.04 -7.02
N GLU A 100 11.43 7.22 -6.73
CA GLU A 100 12.82 7.63 -6.91
C GLU A 100 13.11 7.91 -8.38
N LYS A 101 12.44 7.15 -9.24
CA LYS A 101 12.62 7.29 -10.67
C LYS A 101 12.02 8.64 -11.12
N ARG A 102 10.77 8.84 -10.74
CA ARG A 102 10.07 10.07 -11.08
C ARG A 102 10.79 11.28 -10.47
N GLY A 103 11.24 11.09 -9.24
CA GLY A 103 11.94 12.14 -8.53
C GLY A 103 10.96 13.05 -7.79
N TYR A 104 10.24 12.44 -6.86
CA TYR A 104 9.26 13.17 -6.06
C TYR A 104 9.93 13.89 -4.89
N GLU A 105 9.11 14.56 -4.11
CA GLU A 105 9.61 15.29 -2.95
C GLU A 105 9.53 14.42 -1.69
N ARG A 106 8.43 13.67 -1.60
CA ARG A 106 8.23 12.79 -0.46
C ARG A 106 7.14 11.76 -0.77
N LEU A 107 7.14 10.69 0.01
CA LEU A 107 6.16 9.64 -0.18
C LEU A 107 5.16 9.66 0.99
N SER A 108 3.89 9.71 0.62
CA SER A 108 2.82 9.75 1.62
C SER A 108 1.95 8.51 1.48
N LEU A 109 1.50 8.01 2.63
CA LEU A 109 0.65 6.82 2.65
C LEU A 109 -0.09 6.75 3.98
N GLU A 110 -1.31 6.26 3.92
CA GLU A 110 -2.13 6.14 5.11
C GLU A 110 -1.71 4.91 5.93
N THR A 111 -1.46 5.15 7.20
CA THR A 111 -1.04 4.08 8.10
C THR A 111 -1.22 4.51 9.55
N GLY A 112 -2.47 4.74 9.92
CA GLY A 112 -2.79 5.15 11.27
C GLY A 112 -1.99 4.34 12.30
N SER A 113 -2.62 3.28 12.79
CA SER A 113 -1.98 2.42 13.77
C SER A 113 -2.90 1.25 14.12
N MET A 114 -3.63 0.78 13.11
CA MET A 114 -4.54 -0.32 13.30
C MET A 114 -3.80 -1.65 13.41
N ALA A 115 -4.33 -2.53 14.25
CA ALA A 115 -3.72 -3.83 14.45
C ALA A 115 -3.53 -4.52 13.10
N SER A 116 -4.37 -4.15 12.16
CA SER A 116 -4.31 -4.72 10.83
C SER A 116 -2.99 -4.32 10.15
N PHE A 117 -2.63 -3.05 10.35
CA PHE A 117 -1.41 -2.53 9.76
C PHE A 117 -0.47 -1.99 10.84
N GLU A 118 -0.48 -2.67 11.98
CA GLU A 118 0.36 -2.27 13.10
C GLU A 118 1.84 -2.43 12.74
N PRO A 119 2.18 -3.65 12.23
CA PRO A 119 3.55 -3.94 11.85
C PRO A 119 3.89 -3.27 10.53
N ALA A 120 2.86 -2.93 9.77
CA ALA A 120 3.04 -2.27 8.49
C ALA A 120 3.85 -0.98 8.69
N ARG A 121 3.39 -0.18 9.63
CA ARG A 121 4.06 1.08 9.93
C ARG A 121 5.44 0.81 10.54
N LYS A 122 5.53 -0.28 11.28
CA LYS A 122 6.78 -0.66 11.92
C LYS A 122 7.76 -1.15 10.86
N LEU A 123 7.20 -1.64 9.76
CA LEU A 123 8.01 -2.15 8.66
C LEU A 123 8.55 -0.96 7.85
N TYR A 124 7.81 0.13 7.90
CA TYR A 124 8.20 1.33 7.17
C TYR A 124 9.37 2.04 7.87
N GLU A 125 9.17 2.29 9.15
CA GLU A 125 10.20 2.97 9.95
C GLU A 125 11.51 2.19 9.86
N SER A 126 11.39 0.88 9.77
CA SER A 126 12.56 0.02 9.68
C SER A 126 13.29 0.26 8.35
N PHE A 127 12.59 0.91 7.44
CA PHE A 127 13.15 1.21 6.13
C PHE A 127 13.70 2.64 6.07
N GLY A 128 13.27 3.44 7.04
CA GLY A 128 13.71 4.82 7.11
C GLY A 128 12.54 5.76 7.37
N PHE A 129 11.39 5.39 6.81
CA PHE A 129 10.18 6.18 6.98
C PHE A 129 10.13 6.82 8.38
N GLN A 130 9.62 8.04 8.41
CA GLN A 130 9.51 8.76 9.66
C GLN A 130 8.05 9.11 9.95
N TYR A 131 7.74 9.27 11.23
CA TYR A 131 6.39 9.60 11.64
C TYR A 131 6.23 11.10 11.86
N CYS A 132 5.23 11.66 11.20
CA CYS A 132 4.96 13.09 11.31
C CYS A 132 3.81 13.43 10.35
N GLU A 133 3.12 14.52 10.68
CA GLU A 133 2.01 14.97 9.87
C GLU A 133 0.97 13.85 9.72
N PRO A 134 -0.13 13.97 10.50
CA PRO A 134 -1.19 12.98 10.46
C PRO A 134 -2.03 13.12 9.20
N PHE A 135 -1.37 12.95 8.06
CA PHE A 135 -2.04 13.06 6.78
C PHE A 135 -3.12 11.97 6.63
N ALA A 136 -3.48 11.72 5.38
CA ALA A 136 -4.48 10.71 5.09
C ALA A 136 -5.86 11.24 5.52
N ASP A 137 -6.90 10.66 4.92
CA ASP A 137 -8.26 11.06 5.23
C ASP A 137 -8.37 11.36 6.73
N TYR A 138 -7.87 10.42 7.52
CA TYR A 138 -7.91 10.58 8.97
C TYR A 138 -6.78 11.50 9.45
N GLY A 139 -7.08 12.24 10.51
CA GLY A 139 -6.11 13.16 11.08
C GLY A 139 -5.70 12.72 12.47
N GLU A 140 -5.32 13.71 13.29
CA GLU A 140 -4.90 13.44 14.65
C GLU A 140 -5.88 12.48 15.33
N ASP A 141 -5.42 11.90 16.43
CA ASP A 141 -6.25 10.97 17.18
C ASP A 141 -5.45 10.42 18.35
N PRO A 142 -6.18 9.79 19.30
CA PRO A 142 -5.54 9.20 20.48
C PRO A 142 -4.82 7.90 20.13
N ASN A 143 -5.20 7.35 18.98
CA ASN A 143 -4.59 6.10 18.52
C ASN A 143 -4.57 6.10 16.98
N SER A 144 -3.60 6.83 16.43
CA SER A 144 -3.45 6.91 15.00
C SER A 144 -2.28 7.81 14.64
N VAL A 145 -1.41 7.29 13.77
CA VAL A 145 -0.24 8.04 13.34
C VAL A 145 -0.02 7.80 11.85
N PHE A 146 0.64 8.78 11.23
CA PHE A 146 0.92 8.70 9.81
C PHE A 146 2.42 8.47 9.55
N MET A 147 2.72 8.13 8.31
CA MET A 147 4.10 7.88 7.93
C MET A 147 4.43 8.56 6.60
N THR A 148 5.59 9.20 6.58
CA THR A 148 6.04 9.89 5.37
C THR A 148 7.54 9.66 5.15
N LYS A 149 7.89 9.43 3.90
CA LYS A 149 9.27 9.20 3.55
C LYS A 149 9.79 10.39 2.71
N LYS A 150 11.08 10.64 2.84
CA LYS A 150 11.70 11.73 2.11
C LYS A 150 12.69 11.16 1.09
N LEU A 151 12.44 11.49 -0.18
CA LEU A 151 13.29 11.02 -1.25
C LEU A 151 14.39 12.05 -1.51
N MET A 1 14.08 -12.55 -7.62
CA MET A 1 13.05 -12.49 -8.64
C MET A 1 13.09 -11.16 -9.39
N HIS A 2 12.12 -11.00 -10.28
CA HIS A 2 12.03 -9.78 -11.07
C HIS A 2 10.68 -9.11 -10.84
N ILE A 3 10.74 -7.90 -10.33
CA ILE A 3 9.51 -7.15 -10.05
C ILE A 3 9.15 -6.31 -11.28
N LYS A 4 7.88 -6.37 -11.65
CA LYS A 4 7.39 -5.64 -12.80
C LYS A 4 5.94 -5.22 -12.55
N ILE A 5 5.39 -4.50 -13.52
CA ILE A 5 4.02 -4.04 -13.42
C ILE A 5 3.08 -5.09 -14.01
N ASP A 6 1.94 -5.27 -13.34
CA ASP A 6 0.96 -6.24 -13.78
C ASP A 6 -0.44 -5.65 -13.65
N ASP A 7 -1.14 -5.62 -14.76
CA ASP A 7 -2.49 -5.07 -14.78
C ASP A 7 -3.47 -6.17 -15.20
N LEU A 8 -4.34 -6.54 -14.26
CA LEU A 8 -5.32 -7.56 -14.51
C LEU A 8 -4.63 -8.93 -14.56
N THR A 9 -3.85 -9.11 -15.62
CA THR A 9 -3.12 -10.35 -15.81
C THR A 9 -2.57 -10.86 -14.48
N GLY A 10 -3.24 -11.88 -13.95
CA GLY A 10 -2.82 -12.46 -12.69
C GLY A 10 -3.97 -12.44 -11.66
N ARG A 11 -4.54 -13.61 -11.45
CA ARG A 11 -5.65 -13.74 -10.53
C ARG A 11 -5.13 -13.74 -9.08
N GLN A 12 -4.23 -14.67 -8.80
CA GLN A 12 -3.65 -14.78 -7.48
C GLN A 12 -2.94 -13.48 -7.10
N VAL A 13 -2.53 -12.75 -8.12
CA VAL A 13 -1.84 -11.48 -7.91
C VAL A 13 -2.85 -10.43 -7.46
N VAL A 14 -3.97 -10.38 -8.17
CA VAL A 14 -5.02 -9.43 -7.86
C VAL A 14 -5.73 -9.86 -6.58
N SER A 15 -6.07 -11.14 -6.53
CA SER A 15 -6.76 -11.70 -5.37
C SER A 15 -6.00 -11.33 -4.10
N LEU A 16 -4.68 -11.37 -4.20
CA LEU A 16 -3.83 -11.04 -3.06
C LEU A 16 -4.04 -9.58 -2.68
N VAL A 17 -4.09 -8.74 -3.69
CA VAL A 17 -4.29 -7.31 -3.48
C VAL A 17 -5.72 -7.07 -2.98
N ASN A 18 -6.61 -7.98 -3.35
CA ASN A 18 -8.00 -7.87 -2.95
C ASN A 18 -8.11 -8.12 -1.44
N GLU A 19 -7.02 -8.63 -0.87
CA GLU A 19 -6.98 -8.91 0.55
C GLU A 19 -8.15 -9.84 0.93
N HIS A 20 -7.88 -11.14 0.86
CA HIS A 20 -8.89 -12.12 1.19
C HIS A 20 -8.86 -12.40 2.70
N LEU A 21 -7.67 -12.79 3.17
CA LEU A 21 -7.49 -13.09 4.57
C LEU A 21 -7.97 -11.90 5.41
N HIS A 22 -7.53 -10.72 5.01
CA HIS A 22 -7.90 -9.50 5.72
C HIS A 22 -9.40 -9.23 5.52
N SER A 23 -10.03 -8.80 6.60
CA SER A 23 -11.46 -8.51 6.56
C SER A 23 -11.68 -7.03 6.22
N MET A 24 -12.66 -6.79 5.38
CA MET A 24 -12.99 -5.43 4.97
C MET A 24 -14.44 -5.09 5.33
N THR A 25 -14.59 -4.36 6.43
CA THR A 25 -15.91 -3.96 6.88
C THR A 25 -15.97 -2.44 7.07
N LEU A 26 -15.14 -1.96 7.99
CA LEU A 26 -15.09 -0.54 8.28
C LEU A 26 -16.36 -0.12 9.02
N MET A 27 -17.46 -0.10 8.27
CA MET A 27 -18.75 0.28 8.85
C MET A 27 -19.87 0.07 7.82
N SER A 28 -19.92 -1.13 7.28
CA SER A 28 -20.94 -1.46 6.30
C SER A 28 -20.90 -2.97 6.01
N PRO A 29 -22.10 -3.60 6.10
CA PRO A 29 -22.22 -5.03 5.84
C PRO A 29 -22.14 -5.32 4.33
N PRO A 30 -22.05 -6.63 4.02
CA PRO A 30 -21.97 -7.06 2.63
C PRO A 30 -23.34 -6.95 1.94
N GLU A 31 -23.43 -5.99 1.03
CA GLU A 31 -24.67 -5.77 0.31
C GLU A 31 -24.52 -4.59 -0.65
N SER A 32 -25.18 -4.70 -1.79
CA SER A 32 -25.13 -3.66 -2.80
C SER A 32 -26.26 -2.66 -2.57
N ILE A 33 -26.47 -2.33 -1.31
CA ILE A 33 -27.51 -1.39 -0.95
C ILE A 33 -26.88 -0.17 -0.25
N HIS A 34 -25.57 -0.26 -0.06
CA HIS A 34 -24.84 0.82 0.59
C HIS A 34 -23.60 1.17 -0.24
N ALA A 35 -22.71 0.19 -0.35
CA ALA A 35 -21.48 0.39 -1.10
C ALA A 35 -20.60 1.41 -0.40
N LEU A 36 -19.52 0.91 0.21
CA LEU A 36 -18.60 1.77 0.92
C LEU A 36 -18.27 2.99 0.05
N GLY A 37 -17.76 2.70 -1.14
CA GLY A 37 -17.39 3.75 -2.07
C GLY A 37 -15.91 3.65 -2.47
N LEU A 38 -15.61 2.63 -3.24
CA LEU A 38 -14.25 2.40 -3.70
C LEU A 38 -13.63 3.74 -4.10
N GLU A 39 -13.82 4.09 -5.35
CA GLU A 39 -13.29 5.34 -5.88
C GLU A 39 -11.84 5.54 -5.40
N LYS A 40 -11.00 4.58 -5.76
CA LYS A 40 -9.60 4.64 -5.38
C LYS A 40 -8.79 3.75 -6.32
N LEU A 41 -9.08 2.46 -6.27
CA LEU A 41 -8.38 1.50 -7.10
C LEU A 41 -9.24 1.18 -8.33
N ARG A 42 -9.66 2.24 -9.01
CA ARG A 42 -10.48 2.09 -10.19
C ARG A 42 -10.66 3.45 -10.89
N GLY A 43 -9.95 3.61 -11.99
CA GLY A 43 -10.03 4.85 -12.74
C GLY A 43 -9.06 4.83 -13.93
N PRO A 44 -9.32 5.75 -14.91
CA PRO A 44 -8.49 5.83 -16.09
C PRO A 44 -7.14 6.50 -15.77
N GLU A 45 -6.48 5.95 -14.77
CA GLU A 45 -5.19 6.48 -14.36
C GLU A 45 -4.68 5.73 -13.11
N ILE A 46 -4.92 4.43 -13.11
CA ILE A 46 -4.50 3.61 -11.99
C ILE A 46 -3.50 2.56 -12.49
N THR A 47 -2.40 2.45 -11.77
CA THR A 47 -1.36 1.49 -12.12
C THR A 47 -1.17 0.47 -10.99
N PHE A 48 -1.00 -0.78 -11.40
CA PHE A 48 -0.81 -1.87 -10.45
C PHE A 48 0.55 -2.55 -10.65
N TRP A 49 1.29 -2.65 -9.56
CA TRP A 49 2.60 -3.29 -9.61
C TRP A 49 2.46 -4.70 -9.02
N SER A 50 3.50 -5.49 -9.24
CA SER A 50 3.51 -6.85 -8.74
C SER A 50 4.92 -7.22 -8.28
N ALA A 51 4.96 -8.00 -7.20
CA ALA A 51 6.24 -8.43 -6.64
C ALA A 51 6.30 -9.96 -6.65
N TRP A 52 7.43 -10.46 -7.10
CA TRP A 52 7.64 -11.90 -7.16
C TRP A 52 8.91 -12.24 -6.37
N GLU A 53 8.83 -13.33 -5.63
CA GLU A 53 9.95 -13.77 -4.82
C GLU A 53 9.88 -15.28 -4.60
N GLY A 54 10.24 -16.01 -5.65
CA GLY A 54 10.23 -17.47 -5.58
C GLY A 54 9.58 -18.07 -6.83
N ASP A 55 8.64 -18.97 -6.59
CA ASP A 55 7.93 -19.61 -7.69
C ASP A 55 6.48 -19.16 -7.70
N GLU A 56 6.16 -18.32 -6.73
CA GLU A 56 4.79 -17.80 -6.62
C GLU A 56 4.82 -16.27 -6.44
N LEU A 57 3.69 -15.66 -6.74
CA LEU A 57 3.57 -14.22 -6.62
C LEU A 57 3.74 -13.82 -5.15
N ALA A 58 4.60 -12.83 -4.94
CA ALA A 58 4.85 -12.34 -3.59
C ALA A 58 3.72 -11.42 -3.16
N GLY A 59 3.23 -10.64 -4.12
CA GLY A 59 2.14 -9.71 -3.84
C GLY A 59 2.48 -8.31 -4.37
N CYS A 60 1.82 -7.33 -3.79
CA CYS A 60 2.03 -5.95 -4.18
C CYS A 60 0.96 -5.08 -3.51
N GLY A 61 0.78 -3.88 -4.05
CA GLY A 61 -0.20 -2.96 -3.51
C GLY A 61 -0.75 -2.05 -4.62
N ALA A 62 -0.86 -0.77 -4.28
CA ALA A 62 -1.38 0.21 -5.23
C ALA A 62 -0.57 1.50 -5.10
N LEU A 63 -0.62 2.30 -6.15
CA LEU A 63 0.09 3.56 -6.16
C LEU A 63 -0.45 4.43 -7.30
N LYS A 64 -1.06 5.55 -6.92
CA LYS A 64 -1.62 6.47 -7.89
C LYS A 64 -0.98 7.84 -7.71
N GLU A 65 -0.74 8.50 -8.84
CA GLU A 65 -0.13 9.82 -8.83
C GLU A 65 -1.16 10.86 -8.36
N LEU A 66 -0.67 11.81 -7.58
CA LEU A 66 -1.52 12.88 -7.06
C LEU A 66 -1.05 14.22 -7.63
N ASP A 67 0.13 14.63 -7.19
CA ASP A 67 0.71 15.88 -7.63
C ASP A 67 1.74 15.60 -8.72
N THR A 68 2.64 16.57 -8.89
CA THR A 68 3.69 16.44 -9.89
C THR A 68 4.82 15.55 -9.37
N ARG A 69 5.25 15.84 -8.15
CA ARG A 69 6.31 15.08 -7.52
C ARG A 69 5.88 14.59 -6.15
N HIS A 70 4.59 14.31 -6.03
CA HIS A 70 4.04 13.84 -4.76
C HIS A 70 2.88 12.88 -5.04
N GLY A 71 2.98 11.70 -4.44
CA GLY A 71 1.95 10.69 -4.62
C GLY A 71 1.55 10.08 -3.28
N GLU A 72 0.82 8.98 -3.36
CA GLU A 72 0.37 8.29 -2.15
C GLU A 72 0.27 6.78 -2.41
N ILE A 73 0.44 6.03 -1.34
CA ILE A 73 0.37 4.58 -1.42
C ILE A 73 -0.79 4.06 -0.58
N LYS A 74 -1.40 2.99 -1.06
CA LYS A 74 -2.52 2.39 -0.36
C LYS A 74 -2.66 0.93 -0.76
N SER A 75 -3.10 0.12 0.18
CA SER A 75 -3.28 -1.30 -0.07
C SER A 75 -1.95 -2.03 0.11
N MET A 76 -1.93 -2.93 1.08
CA MET A 76 -0.72 -3.71 1.35
C MET A 76 -1.06 -4.97 2.14
N ARG A 77 -0.89 -6.11 1.47
CA ARG A 77 -1.17 -7.39 2.08
C ARG A 77 0.11 -8.23 2.15
N THR A 78 0.31 -8.83 3.32
CA THR A 78 1.49 -9.66 3.53
C THR A 78 1.55 -10.78 2.49
N SER A 79 1.26 -11.99 2.96
CA SER A 79 1.29 -13.15 2.08
C SER A 79 1.13 -14.42 2.90
N ALA A 80 0.14 -15.21 2.52
CA ALA A 80 -0.13 -16.47 3.21
C ALA A 80 0.03 -16.26 4.71
N SER A 81 -0.43 -15.12 5.17
CA SER A 81 -0.34 -14.78 6.59
C SER A 81 1.11 -14.47 6.96
N HIS A 82 1.93 -15.52 6.97
CA HIS A 82 3.33 -15.37 7.31
C HIS A 82 4.19 -15.94 6.17
N LEU A 83 5.25 -15.21 5.85
CA LEU A 83 6.15 -15.63 4.80
C LEU A 83 7.59 -15.28 5.18
N ARG A 84 8.53 -15.96 4.54
CA ARG A 84 9.93 -15.73 4.81
C ARG A 84 10.48 -14.64 3.88
N LYS A 85 11.59 -14.04 4.31
CA LYS A 85 12.22 -13.00 3.52
C LYS A 85 11.52 -11.67 3.80
N GLY A 86 10.26 -11.60 3.39
CA GLY A 86 9.47 -10.40 3.59
C GLY A 86 8.85 -9.93 2.27
N VAL A 87 7.56 -10.22 2.12
CA VAL A 87 6.85 -9.83 0.91
C VAL A 87 6.56 -8.34 0.96
N ALA A 88 5.84 -7.94 2.00
CA ALA A 88 5.48 -6.54 2.17
C ALA A 88 6.74 -5.68 2.07
N LYS A 89 7.86 -6.27 2.50
CA LYS A 89 9.14 -5.57 2.46
C LYS A 89 9.53 -5.31 1.00
N GLN A 90 9.16 -6.25 0.15
CA GLN A 90 9.47 -6.14 -1.27
C GLN A 90 8.60 -5.06 -1.91
N VAL A 91 7.31 -5.14 -1.63
CA VAL A 91 6.36 -4.17 -2.17
C VAL A 91 6.79 -2.76 -1.77
N LEU A 92 7.07 -2.60 -0.48
CA LEU A 92 7.50 -1.31 0.03
C LEU A 92 8.72 -0.83 -0.74
N GLN A 93 9.70 -1.72 -0.85
CA GLN A 93 10.92 -1.40 -1.57
C GLN A 93 10.61 -1.03 -3.02
N HIS A 94 9.64 -1.74 -3.59
CA HIS A 94 9.24 -1.50 -4.95
C HIS A 94 8.44 -0.20 -5.04
N ILE A 95 7.70 0.07 -3.97
CA ILE A 95 6.87 1.26 -3.90
C ILE A 95 7.78 2.49 -3.99
N ILE A 96 8.87 2.44 -3.25
CA ILE A 96 9.82 3.54 -3.23
C ILE A 96 10.54 3.61 -4.57
N GLU A 97 10.89 2.44 -5.08
CA GLU A 97 11.59 2.33 -6.35
C GLU A 97 10.80 3.07 -7.44
N GLU A 98 9.50 2.83 -7.44
CA GLU A 98 8.63 3.46 -8.43
C GLU A 98 8.74 4.98 -8.34
N ALA A 99 8.61 5.48 -7.13
CA ALA A 99 8.69 6.92 -6.91
C ALA A 99 10.11 7.39 -7.22
N GLU A 100 11.06 6.51 -6.97
CA GLU A 100 12.46 6.82 -7.22
C GLU A 100 12.70 7.04 -8.72
N LYS A 101 11.94 6.30 -9.52
CA LYS A 101 12.06 6.41 -10.97
C LYS A 101 11.56 7.79 -11.41
N ARG A 102 10.36 8.11 -10.98
CA ARG A 102 9.77 9.40 -11.33
C ARG A 102 10.51 10.53 -10.63
N GLY A 103 10.83 10.29 -9.38
CA GLY A 103 11.54 11.29 -8.58
C GLY A 103 10.57 12.18 -7.81
N TYR A 104 9.91 11.57 -6.83
CA TYR A 104 8.95 12.30 -6.02
C TYR A 104 9.63 12.98 -4.83
N GLU A 105 8.99 14.05 -4.36
CA GLU A 105 9.53 14.79 -3.23
C GLU A 105 9.56 13.91 -1.97
N ARG A 106 8.46 13.19 -1.77
CA ARG A 106 8.34 12.32 -0.62
C ARG A 106 7.23 11.29 -0.85
N LEU A 107 7.30 10.21 -0.08
CA LEU A 107 6.31 9.16 -0.19
C LEU A 107 5.41 9.18 1.05
N SER A 108 4.12 9.35 0.81
CA SER A 108 3.14 9.40 1.88
C SER A 108 2.42 8.05 2.00
N LEU A 109 1.70 7.90 3.09
CA LEU A 109 0.95 6.67 3.33
C LEU A 109 -0.13 6.93 4.38
N GLU A 110 -0.90 5.89 4.66
CA GLU A 110 -1.97 6.00 5.63
C GLU A 110 -1.58 5.31 6.94
N THR A 111 -1.44 6.12 7.97
CA THR A 111 -1.06 5.62 9.28
C THR A 111 -1.52 6.58 10.38
N GLY A 112 -2.17 6.00 11.39
CA GLY A 112 -2.66 6.79 12.50
C GLY A 112 -2.69 5.97 13.79
N SER A 113 -1.61 5.24 14.02
CA SER A 113 -1.50 4.41 15.20
C SER A 113 -2.74 3.51 15.33
N MET A 114 -3.05 2.84 14.25
CA MET A 114 -4.19 1.95 14.22
C MET A 114 -3.77 0.49 14.39
N ALA A 115 -4.52 -0.22 15.23
CA ALA A 115 -4.23 -1.62 15.49
C ALA A 115 -4.15 -2.38 14.17
N SER A 116 -4.90 -1.87 13.20
CA SER A 116 -4.92 -2.49 11.88
C SER A 116 -3.60 -2.23 11.15
N PHE A 117 -3.03 -1.08 11.44
CA PHE A 117 -1.77 -0.70 10.83
C PHE A 117 -0.71 -0.39 11.89
N GLU A 118 -0.69 -1.21 12.92
CA GLU A 118 0.26 -1.04 14.00
C GLU A 118 1.67 -1.39 13.53
N PRO A 119 1.78 -2.60 12.91
CA PRO A 119 3.06 -3.06 12.41
C PRO A 119 3.45 -2.33 11.12
N ALA A 120 2.44 -1.76 10.48
CA ALA A 120 2.66 -1.03 9.24
C ALA A 120 3.61 0.14 9.50
N ARG A 121 3.27 0.91 10.53
CA ARG A 121 4.10 2.06 10.89
C ARG A 121 5.49 1.60 11.32
N LYS A 122 5.52 0.44 11.96
CA LYS A 122 6.78 -0.11 12.43
C LYS A 122 7.60 -0.59 11.23
N LEU A 123 6.90 -1.14 10.25
CA LEU A 123 7.55 -1.63 9.05
C LEU A 123 7.96 -0.45 8.16
N TYR A 124 7.13 0.58 8.18
CA TYR A 124 7.39 1.77 7.39
C TYR A 124 8.61 2.53 7.93
N GLU A 125 8.58 2.79 9.23
CA GLU A 125 9.67 3.49 9.88
C GLU A 125 10.97 2.70 9.74
N SER A 126 10.82 1.38 9.71
CA SER A 126 11.96 0.50 9.59
C SER A 126 12.57 0.61 8.18
N PHE A 127 11.81 1.25 7.30
CA PHE A 127 12.26 1.43 5.92
C PHE A 127 12.93 2.80 5.75
N GLY A 128 12.72 3.66 6.72
CA GLY A 128 13.30 4.99 6.69
C GLY A 128 12.27 6.05 7.10
N PHE A 129 11.03 5.79 6.72
CA PHE A 129 9.93 6.71 7.04
C PHE A 129 10.09 7.26 8.46
N GLN A 130 9.80 8.55 8.59
CA GLN A 130 9.90 9.20 9.88
C GLN A 130 8.61 9.97 10.19
N TYR A 131 8.30 10.05 11.48
CA TYR A 131 7.10 10.74 11.91
C TYR A 131 7.13 12.21 11.50
N CYS A 132 5.96 12.72 11.17
CA CYS A 132 5.84 14.11 10.74
C CYS A 132 4.36 14.42 10.53
N GLU A 133 4.10 15.63 10.06
CA GLU A 133 2.75 16.07 9.81
C GLU A 133 1.93 14.92 9.20
N PRO A 134 0.58 15.04 9.34
CA PRO A 134 -0.32 14.03 8.81
C PRO A 134 -0.43 14.14 7.29
N PHE A 135 -1.16 13.19 6.71
CA PHE A 135 -1.35 13.16 5.27
C PHE A 135 -2.59 12.34 4.90
N ALA A 136 -2.74 11.22 5.58
CA ALA A 136 -3.87 10.33 5.33
C ALA A 136 -5.17 11.15 5.38
N ASP A 137 -6.27 10.45 5.20
CA ASP A 137 -7.58 11.09 5.22
C ASP A 137 -8.13 11.07 6.65
N TYR A 138 -7.22 11.16 7.60
CA TYR A 138 -7.61 11.16 9.01
C TYR A 138 -7.36 12.53 9.65
N GLY A 139 -7.14 13.52 8.80
CA GLY A 139 -6.90 14.86 9.27
C GLY A 139 -6.05 14.86 10.54
N GLU A 140 -6.15 15.94 11.29
CA GLU A 140 -5.40 16.07 12.54
C GLU A 140 -6.11 15.30 13.66
N ASP A 141 -5.34 14.99 14.69
CA ASP A 141 -5.86 14.26 15.83
C ASP A 141 -4.73 13.98 16.82
N PRO A 142 -5.04 14.20 18.12
CA PRO A 142 -4.06 13.97 19.17
C PRO A 142 -3.88 12.47 19.42
N ASN A 143 -4.79 11.69 18.89
CA ASN A 143 -4.74 10.24 19.05
C ASN A 143 -4.47 9.59 17.69
N SER A 144 -3.37 10.00 17.08
CA SER A 144 -2.99 9.47 15.77
C SER A 144 -1.55 9.87 15.45
N VAL A 145 -0.88 9.01 14.71
CA VAL A 145 0.50 9.25 14.32
C VAL A 145 0.58 9.44 12.80
N PHE A 146 1.71 9.96 12.36
CA PHE A 146 1.92 10.18 10.94
C PHE A 146 3.41 10.30 10.62
N MET A 147 3.80 9.67 9.52
CA MET A 147 5.19 9.68 9.09
C MET A 147 5.29 9.82 7.57
N THR A 148 6.33 10.52 7.14
CA THR A 148 6.55 10.73 5.72
C THR A 148 7.93 10.18 5.31
N LYS A 149 8.02 9.83 4.04
CA LYS A 149 9.27 9.30 3.51
C LYS A 149 10.01 10.40 2.75
N LYS A 150 11.33 10.38 2.88
CA LYS A 150 12.16 11.36 2.21
C LYS A 150 12.77 10.75 0.96
N LEU A 151 12.40 11.31 -0.18
CA LEU A 151 12.89 10.83 -1.46
C LEU A 151 13.78 11.90 -2.10
N MET A 1 15.67 -7.90 -5.86
CA MET A 1 14.48 -8.73 -5.94
C MET A 1 13.87 -8.67 -7.33
N HIS A 2 12.72 -9.34 -7.47
CA HIS A 2 12.03 -9.37 -8.74
C HIS A 2 10.72 -8.59 -8.63
N ILE A 3 10.69 -7.45 -9.29
CA ILE A 3 9.51 -6.60 -9.27
C ILE A 3 8.98 -6.44 -10.70
N LYS A 4 7.66 -6.54 -10.82
CA LYS A 4 7.02 -6.41 -12.11
C LYS A 4 5.66 -5.71 -11.95
N ILE A 5 5.03 -5.44 -13.07
CA ILE A 5 3.74 -4.77 -13.06
C ILE A 5 2.65 -5.79 -13.41
N ASP A 6 1.65 -5.85 -12.54
CA ASP A 6 0.54 -6.77 -12.75
C ASP A 6 -0.75 -5.98 -12.95
N ASP A 7 -1.47 -6.35 -13.99
CA ASP A 7 -2.73 -5.68 -14.31
C ASP A 7 -3.86 -6.71 -14.34
N LEU A 8 -4.61 -6.76 -13.26
CA LEU A 8 -5.72 -7.69 -13.15
C LEU A 8 -5.20 -9.12 -13.34
N THR A 9 -6.10 -10.08 -13.16
CA THR A 9 -5.74 -11.47 -13.30
C THR A 9 -4.72 -11.88 -12.24
N GLY A 10 -4.76 -13.15 -11.88
CA GLY A 10 -3.84 -13.68 -10.88
C GLY A 10 -4.57 -13.96 -9.56
N ARG A 11 -4.86 -15.23 -9.34
CA ARG A 11 -5.54 -15.64 -8.13
C ARG A 11 -4.76 -15.19 -6.89
N GLN A 12 -3.50 -15.60 -6.84
CA GLN A 12 -2.64 -15.25 -5.73
C GLN A 12 -2.60 -13.72 -5.55
N VAL A 13 -2.68 -13.03 -6.67
CA VAL A 13 -2.66 -11.58 -6.65
C VAL A 13 -4.00 -11.05 -6.16
N VAL A 14 -5.06 -11.64 -6.70
CA VAL A 14 -6.41 -11.24 -6.32
C VAL A 14 -6.61 -11.49 -4.83
N SER A 15 -6.31 -12.72 -4.41
CA SER A 15 -6.45 -13.10 -3.02
C SER A 15 -5.75 -12.07 -2.12
N LEU A 16 -4.51 -11.79 -2.47
CA LEU A 16 -3.71 -10.84 -1.72
C LEU A 16 -4.36 -9.46 -1.81
N VAL A 17 -4.71 -9.08 -3.03
CA VAL A 17 -5.34 -7.79 -3.27
C VAL A 17 -6.59 -7.67 -2.40
N ASN A 18 -7.25 -8.80 -2.21
CA ASN A 18 -8.47 -8.84 -1.42
C ASN A 18 -8.09 -8.71 0.06
N GLU A 19 -7.06 -9.45 0.44
CA GLU A 19 -6.60 -9.42 1.82
C GLU A 19 -7.70 -9.93 2.76
N HIS A 20 -7.35 -10.93 3.55
CA HIS A 20 -8.30 -11.51 4.50
C HIS A 20 -8.09 -10.88 5.87
N LEU A 21 -6.84 -10.56 6.16
CA LEU A 21 -6.49 -9.96 7.44
C LEU A 21 -7.34 -8.69 7.64
N HIS A 22 -7.23 -7.79 6.68
CA HIS A 22 -7.98 -6.54 6.74
C HIS A 22 -8.99 -6.49 5.60
N SER A 23 -10.05 -7.27 5.76
CA SER A 23 -11.10 -7.33 4.75
C SER A 23 -11.87 -6.00 4.72
N MET A 24 -11.35 -5.07 3.94
CA MET A 24 -11.97 -3.76 3.81
C MET A 24 -11.13 -2.83 2.95
N THR A 25 -11.79 -2.19 2.00
CA THR A 25 -11.11 -1.27 1.10
C THR A 25 -11.65 0.14 1.29
N LEU A 26 -10.72 1.07 1.50
CA LEU A 26 -11.09 2.47 1.69
C LEU A 26 -10.49 3.31 0.57
N MET A 27 -10.85 4.58 0.56
CA MET A 27 -10.37 5.50 -0.44
C MET A 27 -10.89 6.91 -0.20
N SER A 28 -10.30 7.86 -0.92
CA SER A 28 -10.70 9.25 -0.81
C SER A 28 -12.23 9.35 -0.71
N PRO A 29 -12.70 10.51 -0.17
CA PRO A 29 -14.12 10.74 -0.01
C PRO A 29 -14.77 11.08 -1.35
N PRO A 30 -15.67 10.15 -1.80
CA PRO A 30 -16.37 10.35 -3.06
C PRO A 30 -17.45 11.40 -2.94
N GLU A 31 -18.05 11.73 -4.07
CA GLU A 31 -19.12 12.72 -4.09
C GLU A 31 -20.24 12.27 -5.03
N SER A 32 -20.97 13.25 -5.54
CA SER A 32 -22.07 12.97 -6.45
C SER A 32 -23.03 11.96 -5.80
N ILE A 33 -24.16 11.75 -6.47
CA ILE A 33 -25.16 10.82 -5.98
C ILE A 33 -24.80 9.40 -6.42
N HIS A 34 -24.38 8.60 -5.45
CA HIS A 34 -24.01 7.22 -5.73
C HIS A 34 -23.03 7.18 -6.91
N ALA A 35 -21.75 7.19 -6.58
CA ALA A 35 -20.72 7.16 -7.60
C ALA A 35 -19.35 6.97 -6.93
N LEU A 36 -18.63 5.98 -7.43
CA LEU A 36 -17.31 5.67 -6.89
C LEU A 36 -16.26 5.84 -7.99
N GLY A 37 -15.27 4.95 -7.97
CA GLY A 37 -14.21 4.99 -8.95
C GLY A 37 -13.76 3.58 -9.33
N LEU A 38 -14.74 2.71 -9.50
CA LEU A 38 -14.45 1.33 -9.85
C LEU A 38 -13.54 1.30 -11.09
N GLU A 39 -13.70 2.32 -11.93
CA GLU A 39 -12.91 2.42 -13.14
C GLU A 39 -11.67 3.28 -12.88
N LYS A 40 -10.90 2.87 -11.89
CA LYS A 40 -9.69 3.59 -11.54
C LYS A 40 -8.53 2.59 -11.40
N LEU A 41 -8.54 1.87 -10.29
CA LEU A 41 -7.51 0.88 -10.03
C LEU A 41 -7.44 -0.11 -11.19
N ARG A 42 -8.61 -0.41 -11.73
CA ARG A 42 -8.70 -1.34 -12.85
C ARG A 42 -8.73 -0.57 -14.17
N GLY A 43 -7.70 0.25 -14.37
CA GLY A 43 -7.60 1.05 -15.58
C GLY A 43 -6.14 1.39 -15.87
N PRO A 44 -5.94 2.08 -17.03
CA PRO A 44 -4.60 2.49 -17.44
C PRO A 44 -4.11 3.67 -16.61
N GLU A 45 -5.03 4.58 -16.31
CA GLU A 45 -4.69 5.75 -15.53
C GLU A 45 -3.87 5.35 -14.30
N ILE A 46 -4.29 4.27 -13.66
CA ILE A 46 -3.60 3.78 -12.49
C ILE A 46 -2.82 2.52 -12.85
N THR A 47 -1.76 2.26 -12.08
CA THR A 47 -0.93 1.11 -12.31
C THR A 47 -0.71 0.33 -11.01
N PHE A 48 -0.76 -0.99 -11.13
CA PHE A 48 -0.57 -1.84 -9.97
C PHE A 48 0.74 -2.62 -10.07
N TRP A 49 1.63 -2.37 -9.11
CA TRP A 49 2.91 -3.04 -9.09
C TRP A 49 2.79 -4.28 -8.21
N SER A 50 3.39 -5.36 -8.67
CA SER A 50 3.36 -6.62 -7.94
C SER A 50 4.72 -7.29 -7.98
N ALA A 51 5.18 -7.72 -6.82
CA ALA A 51 6.47 -8.39 -6.71
C ALA A 51 6.26 -9.91 -6.79
N TRP A 52 7.19 -10.55 -7.49
CA TRP A 52 7.11 -11.99 -7.66
C TRP A 52 8.44 -12.58 -7.16
N GLU A 53 8.33 -13.49 -6.21
CA GLU A 53 9.50 -14.14 -5.66
C GLU A 53 9.26 -15.65 -5.49
N GLY A 54 9.31 -16.35 -6.60
CA GLY A 54 9.10 -17.79 -6.60
C GLY A 54 7.82 -18.15 -7.36
N ASP A 55 6.97 -18.92 -6.69
CA ASP A 55 5.71 -19.35 -7.28
C ASP A 55 4.55 -18.70 -6.53
N GLU A 56 4.89 -17.68 -5.76
CA GLU A 56 3.89 -16.97 -4.98
C GLU A 56 4.14 -15.46 -5.04
N LEU A 57 3.17 -14.70 -4.54
CA LEU A 57 3.27 -13.26 -4.54
C LEU A 57 4.48 -12.84 -3.70
N ALA A 58 5.12 -11.76 -4.13
CA ALA A 58 6.29 -11.26 -3.43
C ALA A 58 5.96 -9.89 -2.83
N GLY A 59 4.91 -9.28 -3.36
CA GLY A 59 4.48 -7.97 -2.88
C GLY A 59 3.37 -7.41 -3.77
N CYS A 60 2.36 -6.86 -3.11
CA CYS A 60 1.22 -6.29 -3.81
C CYS A 60 0.92 -4.92 -3.19
N GLY A 61 0.30 -4.07 -4.00
CA GLY A 61 -0.06 -2.73 -3.54
C GLY A 61 -0.60 -1.89 -4.69
N ALA A 62 -0.65 -0.58 -4.46
CA ALA A 62 -1.13 0.34 -5.47
C ALA A 62 -0.31 1.63 -5.41
N LEU A 63 -0.40 2.40 -6.48
CA LEU A 63 0.32 3.65 -6.56
C LEU A 63 -0.31 4.54 -7.64
N LYS A 64 -0.83 5.69 -7.20
CA LYS A 64 -1.46 6.62 -8.11
C LYS A 64 -0.74 7.97 -8.03
N GLU A 65 -0.62 8.60 -9.19
CA GLU A 65 0.04 9.90 -9.27
C GLU A 65 -0.71 10.93 -8.42
N LEU A 66 0.06 11.80 -7.80
CA LEU A 66 -0.51 12.84 -6.96
C LEU A 66 -0.13 14.21 -7.51
N ASP A 67 1.17 14.48 -7.49
CA ASP A 67 1.68 15.75 -7.99
C ASP A 67 2.95 15.50 -8.80
N THR A 68 3.51 16.58 -9.31
CA THR A 68 4.72 16.49 -10.11
C THR A 68 5.79 15.71 -9.36
N ARG A 69 5.79 15.86 -8.04
CA ARG A 69 6.75 15.19 -7.20
C ARG A 69 6.10 14.72 -5.91
N HIS A 70 4.91 14.15 -6.05
CA HIS A 70 4.16 13.66 -4.91
C HIS A 70 3.49 12.33 -5.25
N GLY A 71 3.54 11.41 -4.30
CA GLY A 71 2.95 10.09 -4.49
C GLY A 71 2.28 9.60 -3.21
N GLU A 72 1.40 8.63 -3.38
CA GLU A 72 0.68 8.06 -2.24
C GLU A 72 0.33 6.60 -2.52
N ILE A 73 0.23 5.83 -1.44
CA ILE A 73 -0.11 4.42 -1.55
C ILE A 73 -1.37 4.14 -0.73
N LYS A 74 -2.18 3.24 -1.27
CA LYS A 74 -3.43 2.87 -0.62
C LYS A 74 -3.62 1.36 -0.71
N SER A 75 -2.54 0.64 -0.40
CA SER A 75 -2.58 -0.81 -0.46
C SER A 75 -1.30 -1.39 0.15
N MET A 76 -1.44 -1.91 1.36
CA MET A 76 -0.30 -2.49 2.06
C MET A 76 -0.69 -3.82 2.72
N ARG A 77 -0.24 -4.90 2.11
CA ARG A 77 -0.53 -6.23 2.64
C ARG A 77 0.76 -6.90 3.11
N THR A 78 0.67 -7.49 4.30
CA THR A 78 1.82 -8.18 4.87
C THR A 78 1.36 -9.27 5.83
N SER A 79 2.20 -10.29 5.97
CA SER A 79 1.90 -11.40 6.85
C SER A 79 0.60 -12.08 6.41
N ALA A 80 0.62 -12.61 5.20
CA ALA A 80 -0.54 -13.28 4.64
C ALA A 80 -0.53 -14.75 5.07
N SER A 81 -0.99 -14.99 6.29
CA SER A 81 -1.03 -16.33 6.82
C SER A 81 0.39 -16.81 7.17
N HIS A 82 1.24 -16.82 6.15
CA HIS A 82 2.61 -17.25 6.34
C HIS A 82 3.32 -17.29 4.98
N LEU A 83 4.01 -16.20 4.68
CA LEU A 83 4.74 -16.10 3.42
C LEU A 83 6.16 -15.60 3.70
N ARG A 84 7.05 -15.90 2.76
CA ARG A 84 8.44 -15.48 2.88
C ARG A 84 8.64 -14.12 2.21
N LYS A 85 9.71 -13.45 2.63
CA LYS A 85 10.03 -12.14 2.09
C LYS A 85 8.97 -11.13 2.54
N GLY A 86 9.14 -9.91 2.08
CA GLY A 86 8.21 -8.84 2.43
C GLY A 86 7.29 -8.51 1.25
N VAL A 87 5.99 -8.52 1.54
CA VAL A 87 5.00 -8.22 0.51
C VAL A 87 4.99 -6.71 0.24
N ALA A 88 4.68 -5.96 1.28
CA ALA A 88 4.64 -4.50 1.17
C ALA A 88 6.07 -3.97 0.99
N LYS A 89 7.01 -4.70 1.55
CA LYS A 89 8.41 -4.30 1.46
C LYS A 89 8.87 -4.42 0.00
N GLN A 90 8.55 -5.56 -0.60
CA GLN A 90 8.93 -5.80 -1.98
C GLN A 90 8.37 -4.70 -2.89
N VAL A 91 7.11 -4.33 -2.61
CA VAL A 91 6.45 -3.30 -3.39
C VAL A 91 7.00 -1.93 -2.99
N LEU A 92 6.96 -1.67 -1.69
CA LEU A 92 7.45 -0.42 -1.15
C LEU A 92 8.82 -0.12 -1.75
N GLN A 93 9.67 -1.12 -1.74
CA GLN A 93 11.01 -0.98 -2.28
C GLN A 93 10.96 -0.47 -3.71
N HIS A 94 10.08 -1.08 -4.50
CA HIS A 94 9.92 -0.70 -5.89
C HIS A 94 9.27 0.69 -5.97
N ILE A 95 8.29 0.89 -5.10
CA ILE A 95 7.59 2.17 -5.07
C ILE A 95 8.59 3.29 -4.78
N ILE A 96 9.42 3.05 -3.78
CA ILE A 96 10.42 4.04 -3.39
C ILE A 96 11.42 4.23 -4.55
N GLU A 97 11.67 3.13 -5.25
CA GLU A 97 12.59 3.15 -6.37
C GLU A 97 11.97 3.93 -7.54
N GLU A 98 10.67 3.73 -7.72
CA GLU A 98 9.95 4.40 -8.80
C GLU A 98 10.00 5.91 -8.60
N ALA A 99 9.72 6.34 -7.38
CA ALA A 99 9.73 7.75 -7.05
C ALA A 99 11.17 8.26 -7.05
N GLU A 100 12.08 7.37 -6.69
CA GLU A 100 13.49 7.72 -6.64
C GLU A 100 13.98 8.13 -8.03
N LYS A 101 13.59 7.35 -9.02
CA LYS A 101 13.98 7.62 -10.39
C LYS A 101 13.46 9.00 -10.81
N ARG A 102 12.18 9.20 -10.59
CA ARG A 102 11.56 10.48 -10.93
C ARG A 102 12.12 11.59 -10.07
N GLY A 103 12.41 11.25 -8.82
CA GLY A 103 12.96 12.21 -7.87
C GLY A 103 11.85 13.05 -7.26
N TYR A 104 10.94 12.38 -6.57
CA TYR A 104 9.83 13.06 -5.92
C TYR A 104 10.31 13.90 -4.75
N GLU A 105 9.35 14.45 -4.01
CA GLU A 105 9.67 15.28 -2.86
C GLU A 105 9.54 14.46 -1.57
N ARG A 106 8.49 13.67 -1.51
CA ARG A 106 8.24 12.83 -0.34
C ARG A 106 7.23 11.73 -0.68
N LEU A 107 7.23 10.70 0.15
CA LEU A 107 6.32 9.58 -0.05
C LEU A 107 5.40 9.47 1.15
N SER A 108 4.10 9.55 0.87
CA SER A 108 3.10 9.46 1.91
C SER A 108 2.34 8.13 1.81
N LEU A 109 1.58 7.84 2.85
CA LEU A 109 0.81 6.60 2.89
C LEU A 109 -0.19 6.67 4.04
N GLU A 110 -1.03 5.64 4.11
CA GLU A 110 -2.03 5.57 5.16
C GLU A 110 -1.54 4.70 6.31
N THR A 111 -1.74 5.21 7.52
CA THR A 111 -1.32 4.49 8.71
C THR A 111 -1.81 5.21 9.97
N GLY A 112 -2.33 4.42 10.91
CA GLY A 112 -2.83 4.96 12.15
C GLY A 112 -2.15 4.31 13.36
N SER A 113 -2.98 3.94 14.33
CA SER A 113 -2.47 3.30 15.53
C SER A 113 -3.24 2.00 15.79
N MET A 114 -3.68 1.38 14.71
CA MET A 114 -4.42 0.13 14.81
C MET A 114 -3.48 -1.08 14.79
N ALA A 115 -4.07 -2.25 14.97
CA ALA A 115 -3.30 -3.47 14.98
C ALA A 115 -2.91 -3.84 13.54
N SER A 116 -3.74 -3.39 12.62
CA SER A 116 -3.49 -3.66 11.21
C SER A 116 -2.39 -2.73 10.67
N PHE A 117 -2.33 -1.55 11.27
CA PHE A 117 -1.33 -0.56 10.87
C PHE A 117 -0.12 -0.62 11.79
N GLU A 118 -0.37 -1.03 13.03
CA GLU A 118 0.70 -1.13 14.01
C GLU A 118 1.98 -1.65 13.35
N PRO A 119 1.85 -2.85 12.71
CA PRO A 119 2.98 -3.47 12.04
C PRO A 119 3.30 -2.76 10.72
N ALA A 120 2.24 -2.31 10.06
CA ALA A 120 2.40 -1.61 8.80
C ALA A 120 3.31 -0.40 8.99
N ARG A 121 2.99 0.38 10.02
CA ARG A 121 3.77 1.57 10.31
C ARG A 121 5.19 1.18 10.74
N LYS A 122 5.28 0.03 11.40
CA LYS A 122 6.56 -0.46 11.86
C LYS A 122 7.41 -0.88 10.66
N LEU A 123 6.71 -1.26 9.60
CA LEU A 123 7.38 -1.70 8.39
C LEU A 123 7.98 -0.48 7.68
N TYR A 124 7.35 0.66 7.90
CA TYR A 124 7.80 1.90 7.29
C TYR A 124 9.05 2.42 8.00
N GLU A 125 8.93 2.57 9.31
CA GLU A 125 10.04 3.06 10.12
C GLU A 125 11.29 2.22 9.87
N SER A 126 11.06 0.97 9.51
CA SER A 126 12.16 0.05 9.23
C SER A 126 12.68 0.27 7.81
N PHE A 127 11.86 0.93 7.01
CA PHE A 127 12.23 1.21 5.63
C PHE A 127 12.76 2.63 5.48
N GLY A 128 12.46 3.45 6.47
CA GLY A 128 12.90 4.84 6.46
C GLY A 128 11.70 5.78 6.34
N PHE A 129 10.88 5.80 7.39
CA PHE A 129 9.72 6.65 7.41
C PHE A 129 9.60 7.39 8.74
N GLN A 130 9.51 8.71 8.65
CA GLN A 130 9.39 9.54 9.84
C GLN A 130 7.93 9.89 10.10
N TYR A 131 7.63 10.15 11.37
CA TYR A 131 6.28 10.50 11.76
C TYR A 131 5.92 11.91 11.31
N CYS A 132 4.67 12.06 10.89
CA CYS A 132 4.18 13.35 10.42
C CYS A 132 2.69 13.44 10.72
N GLU A 133 2.06 14.48 10.18
CA GLU A 133 0.65 14.68 10.38
C GLU A 133 -0.16 13.62 9.62
N PRO A 134 -1.44 13.44 10.06
CA PRO A 134 -2.31 12.47 9.43
C PRO A 134 -2.80 12.97 8.08
N PHE A 135 -2.53 12.18 7.05
CA PHE A 135 -2.95 12.53 5.71
C PHE A 135 -4.09 11.62 5.22
N ALA A 136 -3.97 10.35 5.56
CA ALA A 136 -4.98 9.38 5.18
C ALA A 136 -6.37 9.98 5.42
N ASP A 137 -7.35 9.36 4.77
CA ASP A 137 -8.73 9.82 4.90
C ASP A 137 -9.01 10.17 6.36
N TYR A 138 -8.54 9.30 7.24
CA TYR A 138 -8.73 9.51 8.68
C TYR A 138 -8.31 10.91 9.09
N GLY A 139 -9.24 11.62 9.73
CA GLY A 139 -8.96 12.97 10.18
C GLY A 139 -8.37 12.97 11.60
N GLU A 140 -7.92 14.14 12.01
CA GLU A 140 -7.33 14.29 13.33
C GLU A 140 -8.17 13.54 14.37
N ASP A 141 -7.56 13.29 15.51
CA ASP A 141 -8.23 12.58 16.59
C ASP A 141 -7.26 12.43 17.77
N PRO A 142 -7.81 11.89 18.89
CA PRO A 142 -7.01 11.69 20.09
C PRO A 142 -6.08 10.47 19.93
N ASN A 143 -6.13 9.89 18.75
CA ASN A 143 -5.30 8.73 18.45
C ASN A 143 -5.09 8.63 16.94
N SER A 144 -4.17 9.45 16.44
CA SER A 144 -3.86 9.46 15.03
C SER A 144 -2.35 9.64 14.81
N VAL A 145 -1.85 8.94 13.81
CA VAL A 145 -0.43 9.01 13.50
C VAL A 145 -0.25 8.88 11.98
N PHE A 146 0.99 9.08 11.56
CA PHE A 146 1.32 9.00 10.14
C PHE A 146 2.82 8.83 9.93
N MET A 147 3.19 8.48 8.71
CA MET A 147 4.58 8.27 8.36
C MET A 147 4.91 8.92 7.01
N THR A 148 6.14 9.41 6.92
CA THR A 148 6.60 10.05 5.70
C THR A 148 8.04 9.65 5.39
N LYS A 149 8.27 9.33 4.12
CA LYS A 149 9.60 8.93 3.68
C LYS A 149 10.21 10.05 2.84
N LYS A 150 11.44 10.39 3.18
CA LYS A 150 12.16 11.44 2.48
C LYS A 150 13.03 10.81 1.38
N LEU A 151 12.78 11.24 0.16
CA LEU A 151 13.53 10.73 -0.98
C LEU A 151 14.55 11.78 -1.42
N MET A 1 15.75 -8.92 -6.58
CA MET A 1 14.38 -9.35 -6.38
C MET A 1 13.54 -9.12 -7.64
N HIS A 2 13.04 -10.21 -8.19
CA HIS A 2 12.22 -10.15 -9.38
C HIS A 2 10.98 -9.30 -9.12
N ILE A 3 10.96 -8.12 -9.71
CA ILE A 3 9.85 -7.21 -9.53
C ILE A 3 9.21 -6.92 -10.89
N LYS A 4 7.88 -6.93 -10.91
CA LYS A 4 7.15 -6.67 -12.13
C LYS A 4 5.88 -5.89 -11.81
N ILE A 5 5.18 -5.49 -12.86
CA ILE A 5 3.94 -4.74 -12.70
C ILE A 5 2.75 -5.65 -12.99
N ASP A 6 1.74 -5.55 -12.13
CA ASP A 6 0.54 -6.35 -12.29
C ASP A 6 -0.59 -5.47 -12.79
N ASP A 7 -1.24 -5.92 -13.85
CA ASP A 7 -2.35 -5.19 -14.43
C ASP A 7 -3.57 -6.10 -14.51
N LEU A 8 -4.47 -5.91 -13.56
CA LEU A 8 -5.69 -6.70 -13.50
C LEU A 8 -5.32 -8.18 -13.47
N THR A 9 -6.32 -9.00 -13.16
CA THR A 9 -6.12 -10.43 -13.09
C THR A 9 -5.30 -10.80 -11.85
N GLY A 10 -5.22 -12.09 -11.60
CA GLY A 10 -4.47 -12.58 -10.44
C GLY A 10 -5.39 -12.80 -9.24
N ARG A 11 -5.60 -14.07 -8.92
CA ARG A 11 -6.44 -14.44 -7.80
C ARG A 11 -5.74 -14.13 -6.48
N GLN A 12 -4.56 -14.70 -6.33
CA GLN A 12 -3.79 -14.49 -5.12
C GLN A 12 -3.40 -13.01 -4.98
N VAL A 13 -3.25 -12.37 -6.13
CA VAL A 13 -2.89 -10.97 -6.15
C VAL A 13 -4.09 -10.12 -5.74
N VAL A 14 -5.26 -10.52 -6.23
CA VAL A 14 -6.48 -9.81 -5.93
C VAL A 14 -6.90 -10.13 -4.49
N SER A 15 -6.88 -11.42 -4.17
CA SER A 15 -7.25 -11.87 -2.84
C SER A 15 -6.47 -11.08 -1.78
N LEU A 16 -5.23 -10.77 -2.13
CA LEU A 16 -4.37 -10.02 -1.21
C LEU A 16 -4.92 -8.61 -1.05
N VAL A 17 -5.45 -8.08 -2.15
CA VAL A 17 -6.01 -6.74 -2.14
C VAL A 17 -7.33 -6.75 -1.37
N ASN A 18 -8.16 -7.73 -1.70
CA ASN A 18 -9.45 -7.86 -1.06
C ASN A 18 -9.26 -7.95 0.46
N GLU A 19 -8.18 -8.62 0.85
CA GLU A 19 -7.87 -8.79 2.26
C GLU A 19 -8.98 -9.56 2.96
N HIS A 20 -8.67 -10.81 3.29
CA HIS A 20 -9.64 -11.66 3.96
C HIS A 20 -9.38 -11.64 5.48
N LEU A 21 -8.10 -11.54 5.83
CA LEU A 21 -7.72 -11.50 7.23
C LEU A 21 -8.47 -10.35 7.92
N HIS A 22 -8.25 -9.14 7.42
CA HIS A 22 -8.89 -7.97 7.98
C HIS A 22 -9.21 -6.98 6.86
N SER A 23 -10.35 -6.32 7.01
CA SER A 23 -10.79 -5.34 6.03
C SER A 23 -12.07 -4.65 6.51
N MET A 24 -13.08 -5.47 6.78
CA MET A 24 -14.35 -4.95 7.24
C MET A 24 -15.08 -4.19 6.13
N THR A 25 -14.50 -3.08 5.74
CA THR A 25 -15.09 -2.26 4.68
C THR A 25 -14.14 -1.12 4.31
N LEU A 26 -14.20 -0.73 3.04
CA LEU A 26 -13.36 0.35 2.54
C LEU A 26 -13.97 0.91 1.25
N MET A 27 -15.27 1.13 1.31
CA MET A 27 -15.98 1.66 0.16
C MET A 27 -17.35 2.22 0.57
N SER A 28 -17.97 2.93 -0.36
CA SER A 28 -19.27 3.53 -0.11
C SER A 28 -20.27 3.05 -1.16
N PRO A 29 -21.10 2.04 -0.75
CA PRO A 29 -22.11 1.50 -1.65
C PRO A 29 -23.29 2.46 -1.80
N PRO A 30 -23.47 2.95 -3.06
CA PRO A 30 -24.55 3.87 -3.35
C PRO A 30 -25.90 3.14 -3.40
N GLU A 31 -26.90 3.84 -3.91
CA GLU A 31 -28.23 3.28 -4.01
C GLU A 31 -28.27 2.20 -5.12
N SER A 32 -27.98 0.98 -4.71
CA SER A 32 -27.97 -0.13 -5.65
C SER A 32 -27.52 -1.41 -4.94
N ILE A 33 -27.94 -2.53 -5.49
CA ILE A 33 -27.58 -3.83 -4.93
C ILE A 33 -26.05 -3.97 -4.93
N HIS A 34 -25.61 -5.20 -4.69
CA HIS A 34 -24.18 -5.48 -4.66
C HIS A 34 -23.48 -4.71 -5.79
N ALA A 35 -22.91 -3.57 -5.41
CA ALA A 35 -22.21 -2.74 -6.38
C ALA A 35 -21.66 -1.50 -5.67
N LEU A 36 -20.36 -1.31 -5.79
CA LEU A 36 -19.70 -0.18 -5.18
C LEU A 36 -19.20 0.77 -6.26
N GLY A 37 -18.82 0.18 -7.39
CA GLY A 37 -18.32 0.96 -8.51
C GLY A 37 -16.83 1.26 -8.35
N LEU A 38 -16.02 0.23 -8.57
CA LEU A 38 -14.58 0.37 -8.44
C LEU A 38 -14.16 1.74 -9.00
N GLU A 39 -13.93 1.77 -10.30
CA GLU A 39 -13.53 3.01 -10.96
C GLU A 39 -12.51 3.75 -10.09
N LYS A 40 -11.35 3.13 -9.92
CA LYS A 40 -10.29 3.72 -9.12
C LYS A 40 -9.04 2.85 -9.20
N LEU A 41 -9.07 1.77 -8.43
CA LEU A 41 -7.95 0.84 -8.40
C LEU A 41 -8.17 -0.25 -9.44
N ARG A 42 -8.69 0.17 -10.59
CA ARG A 42 -8.96 -0.76 -11.68
C ARG A 42 -9.04 -0.02 -13.01
N GLY A 43 -7.88 0.36 -13.51
CA GLY A 43 -7.81 1.08 -14.77
C GLY A 43 -6.37 1.48 -15.09
N PRO A 44 -6.21 2.20 -16.23
CA PRO A 44 -4.89 2.66 -16.66
C PRO A 44 -4.41 3.83 -15.80
N GLU A 45 -5.33 4.74 -15.53
CA GLU A 45 -5.02 5.91 -14.72
C GLU A 45 -4.24 5.50 -13.47
N ILE A 46 -4.52 4.29 -13.02
CA ILE A 46 -3.86 3.76 -11.84
C ILE A 46 -2.98 2.57 -12.22
N THR A 47 -1.78 2.55 -11.68
CA THR A 47 -0.84 1.48 -11.95
C THR A 47 -0.57 0.66 -10.69
N PHE A 48 -0.57 -0.66 -10.88
CA PHE A 48 -0.33 -1.56 -9.77
C PHE A 48 0.95 -2.38 -10.00
N TRP A 49 1.79 -2.39 -8.98
CA TRP A 49 3.04 -3.13 -9.05
C TRP A 49 2.89 -4.41 -8.23
N SER A 50 3.46 -5.48 -8.75
CA SER A 50 3.39 -6.77 -8.07
C SER A 50 4.78 -7.42 -8.06
N ALA A 51 5.22 -7.77 -6.87
CA ALA A 51 6.52 -8.41 -6.71
C ALA A 51 6.35 -9.93 -6.76
N TRP A 52 7.18 -10.56 -7.58
CA TRP A 52 7.13 -12.01 -7.73
C TRP A 52 8.52 -12.57 -7.45
N GLU A 53 8.55 -13.65 -6.69
CA GLU A 53 9.81 -14.28 -6.34
C GLU A 53 9.63 -15.80 -6.24
N GLY A 54 9.56 -16.43 -7.40
CA GLY A 54 9.39 -17.87 -7.45
C GLY A 54 8.01 -18.24 -8.02
N ASP A 55 7.29 -19.05 -7.27
CA ASP A 55 5.97 -19.49 -7.69
C ASP A 55 4.91 -18.85 -6.78
N GLU A 56 5.38 -17.95 -5.93
CA GLU A 56 4.49 -17.27 -5.00
C GLU A 56 4.65 -15.75 -5.12
N LEU A 57 3.64 -15.04 -4.65
CA LEU A 57 3.66 -13.59 -4.70
C LEU A 57 4.72 -13.06 -3.72
N ALA A 58 5.64 -12.27 -4.26
CA ALA A 58 6.69 -11.70 -3.44
C ALA A 58 6.22 -10.37 -2.85
N GLY A 59 4.94 -10.08 -3.06
CA GLY A 59 4.35 -8.87 -2.55
C GLY A 59 3.48 -8.19 -3.61
N CYS A 60 2.59 -7.33 -3.14
CA CYS A 60 1.69 -6.62 -4.05
C CYS A 60 1.45 -5.22 -3.46
N GLY A 61 1.03 -4.31 -4.34
CA GLY A 61 0.76 -2.95 -3.93
C GLY A 61 0.53 -2.05 -5.15
N ALA A 62 0.29 -0.78 -4.86
CA ALA A 62 0.05 0.20 -5.92
C ALA A 62 0.42 1.59 -5.41
N LEU A 63 0.32 2.55 -6.32
CA LEU A 63 0.65 3.93 -5.97
C LEU A 63 -0.05 4.87 -6.96
N LYS A 64 -0.98 5.64 -6.44
CA LYS A 64 -1.72 6.59 -7.27
C LYS A 64 -0.99 7.93 -7.29
N GLU A 65 -1.00 8.56 -8.45
CA GLU A 65 -0.34 9.85 -8.61
C GLU A 65 -0.98 10.89 -7.70
N LEU A 66 -0.18 11.88 -7.34
CA LEU A 66 -0.66 12.95 -6.48
C LEU A 66 -0.20 14.30 -7.04
N ASP A 67 1.10 14.52 -6.96
CA ASP A 67 1.68 15.75 -7.46
C ASP A 67 2.91 15.44 -8.31
N THR A 68 3.52 16.49 -8.82
CA THR A 68 4.70 16.34 -9.67
C THR A 68 5.82 15.64 -8.88
N ARG A 69 5.81 15.87 -7.58
CA ARG A 69 6.81 15.28 -6.70
C ARG A 69 6.16 14.73 -5.44
N HIS A 70 5.00 14.12 -5.63
CA HIS A 70 4.27 13.55 -4.50
C HIS A 70 3.50 12.32 -4.98
N GLY A 71 3.49 11.30 -4.12
CA GLY A 71 2.80 10.06 -4.43
C GLY A 71 2.21 9.44 -3.17
N GLU A 72 1.39 8.42 -3.38
CA GLU A 72 0.75 7.73 -2.28
C GLU A 72 0.85 6.21 -2.46
N ILE A 73 0.35 5.49 -1.46
CA ILE A 73 0.39 4.04 -1.52
C ILE A 73 -1.04 3.50 -1.59
N LYS A 74 -1.36 2.90 -2.72
CA LYS A 74 -2.69 2.34 -2.93
C LYS A 74 -2.62 0.81 -2.80
N SER A 75 -3.34 0.30 -1.81
CA SER A 75 -3.38 -1.13 -1.57
C SER A 75 -1.99 -1.62 -1.14
N MET A 76 -1.97 -2.35 -0.03
CA MET A 76 -0.72 -2.88 0.50
C MET A 76 -0.99 -3.83 1.67
N ARG A 77 -0.88 -5.12 1.38
CA ARG A 77 -1.10 -6.13 2.38
C ARG A 77 -0.19 -7.34 2.13
N THR A 78 0.01 -8.12 3.18
CA THR A 78 0.85 -9.31 3.08
C THR A 78 -0.01 -10.54 2.78
N SER A 79 0.60 -11.46 2.04
CA SER A 79 -0.10 -12.69 1.68
C SER A 79 -0.89 -13.22 2.87
N ALA A 80 -0.19 -13.38 3.98
CA ALA A 80 -0.81 -13.87 5.20
C ALA A 80 0.15 -13.69 6.38
N SER A 81 0.91 -12.60 6.31
CA SER A 81 1.87 -12.29 7.36
C SER A 81 2.57 -13.58 7.83
N HIS A 82 2.75 -14.49 6.88
CA HIS A 82 3.40 -15.75 7.18
C HIS A 82 4.33 -16.14 6.03
N LEU A 83 5.02 -15.13 5.52
CA LEU A 83 5.96 -15.36 4.42
C LEU A 83 7.32 -14.79 4.78
N ARG A 84 8.34 -15.31 4.13
CA ARG A 84 9.70 -14.87 4.38
C ARG A 84 10.31 -14.28 3.10
N LYS A 85 10.25 -12.96 3.01
CA LYS A 85 10.79 -12.27 1.84
C LYS A 85 10.53 -10.77 1.98
N GLY A 86 9.27 -10.44 2.19
CA GLY A 86 8.88 -9.04 2.34
C GLY A 86 7.94 -8.61 1.21
N VAL A 87 6.65 -8.78 1.45
CA VAL A 87 5.65 -8.41 0.47
C VAL A 87 5.64 -6.90 0.30
N ALA A 88 5.35 -6.21 1.39
CA ALA A 88 5.29 -4.75 1.37
C ALA A 88 6.70 -4.21 1.11
N LYS A 89 7.69 -4.95 1.58
CA LYS A 89 9.08 -4.55 1.40
C LYS A 89 9.42 -4.58 -0.09
N GLN A 90 9.04 -5.67 -0.73
CA GLN A 90 9.31 -5.84 -2.16
C GLN A 90 8.61 -4.73 -2.95
N VAL A 91 7.34 -4.54 -2.65
CA VAL A 91 6.55 -3.51 -3.32
C VAL A 91 7.12 -2.14 -2.98
N LEU A 92 7.21 -1.87 -1.69
CA LEU A 92 7.74 -0.59 -1.23
C LEU A 92 9.03 -0.27 -1.98
N GLN A 93 9.86 -1.30 -2.14
CA GLN A 93 11.12 -1.15 -2.83
C GLN A 93 10.90 -0.54 -4.22
N HIS A 94 9.96 -1.13 -4.94
CA HIS A 94 9.63 -0.66 -6.27
C HIS A 94 9.00 0.72 -6.20
N ILE A 95 8.15 0.90 -5.20
CA ILE A 95 7.47 2.16 -5.01
C ILE A 95 8.51 3.28 -4.84
N ILE A 96 9.50 3.00 -3.99
CA ILE A 96 10.56 3.97 -3.74
C ILE A 96 11.41 4.11 -5.00
N GLU A 97 11.58 2.99 -5.69
CA GLU A 97 12.37 2.99 -6.92
C GLU A 97 11.68 3.83 -8.00
N GLU A 98 10.38 3.61 -8.13
CA GLU A 98 9.60 4.33 -9.11
C GLU A 98 9.72 5.83 -8.90
N ALA A 99 9.56 6.24 -7.65
CA ALA A 99 9.65 7.64 -7.30
C ALA A 99 11.11 8.10 -7.44
N GLU A 100 12.02 7.19 -7.15
CA GLU A 100 13.44 7.49 -7.25
C GLU A 100 13.80 7.85 -8.69
N LYS A 101 13.12 7.21 -9.62
CA LYS A 101 13.37 7.45 -11.03
C LYS A 101 12.82 8.82 -11.41
N ARG A 102 11.58 9.05 -11.05
CA ARG A 102 10.93 10.32 -11.34
C ARG A 102 11.59 11.45 -10.56
N GLY A 103 11.98 11.12 -9.33
CA GLY A 103 12.62 12.10 -8.47
C GLY A 103 11.59 12.91 -7.68
N TYR A 104 10.91 12.22 -6.78
CA TYR A 104 9.90 12.86 -5.96
C TYR A 104 10.54 13.63 -4.80
N GLU A 105 9.68 14.19 -3.96
CA GLU A 105 10.15 14.96 -2.81
C GLU A 105 9.76 14.25 -1.51
N ARG A 106 8.64 13.54 -1.56
CA ARG A 106 8.15 12.81 -0.40
C ARG A 106 7.11 11.78 -0.82
N LEU A 107 6.97 10.77 0.02
CA LEU A 107 6.01 9.70 -0.25
C LEU A 107 5.06 9.56 0.93
N SER A 108 3.78 9.80 0.65
CA SER A 108 2.76 9.71 1.69
C SER A 108 2.02 8.36 1.58
N LEU A 109 1.23 8.08 2.59
CA LEU A 109 0.47 6.84 2.62
C LEU A 109 -0.63 6.95 3.68
N GLU A 110 -1.52 5.98 3.66
CA GLU A 110 -2.62 5.94 4.61
C GLU A 110 -2.32 4.97 5.75
N THR A 111 -1.94 5.53 6.89
CA THR A 111 -1.62 4.72 8.05
C THR A 111 -2.78 4.74 9.05
N GLY A 112 -2.42 4.94 10.31
CA GLY A 112 -3.43 4.99 11.37
C GLY A 112 -2.98 4.17 12.58
N SER A 113 -3.91 3.98 13.50
CA SER A 113 -3.62 3.23 14.71
C SER A 113 -4.45 1.95 14.74
N MET A 114 -4.39 1.21 13.64
CA MET A 114 -5.13 -0.03 13.52
C MET A 114 -4.23 -1.23 13.83
N ALA A 115 -4.87 -2.40 13.90
CA ALA A 115 -4.15 -3.63 14.19
C ALA A 115 -3.38 -4.07 12.94
N SER A 116 -4.02 -3.90 11.80
CA SER A 116 -3.41 -4.27 10.53
C SER A 116 -2.39 -3.21 10.11
N PHE A 117 -2.51 -2.04 10.73
CA PHE A 117 -1.62 -0.95 10.42
C PHE A 117 -0.51 -0.84 11.47
N GLU A 118 -0.89 -1.06 12.72
CA GLU A 118 0.06 -0.98 13.81
C GLU A 118 1.41 -1.56 13.38
N PRO A 119 1.38 -2.84 12.93
CA PRO A 119 2.60 -3.50 12.48
C PRO A 119 3.03 -2.99 11.11
N ALA A 120 2.04 -2.54 10.34
CA ALA A 120 2.31 -2.02 9.01
C ALA A 120 3.33 -0.89 9.10
N ARG A 121 3.05 0.06 9.98
CA ARG A 121 3.92 1.19 10.17
C ARG A 121 5.31 0.72 10.62
N LYS A 122 5.31 -0.37 11.37
CA LYS A 122 6.55 -0.93 11.87
C LYS A 122 7.38 -1.46 10.69
N LEU A 123 6.66 -1.87 9.65
CA LEU A 123 7.31 -2.40 8.46
C LEU A 123 7.98 -1.26 7.69
N TYR A 124 7.25 -0.14 7.60
CA TYR A 124 7.75 1.02 6.90
C TYR A 124 9.01 1.57 7.58
N GLU A 125 8.88 1.79 8.89
CA GLU A 125 9.99 2.32 9.67
C GLU A 125 11.26 1.50 9.41
N SER A 126 11.06 0.20 9.29
CA SER A 126 12.19 -0.70 9.04
C SER A 126 12.84 -0.36 7.70
N PHE A 127 12.14 0.45 6.92
CA PHE A 127 12.65 0.86 5.62
C PHE A 127 13.30 2.24 5.70
N GLY A 128 12.98 2.95 6.77
CA GLY A 128 13.52 4.29 6.98
C GLY A 128 12.41 5.31 7.24
N PHE A 129 11.21 4.96 6.79
CA PHE A 129 10.06 5.82 6.96
C PHE A 129 10.12 6.54 8.31
N GLN A 130 9.49 7.71 8.35
CA GLN A 130 9.47 8.50 9.56
C GLN A 130 8.03 8.97 9.87
N TYR A 131 7.84 9.40 11.10
CA TYR A 131 6.53 9.87 11.52
C TYR A 131 6.37 11.37 11.25
N CYS A 132 5.15 11.75 10.91
CA CYS A 132 4.86 13.14 10.62
C CYS A 132 3.39 13.25 10.20
N GLU A 133 2.95 14.48 10.01
CA GLU A 133 1.58 14.73 9.61
C GLU A 133 1.14 13.72 8.55
N PRO A 134 -0.19 13.44 8.53
CA PRO A 134 -0.75 12.50 7.59
C PRO A 134 -0.84 13.12 6.19
N PHE A 135 -1.59 12.45 5.32
CA PHE A 135 -1.75 12.92 3.96
C PHE A 135 -2.86 12.13 3.25
N ALA A 136 -2.88 10.84 3.51
CA ALA A 136 -3.88 9.97 2.90
C ALA A 136 -5.22 10.72 2.83
N ASP A 137 -5.82 10.90 4.00
CA ASP A 137 -7.09 11.60 4.08
C ASP A 137 -7.45 11.82 5.55
N TYR A 138 -7.22 10.78 6.35
CA TYR A 138 -7.51 10.85 7.77
C TYR A 138 -6.55 11.81 8.49
N GLY A 139 -7.14 12.75 9.21
CA GLY A 139 -6.34 13.73 9.94
C GLY A 139 -6.32 13.41 11.44
N GLU A 140 -6.21 14.46 12.23
CA GLU A 140 -6.18 14.30 13.67
C GLU A 140 -7.19 13.25 14.12
N ASP A 141 -6.99 12.75 15.33
CA ASP A 141 -7.88 11.74 15.89
C ASP A 141 -7.39 11.36 17.28
N PRO A 142 -8.34 10.79 18.08
CA PRO A 142 -8.01 10.37 19.44
C PRO A 142 -7.20 9.08 19.42
N ASN A 143 -7.22 8.40 18.28
CA ASN A 143 -6.49 7.16 18.13
C ASN A 143 -6.12 6.96 16.66
N SER A 144 -5.08 7.66 16.24
CA SER A 144 -4.62 7.58 14.87
C SER A 144 -3.20 8.16 14.76
N VAL A 145 -2.35 7.42 14.07
CA VAL A 145 -0.97 7.84 13.89
C VAL A 145 -0.77 8.30 12.44
N PHE A 146 0.38 8.90 12.20
CA PHE A 146 0.71 9.38 10.86
C PHE A 146 2.17 9.12 10.53
N MET A 147 2.39 8.56 9.35
CA MET A 147 3.74 8.26 8.89
C MET A 147 4.04 8.94 7.56
N THR A 148 5.30 9.30 7.37
CA THR A 148 5.73 9.95 6.15
C THR A 148 7.06 9.37 5.68
N LYS A 149 7.30 9.53 4.38
CA LYS A 149 8.53 9.02 3.79
C LYS A 149 9.35 10.20 3.25
N LYS A 150 10.65 10.14 3.50
CA LYS A 150 11.55 11.19 3.04
C LYS A 150 12.50 10.62 1.99
N LEU A 151 12.50 11.26 0.83
CA LEU A 151 13.35 10.83 -0.27
C LEU A 151 14.80 10.75 0.23
#